data_2MAK
#
_entry.id   2MAK
#
loop_
_entity.id
_entity.type
_entity.pdbx_description
1 polymer 'Stromal interaction molecule 1'
2 polymer 'Calcium release-activated calcium channel protein 1'
#
loop_
_entity_poly.entity_id
_entity_poly.type
_entity_poly.pdbx_seq_one_letter_code
_entity_poly.pdbx_strand_id
1 'polypeptide(L)'
;GSHMASSRQKYAEEELEQVREALRKAEKELESHSSWYAPEALQKWLQLTHEVEVQYYNIKKQNAEKQLLVAKEGAEKIKK
KR
;
A,C
2 'polypeptide(L)' GSELNELAEFARLQDQLDHRGDH B,D
#
# COMPACT_ATOMS: atom_id res chain seq x y z
N GLY A 1 6.73 22.65 23.00
CA GLY A 1 7.38 21.72 22.09
C GLY A 1 7.40 22.27 20.70
N SER A 2 8.11 21.61 19.83
CA SER A 2 8.23 22.05 18.47
C SER A 2 7.09 21.47 17.64
N HIS A 3 6.19 22.33 17.24
CA HIS A 3 5.05 21.91 16.43
C HIS A 3 5.44 21.85 14.98
N MET A 4 6.20 22.82 14.58
CA MET A 4 6.75 22.84 13.26
C MET A 4 8.21 22.51 13.37
N ALA A 5 8.64 21.52 12.67
CA ALA A 5 10.01 21.09 12.73
C ALA A 5 10.52 20.84 11.33
N SER A 6 11.80 20.62 11.22
CA SER A 6 12.43 20.40 9.94
C SER A 6 12.33 18.92 9.53
N SER A 7 11.11 18.43 9.46
CA SER A 7 10.82 17.10 9.03
C SER A 7 11.15 16.98 7.55
N ARG A 8 12.13 16.18 7.24
CA ARG A 8 12.53 16.02 5.85
C ARG A 8 12.04 14.71 5.31
N GLN A 9 11.55 13.85 6.19
CA GLN A 9 11.01 12.55 5.80
C GLN A 9 9.53 12.65 5.51
N LYS A 10 9.04 13.88 5.56
CA LYS A 10 7.64 14.16 5.33
C LYS A 10 7.27 14.02 3.85
N TYR A 11 8.29 13.75 3.02
CA TYR A 11 8.13 13.50 1.58
C TYR A 11 7.20 12.31 1.35
N ALA A 12 7.11 11.46 2.37
CA ALA A 12 6.27 10.29 2.38
C ALA A 12 4.87 10.57 1.83
N GLU A 13 4.29 11.75 2.17
CA GLU A 13 2.95 12.08 1.68
C GLU A 13 2.92 12.19 0.15
N GLU A 14 3.97 12.79 -0.42
CA GLU A 14 4.10 12.91 -1.86
C GLU A 14 4.20 11.53 -2.45
N GLU A 15 5.10 10.75 -1.88
CA GLU A 15 5.38 9.40 -2.30
C GLU A 15 4.13 8.52 -2.29
N LEU A 16 3.47 8.44 -1.14
CA LEU A 16 2.32 7.57 -1.01
C LEU A 16 1.12 7.98 -1.82
N GLU A 17 0.82 9.25 -1.87
CA GLU A 17 -0.35 9.65 -2.61
C GLU A 17 -0.12 9.55 -4.12
N GLN A 18 1.09 9.88 -4.56
CA GLN A 18 1.41 9.77 -5.97
C GLN A 18 1.39 8.33 -6.36
N VAL A 19 2.01 7.47 -5.57
CA VAL A 19 2.03 6.05 -5.90
C VAL A 19 0.63 5.46 -5.85
N ARG A 20 -0.22 5.98 -4.98
CA ARG A 20 -1.61 5.57 -4.91
C ARG A 20 -2.25 5.75 -6.27
N GLU A 21 -2.16 6.96 -6.78
CA GLU A 21 -2.79 7.25 -8.05
C GLU A 21 -2.02 6.62 -9.21
N ALA A 22 -0.70 6.65 -9.12
CA ALA A 22 0.18 6.19 -10.19
C ALA A 22 0.10 4.70 -10.37
N LEU A 23 0.27 4.00 -9.29
CA LEU A 23 0.28 2.58 -9.28
C LEU A 23 -1.11 2.02 -9.52
N ARG A 24 -2.15 2.62 -8.93
CA ARG A 24 -3.50 2.13 -9.19
C ARG A 24 -3.92 2.40 -10.63
N LYS A 25 -3.41 3.50 -11.19
CA LYS A 25 -3.64 3.83 -12.57
C LYS A 25 -2.94 2.80 -13.44
N ALA A 26 -1.69 2.49 -13.08
CA ALA A 26 -0.92 1.50 -13.77
C ALA A 26 -1.60 0.17 -13.73
N GLU A 27 -2.08 -0.22 -12.55
CA GLU A 27 -2.79 -1.46 -12.39
C GLU A 27 -3.97 -1.53 -13.32
N LYS A 28 -4.83 -0.51 -13.27
CA LYS A 28 -6.04 -0.52 -14.07
C LYS A 28 -5.73 -0.48 -15.58
N GLU A 29 -4.77 0.32 -15.99
CA GLU A 29 -4.45 0.35 -17.39
C GLU A 29 -3.77 -0.93 -17.81
N LEU A 30 -3.01 -1.53 -16.90
CA LEU A 30 -2.31 -2.78 -17.17
C LEU A 30 -3.34 -3.89 -17.39
N GLU A 31 -4.18 -4.15 -16.38
CA GLU A 31 -5.31 -5.12 -16.53
C GLU A 31 -6.19 -4.80 -17.78
N SER A 32 -6.24 -3.54 -18.19
CA SER A 32 -6.97 -3.21 -19.40
C SER A 32 -6.12 -3.50 -20.68
N HIS A 33 -4.84 -3.26 -20.57
CA HIS A 33 -3.87 -3.37 -21.66
C HIS A 33 -3.48 -4.82 -21.93
N SER A 34 -3.55 -5.65 -20.91
CA SER A 34 -3.11 -7.05 -20.95
C SER A 34 -3.69 -7.83 -22.14
N SER A 35 -4.86 -7.41 -22.60
CA SER A 35 -5.55 -8.04 -23.70
C SER A 35 -4.80 -7.86 -25.04
N TRP A 36 -3.83 -6.99 -25.03
CA TRP A 36 -3.04 -6.67 -26.21
C TRP A 36 -1.81 -7.58 -26.31
N TYR A 37 -1.38 -8.11 -25.19
CA TYR A 37 -0.17 -8.92 -25.15
C TYR A 37 -0.37 -10.24 -24.42
N ALA A 38 0.70 -10.95 -24.16
CA ALA A 38 0.65 -12.21 -23.47
C ALA A 38 0.37 -12.02 -22.00
N PRO A 39 -0.43 -12.92 -21.39
CA PRO A 39 -0.81 -12.81 -19.99
C PRO A 39 0.35 -12.94 -19.02
N GLU A 40 1.55 -13.31 -19.52
CA GLU A 40 2.70 -13.45 -18.65
C GLU A 40 3.07 -12.10 -18.06
N ALA A 41 2.83 -11.04 -18.82
CA ALA A 41 3.13 -9.70 -18.37
C ALA A 41 2.20 -9.33 -17.24
N LEU A 42 0.94 -9.76 -17.34
CA LEU A 42 -0.02 -9.57 -16.28
C LEU A 42 0.36 -10.40 -15.07
N GLN A 43 0.81 -11.62 -15.31
CA GLN A 43 1.27 -12.49 -14.23
C GLN A 43 2.39 -11.83 -13.47
N LYS A 44 3.38 -11.34 -14.20
CA LYS A 44 4.53 -10.64 -13.64
C LYS A 44 4.08 -9.37 -12.92
N TRP A 45 3.27 -8.57 -13.59
CA TRP A 45 2.72 -7.34 -13.01
C TRP A 45 1.98 -7.63 -11.70
N LEU A 46 1.03 -8.56 -11.74
CA LEU A 46 0.28 -8.92 -10.56
C LEU A 46 1.21 -9.51 -9.49
N GLN A 47 2.24 -10.23 -9.90
CA GLN A 47 3.15 -10.84 -8.97
C GLN A 47 3.93 -9.75 -8.27
N LEU A 48 4.34 -8.75 -9.02
CA LEU A 48 5.13 -7.66 -8.49
C LEU A 48 4.31 -6.78 -7.59
N THR A 49 3.11 -6.45 -8.05
CA THR A 49 2.22 -5.61 -7.28
C THR A 49 1.89 -6.27 -5.95
N HIS A 50 1.51 -7.52 -6.02
CA HIS A 50 1.11 -8.27 -4.85
C HIS A 50 2.31 -8.57 -3.94
N GLU A 51 3.45 -8.86 -4.55
CA GLU A 51 4.67 -9.12 -3.80
C GLU A 51 4.97 -7.94 -2.92
N VAL A 52 5.02 -6.76 -3.53
CA VAL A 52 5.38 -5.57 -2.83
C VAL A 52 4.29 -5.15 -1.88
N GLU A 53 3.06 -5.40 -2.28
CA GLU A 53 1.92 -5.10 -1.48
C GLU A 53 1.99 -5.85 -0.15
N VAL A 54 2.15 -7.15 -0.24
CA VAL A 54 2.29 -7.97 0.93
C VAL A 54 3.61 -7.62 1.68
N GLN A 55 4.65 -7.18 0.94
CA GLN A 55 5.90 -6.79 1.57
C GLN A 55 5.72 -5.60 2.50
N TYR A 56 5.21 -4.47 1.98
CA TYR A 56 5.07 -3.27 2.81
C TYR A 56 4.12 -3.57 3.96
N TYR A 57 3.09 -4.34 3.62
CA TYR A 57 2.08 -4.77 4.53
C TYR A 57 2.70 -5.49 5.71
N ASN A 58 3.50 -6.47 5.40
CA ASN A 58 4.11 -7.32 6.38
C ASN A 58 5.11 -6.54 7.22
N ILE A 59 5.85 -5.66 6.56
CA ILE A 59 6.89 -4.85 7.19
C ILE A 59 6.28 -4.01 8.28
N LYS A 60 5.22 -3.31 7.95
CA LYS A 60 4.58 -2.51 8.94
C LYS A 60 3.83 -3.33 9.94
N LYS A 61 3.34 -4.52 9.56
CA LYS A 61 2.75 -5.42 10.56
C LYS A 61 3.77 -5.80 11.60
N GLN A 62 4.93 -6.21 11.12
CA GLN A 62 6.04 -6.58 11.97
C GLN A 62 6.42 -5.41 12.84
N ASN A 63 6.63 -4.25 12.21
CA ASN A 63 7.03 -3.05 12.92
C ASN A 63 5.98 -2.67 13.93
N ALA A 64 4.72 -2.66 13.50
CA ALA A 64 3.59 -2.29 14.35
C ALA A 64 3.51 -3.14 15.60
N GLU A 65 3.61 -4.46 15.46
CA GLU A 65 3.58 -5.34 16.63
C GLU A 65 4.78 -5.11 17.54
N LYS A 66 5.95 -4.88 16.94
CA LYS A 66 7.14 -4.54 17.72
C LYS A 66 6.87 -3.26 18.48
N GLN A 67 6.44 -2.25 17.75
CA GLN A 67 6.07 -0.96 18.32
C GLN A 67 5.05 -1.09 19.43
N LEU A 68 4.05 -1.91 19.23
CA LEU A 68 3.07 -2.19 20.26
C LEU A 68 3.73 -2.69 21.54
N LEU A 69 4.60 -3.68 21.42
CA LEU A 69 5.27 -4.25 22.58
C LEU A 69 6.29 -3.25 23.19
N VAL A 70 7.12 -2.67 22.33
CA VAL A 70 8.17 -1.75 22.75
C VAL A 70 7.57 -0.53 23.41
N ALA A 71 6.61 0.07 22.74
CA ALA A 71 6.02 1.27 23.23
C ALA A 71 5.16 0.99 24.44
N LYS A 72 4.58 -0.22 24.53
CA LYS A 72 3.81 -0.58 25.72
C LYS A 72 4.73 -0.54 26.93
N GLU A 73 5.86 -1.25 26.81
CA GLU A 73 6.87 -1.32 27.86
C GLU A 73 7.35 0.06 28.24
N GLY A 74 7.71 0.82 27.24
CA GLY A 74 8.19 2.15 27.44
C GLY A 74 7.19 3.01 28.15
N ALA A 75 5.97 2.99 27.68
CA ALA A 75 4.93 3.86 28.20
C ALA A 75 4.60 3.51 29.63
N GLU A 76 4.57 2.24 29.94
CA GLU A 76 4.25 1.80 31.29
C GLU A 76 5.42 2.07 32.23
N LYS A 77 6.61 2.16 31.69
CA LYS A 77 7.78 2.50 32.47
C LYS A 77 7.94 4.02 32.67
N ILE A 78 7.69 4.79 31.62
CA ILE A 78 7.82 6.25 31.72
C ILE A 78 6.64 6.81 32.47
N LYS A 79 5.48 6.68 31.84
CA LYS A 79 4.20 7.14 32.34
C LYS A 79 3.24 7.08 31.16
N LYS A 80 2.31 6.16 31.20
CA LYS A 80 1.38 6.03 30.12
C LYS A 80 0.27 7.04 30.25
N LYS A 81 -0.07 7.64 29.17
CA LYS A 81 -0.98 8.75 29.15
C LYS A 81 -2.12 8.55 28.20
N ARG A 82 -2.92 9.58 28.08
CA ARG A 82 -4.04 9.61 27.21
C ARG A 82 -4.38 11.10 27.05
N GLY B 1 -5.34 -16.54 3.48
CA GLY B 1 -5.15 -15.48 2.51
C GLY B 1 -5.94 -14.26 2.87
N SER B 2 -5.28 -13.14 2.97
CA SER B 2 -5.91 -11.90 3.35
C SER B 2 -6.77 -11.33 2.23
N GLU B 3 -7.57 -10.34 2.56
CA GLU B 3 -8.54 -9.68 1.68
C GLU B 3 -7.89 -9.25 0.33
N LEU B 4 -6.75 -8.60 0.42
CA LEU B 4 -6.01 -8.17 -0.75
C LEU B 4 -5.48 -9.36 -1.56
N ASN B 5 -5.05 -10.39 -0.86
CA ASN B 5 -4.48 -11.61 -1.44
C ASN B 5 -5.49 -12.35 -2.24
N GLU B 6 -6.61 -12.59 -1.60
CA GLU B 6 -7.66 -13.35 -2.19
C GLU B 6 -8.24 -12.62 -3.37
N LEU B 7 -8.45 -11.32 -3.22
CA LEU B 7 -8.99 -10.58 -4.34
C LEU B 7 -7.96 -10.36 -5.41
N ALA B 8 -6.69 -10.43 -5.05
CA ALA B 8 -5.63 -10.37 -6.04
C ALA B 8 -5.75 -11.53 -6.92
N GLU B 9 -5.86 -12.70 -6.33
CA GLU B 9 -5.93 -13.93 -7.06
C GLU B 9 -7.23 -14.02 -7.88
N PHE B 10 -8.31 -13.70 -7.26
CA PHE B 10 -9.62 -13.79 -7.88
C PHE B 10 -9.79 -12.84 -9.05
N ALA B 11 -9.37 -11.60 -8.85
CA ALA B 11 -9.53 -10.58 -9.85
C ALA B 11 -8.53 -10.76 -10.95
N ARG B 12 -7.33 -11.21 -10.62
CA ARG B 12 -6.30 -11.44 -11.62
C ARG B 12 -6.72 -12.55 -12.56
N LEU B 13 -7.27 -13.63 -11.98
CA LEU B 13 -7.73 -14.76 -12.73
C LEU B 13 -8.91 -14.35 -13.60
N GLN B 14 -9.82 -13.62 -13.02
CA GLN B 14 -10.96 -13.15 -13.75
C GLN B 14 -10.59 -12.17 -14.86
N ASP B 15 -9.73 -11.21 -14.56
CA ASP B 15 -9.30 -10.24 -15.55
C ASP B 15 -8.69 -10.93 -16.72
N GLN B 16 -7.75 -11.85 -16.47
CA GLN B 16 -7.15 -12.57 -17.58
C GLN B 16 -8.14 -13.51 -18.25
N LEU B 17 -9.11 -14.02 -17.51
CA LEU B 17 -10.11 -14.87 -18.09
C LEU B 17 -10.85 -14.12 -19.20
N ASP B 18 -10.97 -12.81 -19.03
CA ASP B 18 -11.56 -11.98 -20.09
C ASP B 18 -10.46 -11.35 -20.99
N HIS B 19 -9.53 -10.68 -20.34
CA HIS B 19 -8.46 -9.89 -20.99
C HIS B 19 -7.10 -10.58 -21.02
N ARG B 20 -7.08 -11.90 -21.12
CA ARG B 20 -5.82 -12.68 -21.17
C ARG B 20 -4.83 -12.17 -22.24
N GLY B 21 -5.36 -11.64 -23.33
CA GLY B 21 -4.51 -11.17 -24.40
C GLY B 21 -4.17 -12.28 -25.32
N ASP B 22 -3.05 -12.90 -25.08
CA ASP B 22 -2.69 -14.09 -25.80
C ASP B 22 -3.36 -15.23 -25.07
N HIS B 23 -4.62 -15.39 -25.38
CA HIS B 23 -5.47 -16.26 -24.65
C HIS B 23 -5.32 -17.71 -25.04
N GLY C 1 1.44 -14.53 -29.57
CA GLY C 1 1.17 -13.27 -28.90
C GLY C 1 2.43 -12.57 -28.52
N SER C 2 2.33 -11.31 -28.22
CA SER C 2 3.45 -10.50 -27.84
C SER C 2 3.80 -10.76 -26.37
N HIS C 3 4.88 -11.50 -26.14
CA HIS C 3 5.30 -11.75 -24.76
C HIS C 3 6.09 -10.58 -24.21
N MET C 4 6.74 -9.88 -25.08
CA MET C 4 7.44 -8.67 -24.72
C MET C 4 6.83 -7.55 -25.50
N ALA C 5 6.25 -6.61 -24.81
CA ALA C 5 5.63 -5.50 -25.44
C ALA C 5 6.21 -4.22 -24.87
N SER C 6 5.84 -3.11 -25.45
CA SER C 6 6.33 -1.84 -25.00
C SER C 6 5.48 -1.36 -23.81
N SER C 7 5.71 -1.98 -22.68
CA SER C 7 5.01 -1.67 -21.48
C SER C 7 5.63 -0.43 -20.83
N ARG C 8 4.92 0.67 -20.86
CA ARG C 8 5.44 1.91 -20.32
C ARG C 8 4.90 2.15 -18.94
N GLN C 9 3.89 1.39 -18.58
CA GLN C 9 3.27 1.51 -17.27
C GLN C 9 3.90 0.55 -16.30
N LYS C 10 4.93 -0.15 -16.75
CA LYS C 10 5.63 -1.11 -15.93
C LYS C 10 6.45 -0.40 -14.83
N TYR C 11 6.48 0.94 -14.89
CA TYR C 11 7.15 1.79 -13.92
C TYR C 11 6.64 1.51 -12.52
N ALA C 12 5.41 0.97 -12.46
CA ALA C 12 4.75 0.61 -11.22
C ALA C 12 5.66 -0.15 -10.27
N GLU C 13 6.49 -1.08 -10.81
CA GLU C 13 7.39 -1.89 -9.96
C GLU C 13 8.40 -0.99 -9.22
N GLU C 14 8.89 0.01 -9.94
CA GLU C 14 9.82 0.97 -9.39
C GLU C 14 9.12 1.75 -8.31
N GLU C 15 7.96 2.29 -8.67
CA GLU C 15 7.17 3.11 -7.78
C GLU C 15 6.81 2.35 -6.50
N LEU C 16 6.20 1.18 -6.64
CA LEU C 16 5.77 0.44 -5.48
C LEU C 16 6.88 -0.07 -4.59
N GLU C 17 7.93 -0.61 -5.15
CA GLU C 17 8.99 -1.12 -4.31
C GLU C 17 9.74 0.01 -3.60
N GLN C 18 9.97 1.11 -4.33
CA GLN C 18 10.65 2.23 -3.75
C GLN C 18 9.80 2.84 -2.67
N VAL C 19 8.51 2.99 -2.93
CA VAL C 19 7.64 3.58 -1.93
C VAL C 19 7.52 2.65 -0.71
N ARG C 20 7.58 1.35 -0.94
CA ARG C 20 7.57 0.37 0.14
C ARG C 20 8.70 0.68 1.09
N GLU C 21 9.90 0.77 0.56
CA GLU C 21 11.03 1.03 1.39
C GLU C 21 11.09 2.46 1.88
N ALA C 22 10.73 3.39 1.02
CA ALA C 22 10.82 4.82 1.30
C ALA C 22 9.85 5.22 2.38
N LEU C 23 8.63 4.85 2.16
CA LEU C 23 7.56 5.20 3.03
C LEU C 23 7.61 4.42 4.33
N ARG C 24 7.97 3.13 4.29
CA ARG C 24 8.08 2.39 5.54
C ARG C 24 9.26 2.87 6.36
N LYS C 25 10.31 3.32 5.67
CA LYS C 25 11.46 3.88 6.33
C LYS C 25 11.05 5.20 6.96
N ALA C 26 10.27 6.00 6.21
CA ALA C 26 9.76 7.26 6.71
C ALA C 26 8.90 7.03 7.91
N GLU C 27 7.99 6.05 7.83
CA GLU C 27 7.12 5.70 8.94
C GLU C 27 7.93 5.40 10.18
N LYS C 28 8.88 4.47 10.06
CA LYS C 28 9.67 4.04 11.20
C LYS C 28 10.55 5.17 11.77
N GLU C 29 11.16 5.96 10.92
CA GLU C 29 11.97 7.03 11.43
C GLU C 29 11.09 8.13 11.99
N LEU C 30 9.92 8.31 11.42
CA LEU C 30 8.99 9.33 11.88
C LEU C 30 8.52 8.97 13.28
N GLU C 31 7.90 7.80 13.44
CA GLU C 31 7.54 7.27 14.79
C GLU C 31 8.76 7.29 15.77
N SER C 32 9.98 7.20 15.24
CA SER C 32 11.14 7.33 16.11
C SER C 32 11.44 8.83 16.43
N HIS C 33 11.29 9.65 15.42
CA HIS C 33 11.63 11.06 15.45
C HIS C 33 10.61 11.88 16.22
N SER C 34 9.36 11.40 16.25
CA SER C 34 8.22 12.08 16.87
C SER C 34 8.51 12.54 18.31
N SER C 35 9.38 11.80 18.98
CA SER C 35 9.78 12.04 20.36
C SER C 35 10.53 13.40 20.51
N TRP C 36 10.92 13.94 19.41
CA TRP C 36 11.67 15.18 19.36
C TRP C 36 10.73 16.39 19.26
N TYR C 37 9.57 16.20 18.66
CA TYR C 37 8.66 17.29 18.38
C TYR C 37 7.24 17.03 18.89
N ALA C 38 6.31 17.90 18.55
CA ALA C 38 4.95 17.77 18.98
C ALA C 38 4.24 16.63 18.26
N PRO C 39 3.38 15.89 18.98
CA PRO C 39 2.67 14.73 18.42
C PRO C 39 1.73 15.08 17.28
N GLU C 40 1.45 16.39 17.05
CA GLU C 40 0.58 16.78 15.95
C GLU C 40 1.17 16.33 14.62
N ALA C 41 2.50 16.34 14.53
CA ALA C 41 3.18 15.93 13.32
C ALA C 41 2.95 14.45 13.09
N LEU C 42 2.99 13.68 14.17
CA LEU C 42 2.71 12.25 14.10
C LEU C 42 1.25 12.01 13.76
N GLN C 43 0.35 12.80 14.35
CA GLN C 43 -1.07 12.70 14.07
C GLN C 43 -1.33 12.91 12.59
N LYS C 44 -0.72 13.95 12.06
CA LYS C 44 -0.84 14.28 10.65
C LYS C 44 -0.21 13.20 9.79
N TRP C 45 1.01 12.81 10.14
CA TRP C 45 1.73 11.74 9.45
C TRP C 45 0.91 10.45 9.41
N LEU C 46 0.43 10.00 10.56
CA LEU C 46 -0.35 8.80 10.63
C LEU C 46 -1.68 9.00 9.88
N GLN C 47 -2.22 10.21 9.93
CA GLN C 47 -3.46 10.48 9.25
C GLN C 47 -3.27 10.35 7.77
N LEU C 48 -2.15 10.87 7.27
CA LEU C 48 -1.85 10.87 5.86
C LEU C 48 -1.52 9.50 5.36
N THR C 49 -0.69 8.79 6.13
CA THR C 49 -0.30 7.45 5.76
C THR C 49 -1.51 6.55 5.68
N HIS C 50 -2.32 6.62 6.72
CA HIS C 50 -3.52 5.80 6.81
C HIS C 50 -4.57 6.25 5.80
N GLU C 51 -4.67 7.54 5.57
CA GLU C 51 -5.61 8.09 4.61
C GLU C 51 -5.34 7.47 3.27
N VAL C 52 -4.09 7.56 2.84
CA VAL C 52 -3.73 7.10 1.54
C VAL C 52 -3.73 5.58 1.48
N GLU C 53 -3.40 4.98 2.59
CA GLU C 53 -3.40 3.55 2.72
C GLU C 53 -4.82 3.01 2.46
N VAL C 54 -5.78 3.56 3.18
CA VAL C 54 -7.16 3.19 2.98
C VAL C 54 -7.64 3.61 1.58
N GLN C 55 -7.09 4.70 1.04
CA GLN C 55 -7.46 5.12 -0.29
C GLN C 55 -7.07 4.12 -1.35
N TYR C 56 -5.76 3.76 -1.43
CA TYR C 56 -5.33 2.81 -2.48
C TYR C 56 -6.09 1.51 -2.32
N TYR C 57 -6.29 1.15 -1.04
CA TYR C 57 -6.95 -0.05 -0.64
C TYR C 57 -8.34 -0.08 -1.22
N ASN C 58 -9.05 0.96 -0.94
CA ASN C 58 -10.44 1.09 -1.32
C ASN C 58 -10.58 1.13 -2.83
N ILE C 59 -9.66 1.84 -3.46
CA ILE C 59 -9.65 2.01 -4.90
C ILE C 59 -9.55 0.68 -5.58
N LYS C 60 -8.57 -0.10 -5.20
CA LYS C 60 -8.42 -1.38 -5.79
C LYS C 60 -9.48 -2.34 -5.35
N LYS C 61 -10.03 -2.18 -4.15
CA LYS C 61 -11.18 -3.01 -3.74
C LYS C 61 -12.33 -2.79 -4.66
N GLN C 62 -12.66 -1.52 -4.86
CA GLN C 62 -13.74 -1.14 -5.71
C GLN C 62 -13.49 -1.61 -7.13
N ASN C 63 -12.27 -1.35 -7.62
CA ASN C 63 -11.88 -1.77 -8.95
C ASN C 63 -11.95 -3.28 -9.07
N ALA C 64 -11.39 -3.97 -8.08
CA ALA C 64 -11.38 -5.44 -8.07
C ALA C 64 -12.78 -6.04 -8.11
N GLU C 65 -13.69 -5.52 -7.28
CA GLU C 65 -15.09 -5.99 -7.30
C GLU C 65 -15.74 -5.73 -8.66
N LYS C 66 -15.48 -4.56 -9.24
CA LYS C 66 -15.98 -4.22 -10.56
C LYS C 66 -15.42 -5.21 -11.55
N GLN C 67 -14.12 -5.38 -11.52
CA GLN C 67 -13.41 -6.32 -12.37
C GLN C 67 -13.96 -7.71 -12.25
N LEU C 68 -14.19 -8.15 -11.03
CA LEU C 68 -14.79 -9.44 -10.79
C LEU C 68 -16.10 -9.59 -11.54
N LEU C 69 -16.97 -8.62 -11.39
CA LEU C 69 -18.26 -8.69 -12.06
C LEU C 69 -18.13 -8.54 -13.58
N VAL C 70 -17.36 -7.54 -14.03
CA VAL C 70 -17.18 -7.24 -15.45
C VAL C 70 -16.53 -8.41 -16.16
N ALA C 71 -15.42 -8.83 -15.63
CA ALA C 71 -14.66 -9.87 -16.23
C ALA C 71 -15.38 -11.20 -16.14
N LYS C 72 -16.21 -11.39 -15.09
CA LYS C 72 -17.00 -12.61 -14.99
C LYS C 72 -17.95 -12.66 -16.17
N GLU C 73 -18.71 -11.57 -16.36
CA GLU C 73 -19.68 -11.46 -17.44
C GLU C 73 -19.00 -11.62 -18.79
N GLY C 74 -17.93 -10.89 -18.97
CA GLY C 74 -17.19 -10.96 -20.20
C GLY C 74 -16.70 -12.36 -20.49
N ALA C 75 -16.11 -12.99 -19.49
CA ALA C 75 -15.50 -14.30 -19.67
C ALA C 75 -16.55 -15.33 -20.01
N GLU C 76 -17.68 -15.27 -19.36
CA GLU C 76 -18.74 -16.23 -19.61
C GLU C 76 -19.40 -15.96 -20.96
N LYS C 77 -19.30 -14.74 -21.44
CA LYS C 77 -19.82 -14.40 -22.76
C LYS C 77 -18.84 -14.75 -23.90
N ILE C 78 -17.55 -14.65 -23.65
CA ILE C 78 -16.54 -15.00 -24.66
C ILE C 78 -16.33 -16.50 -24.65
N LYS C 79 -15.74 -16.93 -23.54
CA LYS C 79 -15.35 -18.29 -23.16
C LYS C 79 -14.60 -18.16 -21.91
N LYS C 80 -14.97 -18.91 -20.97
CA LYS C 80 -14.29 -18.87 -19.71
C LYS C 80 -13.36 -20.02 -19.58
N LYS C 81 -12.12 -19.70 -19.56
CA LYS C 81 -11.07 -20.67 -19.60
C LYS C 81 -10.42 -20.85 -18.24
N ARG C 82 -9.34 -21.58 -18.28
CA ARG C 82 -8.51 -21.90 -17.17
C ARG C 82 -7.31 -22.54 -17.81
N GLY D 1 -13.36 -1.80 10.93
CA GLY D 1 -11.96 -1.59 11.22
C GLY D 1 -11.12 -2.75 10.75
N SER D 2 -10.48 -2.57 9.62
CA SER D 2 -9.63 -3.60 9.06
C SER D 2 -8.31 -3.68 9.83
N GLU D 3 -7.55 -4.72 9.54
CA GLU D 3 -6.28 -5.07 10.19
C GLU D 3 -5.31 -3.85 10.23
N LEU D 4 -5.14 -3.23 9.10
CA LEU D 4 -4.28 -2.06 8.98
C LEU D 4 -4.82 -0.87 9.76
N ASN D 5 -6.13 -0.76 9.79
CA ASN D 5 -6.86 0.34 10.44
C ASN D 5 -6.72 0.26 11.92
N GLU D 6 -7.02 -0.91 12.43
CA GLU D 6 -7.00 -1.14 13.84
C GLU D 6 -5.60 -1.01 14.36
N LEU D 7 -4.64 -1.60 13.66
CA LEU D 7 -3.28 -1.52 14.11
C LEU D 7 -2.71 -0.15 13.90
N ALA D 8 -3.26 0.60 12.95
CA ALA D 8 -2.85 1.99 12.76
C ALA D 8 -3.17 2.75 13.99
N GLU D 9 -4.41 2.62 14.45
CA GLU D 9 -4.87 3.34 15.60
C GLU D 9 -4.15 2.89 16.88
N PHE D 10 -4.01 1.61 17.03
CA PHE D 10 -3.37 1.02 18.20
C PHE D 10 -1.90 1.38 18.31
N ALA D 11 -1.18 1.22 17.23
CA ALA D 11 0.23 1.43 17.22
C ALA D 11 0.55 2.89 17.28
N ARG D 12 -0.28 3.71 16.64
CA ARG D 12 -0.07 5.15 16.67
C ARG D 12 -0.26 5.68 18.09
N LEU D 13 -1.32 5.20 18.77
CA LEU D 13 -1.58 5.59 20.13
C LEU D 13 -0.46 5.14 21.02
N GLN D 14 -0.04 3.93 20.84
CA GLN D 14 1.05 3.39 21.61
C GLN D 14 2.38 4.11 21.36
N ASP D 15 2.71 4.32 20.10
CA ASP D 15 3.93 4.99 19.76
C ASP D 15 3.99 6.33 20.41
N GLN D 16 2.94 7.13 20.25
CA GLN D 16 2.92 8.44 20.89
C GLN D 16 2.85 8.32 22.41
N LEU D 17 2.21 7.29 22.93
CA LEU D 17 2.15 7.10 24.37
C LEU D 17 3.56 6.99 24.93
N ASP D 18 4.48 6.49 24.12
CA ASP D 18 5.89 6.49 24.51
C ASP D 18 6.62 7.74 23.93
N HIS D 19 6.59 7.84 22.62
CA HIS D 19 7.33 8.81 21.83
C HIS D 19 6.51 10.03 21.42
N ARG D 20 5.59 10.44 22.26
CA ARG D 20 4.74 11.62 21.99
C ARG D 20 5.54 12.88 21.62
N GLY D 21 6.74 13.01 22.16
CA GLY D 21 7.55 14.17 21.89
C GLY D 21 7.20 15.27 22.81
N ASP D 22 6.30 16.12 22.38
CA ASP D 22 5.75 17.13 23.25
C ASP D 22 4.63 16.47 23.99
N HIS D 23 5.03 15.69 24.96
CA HIS D 23 4.15 14.82 25.66
C HIS D 23 3.26 15.52 26.64
N GLY A 1 20.20 31.47 14.56
CA GLY A 1 19.62 31.49 13.22
C GLY A 1 18.74 30.29 13.02
N SER A 2 17.72 30.43 12.22
CA SER A 2 16.85 29.32 11.91
C SER A 2 17.50 28.47 10.82
N HIS A 3 18.08 27.37 11.21
CA HIS A 3 18.67 26.44 10.26
C HIS A 3 17.63 25.42 9.86
N MET A 4 16.55 25.38 10.62
CA MET A 4 15.37 24.57 10.36
C MET A 4 14.78 24.96 9.02
N ALA A 5 14.49 23.99 8.21
CA ALA A 5 13.89 24.24 6.92
C ALA A 5 12.42 23.81 7.00
N SER A 6 11.74 23.82 5.90
CA SER A 6 10.38 23.35 5.85
C SER A 6 10.36 21.84 6.12
N SER A 7 9.23 21.32 6.54
CA SER A 7 9.08 19.92 6.84
C SER A 7 9.26 19.09 5.57
N ARG A 8 10.37 18.39 5.50
CA ARG A 8 10.71 17.57 4.35
C ARG A 8 10.59 16.11 4.70
N GLN A 9 10.59 15.82 6.01
CA GLN A 9 10.53 14.43 6.51
C GLN A 9 9.14 13.86 6.32
N LYS A 10 8.22 14.76 6.07
CA LYS A 10 6.83 14.46 5.86
C LYS A 10 6.59 13.90 4.44
N TYR A 11 7.67 13.80 3.64
CA TYR A 11 7.67 13.43 2.21
C TYR A 11 6.84 12.19 1.92
N ALA A 12 6.68 11.35 2.94
CA ALA A 12 5.87 10.16 2.87
C ALA A 12 4.50 10.47 2.29
N GLU A 13 3.91 11.63 2.66
CA GLU A 13 2.58 12.00 2.17
C GLU A 13 2.58 12.13 0.64
N GLU A 14 3.64 12.71 0.12
CA GLU A 14 3.80 12.95 -1.30
C GLU A 14 3.92 11.60 -1.99
N GLU A 15 4.83 10.79 -1.47
CA GLU A 15 5.12 9.50 -2.02
C GLU A 15 3.91 8.59 -2.04
N LEU A 16 3.25 8.43 -0.89
CA LEU A 16 2.11 7.56 -0.84
C LEU A 16 0.92 8.00 -1.65
N GLU A 17 0.62 9.29 -1.62
CA GLU A 17 -0.50 9.80 -2.40
C GLU A 17 -0.26 9.56 -3.89
N GLN A 18 0.94 9.93 -4.33
CA GLN A 18 1.26 9.82 -5.71
C GLN A 18 1.36 8.38 -6.15
N VAL A 19 1.87 7.51 -5.30
CA VAL A 19 1.97 6.11 -5.67
C VAL A 19 0.57 5.47 -5.67
N ARG A 20 -0.31 5.94 -4.77
CA ARG A 20 -1.68 5.47 -4.72
C ARG A 20 -2.32 5.70 -6.07
N GLU A 21 -2.22 6.91 -6.55
CA GLU A 21 -2.79 7.22 -7.84
C GLU A 21 -2.02 6.58 -8.99
N ALA A 22 -0.68 6.64 -8.94
CA ALA A 22 0.19 6.17 -10.02
C ALA A 22 0.06 4.70 -10.22
N LEU A 23 0.24 4.00 -9.15
CA LEU A 23 0.25 2.58 -9.15
C LEU A 23 -1.15 2.00 -9.31
N ARG A 24 -2.16 2.58 -8.69
CA ARG A 24 -3.52 2.02 -8.88
C ARG A 24 -3.99 2.27 -10.31
N LYS A 25 -3.52 3.39 -10.89
CA LYS A 25 -3.79 3.69 -12.27
C LYS A 25 -3.09 2.65 -13.12
N ALA A 26 -1.80 2.40 -12.80
CA ALA A 26 -1.00 1.42 -13.51
C ALA A 26 -1.65 0.07 -13.46
N GLU A 27 -2.11 -0.33 -12.27
CA GLU A 27 -2.79 -1.59 -12.10
C GLU A 27 -3.98 -1.69 -13.03
N LYS A 28 -4.87 -0.70 -12.96
CA LYS A 28 -6.08 -0.70 -13.79
C LYS A 28 -5.74 -0.70 -15.29
N GLU A 29 -4.81 0.16 -15.68
CA GLU A 29 -4.47 0.27 -17.07
C GLU A 29 -3.77 -1.00 -17.54
N LEU A 30 -3.02 -1.62 -16.65
CA LEU A 30 -2.25 -2.83 -16.93
C LEU A 30 -3.20 -3.98 -17.16
N GLU A 31 -4.02 -4.29 -16.16
CA GLU A 31 -5.04 -5.36 -16.31
C GLU A 31 -5.86 -5.15 -17.59
N SER A 32 -6.16 -3.89 -17.89
CA SER A 32 -6.97 -3.59 -19.04
C SER A 32 -6.13 -3.72 -20.36
N HIS A 33 -4.86 -3.40 -20.27
CA HIS A 33 -3.96 -3.38 -21.41
C HIS A 33 -3.50 -4.79 -21.80
N SER A 34 -3.43 -5.69 -20.83
CA SER A 34 -2.96 -7.08 -21.03
C SER A 34 -3.65 -7.80 -22.20
N SER A 35 -4.82 -7.34 -22.59
CA SER A 35 -5.59 -7.93 -23.67
C SER A 35 -4.87 -7.72 -25.04
N TRP A 36 -3.85 -6.92 -25.03
CA TRP A 36 -3.06 -6.60 -26.20
C TRP A 36 -1.84 -7.53 -26.30
N TYR A 37 -1.42 -8.10 -25.18
CA TYR A 37 -0.20 -8.89 -25.15
C TYR A 37 -0.37 -10.22 -24.45
N ALA A 38 0.73 -10.90 -24.25
CA ALA A 38 0.73 -12.16 -23.56
C ALA A 38 0.44 -11.91 -22.08
N PRO A 39 -0.37 -12.77 -21.44
CA PRO A 39 -0.81 -12.58 -20.05
C PRO A 39 0.31 -12.74 -19.04
N GLU A 40 1.48 -13.10 -19.50
CA GLU A 40 2.60 -13.29 -18.64
C GLU A 40 3.06 -11.97 -18.05
N ALA A 41 2.81 -10.88 -18.76
CA ALA A 41 3.16 -9.56 -18.27
C ALA A 41 2.25 -9.23 -17.08
N LEU A 42 0.96 -9.57 -17.23
CA LEU A 42 -0.04 -9.42 -16.17
C LEU A 42 0.36 -10.28 -15.01
N GLN A 43 0.73 -11.51 -15.32
CA GLN A 43 1.16 -12.48 -14.35
C GLN A 43 2.26 -11.90 -13.48
N LYS A 44 3.30 -11.38 -14.12
CA LYS A 44 4.40 -10.77 -13.41
C LYS A 44 3.94 -9.54 -12.66
N TRP A 45 3.21 -8.67 -13.34
CA TRP A 45 2.68 -7.45 -12.75
C TRP A 45 1.87 -7.72 -11.48
N LEU A 46 0.88 -8.59 -11.56
CA LEU A 46 0.06 -8.93 -10.41
C LEU A 46 0.93 -9.57 -9.31
N GLN A 47 1.83 -10.44 -9.71
CA GLN A 47 2.72 -11.10 -8.77
C GLN A 47 3.56 -10.05 -8.04
N LEU A 48 4.07 -9.11 -8.80
CA LEU A 48 4.91 -8.03 -8.30
C LEU A 48 4.13 -7.08 -7.43
N THR A 49 2.97 -6.65 -7.91
CA THR A 49 2.14 -5.71 -7.19
C THR A 49 1.74 -6.26 -5.86
N HIS A 50 1.25 -7.47 -5.88
CA HIS A 50 0.76 -8.09 -4.70
C HIS A 50 1.89 -8.50 -3.78
N GLU A 51 3.03 -8.88 -4.33
CA GLU A 51 4.15 -9.24 -3.50
C GLU A 51 4.65 -8.05 -2.72
N VAL A 52 4.77 -6.89 -3.37
CA VAL A 52 5.23 -5.72 -2.68
C VAL A 52 4.16 -5.25 -1.71
N GLU A 53 2.94 -5.48 -2.09
CA GLU A 53 1.78 -5.22 -1.26
C GLU A 53 1.90 -6.02 0.07
N VAL A 54 2.09 -7.32 -0.06
CA VAL A 54 2.31 -8.18 1.10
C VAL A 54 3.59 -7.74 1.87
N GLN A 55 4.58 -7.23 1.13
CA GLN A 55 5.81 -6.77 1.75
C GLN A 55 5.57 -5.60 2.66
N TYR A 56 4.99 -4.47 2.15
CA TYR A 56 4.76 -3.28 3.00
C TYR A 56 3.91 -3.67 4.19
N TYR A 57 2.95 -4.57 3.91
CA TYR A 57 2.00 -5.01 4.87
C TYR A 57 2.69 -5.69 6.04
N ASN A 58 3.46 -6.68 5.72
CA ASN A 58 4.19 -7.42 6.72
C ASN A 58 5.23 -6.57 7.42
N ILE A 59 5.85 -5.67 6.69
CA ILE A 59 6.84 -4.76 7.25
C ILE A 59 6.24 -3.93 8.36
N LYS A 60 5.10 -3.32 8.09
CA LYS A 60 4.46 -2.58 9.13
C LYS A 60 3.88 -3.48 10.19
N LYS A 61 3.48 -4.69 9.84
CA LYS A 61 3.04 -5.65 10.85
C LYS A 61 4.17 -5.93 11.83
N GLN A 62 5.36 -6.18 11.30
CA GLN A 62 6.54 -6.42 12.11
C GLN A 62 6.90 -5.20 12.90
N ASN A 63 6.95 -4.05 12.23
CA ASN A 63 7.30 -2.81 12.91
C ASN A 63 6.28 -2.46 13.94
N ALA A 64 5.01 -2.59 13.61
CA ALA A 64 3.93 -2.29 14.55
C ALA A 64 4.06 -3.13 15.80
N GLU A 65 4.21 -4.45 15.65
CA GLU A 65 4.40 -5.33 16.81
C GLU A 65 5.64 -4.94 17.61
N LYS A 66 6.72 -4.65 16.89
CA LYS A 66 7.97 -4.24 17.48
C LYS A 66 7.80 -2.93 18.25
N GLN A 67 7.25 -1.94 17.58
CA GLN A 67 7.10 -0.65 18.18
C GLN A 67 6.10 -0.67 19.31
N LEU A 68 5.04 -1.49 19.18
CA LEU A 68 4.09 -1.69 20.26
C LEU A 68 4.79 -2.19 21.49
N LEU A 69 5.66 -3.18 21.30
CA LEU A 69 6.39 -3.76 22.42
C LEU A 69 7.29 -2.72 23.09
N VAL A 70 8.08 -2.02 22.28
CA VAL A 70 9.05 -1.06 22.80
C VAL A 70 8.40 0.21 23.33
N ALA A 71 7.40 0.71 22.64
CA ALA A 71 6.71 1.90 23.05
C ALA A 71 5.91 1.64 24.30
N LYS A 72 5.30 0.46 24.41
CA LYS A 72 4.56 0.11 25.60
C LYS A 72 5.49 0.09 26.78
N GLU A 73 6.64 -0.61 26.66
CA GLU A 73 7.56 -0.65 27.76
C GLU A 73 8.17 0.72 28.08
N GLY A 74 8.47 1.47 27.05
CA GLY A 74 8.97 2.81 27.25
C GLY A 74 7.95 3.66 27.98
N ALA A 75 6.70 3.59 27.54
CA ALA A 75 5.61 4.40 28.07
C ALA A 75 5.36 4.08 29.51
N GLU A 76 5.34 2.80 29.86
CA GLU A 76 5.13 2.42 31.25
C GLU A 76 6.32 2.83 32.10
N LYS A 77 7.51 2.80 31.53
CA LYS A 77 8.69 3.22 32.26
C LYS A 77 8.74 4.73 32.48
N ILE A 78 8.20 5.49 31.55
CA ILE A 78 8.14 6.94 31.75
C ILE A 78 6.98 7.26 32.66
N LYS A 79 5.81 7.01 32.12
CA LYS A 79 4.53 7.25 32.67
C LYS A 79 3.59 7.24 31.47
N LYS A 80 2.68 6.31 31.39
CA LYS A 80 1.77 6.30 30.26
C LYS A 80 0.77 7.43 30.42
N LYS A 81 1.04 8.46 29.69
CA LYS A 81 0.34 9.71 29.82
C LYS A 81 -0.98 9.74 29.06
N ARG A 82 -1.82 10.70 29.41
CA ARG A 82 -3.12 10.84 28.79
C ARG A 82 -3.09 11.97 27.80
N GLY B 1 -5.66 -16.63 2.90
CA GLY B 1 -5.14 -15.28 2.71
C GLY B 1 -6.19 -14.26 3.02
N SER B 2 -5.79 -13.02 3.17
CA SER B 2 -6.68 -11.94 3.49
C SER B 2 -7.50 -11.53 2.26
N GLU B 3 -8.47 -10.65 2.48
CA GLU B 3 -9.44 -10.17 1.47
C GLU B 3 -8.72 -9.72 0.18
N LEU B 4 -7.70 -8.91 0.35
CA LEU B 4 -6.90 -8.41 -0.76
C LEU B 4 -6.19 -9.54 -1.53
N ASN B 5 -5.75 -10.55 -0.80
CA ASN B 5 -4.97 -11.66 -1.33
C ASN B 5 -5.84 -12.57 -2.15
N GLU B 6 -6.93 -12.96 -1.56
CA GLU B 6 -7.85 -13.86 -2.17
C GLU B 6 -8.47 -13.22 -3.41
N LEU B 7 -8.81 -11.95 -3.30
CA LEU B 7 -9.37 -11.28 -4.44
C LEU B 7 -8.33 -10.94 -5.47
N ALA B 8 -7.08 -10.77 -5.05
CA ALA B 8 -5.99 -10.57 -5.98
C ALA B 8 -5.91 -11.74 -6.90
N GLU B 9 -5.92 -12.91 -6.32
CA GLU B 9 -5.84 -14.13 -7.06
C GLU B 9 -7.09 -14.34 -7.94
N PHE B 10 -8.23 -14.11 -7.37
CA PHE B 10 -9.49 -14.35 -8.06
C PHE B 10 -9.70 -13.35 -9.20
N ALA B 11 -9.37 -12.11 -8.96
CA ALA B 11 -9.57 -11.05 -9.92
C ALA B 11 -8.54 -11.13 -10.99
N ARG B 12 -7.34 -11.55 -10.62
CA ARG B 12 -6.30 -11.69 -11.61
C ARG B 12 -6.66 -12.81 -12.58
N LEU B 13 -7.23 -13.89 -12.04
CA LEU B 13 -7.70 -15.00 -12.85
C LEU B 13 -8.86 -14.58 -13.74
N GLN B 14 -9.80 -13.87 -13.17
CA GLN B 14 -10.96 -13.37 -13.90
C GLN B 14 -10.58 -12.35 -14.97
N ASP B 15 -9.77 -11.37 -14.57
CA ASP B 15 -9.34 -10.36 -15.48
C ASP B 15 -8.62 -10.97 -16.64
N GLN B 16 -7.71 -11.94 -16.38
CA GLN B 16 -7.02 -12.55 -17.50
C GLN B 16 -7.95 -13.47 -18.26
N LEU B 17 -8.96 -14.00 -17.59
CA LEU B 17 -9.92 -14.85 -18.26
C LEU B 17 -10.58 -14.05 -19.37
N ASP B 18 -10.70 -12.74 -19.17
CA ASP B 18 -11.18 -11.87 -20.24
C ASP B 18 -10.00 -11.24 -21.01
N HIS B 19 -9.12 -10.62 -20.29
CA HIS B 19 -8.01 -9.81 -20.83
C HIS B 19 -6.70 -10.57 -20.94
N ARG B 20 -6.76 -11.85 -21.13
CA ARG B 20 -5.52 -12.65 -21.27
C ARG B 20 -4.63 -12.14 -22.41
N GLY B 21 -5.22 -11.60 -23.44
CA GLY B 21 -4.44 -11.17 -24.58
C GLY B 21 -4.13 -12.32 -25.45
N ASP B 22 -3.07 -13.00 -25.12
CA ASP B 22 -2.70 -14.21 -25.79
C ASP B 22 -3.36 -15.35 -25.05
N HIS B 23 -4.59 -15.60 -25.42
CA HIS B 23 -5.38 -16.55 -24.73
C HIS B 23 -5.24 -17.92 -25.30
N GLY C 1 9.99 -1.50 -38.84
CA GLY C 1 10.97 -1.32 -37.79
C GLY C 1 10.33 -1.40 -36.44
N SER C 2 11.12 -1.66 -35.44
CA SER C 2 10.62 -1.79 -34.11
C SER C 2 10.47 -0.41 -33.46
N HIS C 3 9.24 0.03 -33.32
CA HIS C 3 8.96 1.31 -32.71
C HIS C 3 8.64 1.17 -31.26
N MET C 4 8.49 -0.06 -30.80
CA MET C 4 8.26 -0.27 -29.39
C MET C 4 9.58 -0.18 -28.66
N ALA C 5 9.54 0.40 -27.51
CA ALA C 5 10.70 0.54 -26.69
C ALA C 5 10.65 -0.52 -25.61
N SER C 6 11.47 -0.41 -24.60
CA SER C 6 11.44 -1.34 -23.50
C SER C 6 10.13 -1.18 -22.70
N SER C 7 9.74 -2.22 -21.98
CA SER C 7 8.53 -2.21 -21.18
C SER C 7 8.59 -1.10 -20.12
N ARG C 8 7.90 -0.01 -20.38
CA ARG C 8 7.90 1.10 -19.45
C ARG C 8 6.63 1.10 -18.63
N GLN C 9 5.61 0.40 -19.12
CA GLN C 9 4.28 0.37 -18.46
C GLN C 9 4.33 -0.45 -17.18
N LYS C 10 5.42 -1.14 -17.02
CA LYS C 10 5.68 -1.97 -15.88
C LYS C 10 6.20 -1.15 -14.70
N TYR C 11 6.34 0.19 -14.92
CA TYR C 11 6.95 1.15 -13.98
C TYR C 11 6.39 1.02 -12.57
N ALA C 12 5.19 0.48 -12.47
CA ALA C 12 4.53 0.20 -11.21
C ALA C 12 5.46 -0.57 -10.27
N GLU C 13 6.23 -1.56 -10.81
CA GLU C 13 7.14 -2.38 -9.99
C GLU C 13 8.17 -1.50 -9.25
N GLU C 14 8.65 -0.54 -9.98
CA GLU C 14 9.64 0.39 -9.53
C GLU C 14 9.04 1.23 -8.44
N GLU C 15 7.92 1.87 -8.77
CA GLU C 15 7.21 2.76 -7.88
C GLU C 15 6.83 2.07 -6.58
N LEU C 16 6.14 0.94 -6.67
CA LEU C 16 5.70 0.25 -5.46
C LEU C 16 6.82 -0.26 -4.60
N GLU C 17 7.85 -0.82 -5.21
CA GLU C 17 8.96 -1.32 -4.42
C GLU C 17 9.65 -0.19 -3.68
N GLN C 18 9.89 0.90 -4.40
CA GLN C 18 10.56 2.03 -3.83
C GLN C 18 9.74 2.67 -2.77
N VAL C 19 8.45 2.82 -3.00
CA VAL C 19 7.59 3.44 -2.01
C VAL C 19 7.44 2.52 -0.79
N ARG C 20 7.48 1.20 -1.01
CA ARG C 20 7.42 0.25 0.09
C ARG C 20 8.56 0.53 1.02
N GLU C 21 9.76 0.58 0.48
CA GLU C 21 10.90 0.85 1.32
C GLU C 21 10.97 2.30 1.80
N ALA C 22 10.64 3.24 0.94
CA ALA C 22 10.75 4.67 1.23
C ALA C 22 9.77 5.09 2.29
N LEU C 23 8.55 4.75 2.05
CA LEU C 23 7.47 5.11 2.91
C LEU C 23 7.47 4.31 4.20
N ARG C 24 7.78 3.02 4.16
CA ARG C 24 7.81 2.26 5.41
C ARG C 24 9.00 2.71 6.27
N LYS C 25 10.08 3.13 5.61
CA LYS C 25 11.21 3.69 6.27
C LYS C 25 10.79 4.99 6.92
N ALA C 26 10.08 5.82 6.13
CA ALA C 26 9.56 7.10 6.59
C ALA C 26 8.68 6.91 7.78
N GLU C 27 7.77 5.96 7.71
CA GLU C 27 6.88 5.66 8.81
C GLU C 27 7.66 5.37 10.06
N LYS C 28 8.58 4.41 9.98
CA LYS C 28 9.38 4.01 11.14
C LYS C 28 10.22 5.17 11.69
N GLU C 29 10.87 5.91 10.81
CA GLU C 29 11.72 6.97 11.25
C GLU C 29 10.88 8.11 11.81
N LEU C 30 9.70 8.29 11.26
CA LEU C 30 8.79 9.36 11.67
C LEU C 30 8.27 9.08 13.06
N GLU C 31 7.61 7.94 13.23
CA GLU C 31 7.14 7.52 14.57
C GLU C 31 8.29 7.60 15.61
N SER C 32 9.49 7.24 15.18
CA SER C 32 10.63 7.26 16.08
C SER C 32 11.13 8.71 16.32
N HIS C 33 11.01 9.54 15.31
CA HIS C 33 11.51 10.92 15.32
C HIS C 33 10.58 11.84 16.12
N SER C 34 9.28 11.52 16.12
CA SER C 34 8.25 12.33 16.78
C SER C 34 8.55 12.69 18.24
N SER C 35 9.42 11.93 18.88
CA SER C 35 9.81 12.17 20.25
C SER C 35 10.64 13.48 20.38
N TRP C 36 11.01 14.03 19.26
CA TRP C 36 11.78 15.25 19.21
C TRP C 36 10.88 16.47 19.08
N TYR C 37 9.65 16.27 18.62
CA TYR C 37 8.74 17.36 18.35
C TYR C 37 7.34 17.12 18.88
N ALA C 38 6.43 18.02 18.57
CA ALA C 38 5.05 17.91 18.97
C ALA C 38 4.40 16.75 18.23
N PRO C 39 3.53 15.98 18.91
CA PRO C 39 2.91 14.78 18.34
C PRO C 39 1.93 15.07 17.20
N GLU C 40 1.65 16.33 16.96
CA GLU C 40 0.73 16.72 15.91
C GLU C 40 1.27 16.31 14.53
N ALA C 41 2.59 16.29 14.42
CA ALA C 41 3.23 15.88 13.18
C ALA C 41 2.98 14.40 12.94
N LEU C 42 3.09 13.61 14.01
CA LEU C 42 2.79 12.18 13.98
C LEU C 42 1.34 11.97 13.68
N GLN C 43 0.52 12.76 14.34
CA GLN C 43 -0.91 12.69 14.19
C GLN C 43 -1.28 12.88 12.73
N LYS C 44 -0.73 13.91 12.11
CA LYS C 44 -0.97 14.17 10.70
C LYS C 44 -0.39 13.06 9.86
N TRP C 45 0.84 12.70 10.13
CA TRP C 45 1.53 11.64 9.41
C TRP C 45 0.75 10.32 9.43
N LEU C 46 0.35 9.85 10.62
CA LEU C 46 -0.39 8.60 10.72
C LEU C 46 -1.75 8.76 10.01
N GLN C 47 -2.38 9.90 10.20
CA GLN C 47 -3.66 10.17 9.56
C GLN C 47 -3.51 10.09 8.05
N LEU C 48 -2.46 10.72 7.54
CA LEU C 48 -2.16 10.77 6.11
C LEU C 48 -1.77 9.42 5.56
N THR C 49 -0.90 8.73 6.27
CA THR C 49 -0.44 7.42 5.83
C THR C 49 -1.58 6.46 5.73
N HIS C 50 -2.37 6.41 6.77
CA HIS C 50 -3.45 5.49 6.82
C HIS C 50 -4.60 5.93 5.91
N GLU C 51 -4.77 7.24 5.73
CA GLU C 51 -5.78 7.75 4.82
C GLU C 51 -5.51 7.26 3.43
N VAL C 52 -4.29 7.44 2.96
CA VAL C 52 -3.93 7.04 1.63
C VAL C 52 -3.93 5.53 1.52
N GLU C 53 -3.58 4.90 2.61
CA GLU C 53 -3.60 3.47 2.75
C GLU C 53 -5.03 2.94 2.48
N VAL C 54 -5.99 3.50 3.20
CA VAL C 54 -7.39 3.18 3.01
C VAL C 54 -7.84 3.56 1.58
N GLN C 55 -7.27 4.64 1.03
CA GLN C 55 -7.61 5.06 -0.32
C GLN C 55 -7.22 4.03 -1.36
N TYR C 56 -5.91 3.65 -1.44
CA TYR C 56 -5.49 2.67 -2.46
C TYR C 56 -6.26 1.38 -2.28
N TYR C 57 -6.48 1.03 -1.01
CA TYR C 57 -7.16 -0.17 -0.64
C TYR C 57 -8.56 -0.19 -1.22
N ASN C 58 -9.31 0.83 -0.93
CA ASN C 58 -10.66 0.96 -1.40
C ASN C 58 -10.74 1.08 -2.91
N ILE C 59 -9.77 1.77 -3.49
CA ILE C 59 -9.71 1.96 -4.94
C ILE C 59 -9.60 0.63 -5.64
N LYS C 60 -8.68 -0.22 -5.20
CA LYS C 60 -8.60 -1.52 -5.79
C LYS C 60 -9.77 -2.38 -5.43
N LYS C 61 -10.38 -2.16 -4.27
CA LYS C 61 -11.62 -2.86 -3.94
C LYS C 61 -12.71 -2.53 -4.95
N GLN C 62 -12.88 -1.24 -5.22
CA GLN C 62 -13.82 -0.76 -6.22
C GLN C 62 -13.48 -1.32 -7.58
N ASN C 63 -12.22 -1.16 -7.99
CA ASN C 63 -11.78 -1.61 -9.29
C ASN C 63 -11.91 -3.11 -9.41
N ALA C 64 -11.47 -3.85 -8.39
CA ALA C 64 -11.55 -5.30 -8.40
C ALA C 64 -12.98 -5.77 -8.59
N GLU C 65 -13.92 -5.25 -7.80
CA GLU C 65 -15.33 -5.62 -7.97
C GLU C 65 -15.82 -5.26 -9.37
N LYS C 66 -15.44 -4.08 -9.82
CA LYS C 66 -15.78 -3.58 -11.14
C LYS C 66 -15.23 -4.50 -12.23
N GLN C 67 -13.94 -4.76 -12.17
CA GLN C 67 -13.31 -5.55 -13.17
C GLN C 67 -13.76 -6.98 -13.12
N LEU C 68 -14.04 -7.49 -11.93
CA LEU C 68 -14.63 -8.82 -11.78
C LEU C 68 -15.94 -8.89 -12.53
N LEU C 69 -16.75 -7.86 -12.39
CA LEU C 69 -18.04 -7.82 -13.05
C LEU C 69 -17.89 -7.76 -14.58
N VAL C 70 -17.06 -6.85 -15.06
CA VAL C 70 -16.89 -6.65 -16.50
C VAL C 70 -16.10 -7.79 -17.17
N ALA C 71 -15.09 -8.30 -16.47
CA ALA C 71 -14.30 -9.39 -16.98
C ALA C 71 -15.10 -10.67 -16.97
N LYS C 72 -15.95 -10.86 -15.96
CA LYS C 72 -16.81 -12.03 -15.92
C LYS C 72 -17.75 -12.00 -17.12
N GLU C 73 -18.37 -10.81 -17.34
CA GLU C 73 -19.26 -10.61 -18.51
C GLU C 73 -18.52 -10.94 -19.79
N GLY C 74 -17.36 -10.34 -19.93
CA GLY C 74 -16.56 -10.55 -21.10
C GLY C 74 -16.20 -12.00 -21.29
N ALA C 75 -15.72 -12.62 -20.24
CA ALA C 75 -15.24 -13.98 -20.29
C ALA C 75 -16.33 -14.94 -20.69
N GLU C 76 -17.52 -14.75 -20.15
CA GLU C 76 -18.63 -15.64 -20.49
C GLU C 76 -19.14 -15.35 -21.91
N LYS C 77 -18.99 -14.10 -22.35
CA LYS C 77 -19.40 -13.74 -23.68
C LYS C 77 -18.44 -14.26 -24.74
N ILE C 78 -17.17 -14.27 -24.44
CA ILE C 78 -16.18 -14.77 -25.39
C ILE C 78 -16.15 -16.28 -25.32
N LYS C 79 -15.68 -16.74 -24.17
CA LYS C 79 -15.46 -18.10 -23.83
C LYS C 79 -14.53 -18.05 -22.63
N LYS C 80 -14.95 -18.57 -21.50
CA LYS C 80 -14.08 -18.56 -20.37
C LYS C 80 -13.06 -19.66 -20.52
N LYS C 81 -11.93 -19.27 -20.96
CA LYS C 81 -10.90 -20.19 -21.35
C LYS C 81 -10.11 -20.72 -20.18
N ARG C 82 -9.44 -21.81 -20.40
CA ARG C 82 -8.63 -22.43 -19.39
C ARG C 82 -7.19 -22.08 -19.67
N GLY D 1 -12.86 -1.97 12.12
CA GLY D 1 -12.08 -1.93 10.89
C GLY D 1 -11.19 -3.13 10.78
N SER D 2 -10.41 -3.19 9.73
CA SER D 2 -9.51 -4.30 9.50
C SER D 2 -8.28 -4.23 10.40
N GLU D 3 -7.50 -5.30 10.38
CA GLU D 3 -6.30 -5.52 11.21
C GLU D 3 -5.35 -4.31 11.15
N LEU D 4 -5.08 -3.86 9.94
CA LEU D 4 -4.22 -2.72 9.71
C LEU D 4 -4.78 -1.43 10.34
N ASN D 5 -6.08 -1.27 10.30
CA ASN D 5 -6.78 -0.07 10.77
C ASN D 5 -6.73 0.01 12.26
N GLU D 6 -7.13 -1.07 12.86
CA GLU D 6 -7.23 -1.16 14.27
C GLU D 6 -5.86 -1.08 14.93
N LEU D 7 -4.87 -1.72 14.32
CA LEU D 7 -3.54 -1.63 14.83
C LEU D 7 -2.90 -0.32 14.51
N ALA D 8 -3.33 0.33 13.42
CA ALA D 8 -2.85 1.67 13.11
C ALA D 8 -3.18 2.56 14.23
N GLU D 9 -4.43 2.51 14.66
CA GLU D 9 -4.90 3.31 15.74
C GLU D 9 -4.21 2.95 17.07
N PHE D 10 -4.11 1.68 17.33
CA PHE D 10 -3.55 1.20 18.60
C PHE D 10 -2.05 1.52 18.70
N ALA D 11 -1.33 1.29 17.63
CA ALA D 11 0.09 1.46 17.59
C ALA D 11 0.44 2.90 17.52
N ARG D 12 -0.40 3.70 16.88
CA ARG D 12 -0.14 5.12 16.82
C ARG D 12 -0.30 5.71 18.22
N LEU D 13 -1.32 5.22 18.95
CA LEU D 13 -1.56 5.65 20.32
C LEU D 13 -0.39 5.23 21.22
N GLN D 14 0.01 3.99 21.10
CA GLN D 14 1.12 3.45 21.87
C GLN D 14 2.46 4.12 21.55
N ASP D 15 2.73 4.24 20.26
CA ASP D 15 3.96 4.88 19.81
C ASP D 15 4.03 6.27 20.34
N GLN D 16 2.94 7.04 20.25
CA GLN D 16 2.99 8.39 20.77
C GLN D 16 3.01 8.39 22.28
N LEU D 17 2.47 7.36 22.89
CA LEU D 17 2.51 7.25 24.32
C LEU D 17 3.97 7.22 24.78
N ASP D 18 4.84 6.67 23.94
CA ASP D 18 6.30 6.74 24.22
C ASP D 18 6.97 7.93 23.51
N HIS D 19 6.68 8.07 22.25
CA HIS D 19 7.31 9.05 21.36
C HIS D 19 6.48 10.28 21.10
N ARG D 20 5.64 10.67 22.03
CA ARG D 20 4.82 11.88 21.84
C ARG D 20 5.65 13.14 21.58
N GLY D 21 6.84 13.19 22.14
CA GLY D 21 7.66 14.37 21.96
C GLY D 21 7.26 15.43 22.92
N ASP D 22 6.23 16.15 22.56
CA ASP D 22 5.63 17.11 23.42
C ASP D 22 4.47 16.42 24.09
N HIS D 23 4.77 15.79 25.18
CA HIS D 23 3.82 14.93 25.83
C HIS D 23 2.90 15.62 26.78
N GLY A 1 3.83 23.81 15.85
CA GLY A 1 5.22 24.29 15.72
C GLY A 1 5.80 24.04 14.35
N SER A 2 5.79 22.79 13.91
CA SER A 2 6.43 22.43 12.64
C SER A 2 5.49 22.58 11.47
N HIS A 3 4.46 23.33 11.70
CA HIS A 3 3.57 23.70 10.64
C HIS A 3 4.22 24.83 9.87
N MET A 4 4.96 25.64 10.59
CA MET A 4 5.68 26.74 9.99
C MET A 4 7.15 26.41 10.01
N ALA A 5 7.53 25.60 9.08
CA ALA A 5 8.89 25.14 8.89
C ALA A 5 8.97 24.48 7.55
N SER A 6 10.05 24.72 6.82
CA SER A 6 10.28 24.05 5.56
C SER A 6 10.36 22.55 5.81
N SER A 7 9.30 21.88 5.50
CA SER A 7 9.20 20.49 5.80
C SER A 7 9.63 19.64 4.64
N ARG A 8 10.86 19.20 4.67
CA ARG A 8 11.34 18.28 3.66
C ARG A 8 10.98 16.87 4.08
N GLN A 9 11.00 16.66 5.40
CA GLN A 9 10.75 15.36 6.06
C GLN A 9 9.37 14.82 5.74
N LYS A 10 8.48 15.72 5.36
CA LYS A 10 7.11 15.36 5.07
C LYS A 10 6.96 14.62 3.74
N TYR A 11 8.10 14.41 3.02
CA TYR A 11 8.13 13.82 1.67
C TYR A 11 7.34 12.52 1.58
N ALA A 12 7.18 11.86 2.71
CA ALA A 12 6.40 10.65 2.84
C ALA A 12 5.02 10.83 2.23
N GLU A 13 4.37 11.99 2.50
CA GLU A 13 3.02 12.27 1.99
C GLU A 13 2.99 12.23 0.48
N GLU A 14 4.02 12.77 -0.14
CA GLU A 14 4.09 12.84 -1.57
C GLU A 14 4.29 11.44 -2.12
N GLU A 15 5.19 10.70 -1.50
CA GLU A 15 5.51 9.34 -1.93
C GLU A 15 4.28 8.44 -1.90
N LEU A 16 3.60 8.45 -0.77
CA LEU A 16 2.44 7.59 -0.57
C LEU A 16 1.21 8.00 -1.39
N GLU A 17 0.87 9.27 -1.39
CA GLU A 17 -0.31 9.71 -2.14
C GLU A 17 -0.09 9.57 -3.64
N GLN A 18 1.13 9.88 -4.08
CA GLN A 18 1.45 9.73 -5.48
C GLN A 18 1.44 8.30 -5.88
N VAL A 19 1.91 7.40 -5.01
CA VAL A 19 1.90 6.00 -5.38
C VAL A 19 0.45 5.48 -5.39
N ARG A 20 -0.42 6.01 -4.53
CA ARG A 20 -1.84 5.66 -4.56
C ARG A 20 -2.39 5.94 -5.93
N GLU A 21 -2.20 7.15 -6.41
CA GLU A 21 -2.72 7.48 -7.71
C GLU A 21 -1.93 6.82 -8.87
N ALA A 22 -0.62 6.77 -8.74
CA ALA A 22 0.27 6.24 -9.80
C ALA A 22 0.09 4.76 -9.98
N LEU A 23 0.15 4.06 -8.89
CA LEU A 23 0.05 2.65 -8.89
C LEU A 23 -1.37 2.18 -9.17
N ARG A 24 -2.40 2.90 -8.66
CA ARG A 24 -3.78 2.55 -9.04
C ARG A 24 -3.96 2.72 -10.54
N LYS A 25 -3.38 3.79 -11.06
CA LYS A 25 -3.45 4.12 -12.45
C LYS A 25 -2.82 2.99 -13.23
N ALA A 26 -1.61 2.61 -12.80
CA ALA A 26 -0.86 1.55 -13.43
C ALA A 26 -1.61 0.26 -13.40
N GLU A 27 -2.15 -0.11 -12.24
CA GLU A 27 -2.92 -1.34 -12.11
C GLU A 27 -4.04 -1.40 -13.10
N LYS A 28 -4.91 -0.40 -13.12
CA LYS A 28 -6.05 -0.49 -13.99
C LYS A 28 -5.67 -0.39 -15.48
N GLU A 29 -4.67 0.41 -15.82
CA GLU A 29 -4.27 0.49 -17.20
C GLU A 29 -3.57 -0.79 -17.63
N LEU A 30 -2.88 -1.40 -16.69
CA LEU A 30 -2.14 -2.61 -16.95
C LEU A 30 -3.12 -3.72 -17.25
N GLU A 31 -4.00 -4.02 -16.29
CA GLU A 31 -5.08 -5.02 -16.52
C GLU A 31 -5.85 -4.73 -17.81
N SER A 32 -6.06 -3.45 -18.13
CA SER A 32 -6.82 -3.12 -19.35
C SER A 32 -6.00 -3.43 -20.62
N HIS A 33 -4.72 -3.19 -20.51
CA HIS A 33 -3.78 -3.41 -21.58
C HIS A 33 -3.42 -4.84 -21.82
N SER A 34 -3.46 -5.68 -20.78
CA SER A 34 -3.11 -7.10 -20.89
C SER A 34 -3.82 -7.80 -22.06
N SER A 35 -4.97 -7.26 -22.49
CA SER A 35 -5.73 -7.83 -23.59
C SER A 35 -5.02 -7.64 -24.94
N TRP A 36 -4.03 -6.79 -24.93
CA TRP A 36 -3.28 -6.44 -26.12
C TRP A 36 -2.06 -7.35 -26.28
N TYR A 37 -1.50 -7.74 -25.17
CA TYR A 37 -0.28 -8.52 -25.16
C TYR A 37 -0.43 -9.84 -24.45
N ALA A 38 0.66 -10.53 -24.28
CA ALA A 38 0.65 -11.78 -23.60
C ALA A 38 0.50 -11.53 -22.09
N PRO A 39 -0.14 -12.47 -21.37
CA PRO A 39 -0.46 -12.30 -19.94
C PRO A 39 0.80 -12.32 -19.06
N GLU A 40 1.94 -12.54 -19.69
CA GLU A 40 3.24 -12.57 -19.04
C GLU A 40 3.52 -11.26 -18.31
N ALA A 41 3.09 -10.15 -18.94
CA ALA A 41 3.30 -8.83 -18.36
C ALA A 41 2.39 -8.66 -17.15
N LEU A 42 1.18 -9.20 -17.25
CA LEU A 42 0.24 -9.19 -16.14
C LEU A 42 0.77 -10.02 -15.00
N GLN A 43 1.39 -11.14 -15.32
CA GLN A 43 1.98 -12.00 -14.31
C GLN A 43 3.08 -11.27 -13.57
N LYS A 44 3.92 -10.58 -14.34
CA LYS A 44 4.99 -9.75 -13.78
C LYS A 44 4.38 -8.67 -12.88
N TRP A 45 3.45 -7.94 -13.43
CA TRP A 45 2.75 -6.86 -12.74
C TRP A 45 2.04 -7.33 -11.48
N LEU A 46 1.21 -8.34 -11.60
CA LEU A 46 0.47 -8.84 -10.46
C LEU A 46 1.43 -9.42 -9.40
N GLN A 47 2.48 -10.09 -9.85
CA GLN A 47 3.49 -10.62 -8.93
C GLN A 47 4.08 -9.47 -8.14
N LEU A 48 4.41 -8.41 -8.83
CA LEU A 48 5.01 -7.22 -8.24
C LEU A 48 4.06 -6.51 -7.29
N THR A 49 2.86 -6.24 -7.76
CA THR A 49 1.88 -5.55 -6.97
C THR A 49 1.55 -6.31 -5.70
N HIS A 50 1.28 -7.58 -5.85
CA HIS A 50 0.89 -8.43 -4.73
C HIS A 50 2.05 -8.63 -3.77
N GLU A 51 3.25 -8.83 -4.31
CA GLU A 51 4.44 -9.01 -3.50
C GLU A 51 4.64 -7.80 -2.62
N VAL A 52 4.60 -6.64 -3.22
CA VAL A 52 4.89 -5.41 -2.52
C VAL A 52 3.79 -5.06 -1.55
N GLU A 53 2.58 -5.32 -1.94
CA GLU A 53 1.41 -5.08 -1.11
C GLU A 53 1.53 -5.89 0.18
N VAL A 54 1.65 -7.20 0.02
CA VAL A 54 1.77 -8.10 1.15
C VAL A 54 3.03 -7.78 1.94
N GLN A 55 4.11 -7.44 1.25
CA GLN A 55 5.35 -7.10 1.93
C GLN A 55 5.26 -5.86 2.75
N TYR A 56 4.88 -4.70 2.16
CA TYR A 56 4.84 -3.47 2.95
C TYR A 56 3.89 -3.64 4.12
N TYR A 57 2.79 -4.36 3.85
CA TYR A 57 1.78 -4.65 4.83
C TYR A 57 2.39 -5.41 5.99
N ASN A 58 3.00 -6.53 5.66
CA ASN A 58 3.61 -7.40 6.64
C ASN A 58 4.66 -6.66 7.45
N ILE A 59 5.43 -5.85 6.76
CA ILE A 59 6.48 -5.07 7.37
C ILE A 59 5.92 -4.12 8.42
N LYS A 60 4.84 -3.43 8.09
CA LYS A 60 4.22 -2.59 9.08
C LYS A 60 3.58 -3.40 10.18
N LYS A 61 3.15 -4.61 9.88
CA LYS A 61 2.65 -5.52 10.93
C LYS A 61 3.75 -5.79 11.94
N GLN A 62 4.90 -6.16 11.42
CA GLN A 62 6.07 -6.43 12.22
C GLN A 62 6.47 -5.19 13.02
N ASN A 63 6.50 -4.05 12.34
CA ASN A 63 6.86 -2.78 12.98
C ASN A 63 5.82 -2.42 14.01
N ALA A 64 4.55 -2.53 13.64
CA ALA A 64 3.42 -2.18 14.52
C ALA A 64 3.38 -3.04 15.76
N GLU A 65 3.52 -4.34 15.61
CA GLU A 65 3.55 -5.24 16.76
C GLU A 65 4.78 -4.99 17.62
N LYS A 66 5.91 -4.67 16.97
CA LYS A 66 7.14 -4.29 17.68
C LYS A 66 6.84 -3.03 18.49
N GLN A 67 6.26 -2.06 17.81
CA GLN A 67 5.83 -0.79 18.37
C GLN A 67 4.94 -0.98 19.56
N LEU A 68 3.91 -1.76 19.38
CA LEU A 68 2.97 -2.06 20.44
C LEU A 68 3.69 -2.59 21.67
N LEU A 69 4.57 -3.55 21.46
CA LEU A 69 5.30 -4.13 22.56
C LEU A 69 6.27 -3.10 23.21
N VAL A 70 7.05 -2.42 22.36
CA VAL A 70 8.11 -1.50 22.85
C VAL A 70 7.52 -0.23 23.46
N ALA A 71 6.43 0.24 22.92
CA ALA A 71 5.79 1.42 23.42
C ALA A 71 5.02 1.12 24.68
N LYS A 72 4.33 -0.02 24.72
CA LYS A 72 3.62 -0.42 25.92
C LYS A 72 4.58 -0.52 27.10
N GLU A 73 5.67 -1.27 26.91
CA GLU A 73 6.65 -1.44 27.97
C GLU A 73 7.32 -0.11 28.30
N GLY A 74 7.67 0.65 27.29
CA GLY A 74 8.32 1.91 27.48
C GLY A 74 7.45 2.87 28.22
N ALA A 75 6.22 2.90 27.89
CA ALA A 75 5.33 3.86 28.46
C ALA A 75 5.04 3.52 29.91
N GLU A 76 4.94 2.24 30.22
CA GLU A 76 4.69 1.85 31.59
C GLU A 76 5.93 1.97 32.46
N LYS A 77 7.09 1.86 31.85
CA LYS A 77 8.35 1.94 32.56
C LYS A 77 8.90 3.35 32.67
N ILE A 78 8.93 4.06 31.59
CA ILE A 78 9.64 5.33 31.55
C ILE A 78 8.74 6.49 31.94
N LYS A 79 7.80 6.77 31.07
CA LYS A 79 6.93 7.91 31.17
C LYS A 79 5.94 7.80 30.04
N LYS A 80 4.74 8.25 30.26
CA LYS A 80 3.75 8.24 29.23
C LYS A 80 2.82 9.40 29.44
N LYS A 81 1.92 9.59 28.52
CA LYS A 81 0.91 10.60 28.66
C LYS A 81 -0.37 9.94 29.12
N ARG A 82 -1.37 10.74 29.33
CA ARG A 82 -2.66 10.24 29.61
C ARG A 82 -3.58 10.70 28.52
N GLY B 1 -5.00 -15.41 4.52
CA GLY B 1 -5.04 -14.45 3.42
C GLY B 1 -6.27 -13.59 3.52
N SER B 2 -6.08 -12.31 3.63
CA SER B 2 -7.20 -11.39 3.76
C SER B 2 -7.78 -11.00 2.40
N GLU B 3 -8.70 -10.05 2.38
CA GLU B 3 -9.48 -9.71 1.21
C GLU B 3 -8.60 -9.20 0.06
N LEU B 4 -7.49 -8.59 0.38
CA LEU B 4 -6.54 -8.16 -0.67
C LEU B 4 -5.99 -9.36 -1.43
N ASN B 5 -5.58 -10.36 -0.70
CA ASN B 5 -4.96 -11.59 -1.22
C ASN B 5 -5.91 -12.34 -2.09
N GLU B 6 -7.07 -12.59 -1.55
CA GLU B 6 -8.06 -13.35 -2.22
C GLU B 6 -8.55 -12.62 -3.45
N LEU B 7 -8.81 -11.32 -3.32
CA LEU B 7 -9.28 -10.58 -4.46
C LEU B 7 -8.18 -10.38 -5.46
N ALA B 8 -6.94 -10.39 -5.02
CA ALA B 8 -5.83 -10.27 -5.94
C ALA B 8 -5.80 -11.44 -6.83
N GLU B 9 -5.87 -12.63 -6.25
CA GLU B 9 -5.82 -13.83 -7.03
C GLU B 9 -7.07 -14.00 -7.89
N PHE B 10 -8.19 -13.69 -7.33
CA PHE B 10 -9.45 -13.82 -8.05
C PHE B 10 -9.57 -12.82 -9.18
N ALA B 11 -9.26 -11.56 -8.92
CA ALA B 11 -9.36 -10.54 -9.93
C ALA B 11 -8.33 -10.74 -11.02
N ARG B 12 -7.11 -11.16 -10.64
CA ARG B 12 -6.06 -11.39 -11.64
C ARG B 12 -6.47 -12.54 -12.57
N LEU B 13 -7.02 -13.62 -11.99
CA LEU B 13 -7.48 -14.74 -12.80
C LEU B 13 -8.66 -14.36 -13.66
N GLN B 14 -9.57 -13.60 -13.11
CA GLN B 14 -10.72 -13.15 -13.85
C GLN B 14 -10.35 -12.18 -14.96
N ASP B 15 -9.52 -11.19 -14.61
CA ASP B 15 -9.07 -10.22 -15.58
C ASP B 15 -8.41 -10.90 -16.71
N GLN B 16 -7.50 -11.83 -16.44
CA GLN B 16 -6.84 -12.50 -17.52
C GLN B 16 -7.77 -13.46 -18.23
N LEU B 17 -8.76 -13.99 -17.52
CA LEU B 17 -9.68 -14.91 -18.14
C LEU B 17 -10.39 -14.21 -19.29
N ASP B 18 -10.62 -12.91 -19.12
CA ASP B 18 -11.21 -12.10 -20.20
C ASP B 18 -10.10 -11.39 -21.03
N HIS B 19 -9.22 -10.72 -20.34
CA HIS B 19 -8.14 -9.89 -20.90
C HIS B 19 -6.78 -10.58 -20.95
N ARG B 20 -6.76 -11.87 -21.13
CA ARG B 20 -5.46 -12.60 -21.20
C ARG B 20 -4.55 -12.10 -22.33
N GLY B 21 -5.14 -11.62 -23.39
CA GLY B 21 -4.35 -11.14 -24.49
C GLY B 21 -3.97 -12.26 -25.43
N ASP B 22 -2.90 -12.92 -25.10
CA ASP B 22 -2.44 -14.05 -25.84
C ASP B 22 -2.68 -15.29 -25.02
N HIS B 23 -3.69 -15.99 -25.36
CA HIS B 23 -4.04 -17.20 -24.65
C HIS B 23 -3.48 -18.42 -25.34
N GLY C 1 7.33 -12.67 -24.73
CA GLY C 1 7.29 -11.65 -25.78
C GLY C 1 7.90 -10.34 -25.33
N SER C 2 7.24 -9.68 -24.40
CA SER C 2 7.61 -8.34 -23.97
C SER C 2 8.67 -8.35 -22.89
N HIS C 3 9.36 -9.42 -22.82
CA HIS C 3 10.49 -9.53 -21.97
C HIS C 3 11.66 -8.83 -22.64
N MET C 4 11.74 -9.03 -23.94
CA MET C 4 12.78 -8.41 -24.73
C MET C 4 12.21 -7.22 -25.45
N ALA C 5 11.97 -6.21 -24.67
CA ALA C 5 11.40 -4.98 -25.13
C ALA C 5 11.73 -3.94 -24.11
N SER C 6 12.05 -2.75 -24.57
CA SER C 6 12.35 -1.67 -23.66
C SER C 6 11.07 -1.27 -22.95
N SER C 7 10.92 -1.76 -21.74
CA SER C 7 9.72 -1.63 -21.00
C SER C 7 9.71 -0.40 -20.13
N ARG C 8 9.05 0.63 -20.60
CA ARG C 8 8.84 1.83 -19.82
C ARG C 8 7.62 1.62 -18.97
N GLN C 9 6.71 0.85 -19.55
CA GLN C 9 5.37 0.54 -19.00
C GLN C 9 5.45 -0.22 -17.69
N LYS C 10 6.60 -0.80 -17.45
CA LYS C 10 6.83 -1.60 -16.27
C LYS C 10 7.07 -0.73 -15.05
N TYR C 11 7.09 0.61 -15.24
CA TYR C 11 7.47 1.61 -14.21
C TYR C 11 6.75 1.37 -12.88
N ALA C 12 5.59 0.73 -12.95
CA ALA C 12 4.81 0.37 -11.80
C ALA C 12 5.65 -0.35 -10.75
N GLU C 13 6.51 -1.29 -11.20
CA GLU C 13 7.36 -2.08 -10.30
C GLU C 13 8.26 -1.17 -9.45
N GLU C 14 8.79 -0.15 -10.09
CA GLU C 14 9.69 0.76 -9.45
C GLU C 14 8.93 1.61 -8.46
N GLU C 15 7.79 2.14 -8.91
CA GLU C 15 6.96 3.00 -8.07
C GLU C 15 6.55 2.28 -6.77
N LEU C 16 6.00 1.08 -6.93
CA LEU C 16 5.50 0.31 -5.80
C LEU C 16 6.58 -0.23 -4.87
N GLU C 17 7.63 -0.81 -5.41
CA GLU C 17 8.67 -1.37 -4.56
C GLU C 17 9.46 -0.27 -3.85
N GLN C 18 9.67 0.85 -4.56
CA GLN C 18 10.35 1.97 -3.98
C GLN C 18 9.53 2.56 -2.88
N VAL C 19 8.22 2.65 -3.06
CA VAL C 19 7.40 3.20 -2.02
C VAL C 19 7.36 2.25 -0.82
N ARG C 20 7.42 0.94 -1.07
CA ARG C 20 7.52 -0.04 0.03
C ARG C 20 8.70 0.29 0.89
N GLU C 21 9.86 0.44 0.30
CA GLU C 21 11.04 0.75 1.10
C GLU C 21 11.05 2.19 1.63
N ALA C 22 10.61 3.13 0.79
CA ALA C 22 10.64 4.57 1.10
C ALA C 22 9.68 4.91 2.20
N LEU C 23 8.46 4.49 2.02
CA LEU C 23 7.41 4.75 2.93
C LEU C 23 7.56 3.94 4.22
N ARG C 24 8.06 2.69 4.14
CA ARG C 24 8.37 1.96 5.36
C ARG C 24 9.43 2.68 6.15
N LYS C 25 10.42 3.20 5.43
CA LYS C 25 11.52 3.92 6.02
C LYS C 25 10.98 5.15 6.70
N ALA C 26 10.13 5.88 5.97
CA ALA C 26 9.52 7.09 6.45
C ALA C 26 8.72 6.82 7.69
N GLU C 27 7.90 5.77 7.68
CA GLU C 27 7.11 5.42 8.84
C GLU C 27 7.97 5.20 10.06
N LYS C 28 8.96 4.31 9.96
CA LYS C 28 9.78 3.99 11.13
C LYS C 28 10.63 5.19 11.59
N GLU C 29 11.17 5.96 10.66
CA GLU C 29 11.97 7.11 11.06
C GLU C 29 11.08 8.20 11.62
N LEU C 30 9.88 8.29 11.12
CA LEU C 30 8.95 9.31 11.56
C LEU C 30 8.52 9.02 12.98
N GLU C 31 7.92 7.86 13.19
CA GLU C 31 7.54 7.41 14.55
C GLU C 31 8.75 7.53 15.52
N SER C 32 9.97 7.25 15.04
CA SER C 32 11.12 7.34 15.93
C SER C 32 11.46 8.81 16.24
N HIS C 33 11.32 9.65 15.25
CA HIS C 33 11.60 11.07 15.36
C HIS C 33 10.57 11.85 16.15
N SER C 34 9.31 11.41 16.15
CA SER C 34 8.22 12.13 16.84
C SER C 34 8.57 12.48 18.31
N SER C 35 9.48 11.72 18.91
CA SER C 35 9.90 11.96 20.29
C SER C 35 10.75 13.25 20.42
N TRP C 36 11.17 13.75 19.29
CA TRP C 36 12.00 14.93 19.22
C TRP C 36 11.15 16.18 19.06
N TYR C 37 10.00 16.03 18.46
CA TYR C 37 9.13 17.15 18.20
C TYR C 37 7.72 16.95 18.71
N ALA C 38 6.84 17.86 18.36
CA ALA C 38 5.46 17.76 18.75
C ALA C 38 4.75 16.71 17.91
N PRO C 39 3.79 15.98 18.51
CA PRO C 39 3.10 14.85 17.88
C PRO C 39 2.23 15.25 16.68
N GLU C 40 2.11 16.55 16.48
CA GLU C 40 1.37 17.15 15.36
C GLU C 40 1.87 16.59 14.01
N ALA C 41 3.17 16.34 13.94
CA ALA C 41 3.77 15.82 12.72
C ALA C 41 3.40 14.36 12.54
N LEU C 42 3.34 13.64 13.65
CA LEU C 42 2.89 12.26 13.67
C LEU C 42 1.43 12.18 13.26
N GLN C 43 0.64 13.13 13.74
CA GLN C 43 -0.76 13.22 13.37
C GLN C 43 -0.90 13.39 11.88
N LYS C 44 -0.12 14.32 11.34
CA LYS C 44 -0.07 14.58 9.90
C LYS C 44 0.33 13.31 9.15
N TRP C 45 1.44 12.74 9.56
CA TRP C 45 1.99 11.53 8.99
C TRP C 45 1.03 10.34 9.06
N LEU C 46 0.51 10.05 10.24
CA LEU C 46 -0.37 8.91 10.40
C LEU C 46 -1.68 9.15 9.63
N GLN C 47 -2.16 10.38 9.64
CA GLN C 47 -3.36 10.75 8.89
C GLN C 47 -3.15 10.44 7.42
N LEU C 48 -1.99 10.81 6.93
CA LEU C 48 -1.60 10.62 5.54
C LEU C 48 -1.43 9.15 5.21
N THR C 49 -0.64 8.45 6.01
CA THR C 49 -0.36 7.05 5.78
C THR C 49 -1.64 6.22 5.79
N HIS C 50 -2.44 6.43 6.81
CA HIS C 50 -3.66 5.66 6.99
C HIS C 50 -4.69 6.01 5.93
N GLU C 51 -4.77 7.30 5.57
CA GLU C 51 -5.68 7.73 4.53
C GLU C 51 -5.37 7.02 3.24
N VAL C 52 -4.13 7.09 2.85
CA VAL C 52 -3.69 6.55 1.59
C VAL C 52 -3.76 5.04 1.55
N GLU C 53 -3.44 4.44 2.67
CA GLU C 53 -3.50 3.01 2.81
C GLU C 53 -4.92 2.51 2.58
N VAL C 54 -5.85 3.01 3.39
CA VAL C 54 -7.24 2.64 3.28
C VAL C 54 -7.80 3.03 1.91
N GLN C 55 -7.37 4.18 1.39
CA GLN C 55 -7.84 4.63 0.10
C GLN C 55 -7.38 3.77 -1.05
N TYR C 56 -6.05 3.58 -1.23
CA TYR C 56 -5.56 2.79 -2.36
C TYR C 56 -6.18 1.40 -2.27
N TYR C 57 -6.28 0.90 -1.04
CA TYR C 57 -6.86 -0.38 -0.75
C TYR C 57 -8.30 -0.42 -1.24
N ASN C 58 -9.09 0.51 -0.77
CA ASN C 58 -10.50 0.57 -1.10
C ASN C 58 -10.70 0.71 -2.59
N ILE C 59 -9.85 1.51 -3.21
CA ILE C 59 -9.88 1.74 -4.63
C ILE C 59 -9.67 0.46 -5.40
N LYS C 60 -8.68 -0.34 -4.99
CA LYS C 60 -8.51 -1.61 -5.63
C LYS C 60 -9.64 -2.55 -5.32
N LYS C 61 -10.28 -2.39 -4.17
CA LYS C 61 -11.49 -3.16 -3.87
C LYS C 61 -12.57 -2.85 -4.88
N GLN C 62 -12.80 -1.57 -5.10
CA GLN C 62 -13.78 -1.09 -6.06
C GLN C 62 -13.46 -1.62 -7.45
N ASN C 63 -12.20 -1.50 -7.83
CA ASN C 63 -11.74 -1.94 -9.14
C ASN C 63 -11.80 -3.45 -9.23
N ALA C 64 -11.37 -4.13 -8.18
CA ALA C 64 -11.36 -5.61 -8.15
C ALA C 64 -12.77 -6.19 -8.23
N GLU C 65 -13.70 -5.64 -7.47
CA GLU C 65 -15.07 -6.08 -7.52
C GLU C 65 -15.70 -5.76 -8.88
N LYS C 66 -15.30 -4.60 -9.45
CA LYS C 66 -15.69 -4.21 -10.81
C LYS C 66 -15.19 -5.28 -11.76
N GLN C 67 -13.90 -5.57 -11.64
CA GLN C 67 -13.20 -6.57 -12.41
C GLN C 67 -13.88 -7.91 -12.35
N LEU C 68 -14.13 -8.36 -11.15
CA LEU C 68 -14.81 -9.61 -10.94
C LEU C 68 -16.13 -9.67 -11.69
N LEU C 69 -16.92 -8.62 -11.57
CA LEU C 69 -18.20 -8.58 -12.23
C LEU C 69 -18.06 -8.50 -13.77
N VAL C 70 -17.22 -7.58 -14.24
CA VAL C 70 -17.06 -7.31 -15.67
C VAL C 70 -16.35 -8.46 -16.38
N ALA C 71 -15.39 -9.07 -15.73
CA ALA C 71 -14.66 -10.15 -16.31
C ALA C 71 -15.48 -11.41 -16.26
N LYS C 72 -16.29 -11.59 -15.22
CA LYS C 72 -17.15 -12.76 -15.14
C LYS C 72 -18.13 -12.76 -16.29
N GLU C 73 -18.84 -11.63 -16.43
CA GLU C 73 -19.83 -11.52 -17.48
C GLU C 73 -19.18 -11.58 -18.85
N GLY C 74 -18.08 -10.86 -19.00
CA GLY C 74 -17.39 -10.82 -20.24
C GLY C 74 -16.88 -12.17 -20.65
N ALA C 75 -16.32 -12.88 -19.74
CA ALA C 75 -15.72 -14.13 -20.06
C ALA C 75 -16.75 -15.17 -20.43
N GLU C 76 -17.88 -15.14 -19.76
CA GLU C 76 -18.92 -16.11 -20.07
C GLU C 76 -19.66 -15.74 -21.35
N LYS C 77 -19.69 -14.47 -21.68
CA LYS C 77 -20.36 -14.00 -22.88
C LYS C 77 -19.50 -13.97 -24.13
N ILE C 78 -18.32 -13.41 -24.02
CA ILE C 78 -17.53 -13.14 -25.21
C ILE C 78 -16.65 -14.32 -25.56
N LYS C 79 -15.70 -14.58 -24.71
CA LYS C 79 -14.69 -15.57 -24.92
C LYS C 79 -13.87 -15.59 -23.67
N LYS C 80 -13.44 -16.76 -23.28
CA LYS C 80 -12.61 -16.89 -22.13
C LYS C 80 -11.61 -17.99 -22.39
N LYS C 81 -10.71 -18.17 -21.47
CA LYS C 81 -9.79 -19.25 -21.56
C LYS C 81 -10.27 -20.35 -20.62
N ARG C 82 -9.53 -21.39 -20.52
CA ARG C 82 -9.80 -22.39 -19.55
C ARG C 82 -8.62 -22.45 -18.62
N GLY D 1 -13.14 -2.44 10.16
CA GLY D 1 -11.71 -2.14 10.20
C GLY D 1 -10.91 -3.37 10.40
N SER D 2 -10.10 -3.70 9.42
CA SER D 2 -9.27 -4.87 9.48
C SER D 2 -7.99 -4.59 10.27
N GLU D 3 -7.07 -5.53 10.23
CA GLU D 3 -5.89 -5.53 11.06
C GLU D 3 -5.00 -4.29 10.81
N LEU D 4 -4.98 -3.79 9.58
CA LEU D 4 -4.24 -2.57 9.28
C LEU D 4 -4.78 -1.38 10.06
N ASN D 5 -6.09 -1.23 10.03
CA ASN D 5 -6.81 -0.13 10.66
C ASN D 5 -6.62 -0.11 12.14
N GLU D 6 -6.87 -1.25 12.73
CA GLU D 6 -6.80 -1.37 14.14
C GLU D 6 -5.38 -1.18 14.62
N LEU D 7 -4.43 -1.81 13.94
CA LEU D 7 -3.06 -1.68 14.35
C LEU D 7 -2.53 -0.31 14.07
N ALA D 8 -3.11 0.37 13.08
CA ALA D 8 -2.70 1.72 12.79
C ALA D 8 -3.05 2.61 13.92
N GLU D 9 -4.28 2.52 14.39
CA GLU D 9 -4.73 3.36 15.45
C GLU D 9 -4.06 2.98 16.79
N PHE D 10 -3.91 1.72 17.01
CA PHE D 10 -3.28 1.23 18.23
C PHE D 10 -1.81 1.56 18.28
N ALA D 11 -1.08 1.29 17.21
CA ALA D 11 0.34 1.56 17.17
C ALA D 11 0.62 3.04 17.21
N ARG D 12 -0.19 3.84 16.51
CA ARG D 12 -0.01 5.29 16.52
C ARG D 12 -0.21 5.85 17.93
N LEU D 13 -1.24 5.37 18.63
CA LEU D 13 -1.50 5.81 20.01
C LEU D 13 -0.41 5.35 20.93
N GLN D 14 0.04 4.14 20.77
CA GLN D 14 1.10 3.58 21.58
C GLN D 14 2.43 4.28 21.32
N ASP D 15 2.76 4.43 20.04
CA ASP D 15 4.00 5.11 19.65
C ASP D 15 4.03 6.46 20.24
N GLN D 16 2.94 7.21 20.10
CA GLN D 16 2.95 8.54 20.65
C GLN D 16 2.87 8.52 22.16
N LEU D 17 2.28 7.48 22.73
CA LEU D 17 2.18 7.42 24.17
C LEU D 17 3.59 7.41 24.76
N ASP D 18 4.50 6.78 24.04
CA ASP D 18 5.91 6.76 24.47
C ASP D 18 6.72 7.89 23.78
N HIS D 19 6.55 8.01 22.49
CA HIS D 19 7.29 8.93 21.62
C HIS D 19 6.49 10.17 21.19
N ARG D 20 5.59 10.63 22.03
CA ARG D 20 4.80 11.84 21.71
C ARG D 20 5.66 13.07 21.42
N GLY D 21 6.77 13.17 22.10
CA GLY D 21 7.64 14.29 21.89
C GLY D 21 7.29 15.44 22.78
N ASP D 22 6.40 16.26 22.33
CA ASP D 22 5.92 17.38 23.11
C ASP D 22 4.54 17.06 23.60
N HIS D 23 4.49 16.56 24.79
CA HIS D 23 3.25 16.19 25.39
C HIS D 23 2.65 17.35 26.16
N GLY A 1 19.78 16.68 19.00
CA GLY A 1 18.41 16.34 18.65
C GLY A 1 17.96 17.13 17.46
N SER A 2 16.71 16.98 17.08
CA SER A 2 16.20 17.67 15.92
C SER A 2 15.86 19.12 16.25
N HIS A 3 16.87 19.96 16.17
CA HIS A 3 16.69 21.38 16.39
C HIS A 3 16.31 22.00 15.06
N MET A 4 16.86 21.44 14.02
CA MET A 4 16.57 21.82 12.68
C MET A 4 15.70 20.74 12.09
N ALA A 5 14.42 20.83 12.33
CA ALA A 5 13.49 19.85 11.86
C ALA A 5 13.25 20.03 10.38
N SER A 6 13.96 19.28 9.59
CA SER A 6 13.84 19.34 8.16
C SER A 6 12.48 18.81 7.75
N SER A 7 12.00 19.27 6.65
CA SER A 7 10.78 18.79 6.11
C SER A 7 11.05 17.56 5.25
N ARG A 8 12.33 17.26 5.04
CA ARG A 8 12.75 16.15 4.17
C ARG A 8 12.59 14.78 4.84
N GLN A 9 11.62 14.71 5.72
CA GLN A 9 11.21 13.51 6.38
C GLN A 9 9.69 13.29 6.20
N LYS A 10 9.01 14.31 5.67
CA LYS A 10 7.55 14.27 5.53
C LYS A 10 7.15 13.56 4.25
N TYR A 11 8.15 13.19 3.44
CA TYR A 11 7.93 12.63 2.12
C TYR A 11 6.98 11.43 2.11
N ALA A 12 6.87 10.73 3.23
CA ALA A 12 5.98 9.57 3.37
C ALA A 12 4.58 9.85 2.84
N GLU A 13 3.99 10.97 3.27
CA GLU A 13 2.62 11.34 2.86
C GLU A 13 2.53 11.59 1.36
N GLU A 14 3.53 12.27 0.84
CA GLU A 14 3.57 12.63 -0.55
C GLU A 14 3.78 11.40 -1.39
N GLU A 15 4.72 10.57 -0.96
CA GLU A 15 5.05 9.37 -1.67
C GLU A 15 3.89 8.44 -1.76
N LEU A 16 3.20 8.19 -0.65
CA LEU A 16 2.07 7.31 -0.72
C LEU A 16 0.89 7.84 -1.49
N GLU A 17 0.52 9.09 -1.29
CA GLU A 17 -0.62 9.65 -2.04
C GLU A 17 -0.39 9.57 -3.54
N GLN A 18 0.80 10.02 -3.95
CA GLN A 18 1.18 10.03 -5.33
C GLN A 18 1.23 8.63 -5.86
N VAL A 19 1.88 7.73 -5.13
CA VAL A 19 2.04 6.37 -5.60
C VAL A 19 0.69 5.65 -5.62
N ARG A 20 -0.20 5.99 -4.69
CA ARG A 20 -1.52 5.41 -4.64
C ARG A 20 -2.22 5.63 -5.94
N GLU A 21 -2.29 6.90 -6.34
CA GLU A 21 -3.00 7.21 -7.54
C GLU A 21 -2.24 6.74 -8.75
N ALA A 22 -0.95 6.80 -8.62
CA ALA A 22 -0.05 6.48 -9.74
C ALA A 22 -0.03 4.98 -10.02
N LEU A 23 0.20 4.22 -9.00
CA LEU A 23 0.27 2.79 -9.08
C LEU A 23 -1.07 2.18 -9.39
N ARG A 24 -2.15 2.65 -8.75
CA ARG A 24 -3.46 2.12 -9.05
C ARG A 24 -3.90 2.50 -10.48
N LYS A 25 -3.44 3.66 -10.96
CA LYS A 25 -3.63 4.08 -12.32
C LYS A 25 -2.90 3.10 -13.26
N ALA A 26 -1.66 2.76 -12.89
CA ALA A 26 -0.87 1.83 -13.65
C ALA A 26 -1.52 0.48 -13.67
N GLU A 27 -2.00 0.06 -12.52
CA GLU A 27 -2.71 -1.20 -12.39
C GLU A 27 -3.87 -1.27 -13.35
N LYS A 28 -4.73 -0.24 -13.35
CA LYS A 28 -5.88 -0.26 -14.24
C LYS A 28 -5.48 -0.22 -15.74
N GLU A 29 -4.46 0.54 -16.09
CA GLU A 29 -4.07 0.58 -17.49
C GLU A 29 -3.39 -0.73 -17.88
N LEU A 30 -2.70 -1.32 -16.93
CA LEU A 30 -1.99 -2.57 -17.16
C LEU A 30 -2.99 -3.71 -17.34
N GLU A 31 -3.84 -3.93 -16.32
CA GLU A 31 -4.93 -4.93 -16.42
C GLU A 31 -5.74 -4.72 -17.74
N SER A 32 -5.90 -3.46 -18.17
CA SER A 32 -6.63 -3.19 -19.40
C SER A 32 -5.80 -3.54 -20.65
N HIS A 33 -4.57 -3.07 -20.67
CA HIS A 33 -3.64 -3.26 -21.77
C HIS A 33 -3.20 -4.69 -22.00
N SER A 34 -3.19 -5.49 -20.98
CA SER A 34 -2.79 -6.90 -21.11
C SER A 34 -3.53 -7.67 -22.24
N SER A 35 -4.68 -7.16 -22.71
CA SER A 35 -5.38 -7.77 -23.82
C SER A 35 -4.70 -7.43 -25.16
N TRP A 36 -3.95 -6.39 -25.12
CA TRP A 36 -3.34 -5.80 -26.29
C TRP A 36 -2.02 -6.53 -26.55
N TYR A 37 -1.38 -6.96 -25.49
CA TYR A 37 -0.16 -7.74 -25.58
C TYR A 37 -0.33 -9.11 -24.93
N ALA A 38 0.76 -9.75 -24.56
CA ALA A 38 0.69 -11.05 -23.93
C ALA A 38 0.47 -10.89 -22.43
N PRO A 39 -0.26 -11.84 -21.81
CA PRO A 39 -0.61 -11.78 -20.39
C PRO A 39 0.58 -11.97 -19.46
N GLU A 40 1.75 -12.25 -20.03
CA GLU A 40 2.96 -12.42 -19.25
C GLU A 40 3.34 -11.14 -18.55
N ALA A 41 2.98 -10.00 -19.16
CA ALA A 41 3.25 -8.72 -18.56
C ALA A 41 2.40 -8.58 -17.31
N LEU A 42 1.15 -9.02 -17.42
CA LEU A 42 0.23 -9.04 -16.30
C LEU A 42 0.73 -9.97 -15.22
N GLN A 43 1.25 -11.12 -15.63
CA GLN A 43 1.80 -12.09 -14.69
C GLN A 43 2.92 -11.47 -13.88
N LYS A 44 3.85 -10.80 -14.54
CA LYS A 44 4.94 -10.14 -13.85
C LYS A 44 4.40 -9.01 -12.99
N TRP A 45 3.61 -8.15 -13.59
CA TRP A 45 3.00 -7.00 -12.93
C TRP A 45 2.21 -7.40 -11.69
N LEU A 46 1.29 -8.33 -11.83
CA LEU A 46 0.49 -8.76 -10.70
C LEU A 46 1.40 -9.43 -9.65
N GLN A 47 2.33 -10.25 -10.10
CA GLN A 47 3.25 -10.91 -9.16
C GLN A 47 4.04 -9.86 -8.38
N LEU A 48 4.51 -8.86 -9.09
CA LEU A 48 5.28 -7.78 -8.51
C LEU A 48 4.44 -6.91 -7.58
N THR A 49 3.27 -6.49 -8.07
CA THR A 49 2.38 -5.66 -7.28
C THR A 49 1.99 -6.37 -5.98
N HIS A 50 1.59 -7.63 -6.12
CA HIS A 50 1.19 -8.46 -5.01
C HIS A 50 2.35 -8.70 -4.05
N GLU A 51 3.52 -8.97 -4.61
CA GLU A 51 4.73 -9.20 -3.83
C GLU A 51 4.96 -8.02 -2.91
N VAL A 52 4.98 -6.84 -3.49
CA VAL A 52 5.26 -5.65 -2.75
C VAL A 52 4.12 -5.30 -1.81
N GLU A 53 2.92 -5.62 -2.24
CA GLU A 53 1.75 -5.37 -1.45
C GLU A 53 1.85 -6.13 -0.13
N VAL A 54 2.11 -7.42 -0.24
CA VAL A 54 2.33 -8.25 0.92
C VAL A 54 3.56 -7.75 1.71
N GLN A 55 4.57 -7.25 0.99
CA GLN A 55 5.77 -6.76 1.65
C GLN A 55 5.50 -5.55 2.52
N TYR A 56 4.94 -4.45 1.95
CA TYR A 56 4.69 -3.24 2.74
C TYR A 56 3.79 -3.57 3.92
N TYR A 57 2.83 -4.45 3.64
CA TYR A 57 1.85 -4.91 4.59
C TYR A 57 2.55 -5.59 5.76
N ASN A 58 3.35 -6.55 5.42
CA ASN A 58 4.10 -7.35 6.37
C ASN A 58 5.02 -6.46 7.19
N ILE A 59 5.68 -5.55 6.50
CA ILE A 59 6.63 -4.63 7.13
C ILE A 59 5.97 -3.82 8.22
N LYS A 60 4.85 -3.21 7.91
CA LYS A 60 4.15 -2.48 8.93
C LYS A 60 3.53 -3.37 9.97
N LYS A 61 3.17 -4.58 9.61
CA LYS A 61 2.74 -5.55 10.62
C LYS A 61 3.85 -5.76 11.65
N GLN A 62 5.07 -5.89 11.17
CA GLN A 62 6.23 -6.04 12.03
C GLN A 62 6.44 -4.76 12.84
N ASN A 63 6.44 -3.60 12.14
CA ASN A 63 6.61 -2.30 12.80
C ASN A 63 5.55 -2.08 13.84
N ALA A 64 4.31 -2.33 13.47
CA ALA A 64 3.17 -2.12 14.34
C ALA A 64 3.25 -2.94 15.60
N GLU A 65 3.48 -4.24 15.47
CA GLU A 65 3.57 -5.07 16.67
C GLU A 65 4.84 -4.78 17.47
N LYS A 66 5.87 -4.33 16.78
CA LYS A 66 7.11 -3.96 17.44
C LYS A 66 6.85 -2.75 18.30
N GLN A 67 6.24 -1.73 17.71
CA GLN A 67 5.94 -0.51 18.39
C GLN A 67 4.90 -0.72 19.47
N LEU A 68 3.93 -1.59 19.23
CA LEU A 68 2.95 -1.96 20.28
C LEU A 68 3.67 -2.49 21.50
N LEU A 69 4.57 -3.44 21.31
CA LEU A 69 5.29 -4.05 22.42
C LEU A 69 6.24 -3.05 23.10
N VAL A 70 7.03 -2.35 22.30
CA VAL A 70 8.06 -1.46 22.83
C VAL A 70 7.45 -0.19 23.46
N ALA A 71 6.41 0.33 22.86
CA ALA A 71 5.78 1.51 23.37
C ALA A 71 4.93 1.20 24.58
N LYS A 72 4.30 0.02 24.60
CA LYS A 72 3.52 -0.36 25.76
C LYS A 72 4.44 -0.52 26.96
N GLU A 73 5.58 -1.21 26.77
CA GLU A 73 6.51 -1.37 27.85
C GLU A 73 7.06 0.00 28.25
N GLY A 74 7.34 0.83 27.27
CA GLY A 74 7.84 2.16 27.51
C GLY A 74 6.88 2.97 28.35
N ALA A 75 5.63 2.94 27.98
CA ALA A 75 4.59 3.70 28.65
C ALA A 75 4.44 3.24 30.08
N GLU A 76 4.60 1.96 30.32
CA GLU A 76 4.51 1.48 31.69
C GLU A 76 5.76 1.85 32.49
N LYS A 77 6.90 1.91 31.81
CA LYS A 77 8.14 2.33 32.47
C LYS A 77 8.13 3.80 32.82
N ILE A 78 7.70 4.63 31.90
CA ILE A 78 7.77 6.06 32.12
C ILE A 78 6.50 6.55 32.79
N LYS A 79 5.42 6.53 32.01
CA LYS A 79 4.06 7.01 32.26
C LYS A 79 3.42 7.05 30.91
N LYS A 80 2.18 7.39 30.85
CA LYS A 80 1.53 7.55 29.59
C LYS A 80 0.77 8.84 29.62
N LYS A 81 0.17 9.22 28.52
CA LYS A 81 -0.60 10.43 28.47
C LYS A 81 -2.04 10.15 28.87
N ARG A 82 -2.82 11.18 28.92
CA ARG A 82 -4.22 11.09 29.20
C ARG A 82 -4.96 11.43 27.91
N GLY B 1 -4.89 -16.36 3.79
CA GLY B 1 -4.47 -15.06 3.28
C GLY B 1 -5.51 -14.02 3.60
N SER B 2 -5.15 -12.79 3.47
CA SER B 2 -6.06 -11.72 3.79
C SER B 2 -6.92 -11.35 2.58
N GLU B 3 -7.87 -10.46 2.80
CA GLU B 3 -8.87 -10.04 1.81
C GLU B 3 -8.21 -9.55 0.51
N LEU B 4 -7.15 -8.78 0.66
CA LEU B 4 -6.38 -8.30 -0.48
C LEU B 4 -5.72 -9.44 -1.26
N ASN B 5 -5.20 -10.42 -0.55
CA ASN B 5 -4.49 -11.59 -1.11
C ASN B 5 -5.41 -12.43 -1.95
N GLU B 6 -6.49 -12.78 -1.33
CA GLU B 6 -7.46 -13.65 -1.92
C GLU B 6 -8.10 -12.98 -3.12
N LEU B 7 -8.45 -11.73 -2.98
CA LEU B 7 -9.06 -11.01 -4.07
C LEU B 7 -8.04 -10.63 -5.11
N ALA B 8 -6.77 -10.60 -4.74
CA ALA B 8 -5.73 -10.35 -5.72
C ALA B 8 -5.69 -11.48 -6.65
N GLU B 9 -5.64 -12.68 -6.12
CA GLU B 9 -5.57 -13.85 -6.93
C GLU B 9 -6.86 -14.05 -7.75
N PHE B 10 -7.96 -13.83 -7.11
CA PHE B 10 -9.26 -13.99 -7.75
C PHE B 10 -9.49 -12.96 -8.85
N ALA B 11 -9.29 -11.70 -8.54
CA ALA B 11 -9.53 -10.65 -9.51
C ALA B 11 -8.54 -10.71 -10.63
N ARG B 12 -7.28 -11.04 -10.34
CA ARG B 12 -6.28 -11.14 -11.40
C ARG B 12 -6.64 -12.28 -12.36
N LEU B 13 -7.05 -13.44 -11.82
CA LEU B 13 -7.42 -14.56 -12.67
C LEU B 13 -8.62 -14.22 -13.46
N GLN B 14 -9.56 -13.58 -12.85
CA GLN B 14 -10.76 -13.17 -13.53
C GLN B 14 -10.48 -12.16 -14.61
N ASP B 15 -9.75 -11.10 -14.24
CA ASP B 15 -9.41 -10.05 -15.18
C ASP B 15 -8.72 -10.62 -16.37
N GLN B 16 -7.73 -11.48 -16.14
CA GLN B 16 -7.03 -12.07 -17.25
C GLN B 16 -7.87 -13.11 -17.96
N LEU B 17 -8.80 -13.75 -17.24
CA LEU B 17 -9.67 -14.74 -17.86
C LEU B 17 -10.43 -14.09 -18.99
N ASP B 18 -10.76 -12.81 -18.80
CA ASP B 18 -11.42 -12.04 -19.87
C ASP B 18 -10.40 -11.23 -20.71
N HIS B 19 -9.48 -10.58 -20.04
CA HIS B 19 -8.52 -9.63 -20.63
C HIS B 19 -7.08 -10.15 -20.79
N ARG B 20 -6.93 -11.44 -20.92
CA ARG B 20 -5.60 -12.08 -21.06
C ARG B 20 -4.80 -11.59 -22.27
N GLY B 21 -5.47 -11.31 -23.36
CA GLY B 21 -4.77 -10.87 -24.53
C GLY B 21 -4.33 -12.01 -25.39
N ASP B 22 -3.12 -12.44 -25.19
CA ASP B 22 -2.60 -13.56 -25.93
C ASP B 22 -2.93 -14.80 -25.13
N HIS B 23 -4.14 -15.23 -25.28
CA HIS B 23 -4.64 -16.33 -24.53
C HIS B 23 -4.46 -17.62 -25.28
N GLY C 1 -3.77 -0.88 -31.88
CA GLY C 1 -3.57 -1.47 -30.56
C GLY C 1 -2.16 -1.25 -30.10
N SER C 2 -1.71 -1.99 -29.12
CA SER C 2 -0.37 -1.83 -28.63
C SER C 2 0.61 -2.68 -29.45
N HIS C 3 1.00 -2.14 -30.59
CA HIS C 3 1.96 -2.79 -31.44
C HIS C 3 3.35 -2.46 -30.89
N MET C 4 3.46 -1.24 -30.43
CA MET C 4 4.66 -0.77 -29.80
C MET C 4 4.44 -0.77 -28.31
N ALA C 5 4.73 -1.90 -27.71
CA ALA C 5 4.56 -2.05 -26.30
C ALA C 5 5.69 -1.36 -25.59
N SER C 6 5.41 -0.19 -25.10
CA SER C 6 6.35 0.57 -24.36
C SER C 6 6.53 -0.06 -23.00
N SER C 7 7.68 0.10 -22.44
CA SER C 7 7.94 -0.39 -21.15
C SER C 7 7.48 0.63 -20.12
N ARG C 8 7.02 1.80 -20.58
CA ARG C 8 6.59 2.90 -19.71
C ARG C 8 5.19 2.69 -19.12
N GLN C 9 4.83 1.44 -18.96
CA GLN C 9 3.61 1.05 -18.31
C GLN C 9 3.91 0.11 -17.15
N LYS C 10 5.17 -0.32 -17.05
CA LYS C 10 5.56 -1.29 -16.05
C LYS C 10 5.90 -0.60 -14.73
N TYR C 11 5.86 0.73 -14.72
CA TYR C 11 6.27 1.54 -13.59
C TYR C 11 5.63 1.13 -12.27
N ALA C 12 4.45 0.50 -12.35
CA ALA C 12 3.71 0.04 -11.16
C ALA C 12 4.60 -0.76 -10.20
N GLU C 13 5.30 -1.76 -10.73
CA GLU C 13 6.14 -2.65 -9.91
C GLU C 13 7.29 -1.88 -9.27
N GLU C 14 7.89 -1.02 -10.05
CA GLU C 14 9.02 -0.24 -9.62
C GLU C 14 8.58 0.76 -8.57
N GLU C 15 7.49 1.45 -8.87
CA GLU C 15 6.95 2.45 -7.98
C GLU C 15 6.57 1.86 -6.65
N LEU C 16 5.83 0.75 -6.64
CA LEU C 16 5.47 0.16 -5.37
C LEU C 16 6.62 -0.40 -4.58
N GLU C 17 7.55 -1.11 -5.20
CA GLU C 17 8.70 -1.64 -4.44
C GLU C 17 9.50 -0.51 -3.78
N GLN C 18 9.77 0.51 -4.57
CA GLN C 18 10.53 1.64 -4.12
C GLN C 18 9.79 2.37 -3.03
N VAL C 19 8.51 2.62 -3.25
CA VAL C 19 7.73 3.35 -2.28
C VAL C 19 7.53 2.52 -1.02
N ARG C 20 7.44 1.20 -1.15
CA ARG C 20 7.30 0.32 -0.02
C ARG C 20 8.44 0.52 0.94
N GLU C 21 9.66 0.42 0.42
CA GLU C 21 10.82 0.52 1.26
C GLU C 21 11.00 1.94 1.70
N ALA C 22 10.63 2.83 0.82
CA ALA C 22 10.84 4.28 1.04
C ALA C 22 9.89 4.82 2.09
N LEU C 23 8.64 4.57 1.89
CA LEU C 23 7.59 5.02 2.76
C LEU C 23 7.65 4.32 4.12
N ARG C 24 7.88 3.01 4.14
CA ARG C 24 7.97 2.32 5.44
C ARG C 24 9.23 2.76 6.21
N LYS C 25 10.29 3.11 5.47
CA LYS C 25 11.49 3.69 6.04
C LYS C 25 11.12 5.05 6.67
N ALA C 26 10.38 5.86 5.91
CA ALA C 26 9.94 7.16 6.39
C ALA C 26 9.08 7.01 7.62
N GLU C 27 8.15 6.04 7.58
CA GLU C 27 7.30 5.76 8.69
C GLU C 27 8.08 5.46 9.95
N LYS C 28 9.06 4.55 9.87
CA LYS C 28 9.84 4.24 11.06
C LYS C 28 10.69 5.44 11.55
N GLU C 29 11.26 6.21 10.63
CA GLU C 29 12.06 7.35 11.06
C GLU C 29 11.16 8.44 11.63
N LEU C 30 9.97 8.55 11.08
CA LEU C 30 9.01 9.55 11.49
C LEU C 30 8.48 9.21 12.88
N GLU C 31 7.88 8.03 13.03
CA GLU C 31 7.43 7.55 14.36
C GLU C 31 8.59 7.67 15.39
N SER C 32 9.83 7.46 14.95
CA SER C 32 10.96 7.53 15.85
C SER C 32 11.27 9.01 16.22
N HIS C 33 11.40 9.82 15.19
CA HIS C 33 11.72 11.23 15.30
C HIS C 33 10.69 12.07 16.01
N SER C 34 9.45 11.69 15.97
CA SER C 34 8.37 12.43 16.63
C SER C 34 8.64 12.74 18.13
N SER C 35 9.58 12.04 18.78
CA SER C 35 9.95 12.35 20.16
C SER C 35 10.90 13.56 20.21
N TRP C 36 11.47 13.86 19.09
CA TRP C 36 12.48 14.88 18.95
C TRP C 36 11.82 16.23 18.71
N TYR C 37 10.65 16.17 18.10
CA TYR C 37 9.84 17.35 17.86
C TYR C 37 8.43 17.17 18.44
N ALA C 38 7.48 17.94 17.97
CA ALA C 38 6.13 17.85 18.44
C ALA C 38 5.40 16.71 17.72
N PRO C 39 4.47 16.02 18.42
CA PRO C 39 3.74 14.89 17.87
C PRO C 39 2.75 15.27 16.77
N GLU C 40 2.60 16.56 16.51
CA GLU C 40 1.72 17.03 15.47
C GLU C 40 2.20 16.59 14.10
N ALA C 41 3.50 16.39 13.96
CA ALA C 41 4.05 15.90 12.73
C ALA C 41 3.59 14.47 12.54
N LEU C 42 3.62 13.69 13.61
CA LEU C 42 3.14 12.32 13.63
C LEU C 42 1.66 12.28 13.35
N GLN C 43 0.92 13.21 13.92
CA GLN C 43 -0.51 13.31 13.69
C GLN C 43 -0.82 13.48 12.23
N LYS C 44 -0.15 14.43 11.59
CA LYS C 44 -0.34 14.66 10.17
C LYS C 44 0.11 13.45 9.38
N TRP C 45 1.31 13.01 9.66
CA TRP C 45 1.90 11.84 9.00
C TRP C 45 1.01 10.60 9.10
N LEU C 46 0.58 10.24 10.31
CA LEU C 46 -0.24 9.08 10.49
C LEU C 46 -1.59 9.29 9.80
N GLN C 47 -2.16 10.49 9.92
CA GLN C 47 -3.45 10.79 9.29
C GLN C 47 -3.32 10.64 7.78
N LEU C 48 -2.22 11.13 7.26
CA LEU C 48 -1.93 11.08 5.85
C LEU C 48 -1.63 9.67 5.36
N THR C 49 -0.74 8.98 6.05
CA THR C 49 -0.38 7.62 5.69
C THR C 49 -1.61 6.72 5.70
N HIS C 50 -2.37 6.82 6.78
CA HIS C 50 -3.58 6.03 6.97
C HIS C 50 -4.63 6.39 5.93
N GLU C 51 -4.79 7.68 5.64
CA GLU C 51 -5.75 8.14 4.64
C GLU C 51 -5.46 7.49 3.31
N VAL C 52 -4.21 7.56 2.89
CA VAL C 52 -3.83 7.04 1.62
C VAL C 52 -3.86 5.51 1.62
N GLU C 53 -3.56 4.94 2.76
CA GLU C 53 -3.58 3.51 2.94
C GLU C 53 -4.99 3.00 2.65
N VAL C 54 -5.97 3.59 3.33
CA VAL C 54 -7.35 3.28 3.12
C VAL C 54 -7.74 3.59 1.66
N GLN C 55 -7.19 4.66 1.10
CA GLN C 55 -7.49 5.02 -0.29
C GLN C 55 -7.03 3.96 -1.28
N TYR C 56 -5.72 3.60 -1.28
CA TYR C 56 -5.23 2.61 -2.25
C TYR C 56 -6.01 1.31 -2.11
N TYR C 57 -6.31 0.99 -0.84
CA TYR C 57 -7.02 -0.20 -0.47
C TYR C 57 -8.40 -0.20 -1.08
N ASN C 58 -9.08 0.87 -0.83
CA ASN C 58 -10.44 1.09 -1.27
C ASN C 58 -10.48 1.03 -2.78
N ILE C 59 -9.54 1.73 -3.40
CA ILE C 59 -9.44 1.82 -4.85
C ILE C 59 -9.34 0.45 -5.49
N LYS C 60 -8.41 -0.36 -5.02
CA LYS C 60 -8.32 -1.69 -5.55
C LYS C 60 -9.47 -2.57 -5.18
N LYS C 61 -10.10 -2.33 -4.06
CA LYS C 61 -11.33 -3.05 -3.75
C LYS C 61 -12.38 -2.78 -4.81
N GLN C 62 -12.48 -1.53 -5.22
CA GLN C 62 -13.40 -1.14 -6.26
C GLN C 62 -12.97 -1.77 -7.58
N ASN C 63 -11.67 -1.65 -7.93
CA ASN C 63 -11.15 -2.29 -9.17
C ASN C 63 -11.39 -3.76 -9.13
N ALA C 64 -11.02 -4.39 -8.02
CA ALA C 64 -11.10 -5.84 -7.87
C ALA C 64 -12.49 -6.38 -8.08
N GLU C 65 -13.47 -5.80 -7.41
CA GLU C 65 -14.83 -6.24 -7.57
C GLU C 65 -15.39 -5.89 -8.92
N LYS C 66 -14.91 -4.76 -9.47
CA LYS C 66 -15.28 -4.37 -10.80
C LYS C 66 -14.82 -5.45 -11.77
N GLN C 67 -13.54 -5.87 -11.61
CA GLN C 67 -12.95 -6.91 -12.46
C GLN C 67 -13.74 -8.16 -12.33
N LEU C 68 -14.00 -8.55 -11.10
CA LEU C 68 -14.73 -9.76 -10.80
C LEU C 68 -16.04 -9.78 -11.57
N LEU C 69 -16.79 -8.72 -11.48
CA LEU C 69 -18.06 -8.63 -12.15
C LEU C 69 -17.92 -8.55 -13.69
N VAL C 70 -17.04 -7.66 -14.16
CA VAL C 70 -16.91 -7.41 -15.60
C VAL C 70 -16.23 -8.58 -16.31
N ALA C 71 -15.25 -9.16 -15.70
CA ALA C 71 -14.53 -10.24 -16.28
C ALA C 71 -15.31 -11.53 -16.21
N LYS C 72 -16.04 -11.74 -15.10
CA LYS C 72 -16.84 -12.95 -15.00
C LYS C 72 -17.93 -12.94 -16.06
N GLU C 73 -18.60 -11.78 -16.21
CA GLU C 73 -19.61 -11.67 -17.23
C GLU C 73 -18.95 -11.86 -18.62
N GLY C 74 -17.80 -11.27 -18.80
CA GLY C 74 -17.08 -11.41 -20.05
C GLY C 74 -16.76 -12.85 -20.36
N ALA C 75 -16.24 -13.54 -19.38
CA ALA C 75 -15.86 -14.94 -19.51
C ALA C 75 -17.07 -15.80 -19.89
N GLU C 76 -18.23 -15.45 -19.36
CA GLU C 76 -19.43 -16.22 -19.73
C GLU C 76 -19.91 -15.86 -21.13
N LYS C 77 -19.69 -14.62 -21.54
CA LYS C 77 -20.05 -14.19 -22.89
C LYS C 77 -19.13 -14.79 -23.94
N ILE C 78 -17.85 -14.72 -23.71
CA ILE C 78 -16.90 -15.15 -24.73
C ILE C 78 -16.64 -16.65 -24.59
N LYS C 79 -15.95 -16.98 -23.52
CA LYS C 79 -15.40 -18.28 -23.11
C LYS C 79 -14.42 -17.95 -22.04
N LYS C 80 -13.76 -18.92 -21.51
CA LYS C 80 -12.72 -18.67 -20.54
C LYS C 80 -11.56 -19.58 -20.87
N LYS C 81 -10.49 -19.45 -20.15
CA LYS C 81 -9.36 -20.30 -20.36
C LYS C 81 -9.48 -21.56 -19.50
N ARG C 82 -8.54 -22.44 -19.66
CA ARG C 82 -8.50 -23.66 -18.91
C ARG C 82 -7.43 -23.51 -17.85
N GLY D 1 -13.74 -1.98 10.63
CA GLY D 1 -12.40 -1.58 10.26
C GLY D 1 -11.53 -2.80 10.07
N SER D 2 -10.66 -2.77 9.10
CA SER D 2 -9.81 -3.90 8.83
C SER D 2 -8.59 -3.91 9.75
N GLU D 3 -7.83 -5.00 9.70
CA GLU D 3 -6.68 -5.24 10.58
C GLU D 3 -5.70 -4.07 10.55
N LEU D 4 -5.40 -3.58 9.35
CA LEU D 4 -4.53 -2.42 9.18
C LEU D 4 -5.08 -1.16 9.86
N ASN D 5 -6.39 -0.96 9.78
CA ASN D 5 -7.09 0.22 10.32
C ASN D 5 -7.02 0.24 11.82
N GLU D 6 -7.43 -0.86 12.38
CA GLU D 6 -7.51 -1.02 13.80
C GLU D 6 -6.12 -0.93 14.42
N LEU D 7 -5.18 -1.61 13.80
CA LEU D 7 -3.83 -1.59 14.31
C LEU D 7 -3.13 -0.31 13.99
N ALA D 8 -3.62 0.43 12.99
CA ALA D 8 -3.07 1.73 12.70
C ALA D 8 -3.36 2.61 13.84
N GLU D 9 -4.61 2.64 14.27
CA GLU D 9 -5.00 3.48 15.35
C GLU D 9 -4.33 3.04 16.68
N PHE D 10 -4.30 1.77 16.89
CA PHE D 10 -3.72 1.21 18.12
C PHE D 10 -2.23 1.45 18.19
N ALA D 11 -1.51 1.11 17.14
CA ALA D 11 -0.08 1.24 17.13
C ALA D 11 0.34 2.69 17.15
N ARG D 12 -0.37 3.54 16.40
CA ARG D 12 -0.04 4.97 16.40
C ARG D 12 -0.21 5.55 17.80
N LEU D 13 -1.33 5.23 18.48
CA LEU D 13 -1.56 5.72 19.81
C LEU D 13 -0.54 5.22 20.77
N GLN D 14 -0.19 3.97 20.63
CA GLN D 14 0.81 3.37 21.47
C GLN D 14 2.18 3.98 21.23
N ASP D 15 2.57 4.04 19.96
CA ASP D 15 3.87 4.56 19.59
C ASP D 15 4.02 5.97 20.10
N GLN D 16 2.98 6.79 19.93
CA GLN D 16 3.05 8.15 20.40
C GLN D 16 2.90 8.23 21.91
N LEU D 17 2.17 7.26 22.50
CA LEU D 17 1.98 7.23 23.94
C LEU D 17 3.34 7.19 24.61
N ASP D 18 4.27 6.52 23.93
CA ASP D 18 5.64 6.51 24.42
C ASP D 18 6.48 7.61 23.75
N HIS D 19 6.46 7.64 22.43
CA HIS D 19 7.32 8.49 21.59
C HIS D 19 6.69 9.81 21.09
N ARG D 20 5.76 10.34 21.84
CA ARG D 20 5.06 11.59 21.47
C ARG D 20 5.98 12.80 21.33
N GLY D 21 7.00 12.87 22.13
CA GLY D 21 7.88 14.03 22.06
C GLY D 21 7.39 15.14 22.94
N ASP D 22 6.59 16.00 22.38
CA ASP D 22 6.01 17.12 23.11
C ASP D 22 4.70 16.64 23.69
N HIS D 23 4.77 16.01 24.81
CA HIS D 23 3.63 15.39 25.42
C HIS D 23 3.00 16.27 26.49
N GLY A 1 23.43 15.80 18.53
CA GLY A 1 22.49 16.87 18.76
C GLY A 1 21.25 16.62 17.96
N SER A 2 20.68 17.66 17.44
CA SER A 2 19.50 17.53 16.65
C SER A 2 19.87 17.44 15.16
N HIS A 3 20.27 16.27 14.75
CA HIS A 3 20.61 16.04 13.36
C HIS A 3 19.38 15.47 12.70
N MET A 4 18.92 14.36 13.23
CA MET A 4 17.71 13.78 12.77
C MET A 4 16.63 13.95 13.80
N ALA A 5 16.15 15.16 13.85
CA ALA A 5 15.09 15.57 14.74
C ALA A 5 14.20 16.54 13.99
N SER A 6 14.19 16.37 12.70
CA SER A 6 13.47 17.24 11.83
C SER A 6 12.63 16.38 10.89
N SER A 7 11.54 16.88 10.44
CA SER A 7 10.72 16.15 9.52
C SER A 7 11.27 16.28 8.09
N ARG A 8 12.23 15.43 7.77
CA ARG A 8 12.79 15.42 6.41
C ARG A 8 11.90 14.57 5.55
N GLN A 9 11.44 13.50 6.15
CA GLN A 9 10.70 12.43 5.50
C GLN A 9 9.24 12.81 5.25
N LYS A 10 8.95 14.09 5.28
CA LYS A 10 7.61 14.61 5.02
C LYS A 10 7.25 14.41 3.53
N TYR A 11 8.28 14.15 2.71
CA TYR A 11 8.11 13.82 1.31
C TYR A 11 7.29 12.55 1.13
N ALA A 12 7.27 11.72 2.17
CA ALA A 12 6.52 10.49 2.18
C ALA A 12 5.08 10.74 1.82
N GLU A 13 4.48 11.84 2.31
CA GLU A 13 3.06 12.18 2.04
C GLU A 13 2.83 12.25 0.53
N GLU A 14 3.76 12.92 -0.13
CA GLU A 14 3.73 13.09 -1.56
C GLU A 14 3.79 11.74 -2.23
N GLU A 15 4.81 10.97 -1.87
CA GLU A 15 5.04 9.69 -2.50
C GLU A 15 3.92 8.71 -2.24
N LEU A 16 3.43 8.66 -1.00
CA LEU A 16 2.37 7.73 -0.66
C LEU A 16 1.07 8.02 -1.40
N GLU A 17 0.62 9.27 -1.41
CA GLU A 17 -0.63 9.59 -2.10
C GLU A 17 -0.47 9.37 -3.60
N GLN A 18 0.63 9.86 -4.13
CA GLN A 18 0.88 9.79 -5.53
C GLN A 18 1.04 8.39 -5.99
N VAL A 19 1.66 7.53 -5.19
CA VAL A 19 1.84 6.16 -5.60
C VAL A 19 0.49 5.42 -5.52
N ARG A 20 -0.35 5.77 -4.53
CA ARG A 20 -1.69 5.22 -4.42
C ARG A 20 -2.43 5.41 -5.72
N GLU A 21 -2.45 6.63 -6.19
CA GLU A 21 -3.12 6.90 -7.43
C GLU A 21 -2.35 6.41 -8.65
N ALA A 22 -1.02 6.53 -8.62
CA ALA A 22 -0.16 6.18 -9.76
C ALA A 22 -0.21 4.71 -10.03
N LEU A 23 -0.01 3.97 -8.99
CA LEU A 23 0.00 2.56 -9.04
C LEU A 23 -1.37 2.00 -9.32
N ARG A 24 -2.42 2.50 -8.63
CA ARG A 24 -3.77 2.00 -8.93
C ARG A 24 -4.21 2.36 -10.36
N LYS A 25 -3.71 3.50 -10.87
CA LYS A 25 -3.95 3.88 -12.27
C LYS A 25 -3.22 2.93 -13.19
N ALA A 26 -1.96 2.63 -12.86
CA ALA A 26 -1.16 1.70 -13.63
C ALA A 26 -1.84 0.37 -13.66
N GLU A 27 -2.37 -0.05 -12.53
CA GLU A 27 -3.10 -1.29 -12.44
C GLU A 27 -4.27 -1.32 -13.36
N LYS A 28 -5.12 -0.33 -13.30
CA LYS A 28 -6.31 -0.32 -14.12
C LYS A 28 -5.98 -0.20 -15.62
N GLU A 29 -4.96 0.59 -15.96
CA GLU A 29 -4.60 0.67 -17.34
C GLU A 29 -3.91 -0.62 -17.78
N LEU A 30 -3.19 -1.23 -16.87
CA LEU A 30 -2.49 -2.48 -17.14
C LEU A 30 -3.52 -3.57 -17.40
N GLU A 31 -4.40 -3.82 -16.42
CA GLU A 31 -5.54 -4.78 -16.63
C GLU A 31 -6.34 -4.43 -17.94
N SER A 32 -6.31 -3.16 -18.35
CA SER A 32 -6.90 -2.78 -19.63
C SER A 32 -5.97 -3.22 -20.81
N HIS A 33 -4.68 -2.92 -20.69
CA HIS A 33 -3.63 -3.22 -21.68
C HIS A 33 -3.41 -4.71 -21.91
N SER A 34 -3.60 -5.50 -20.87
CA SER A 34 -3.35 -6.93 -20.89
C SER A 34 -4.17 -7.65 -21.94
N SER A 35 -5.33 -7.10 -22.29
CA SER A 35 -6.19 -7.70 -23.27
C SER A 35 -5.61 -7.49 -24.70
N TRP A 36 -4.56 -6.71 -24.77
CA TRP A 36 -3.90 -6.43 -26.01
C TRP A 36 -2.65 -7.28 -26.17
N TYR A 37 -1.77 -7.20 -25.18
CA TYR A 37 -0.50 -7.93 -25.24
C TYR A 37 -0.52 -9.24 -24.46
N ALA A 38 0.64 -9.88 -24.36
CA ALA A 38 0.78 -11.16 -23.69
C ALA A 38 0.45 -11.06 -22.18
N PRO A 39 -0.18 -12.13 -21.62
CA PRO A 39 -0.66 -12.16 -20.23
C PRO A 39 0.45 -12.19 -19.22
N GLU A 40 1.63 -12.50 -19.67
CA GLU A 40 2.79 -12.63 -18.83
C GLU A 40 3.13 -11.30 -18.17
N ALA A 41 2.84 -10.20 -18.88
CA ALA A 41 3.08 -8.88 -18.36
C ALA A 41 2.12 -8.59 -17.21
N LEU A 42 0.87 -9.02 -17.36
CA LEU A 42 -0.14 -8.91 -16.31
C LEU A 42 0.25 -9.75 -15.13
N GLN A 43 0.64 -10.97 -15.43
CA GLN A 43 1.02 -11.93 -14.43
C GLN A 43 2.17 -11.38 -13.59
N LYS A 44 3.18 -10.85 -14.27
CA LYS A 44 4.30 -10.21 -13.62
C LYS A 44 3.83 -8.99 -12.82
N TRP A 45 3.03 -8.16 -13.45
CA TRP A 45 2.48 -6.95 -12.84
C TRP A 45 1.69 -7.26 -11.55
N LEU A 46 0.71 -8.16 -11.65
CA LEU A 46 -0.12 -8.50 -10.50
C LEU A 46 0.75 -9.15 -9.41
N GLN A 47 1.69 -9.99 -9.84
CA GLN A 47 2.61 -10.62 -8.93
C GLN A 47 3.39 -9.56 -8.17
N LEU A 48 3.82 -8.53 -8.88
CA LEU A 48 4.56 -7.42 -8.32
C LEU A 48 3.72 -6.57 -7.38
N THR A 49 2.51 -6.22 -7.81
CA THR A 49 1.64 -5.37 -7.02
C THR A 49 1.30 -6.04 -5.70
N HIS A 50 0.89 -7.29 -5.78
CA HIS A 50 0.49 -8.02 -4.60
C HIS A 50 1.71 -8.38 -3.75
N GLU A 51 2.84 -8.62 -4.41
CA GLU A 51 4.11 -8.89 -3.71
C GLU A 51 4.39 -7.75 -2.78
N VAL A 52 4.37 -6.55 -3.32
CA VAL A 52 4.69 -5.37 -2.59
C VAL A 52 3.63 -5.05 -1.56
N GLU A 53 2.42 -5.37 -1.89
CA GLU A 53 1.32 -5.22 -0.98
C GLU A 53 1.55 -6.07 0.27
N VAL A 54 1.84 -7.35 0.06
CA VAL A 54 2.14 -8.25 1.16
C VAL A 54 3.44 -7.83 1.87
N GLN A 55 4.41 -7.33 1.09
CA GLN A 55 5.66 -6.85 1.67
C GLN A 55 5.43 -5.70 2.61
N TYR A 56 4.79 -4.61 2.15
CA TYR A 56 4.58 -3.45 3.00
C TYR A 56 3.78 -3.87 4.22
N TYR A 57 2.82 -4.78 3.99
CA TYR A 57 1.97 -5.35 5.03
C TYR A 57 2.80 -6.00 6.11
N ASN A 58 3.66 -6.88 5.70
CA ASN A 58 4.54 -7.63 6.57
C ASN A 58 5.45 -6.68 7.36
N ILE A 59 5.95 -5.68 6.67
CA ILE A 59 6.85 -4.69 7.23
C ILE A 59 6.15 -3.87 8.28
N LYS A 60 4.97 -3.34 7.95
CA LYS A 60 4.24 -2.57 8.91
C LYS A 60 3.81 -3.45 10.07
N LYS A 61 3.61 -4.74 9.82
CA LYS A 61 3.34 -5.70 10.88
C LYS A 61 4.48 -5.68 11.88
N GLN A 62 5.71 -5.79 11.37
CA GLN A 62 6.89 -5.70 12.22
C GLN A 62 6.96 -4.34 12.91
N ASN A 63 6.87 -3.26 12.13
CA ASN A 63 6.97 -1.88 12.62
C ASN A 63 5.95 -1.62 13.71
N ALA A 64 4.71 -1.99 13.45
CA ALA A 64 3.60 -1.78 14.36
C ALA A 64 3.73 -2.60 15.63
N GLU A 65 4.04 -3.88 15.51
CA GLU A 65 4.19 -4.72 16.68
C GLU A 65 5.40 -4.31 17.52
N LYS A 66 6.43 -3.86 16.83
CA LYS A 66 7.64 -3.41 17.48
C LYS A 66 7.39 -2.12 18.24
N GLN A 67 6.78 -1.13 17.57
CA GLN A 67 6.44 0.13 18.22
C GLN A 67 5.48 -0.10 19.37
N LEU A 68 4.52 -1.02 19.19
CA LEU A 68 3.59 -1.40 20.27
C LEU A 68 4.35 -1.86 21.48
N LEU A 69 5.27 -2.79 21.29
CA LEU A 69 6.02 -3.33 22.41
C LEU A 69 6.92 -2.29 23.06
N VAL A 70 7.69 -1.57 22.26
CA VAL A 70 8.66 -0.61 22.80
C VAL A 70 7.97 0.57 23.49
N ALA A 71 6.92 1.08 22.88
CA ALA A 71 6.22 2.20 23.42
C ALA A 71 5.36 1.78 24.60
N LYS A 72 4.88 0.55 24.62
CA LYS A 72 4.13 0.06 25.75
C LYS A 72 5.02 0.02 26.97
N GLU A 73 6.18 -0.60 26.79
CA GLU A 73 7.20 -0.70 27.84
C GLU A 73 7.61 0.68 28.33
N GLY A 74 7.92 1.56 27.41
CA GLY A 74 8.30 2.90 27.73
C GLY A 74 7.21 3.64 28.45
N ALA A 75 6.01 3.47 28.02
CA ALA A 75 4.92 4.24 28.58
C ALA A 75 4.57 3.78 29.99
N GLU A 76 4.71 2.49 30.23
CA GLU A 76 4.45 1.96 31.56
C GLU A 76 5.58 2.31 32.52
N LYS A 77 6.80 2.40 32.00
CA LYS A 77 7.96 2.74 32.81
C LYS A 77 8.14 4.22 33.04
N ILE A 78 8.12 4.96 31.98
CA ILE A 78 8.50 6.35 32.02
C ILE A 78 7.31 7.23 32.31
N LYS A 79 6.39 7.27 31.37
CA LYS A 79 5.17 8.05 31.51
C LYS A 79 4.23 7.71 30.38
N LYS A 80 2.96 7.84 30.61
CA LYS A 80 1.98 7.64 29.58
C LYS A 80 0.90 8.67 29.74
N LYS A 81 -0.08 8.64 28.90
CA LYS A 81 -1.19 9.54 28.98
C LYS A 81 -2.45 8.74 28.83
N ARG A 82 -3.55 9.43 28.88
CA ARG A 82 -4.82 8.83 28.69
C ARG A 82 -5.29 9.12 27.27
N GLY B 1 -3.77 -15.15 4.62
CA GLY B 1 -4.67 -14.81 3.52
C GLY B 1 -5.81 -13.97 4.00
N SER B 2 -5.95 -12.78 3.46
CA SER B 2 -7.07 -11.91 3.78
C SER B 2 -7.80 -11.54 2.48
N GLU B 3 -8.82 -10.67 2.57
CA GLU B 3 -9.66 -10.27 1.42
C GLU B 3 -8.83 -9.83 0.22
N LEU B 4 -7.79 -9.08 0.48
CA LEU B 4 -6.90 -8.61 -0.56
C LEU B 4 -6.21 -9.75 -1.31
N ASN B 5 -5.82 -10.77 -0.59
CA ASN B 5 -5.07 -11.89 -1.12
C ASN B 5 -5.94 -12.75 -1.98
N GLU B 6 -7.08 -13.09 -1.43
CA GLU B 6 -8.01 -13.93 -2.09
C GLU B 6 -8.55 -13.26 -3.33
N LEU B 7 -8.91 -12.00 -3.21
CA LEU B 7 -9.44 -11.28 -4.34
C LEU B 7 -8.37 -10.94 -5.33
N ALA B 8 -7.13 -10.84 -4.87
CA ALA B 8 -6.02 -10.64 -5.79
C ALA B 8 -5.97 -11.79 -6.71
N GLU B 9 -6.01 -12.98 -6.13
CA GLU B 9 -5.94 -14.19 -6.89
C GLU B 9 -7.18 -14.34 -7.82
N PHE B 10 -8.33 -14.10 -7.27
CA PHE B 10 -9.58 -14.25 -8.00
C PHE B 10 -9.72 -13.26 -9.13
N ALA B 11 -9.41 -12.02 -8.86
CA ALA B 11 -9.57 -10.98 -9.83
C ALA B 11 -8.55 -11.11 -10.90
N ARG B 12 -7.33 -11.45 -10.52
CA ARG B 12 -6.27 -11.61 -11.48
C ARG B 12 -6.61 -12.76 -12.44
N LEU B 13 -7.13 -13.85 -11.88
CA LEU B 13 -7.54 -14.99 -12.66
C LEU B 13 -8.69 -14.62 -13.58
N GLN B 14 -9.67 -13.93 -13.05
CA GLN B 14 -10.82 -13.49 -13.81
C GLN B 14 -10.47 -12.50 -14.90
N ASP B 15 -9.73 -11.45 -14.53
CA ASP B 15 -9.35 -10.43 -15.47
C ASP B 15 -8.62 -11.04 -16.60
N GLN B 16 -7.67 -11.92 -16.31
CA GLN B 16 -6.90 -12.51 -17.38
C GLN B 16 -7.71 -13.58 -18.08
N LEU B 17 -8.68 -14.18 -17.39
CA LEU B 17 -9.53 -15.18 -18.00
C LEU B 17 -10.18 -14.58 -19.21
N ASP B 18 -10.55 -13.30 -19.09
CA ASP B 18 -11.06 -12.63 -20.29
C ASP B 18 -9.98 -11.84 -21.01
N HIS B 19 -9.17 -11.16 -20.27
CA HIS B 19 -8.18 -10.24 -20.80
C HIS B 19 -6.76 -10.81 -20.84
N ARG B 20 -6.65 -12.11 -21.05
CA ARG B 20 -5.33 -12.77 -21.18
C ARG B 20 -4.53 -12.21 -22.38
N GLY B 21 -5.19 -11.56 -23.29
CA GLY B 21 -4.51 -10.90 -24.37
C GLY B 21 -3.95 -11.83 -25.39
N ASP B 22 -2.67 -11.75 -25.60
CA ASP B 22 -2.03 -12.54 -26.60
C ASP B 22 -1.49 -13.79 -26.00
N HIS B 23 -2.36 -14.72 -25.85
CA HIS B 23 -2.01 -15.98 -25.32
C HIS B 23 -1.50 -16.89 -26.41
N GLY C 1 -5.03 2.69 -33.13
CA GLY C 1 -4.15 1.55 -33.31
C GLY C 1 -3.49 1.18 -32.03
N SER C 2 -2.29 0.65 -32.11
CA SER C 2 -1.57 0.25 -30.93
C SER C 2 -0.78 1.41 -30.35
N HIS C 3 -1.51 2.32 -29.73
CA HIS C 3 -0.90 3.45 -29.08
C HIS C 3 -0.69 3.06 -27.62
N MET C 4 -1.75 2.65 -26.99
CA MET C 4 -1.68 2.17 -25.65
C MET C 4 -1.89 0.68 -25.64
N ALA C 5 -0.90 0.00 -26.13
CA ALA C 5 -0.87 -1.43 -26.20
C ALA C 5 0.53 -1.88 -25.89
N SER C 6 1.21 -1.07 -25.14
CA SER C 6 2.58 -1.30 -24.78
C SER C 6 2.71 -1.12 -23.29
N SER C 7 3.63 -1.81 -22.67
CA SER C 7 3.80 -1.66 -21.26
C SER C 7 4.64 -0.42 -20.91
N ARG C 8 3.98 0.73 -20.85
CA ARG C 8 4.68 1.96 -20.47
C ARG C 8 4.75 1.97 -18.96
N GLN C 9 3.68 1.53 -18.37
CA GLN C 9 3.43 1.60 -16.94
C GLN C 9 4.19 0.56 -16.13
N LYS C 10 5.23 0.01 -16.72
CA LYS C 10 6.09 -0.97 -16.07
C LYS C 10 6.93 -0.29 -14.98
N TYR C 11 7.00 1.05 -15.06
CA TYR C 11 7.65 1.90 -14.04
C TYR C 11 7.01 1.70 -12.66
N ALA C 12 5.75 1.24 -12.68
CA ALA C 12 5.00 0.99 -11.47
C ALA C 12 5.75 0.07 -10.55
N GLU C 13 6.42 -0.97 -11.11
CA GLU C 13 7.17 -1.95 -10.31
C GLU C 13 8.21 -1.24 -9.46
N GLU C 14 8.91 -0.33 -10.09
CA GLU C 14 9.93 0.45 -9.43
C GLU C 14 9.31 1.27 -8.33
N GLU C 15 8.26 2.02 -8.67
CA GLU C 15 7.63 2.91 -7.70
C GLU C 15 7.00 2.15 -6.56
N LEU C 16 6.29 1.08 -6.85
CA LEU C 16 5.63 0.30 -5.82
C LEU C 16 6.59 -0.33 -4.83
N GLU C 17 7.64 -0.98 -5.31
CA GLU C 17 8.60 -1.60 -4.40
C GLU C 17 9.34 -0.53 -3.60
N GLN C 18 9.76 0.52 -4.30
CA GLN C 18 10.51 1.57 -3.69
C GLN C 18 9.70 2.30 -2.67
N VAL C 19 8.43 2.55 -2.96
CA VAL C 19 7.60 3.26 -2.01
C VAL C 19 7.31 2.38 -0.80
N ARG C 20 7.16 1.07 -1.01
CA ARG C 20 6.99 0.12 0.09
C ARG C 20 8.12 0.28 1.07
N GLU C 21 9.33 0.22 0.57
CA GLU C 21 10.46 0.37 1.43
C GLU C 21 10.65 1.80 1.92
N ALA C 22 10.42 2.77 1.05
CA ALA C 22 10.65 4.19 1.33
C ALA C 22 9.72 4.67 2.40
N LEU C 23 8.47 4.43 2.17
CA LEU C 23 7.43 4.84 3.04
C LEU C 23 7.48 4.11 4.37
N ARG C 24 7.66 2.78 4.36
CA ARG C 24 7.77 2.06 5.65
C ARG C 24 9.04 2.51 6.42
N LYS C 25 10.08 2.87 5.67
CA LYS C 25 11.33 3.34 6.22
C LYS C 25 11.11 4.73 6.82
N ALA C 26 10.34 5.56 6.10
CA ALA C 26 9.96 6.88 6.59
C ALA C 26 9.14 6.75 7.82
N GLU C 27 8.22 5.79 7.83
CA GLU C 27 7.37 5.53 8.97
C GLU C 27 8.18 5.24 10.19
N LYS C 28 9.08 4.28 10.09
CA LYS C 28 9.86 3.89 11.23
C LYS C 28 10.81 5.01 11.71
N GLU C 29 11.37 5.78 10.77
CA GLU C 29 12.20 6.88 11.21
C GLU C 29 11.33 7.98 11.78
N LEU C 30 10.14 8.13 11.25
CA LEU C 30 9.20 9.16 11.70
C LEU C 30 8.79 8.83 13.13
N GLU C 31 8.21 7.65 13.34
CA GLU C 31 7.87 7.16 14.72
C GLU C 31 9.14 7.27 15.66
N SER C 32 10.35 7.21 15.07
CA SER C 32 11.55 7.44 15.84
C SER C 32 11.73 8.98 16.14
N HIS C 33 11.53 9.80 15.12
CA HIS C 33 11.66 11.26 15.17
C HIS C 33 10.62 11.93 16.06
N SER C 34 9.44 11.37 16.13
CA SER C 34 8.34 11.93 16.89
C SER C 34 8.67 12.07 18.37
N SER C 35 9.56 11.24 18.87
CA SER C 35 9.97 11.31 20.26
C SER C 35 10.85 12.55 20.52
N TRP C 36 11.16 13.24 19.46
CA TRP C 36 11.95 14.43 19.54
C TRP C 36 11.09 15.66 19.35
N TYR C 37 10.39 15.73 18.25
CA TYR C 37 9.59 16.91 17.96
C TYR C 37 8.13 16.76 18.37
N ALA C 38 7.31 17.73 17.99
CA ALA C 38 5.89 17.75 18.33
C ALA C 38 5.13 16.57 17.72
N PRO C 39 4.13 16.05 18.46
CA PRO C 39 3.36 14.86 18.07
C PRO C 39 2.40 15.11 16.92
N GLU C 40 2.20 16.37 16.60
CA GLU C 40 1.30 16.77 15.55
C GLU C 40 1.80 16.26 14.20
N ALA C 41 3.12 16.21 14.04
CA ALA C 41 3.72 15.72 12.83
C ALA C 41 3.44 14.23 12.67
N LEU C 42 3.53 13.50 13.78
CA LEU C 42 3.21 12.05 13.80
C LEU C 42 1.76 11.85 13.48
N GLN C 43 0.93 12.64 14.12
CA GLN C 43 -0.50 12.54 13.99
C GLN C 43 -0.88 12.73 12.53
N LYS C 44 -0.33 13.77 11.93
CA LYS C 44 -0.50 14.08 10.53
C LYS C 44 0.06 12.94 9.65
N TRP C 45 1.28 12.53 9.94
CA TRP C 45 1.95 11.44 9.24
C TRP C 45 1.13 10.13 9.25
N LEU C 46 0.74 9.68 10.44
CA LEU C 46 -0.01 8.44 10.56
C LEU C 46 -1.38 8.60 9.88
N GLN C 47 -1.95 9.79 9.99
CA GLN C 47 -3.22 10.06 9.34
C GLN C 47 -3.06 9.94 7.84
N LEU C 48 -1.95 10.44 7.33
CA LEU C 48 -1.63 10.37 5.91
C LEU C 48 -1.35 8.96 5.46
N THR C 49 -0.57 8.22 6.22
CA THR C 49 -0.21 6.87 5.84
C THR C 49 -1.45 5.97 5.79
N HIS C 50 -2.26 6.04 6.84
CA HIS C 50 -3.44 5.20 6.90
C HIS C 50 -4.52 5.70 5.95
N GLU C 51 -4.57 7.03 5.74
CA GLU C 51 -5.49 7.62 4.76
C GLU C 51 -5.26 6.98 3.43
N VAL C 52 -4.02 7.01 3.00
CA VAL C 52 -3.64 6.51 1.71
C VAL C 52 -3.78 5.02 1.62
N GLU C 53 -3.53 4.37 2.72
CA GLU C 53 -3.73 2.95 2.83
C GLU C 53 -5.19 2.60 2.55
N VAL C 54 -6.10 3.25 3.27
CA VAL C 54 -7.53 3.03 3.07
C VAL C 54 -7.93 3.48 1.66
N GLN C 55 -7.30 4.54 1.16
CA GLN C 55 -7.57 5.02 -0.18
C GLN C 55 -7.24 3.99 -1.23
N TYR C 56 -5.97 3.51 -1.26
CA TYR C 56 -5.56 2.54 -2.27
C TYR C 56 -6.45 1.30 -2.14
N TYR C 57 -6.76 0.96 -0.89
CA TYR C 57 -7.62 -0.16 -0.55
C TYR C 57 -8.98 -0.03 -1.22
N ASN C 58 -9.59 1.11 -1.05
CA ASN C 58 -10.90 1.38 -1.59
C ASN C 58 -10.86 1.34 -3.12
N ILE C 59 -9.81 1.91 -3.66
CA ILE C 59 -9.60 2.00 -5.09
C ILE C 59 -9.45 0.62 -5.70
N LYS C 60 -8.58 -0.19 -5.11
CA LYS C 60 -8.42 -1.53 -5.60
C LYS C 60 -9.68 -2.34 -5.41
N LYS C 61 -10.46 -2.01 -4.38
CA LYS C 61 -11.76 -2.64 -4.18
C LYS C 61 -12.62 -2.38 -5.41
N GLN C 62 -12.65 -1.12 -5.85
CA GLN C 62 -13.40 -0.76 -7.03
C GLN C 62 -12.83 -1.46 -8.25
N ASN C 63 -11.51 -1.32 -8.46
CA ASN C 63 -10.82 -1.92 -9.62
C ASN C 63 -11.05 -3.40 -9.70
N ALA C 64 -10.87 -4.07 -8.58
CA ALA C 64 -11.00 -5.51 -8.48
C ALA C 64 -12.42 -5.97 -8.74
N GLU C 65 -13.40 -5.34 -8.11
CA GLU C 65 -14.78 -5.75 -8.29
C GLU C 65 -15.26 -5.44 -9.70
N LYS C 66 -14.78 -4.35 -10.25
CA LYS C 66 -15.12 -3.93 -11.58
C LYS C 66 -14.54 -4.91 -12.58
N GLN C 67 -13.23 -5.21 -12.46
CA GLN C 67 -12.60 -6.19 -13.35
C GLN C 67 -13.26 -7.55 -13.22
N LEU C 68 -13.59 -7.94 -11.97
CA LEU C 68 -14.32 -9.20 -11.73
C LEU C 68 -15.59 -9.25 -12.53
N LEU C 69 -16.38 -8.20 -12.44
CA LEU C 69 -17.66 -8.18 -13.13
C LEU C 69 -17.49 -8.14 -14.66
N VAL C 70 -16.64 -7.24 -15.14
CA VAL C 70 -16.47 -7.08 -16.60
C VAL C 70 -15.82 -8.31 -17.24
N ALA C 71 -14.84 -8.88 -16.58
CA ALA C 71 -14.14 -10.01 -17.10
C ALA C 71 -14.98 -11.27 -17.01
N LYS C 72 -15.74 -11.43 -15.92
CA LYS C 72 -16.61 -12.58 -15.78
C LYS C 72 -17.67 -12.59 -16.87
N GLU C 73 -18.26 -11.41 -17.11
CA GLU C 73 -19.23 -11.23 -18.18
C GLU C 73 -18.60 -11.62 -19.51
N GLY C 74 -17.50 -11.00 -19.84
CA GLY C 74 -16.81 -11.27 -21.07
C GLY C 74 -16.41 -12.72 -21.19
N ALA C 75 -15.92 -13.27 -20.14
CA ALA C 75 -15.44 -14.63 -20.18
C ALA C 75 -16.57 -15.64 -20.41
N GLU C 76 -17.74 -15.38 -19.86
CA GLU C 76 -18.86 -16.29 -20.07
C GLU C 76 -19.43 -16.14 -21.47
N LYS C 77 -19.42 -14.92 -21.95
CA LYS C 77 -19.99 -14.60 -23.24
C LYS C 77 -19.03 -14.90 -24.40
N ILE C 78 -17.81 -14.45 -24.28
CA ILE C 78 -16.86 -14.53 -25.39
C ILE C 78 -16.07 -15.83 -25.32
N LYS C 79 -15.25 -15.95 -24.30
CA LYS C 79 -14.41 -17.15 -24.11
C LYS C 79 -13.76 -17.08 -22.74
N LYS C 80 -13.49 -18.21 -22.17
CA LYS C 80 -12.81 -18.27 -20.90
C LYS C 80 -11.91 -19.48 -20.90
N LYS C 81 -11.14 -19.64 -19.87
CA LYS C 81 -10.27 -20.77 -19.75
C LYS C 81 -10.47 -21.37 -18.39
N ARG C 82 -9.73 -22.39 -18.11
CA ARG C 82 -9.77 -23.04 -16.85
C ARG C 82 -8.62 -22.50 -16.01
N GLY D 1 -13.21 -2.06 9.24
CA GLY D 1 -11.95 -1.87 9.95
C GLY D 1 -11.31 -3.20 10.26
N SER D 2 -10.23 -3.51 9.58
CA SER D 2 -9.55 -4.78 9.77
C SER D 2 -8.32 -4.59 10.65
N GLU D 3 -7.44 -5.62 10.70
CA GLU D 3 -6.25 -5.63 11.57
C GLU D 3 -5.39 -4.39 11.38
N LEU D 4 -5.25 -3.96 10.15
CA LEU D 4 -4.48 -2.78 9.83
C LEU D 4 -5.05 -1.52 10.47
N ASN D 5 -6.35 -1.40 10.49
CA ASN D 5 -7.06 -0.24 11.00
C ASN D 5 -6.92 -0.15 12.49
N GLU D 6 -7.26 -1.25 13.13
CA GLU D 6 -7.25 -1.33 14.55
C GLU D 6 -5.84 -1.16 15.10
N LEU D 7 -4.89 -1.82 14.46
CA LEU D 7 -3.52 -1.71 14.91
C LEU D 7 -2.92 -0.39 14.53
N ALA D 8 -3.45 0.25 13.48
CA ALA D 8 -3.00 1.58 13.14
C ALA D 8 -3.29 2.48 14.26
N GLU D 9 -4.53 2.43 14.73
CA GLU D 9 -4.96 3.25 15.80
C GLU D 9 -4.23 2.91 17.12
N PHE D 10 -4.11 1.66 17.40
CA PHE D 10 -3.49 1.19 18.63
C PHE D 10 -2.01 1.51 18.69
N ALA D 11 -1.31 1.25 17.61
CA ALA D 11 0.11 1.44 17.56
C ALA D 11 0.44 2.88 17.56
N ARG D 12 -0.32 3.67 16.80
CA ARG D 12 -0.09 5.09 16.73
C ARG D 12 -0.28 5.71 18.10
N LEU D 13 -1.34 5.29 18.81
CA LEU D 13 -1.62 5.78 20.14
C LEU D 13 -0.53 5.38 21.10
N GLN D 14 -0.11 4.15 21.03
CA GLN D 14 0.95 3.63 21.87
C GLN D 14 2.28 4.32 21.59
N ASP D 15 2.66 4.37 20.32
CA ASP D 15 3.93 4.97 19.93
C ASP D 15 3.99 6.37 20.43
N GLN D 16 2.92 7.13 20.21
CA GLN D 16 2.92 8.49 20.64
C GLN D 16 2.75 8.61 22.14
N LEU D 17 2.11 7.62 22.75
CA LEU D 17 1.92 7.62 24.19
C LEU D 17 3.26 7.74 24.84
N ASP D 18 4.24 7.08 24.25
CA ASP D 18 5.59 7.31 24.77
C ASP D 18 6.33 8.37 23.98
N HIS D 19 6.26 8.26 22.70
CA HIS D 19 7.05 9.08 21.78
C HIS D 19 6.29 10.31 21.25
N ARG D 20 5.41 10.88 22.07
CA ARG D 20 4.71 12.13 21.71
C ARG D 20 5.66 13.30 21.50
N GLY D 21 6.81 13.22 22.10
CA GLY D 21 7.84 14.19 21.84
C GLY D 21 7.64 15.49 22.55
N ASP D 22 7.61 16.54 21.78
CA ASP D 22 7.49 17.87 22.31
C ASP D 22 6.03 18.25 22.32
N HIS D 23 5.36 17.74 23.32
CA HIS D 23 3.95 17.92 23.47
C HIS D 23 3.62 19.18 24.26
N GLY A 1 25.93 16.12 15.03
CA GLY A 1 24.63 15.56 14.72
C GLY A 1 23.55 16.58 14.88
N SER A 2 22.35 16.18 14.63
CA SER A 2 21.20 17.05 14.75
C SER A 2 20.15 16.30 15.53
N HIS A 3 19.44 17.00 16.40
CA HIS A 3 18.44 16.35 17.22
C HIS A 3 17.16 16.17 16.43
N MET A 4 16.90 17.12 15.56
CA MET A 4 15.73 17.11 14.74
C MET A 4 16.15 17.58 13.38
N ALA A 5 15.48 17.13 12.36
CA ALA A 5 15.79 17.54 11.02
C ALA A 5 14.79 18.56 10.55
N SER A 6 14.89 18.93 9.31
CA SER A 6 13.95 19.81 8.68
C SER A 6 12.74 18.95 8.26
N SER A 7 11.91 19.46 7.40
CA SER A 7 10.77 18.71 6.96
C SER A 7 11.10 17.80 5.76
N ARG A 8 12.38 17.45 5.59
CA ARG A 8 12.76 16.60 4.46
C ARG A 8 12.14 15.19 4.51
N GLN A 9 11.65 14.76 5.67
CA GLN A 9 11.04 13.43 5.78
C GLN A 9 9.55 13.48 5.51
N LYS A 10 9.05 14.66 5.09
CA LYS A 10 7.62 14.81 4.80
C LYS A 10 7.27 14.12 3.50
N TYR A 11 8.28 13.58 2.81
CA TYR A 11 8.09 12.95 1.52
C TYR A 11 7.11 11.79 1.60
N ALA A 12 6.99 11.21 2.79
CA ALA A 12 6.11 10.08 3.06
C ALA A 12 4.72 10.32 2.49
N GLU A 13 4.10 11.43 2.88
CA GLU A 13 2.74 11.77 2.45
C GLU A 13 2.67 11.91 0.92
N GLU A 14 3.70 12.51 0.36
CA GLU A 14 3.74 12.78 -1.05
C GLU A 14 3.93 11.49 -1.84
N GLU A 15 4.90 10.68 -1.41
CA GLU A 15 5.23 9.44 -2.10
C GLU A 15 4.07 8.48 -2.07
N LEU A 16 3.42 8.33 -0.92
CA LEU A 16 2.30 7.43 -0.87
C LEU A 16 1.08 7.89 -1.62
N GLU A 17 0.75 9.17 -1.52
CA GLU A 17 -0.39 9.71 -2.28
C GLU A 17 -0.15 9.53 -3.79
N GLN A 18 1.04 9.90 -4.21
CA GLN A 18 1.38 9.84 -5.59
C GLN A 18 1.45 8.42 -6.08
N VAL A 19 1.96 7.50 -5.27
CA VAL A 19 2.02 6.12 -5.70
C VAL A 19 0.60 5.52 -5.76
N ARG A 20 -0.28 5.95 -4.85
CA ARG A 20 -1.67 5.54 -4.86
C ARG A 20 -2.29 5.87 -6.21
N GLU A 21 -2.16 7.11 -6.64
CA GLU A 21 -2.72 7.48 -7.93
C GLU A 21 -1.93 6.90 -9.13
N ALA A 22 -0.60 6.93 -9.02
CA ALA A 22 0.30 6.53 -10.11
C ALA A 22 0.17 5.06 -10.39
N LEU A 23 0.28 4.30 -9.36
CA LEU A 23 0.25 2.90 -9.43
C LEU A 23 -1.16 2.37 -9.70
N ARG A 24 -2.21 2.96 -9.11
CA ARG A 24 -3.57 2.51 -9.47
C ARG A 24 -3.86 2.80 -10.94
N LYS A 25 -3.26 3.89 -11.45
CA LYS A 25 -3.39 4.24 -12.84
C LYS A 25 -2.72 3.17 -13.68
N ALA A 26 -1.48 2.84 -13.30
CA ALA A 26 -0.71 1.82 -14.00
C ALA A 26 -1.43 0.50 -13.98
N GLU A 27 -1.98 0.14 -12.83
CA GLU A 27 -2.73 -1.08 -12.69
C GLU A 27 -3.85 -1.16 -13.68
N LYS A 28 -4.71 -0.14 -13.69
CA LYS A 28 -5.87 -0.11 -14.57
C LYS A 28 -5.44 -0.19 -16.04
N GLU A 29 -4.46 0.60 -16.43
CA GLU A 29 -4.04 0.59 -17.81
C GLU A 29 -3.31 -0.70 -18.17
N LEU A 30 -2.61 -1.26 -17.22
CA LEU A 30 -1.90 -2.52 -17.43
C LEU A 30 -2.93 -3.62 -17.66
N GLU A 31 -3.83 -3.84 -16.67
CA GLU A 31 -4.93 -4.82 -16.83
C GLU A 31 -5.84 -4.51 -18.06
N SER A 32 -5.78 -3.27 -18.55
CA SER A 32 -6.45 -2.92 -19.78
C SER A 32 -5.60 -3.39 -21.01
N HIS A 33 -4.35 -2.97 -21.06
CA HIS A 33 -3.42 -3.25 -22.16
C HIS A 33 -3.10 -4.73 -22.31
N SER A 34 -3.11 -5.45 -21.22
CA SER A 34 -2.76 -6.87 -21.16
C SER A 34 -3.50 -7.73 -22.20
N SER A 35 -4.67 -7.28 -22.62
CA SER A 35 -5.48 -8.01 -23.61
C SER A 35 -4.83 -7.94 -25.00
N TRP A 36 -3.74 -7.22 -25.12
CA TRP A 36 -3.05 -7.08 -26.35
C TRP A 36 -1.78 -7.91 -26.42
N TYR A 37 -1.22 -8.25 -25.28
CA TYR A 37 0.03 -8.99 -25.24
C TYR A 37 -0.08 -10.26 -24.42
N ALA A 38 1.02 -10.93 -24.22
CA ALA A 38 1.04 -12.14 -23.45
C ALA A 38 0.76 -11.85 -21.98
N PRO A 39 -0.06 -12.69 -21.32
CA PRO A 39 -0.53 -12.48 -19.95
C PRO A 39 0.57 -12.60 -18.91
N GLU A 40 1.72 -13.06 -19.35
CA GLU A 40 2.89 -13.22 -18.50
C GLU A 40 3.30 -11.86 -17.92
N ALA A 41 3.03 -10.79 -18.68
CA ALA A 41 3.32 -9.45 -18.22
C ALA A 41 2.37 -9.10 -17.07
N LEU A 42 1.12 -9.52 -17.22
CA LEU A 42 0.10 -9.33 -16.19
C LEU A 42 0.43 -10.18 -14.99
N GLN A 43 0.89 -11.41 -15.24
CA GLN A 43 1.31 -12.32 -14.18
C GLN A 43 2.37 -11.67 -13.34
N LYS A 44 3.41 -11.14 -13.99
CA LYS A 44 4.46 -10.46 -13.27
C LYS A 44 3.88 -9.25 -12.54
N TRP A 45 3.19 -8.41 -13.28
CA TRP A 45 2.61 -7.18 -12.75
C TRP A 45 1.71 -7.41 -11.53
N LEU A 46 0.73 -8.29 -11.66
CA LEU A 46 -0.17 -8.57 -10.56
C LEU A 46 0.61 -9.20 -9.40
N GLN A 47 1.50 -10.12 -9.70
CA GLN A 47 2.25 -10.77 -8.64
C GLN A 47 3.18 -9.76 -7.95
N LEU A 48 3.73 -8.86 -8.73
CA LEU A 48 4.63 -7.81 -8.22
C LEU A 48 3.88 -6.80 -7.38
N THR A 49 2.73 -6.34 -7.87
CA THR A 49 1.93 -5.40 -7.14
C THR A 49 1.53 -6.00 -5.80
N HIS A 50 1.05 -7.21 -5.88
CA HIS A 50 0.63 -7.97 -4.73
C HIS A 50 1.81 -8.28 -3.80
N GLU A 51 2.94 -8.66 -4.39
CA GLU A 51 4.14 -8.97 -3.64
C GLU A 51 4.50 -7.81 -2.74
N VAL A 52 4.59 -6.63 -3.32
CA VAL A 52 5.03 -5.47 -2.60
C VAL A 52 3.97 -4.98 -1.64
N GLU A 53 2.75 -5.15 -2.03
CA GLU A 53 1.61 -4.76 -1.24
C GLU A 53 1.63 -5.59 0.07
N VAL A 54 1.73 -6.89 -0.07
CA VAL A 54 1.83 -7.78 1.07
C VAL A 54 3.14 -7.52 1.84
N GLN A 55 4.20 -7.13 1.12
CA GLN A 55 5.47 -6.82 1.78
C GLN A 55 5.38 -5.63 2.69
N TYR A 56 4.95 -4.44 2.17
CA TYR A 56 4.85 -3.25 3.01
C TYR A 56 3.93 -3.57 4.20
N TYR A 57 2.84 -4.31 3.91
CA TYR A 57 1.85 -4.70 4.90
C TYR A 57 2.51 -5.46 6.03
N ASN A 58 3.17 -6.52 5.66
CA ASN A 58 3.85 -7.40 6.58
C ASN A 58 4.91 -6.64 7.38
N ILE A 59 5.62 -5.76 6.70
CA ILE A 59 6.67 -4.96 7.30
C ILE A 59 6.13 -4.11 8.43
N LYS A 60 5.06 -3.39 8.17
CA LYS A 60 4.46 -2.61 9.20
C LYS A 60 3.80 -3.46 10.23
N LYS A 61 3.32 -4.62 9.86
CA LYS A 61 2.80 -5.57 10.85
C LYS A 61 3.88 -5.98 11.83
N GLN A 62 5.05 -6.30 11.31
CA GLN A 62 6.20 -6.62 12.13
C GLN A 62 6.54 -5.43 13.03
N ASN A 63 6.68 -4.25 12.41
CA ASN A 63 7.02 -3.02 13.14
C ASN A 63 5.97 -2.73 14.17
N ALA A 64 4.71 -2.83 13.76
CA ALA A 64 3.56 -2.57 14.63
C ALA A 64 3.56 -3.45 15.86
N GLU A 65 3.71 -4.76 15.68
CA GLU A 65 3.75 -5.68 16.84
C GLU A 65 4.92 -5.35 17.75
N LYS A 66 6.09 -5.13 17.13
CA LYS A 66 7.28 -4.77 17.87
C LYS A 66 7.05 -3.50 18.63
N GLN A 67 6.58 -2.49 17.93
CA GLN A 67 6.38 -1.22 18.54
C GLN A 67 5.25 -1.19 19.53
N LEU A 68 4.28 -2.05 19.36
CA LEU A 68 3.26 -2.22 20.37
C LEU A 68 3.88 -2.70 21.66
N LEU A 69 4.76 -3.68 21.57
CA LEU A 69 5.41 -4.20 22.77
C LEU A 69 6.43 -3.20 23.34
N VAL A 70 7.30 -2.67 22.50
CA VAL A 70 8.36 -1.76 22.97
C VAL A 70 7.81 -0.42 23.44
N ALA A 71 6.80 0.09 22.77
CA ALA A 71 6.20 1.33 23.19
C ALA A 71 5.35 1.14 24.41
N LYS A 72 4.65 -0.02 24.52
CA LYS A 72 3.86 -0.26 25.73
C LYS A 72 4.77 -0.28 26.93
N GLU A 73 5.83 -1.10 26.85
CA GLU A 73 6.80 -1.24 27.92
C GLU A 73 7.45 0.10 28.23
N GLY A 74 7.89 0.76 27.19
CA GLY A 74 8.54 2.04 27.33
C GLY A 74 7.66 3.05 28.01
N ALA A 75 6.43 3.16 27.55
CA ALA A 75 5.51 4.16 28.04
C ALA A 75 5.13 3.89 29.47
N GLU A 76 4.91 2.64 29.81
CA GLU A 76 4.52 2.29 31.17
C GLU A 76 5.72 2.44 32.11
N LYS A 77 6.92 2.36 31.56
CA LYS A 77 8.12 2.57 32.35
C LYS A 77 8.43 4.05 32.57
N ILE A 78 8.09 4.89 31.61
CA ILE A 78 8.32 6.34 31.79
C ILE A 78 7.11 6.93 32.53
N LYS A 79 5.99 6.91 31.84
CA LYS A 79 4.68 7.34 32.32
C LYS A 79 3.74 7.25 31.13
N LYS A 80 2.66 6.53 31.28
CA LYS A 80 1.74 6.46 30.19
C LYS A 80 0.62 7.43 30.40
N LYS A 81 0.40 8.22 29.42
CA LYS A 81 -0.55 9.29 29.49
C LYS A 81 -1.81 8.94 28.73
N ARG A 82 -2.67 9.91 28.62
CA ARG A 82 -3.81 9.84 27.80
C ARG A 82 -3.99 11.27 27.31
N GLY B 1 -4.34 -16.02 2.98
CA GLY B 1 -4.17 -14.57 3.00
C GLY B 1 -5.48 -13.89 3.32
N SER B 2 -5.45 -12.57 3.34
CA SER B 2 -6.61 -11.78 3.67
C SER B 2 -7.42 -11.41 2.41
N GLU B 3 -8.45 -10.58 2.59
CA GLU B 3 -9.42 -10.20 1.55
C GLU B 3 -8.73 -9.67 0.26
N LEU B 4 -7.72 -8.87 0.45
CA LEU B 4 -6.95 -8.33 -0.67
C LEU B 4 -6.27 -9.45 -1.49
N ASN B 5 -5.76 -10.45 -0.80
CA ASN B 5 -5.02 -11.56 -1.40
C ASN B 5 -5.90 -12.41 -2.23
N GLU B 6 -6.97 -12.84 -1.60
CA GLU B 6 -7.90 -13.73 -2.20
C GLU B 6 -8.52 -13.08 -3.43
N LEU B 7 -8.92 -11.83 -3.28
CA LEU B 7 -9.53 -11.12 -4.38
C LEU B 7 -8.52 -10.73 -5.42
N ALA B 8 -7.26 -10.60 -5.03
CA ALA B 8 -6.21 -10.35 -6.00
C ALA B 8 -6.12 -11.51 -6.92
N GLU B 9 -6.07 -12.70 -6.37
CA GLU B 9 -5.95 -13.90 -7.14
C GLU B 9 -7.21 -14.13 -7.98
N PHE B 10 -8.34 -13.95 -7.38
CA PHE B 10 -9.61 -14.16 -8.05
C PHE B 10 -9.88 -13.16 -9.17
N ALA B 11 -9.64 -11.89 -8.91
CA ALA B 11 -9.91 -10.85 -9.87
C ALA B 11 -8.87 -10.86 -10.94
N ARG B 12 -7.64 -11.23 -10.61
CA ARG B 12 -6.60 -11.30 -11.59
C ARG B 12 -6.90 -12.43 -12.57
N LEU B 13 -7.37 -13.58 -12.03
CA LEU B 13 -7.74 -14.73 -12.85
C LEU B 13 -8.86 -14.35 -13.76
N GLN B 14 -9.83 -13.67 -13.22
CA GLN B 14 -10.96 -13.21 -13.97
C GLN B 14 -10.58 -12.19 -15.04
N ASP B 15 -9.81 -11.19 -14.64
CA ASP B 15 -9.41 -10.15 -15.55
C ASP B 15 -8.65 -10.74 -16.71
N GLN B 16 -7.75 -11.68 -16.42
CA GLN B 16 -6.95 -12.28 -17.47
C GLN B 16 -7.79 -13.28 -18.23
N LEU B 17 -8.80 -13.83 -17.57
CA LEU B 17 -9.67 -14.79 -18.21
C LEU B 17 -10.33 -14.11 -19.39
N ASP B 18 -10.51 -12.81 -19.24
CA ASP B 18 -11.00 -11.99 -20.34
C ASP B 18 -9.80 -11.40 -21.10
N HIS B 19 -8.98 -10.69 -20.39
CA HIS B 19 -7.91 -9.87 -20.95
C HIS B 19 -6.55 -10.55 -20.97
N ARG B 20 -6.53 -11.85 -21.12
CA ARG B 20 -5.26 -12.58 -21.21
C ARG B 20 -4.34 -12.12 -22.35
N GLY B 21 -4.93 -11.60 -23.40
CA GLY B 21 -4.13 -11.21 -24.53
C GLY B 21 -3.83 -12.38 -25.39
N ASP B 22 -2.59 -12.81 -25.35
CA ASP B 22 -2.19 -14.03 -26.03
C ASP B 22 -2.48 -15.17 -25.08
N HIS B 23 -3.71 -15.59 -25.08
CA HIS B 23 -4.20 -16.55 -24.12
C HIS B 23 -3.54 -17.91 -24.24
N GLY C 1 -3.01 6.44 -33.38
CA GLY C 1 -3.01 5.86 -32.03
C GLY C 1 -1.99 4.76 -31.93
N SER C 2 -2.11 3.94 -30.92
CA SER C 2 -1.24 2.80 -30.74
C SER C 2 -2.02 1.69 -30.04
N HIS C 3 -1.91 0.47 -30.54
CA HIS C 3 -2.62 -0.66 -29.96
C HIS C 3 -1.92 -1.14 -28.70
N MET C 4 -0.62 -1.02 -28.69
CA MET C 4 0.19 -1.40 -27.55
C MET C 4 1.24 -0.34 -27.38
N ALA C 5 1.61 -0.08 -26.16
CA ALA C 5 2.63 0.88 -25.88
C ALA C 5 3.94 0.17 -25.65
N SER C 6 4.96 0.91 -25.35
CA SER C 6 6.25 0.37 -25.01
C SER C 6 6.21 -0.01 -23.52
N SER C 7 7.33 -0.28 -22.91
CA SER C 7 7.34 -0.70 -21.52
C SER C 7 7.28 0.49 -20.54
N ARG C 8 6.80 1.64 -20.99
CA ARG C 8 6.71 2.81 -20.13
C ARG C 8 5.73 2.67 -18.94
N GLN C 9 4.89 1.64 -18.94
CA GLN C 9 3.95 1.42 -17.84
C GLN C 9 4.53 0.48 -16.80
N LYS C 10 5.78 0.06 -16.99
CA LYS C 10 6.43 -0.87 -16.07
C LYS C 10 6.80 -0.18 -14.76
N TYR C 11 6.60 1.14 -14.71
CA TYR C 11 6.97 1.94 -13.56
C TYR C 11 6.27 1.45 -12.31
N ALA C 12 5.13 0.79 -12.48
CA ALA C 12 4.32 0.27 -11.39
C ALA C 12 5.16 -0.51 -10.38
N GLU C 13 5.93 -1.49 -10.87
CA GLU C 13 6.76 -2.34 -10.01
C GLU C 13 7.81 -1.50 -9.28
N GLU C 14 8.41 -0.59 -9.99
CA GLU C 14 9.44 0.25 -9.47
C GLU C 14 8.88 1.20 -8.42
N GLU C 15 7.77 1.84 -8.75
CA GLU C 15 7.15 2.80 -7.87
C GLU C 15 6.71 2.18 -6.56
N LEU C 16 6.05 1.03 -6.61
CA LEU C 16 5.61 0.40 -5.39
C LEU C 16 6.73 -0.17 -4.55
N GLU C 17 7.70 -0.79 -5.18
CA GLU C 17 8.86 -1.34 -4.47
C GLU C 17 9.61 -0.22 -3.74
N GLN C 18 9.84 0.85 -4.47
CA GLN C 18 10.57 1.96 -3.93
C GLN C 18 9.78 2.65 -2.85
N VAL C 19 8.47 2.79 -3.04
CA VAL C 19 7.68 3.44 -2.01
C VAL C 19 7.59 2.55 -0.75
N ARG C 20 7.57 1.22 -0.95
CA ARG C 20 7.61 0.28 0.16
C ARG C 20 8.84 0.57 1.02
N GLU C 21 9.99 0.62 0.40
CA GLU C 21 11.20 0.89 1.17
C GLU C 21 11.29 2.35 1.64
N ALA C 22 10.92 3.29 0.77
CA ALA C 22 11.05 4.72 1.03
C ALA C 22 10.14 5.15 2.14
N LEU C 23 8.92 4.81 1.98
CA LEU C 23 7.90 5.17 2.91
C LEU C 23 8.00 4.42 4.22
N ARG C 24 8.34 3.11 4.20
CA ARG C 24 8.55 2.42 5.49
C ARG C 24 9.73 3.02 6.23
N LYS C 25 10.72 3.52 5.48
CA LYS C 25 11.85 4.18 6.04
C LYS C 25 11.38 5.48 6.70
N ALA C 26 10.59 6.26 5.94
CA ALA C 26 10.04 7.51 6.43
C ALA C 26 9.23 7.30 7.67
N GLU C 27 8.40 6.26 7.66
CA GLU C 27 7.58 5.91 8.79
C GLU C 27 8.43 5.71 10.02
N LYS C 28 9.41 4.82 9.89
CA LYS C 28 10.31 4.48 11.00
C LYS C 28 11.05 5.73 11.52
N GLU C 29 11.60 6.50 10.62
CA GLU C 29 12.36 7.67 11.04
C GLU C 29 11.44 8.74 11.59
N LEU C 30 10.23 8.82 11.06
CA LEU C 30 9.26 9.81 11.51
C LEU C 30 8.83 9.47 12.93
N GLU C 31 8.25 8.27 13.11
CA GLU C 31 7.88 7.77 14.47
C GLU C 31 9.11 7.76 15.45
N SER C 32 10.32 7.76 14.91
CA SER C 32 11.49 7.89 15.75
C SER C 32 11.72 9.38 16.14
N HIS C 33 11.67 10.26 15.16
CA HIS C 33 11.91 11.70 15.34
C HIS C 33 10.81 12.41 16.11
N SER C 34 9.59 11.92 15.99
CA SER C 34 8.39 12.51 16.59
C SER C 34 8.52 12.82 18.07
N SER C 35 9.38 12.09 18.77
CA SER C 35 9.55 12.29 20.19
C SER C 35 10.33 13.59 20.47
N TRP C 36 10.77 14.24 19.43
CA TRP C 36 11.48 15.48 19.59
C TRP C 36 10.58 16.69 19.39
N TYR C 37 9.53 16.52 18.63
CA TYR C 37 8.64 17.61 18.31
C TYR C 37 7.21 17.35 18.73
N ALA C 38 6.32 18.22 18.33
CA ALA C 38 4.92 18.08 18.65
C ALA C 38 4.33 16.88 17.91
N PRO C 39 3.49 16.08 18.60
CA PRO C 39 2.92 14.84 18.06
C PRO C 39 1.92 15.06 16.96
N GLU C 40 1.54 16.31 16.76
CA GLU C 40 0.60 16.67 15.72
C GLU C 40 1.17 16.34 14.33
N ALA C 41 2.50 16.33 14.23
CA ALA C 41 3.16 15.94 13.00
C ALA C 41 2.96 14.45 12.78
N LEU C 42 3.08 13.69 13.87
CA LEU C 42 2.85 12.25 13.85
C LEU C 42 1.38 11.97 13.55
N GLN C 43 0.50 12.77 14.15
CA GLN C 43 -0.93 12.66 13.91
C GLN C 43 -1.23 12.80 12.44
N LYS C 44 -0.65 13.83 11.81
CA LYS C 44 -0.85 14.03 10.39
C LYS C 44 -0.25 12.86 9.63
N TRP C 45 1.00 12.58 9.91
CA TRP C 45 1.76 11.52 9.26
C TRP C 45 1.05 10.15 9.32
N LEU C 46 0.68 9.73 10.52
CA LEU C 46 0.03 8.45 10.69
C LEU C 46 -1.34 8.48 10.01
N GLN C 47 -2.06 9.57 10.15
CA GLN C 47 -3.38 9.65 9.55
C GLN C 47 -3.26 9.68 8.03
N LEU C 48 -2.24 10.33 7.53
CA LEU C 48 -1.97 10.43 6.10
C LEU C 48 -1.53 9.11 5.52
N THR C 49 -0.60 8.44 6.19
CA THR C 49 -0.15 7.15 5.74
C THR C 49 -1.30 6.18 5.67
N HIS C 50 -2.04 6.16 6.75
CA HIS C 50 -3.19 5.32 6.90
C HIS C 50 -4.28 5.68 5.90
N GLU C 51 -4.54 6.95 5.73
CA GLU C 51 -5.56 7.41 4.82
C GLU C 51 -5.28 6.94 3.42
N VAL C 52 -4.05 7.10 2.96
CA VAL C 52 -3.71 6.74 1.61
C VAL C 52 -3.67 5.23 1.45
N GLU C 53 -3.26 4.58 2.49
CA GLU C 53 -3.18 3.14 2.54
C GLU C 53 -4.62 2.57 2.36
N VAL C 54 -5.54 3.07 3.16
CA VAL C 54 -6.94 2.69 3.06
C VAL C 54 -7.52 3.14 1.70
N GLN C 55 -7.06 4.29 1.18
CA GLN C 55 -7.53 4.77 -0.10
C GLN C 55 -7.17 3.84 -1.23
N TYR C 56 -5.86 3.54 -1.42
CA TYR C 56 -5.45 2.65 -2.51
C TYR C 56 -6.19 1.31 -2.37
N TYR C 57 -6.31 0.85 -1.10
CA TYR C 57 -6.96 -0.40 -0.77
C TYR C 57 -8.38 -0.40 -1.28
N ASN C 58 -9.11 0.58 -0.87
CA ASN C 58 -10.50 0.73 -1.21
C ASN C 58 -10.68 0.86 -2.72
N ILE C 59 -9.77 1.60 -3.35
CA ILE C 59 -9.81 1.83 -4.78
C ILE C 59 -9.72 0.52 -5.54
N LYS C 60 -8.73 -0.29 -5.20
CA LYS C 60 -8.64 -1.58 -5.82
C LYS C 60 -9.75 -2.49 -5.41
N LYS C 61 -10.28 -2.31 -4.22
CA LYS C 61 -11.47 -3.06 -3.81
C LYS C 61 -12.64 -2.76 -4.73
N GLN C 62 -12.83 -1.48 -5.00
CA GLN C 62 -13.87 -1.05 -5.92
C GLN C 62 -13.58 -1.63 -7.29
N ASN C 63 -12.34 -1.43 -7.77
CA ASN C 63 -11.93 -1.92 -9.08
C ASN C 63 -12.12 -3.40 -9.15
N ALA C 64 -11.65 -4.09 -8.13
CA ALA C 64 -11.70 -5.55 -8.07
C ALA C 64 -13.14 -6.09 -8.14
N GLU C 65 -14.07 -5.48 -7.41
CA GLU C 65 -15.48 -5.91 -7.48
C GLU C 65 -16.04 -5.65 -8.89
N LYS C 66 -15.71 -4.48 -9.44
CA LYS C 66 -16.11 -4.14 -10.82
C LYS C 66 -15.52 -5.15 -11.77
N GLN C 67 -14.21 -5.37 -11.63
CA GLN C 67 -13.41 -6.34 -12.41
C GLN C 67 -14.05 -7.69 -12.36
N LEU C 68 -14.29 -8.17 -11.15
CA LEU C 68 -14.89 -9.46 -10.95
C LEU C 68 -16.18 -9.61 -11.72
N LEU C 69 -17.08 -8.65 -11.59
CA LEU C 69 -18.33 -8.73 -12.30
C LEU C 69 -18.15 -8.58 -13.82
N VAL C 70 -17.40 -7.56 -14.22
CA VAL C 70 -17.26 -7.25 -15.65
C VAL C 70 -16.49 -8.34 -16.38
N ALA C 71 -15.42 -8.82 -15.77
CA ALA C 71 -14.59 -9.81 -16.39
C ALA C 71 -15.22 -11.17 -16.33
N LYS C 72 -16.02 -11.45 -15.29
CA LYS C 72 -16.72 -12.72 -15.26
C LYS C 72 -17.71 -12.76 -16.40
N GLU C 73 -18.53 -11.71 -16.49
CA GLU C 73 -19.54 -11.59 -17.55
C GLU C 73 -18.89 -11.62 -18.92
N GLY C 74 -17.89 -10.79 -19.09
CA GLY C 74 -17.19 -10.73 -20.34
C GLY C 74 -16.62 -12.06 -20.75
N ALA C 75 -15.95 -12.72 -19.83
CA ALA C 75 -15.28 -13.97 -20.12
C ALA C 75 -16.27 -15.05 -20.48
N GLU C 76 -17.36 -15.13 -19.75
CA GLU C 76 -18.36 -16.17 -20.00
C GLU C 76 -19.14 -15.88 -21.30
N LYS C 77 -19.16 -14.61 -21.69
CA LYS C 77 -19.80 -14.22 -22.93
C LYS C 77 -18.91 -14.52 -24.13
N ILE C 78 -17.61 -14.35 -23.98
CA ILE C 78 -16.69 -14.65 -25.07
C ILE C 78 -16.42 -16.15 -25.07
N LYS C 79 -15.73 -16.58 -24.04
CA LYS C 79 -15.39 -17.97 -23.74
C LYS C 79 -14.47 -17.94 -22.52
N LYS C 80 -14.81 -18.63 -21.49
CA LYS C 80 -13.95 -18.64 -20.35
C LYS C 80 -13.09 -19.86 -20.35
N LYS C 81 -11.84 -19.64 -20.15
CA LYS C 81 -10.86 -20.66 -20.24
C LYS C 81 -10.33 -21.01 -18.87
N ARG C 82 -9.34 -21.85 -18.87
CA ARG C 82 -8.60 -22.19 -17.71
C ARG C 82 -7.28 -22.60 -18.27
N GLY D 1 -12.85 -0.89 10.67
CA GLY D 1 -11.88 -1.20 9.62
C GLY D 1 -11.22 -2.51 9.90
N SER D 2 -10.29 -2.91 9.06
CA SER D 2 -9.63 -4.19 9.19
C SER D 2 -8.39 -4.10 10.11
N GLU D 3 -7.61 -5.19 10.16
CA GLU D 3 -6.46 -5.37 11.05
C GLU D 3 -5.47 -4.20 10.96
N LEU D 4 -5.19 -3.77 9.76
CA LEU D 4 -4.30 -2.62 9.53
C LEU D 4 -4.82 -1.35 10.22
N ASN D 5 -6.11 -1.11 10.14
CA ASN D 5 -6.78 0.08 10.67
C ASN D 5 -6.72 0.12 12.17
N GLU D 6 -7.14 -0.96 12.75
CA GLU D 6 -7.22 -1.08 14.17
C GLU D 6 -5.85 -0.98 14.79
N LEU D 7 -4.89 -1.68 14.20
CA LEU D 7 -3.55 -1.65 14.72
C LEU D 7 -2.85 -0.37 14.37
N ALA D 8 -3.32 0.32 13.34
CA ALA D 8 -2.79 1.64 13.03
C ALA D 8 -3.09 2.54 14.17
N GLU D 9 -4.34 2.53 14.59
CA GLU D 9 -4.78 3.35 15.66
C GLU D 9 -4.10 2.95 16.99
N PHE D 10 -4.06 1.68 17.24
CA PHE D 10 -3.50 1.16 18.49
C PHE D 10 -2.00 1.42 18.60
N ALA D 11 -1.28 1.14 17.54
CA ALA D 11 0.16 1.27 17.56
C ALA D 11 0.56 2.70 17.50
N ARG D 12 -0.24 3.52 16.82
CA ARG D 12 0.06 4.92 16.75
C ARG D 12 -0.12 5.55 18.12
N LEU D 13 -1.19 5.15 18.83
CA LEU D 13 -1.46 5.63 20.18
C LEU D 13 -0.33 5.23 21.10
N GLN D 14 0.09 4.00 20.96
CA GLN D 14 1.19 3.47 21.74
C GLN D 14 2.52 4.15 21.43
N ASP D 15 2.85 4.24 20.15
CA ASP D 15 4.08 4.87 19.74
C ASP D 15 4.15 6.28 20.26
N GLN D 16 3.05 7.02 20.12
CA GLN D 16 3.03 8.39 20.56
C GLN D 16 2.95 8.46 22.06
N LEU D 17 2.39 7.44 22.68
CA LEU D 17 2.30 7.42 24.12
C LEU D 17 3.70 7.44 24.68
N ASP D 18 4.63 6.89 23.92
CA ASP D 18 6.04 6.98 24.29
C ASP D 18 6.69 8.20 23.59
N HIS D 19 6.57 8.23 22.29
CA HIS D 19 7.24 9.18 21.41
C HIS D 19 6.39 10.38 21.03
N ARG D 20 5.52 10.81 21.90
CA ARG D 20 4.69 12.00 21.61
C ARG D 20 5.52 13.26 21.36
N GLY D 21 6.64 13.37 22.01
CA GLY D 21 7.43 14.56 21.86
C GLY D 21 6.96 15.60 22.81
N ASP D 22 6.32 16.60 22.30
CA ASP D 22 5.71 17.61 23.13
C ASP D 22 4.34 17.07 23.49
N HIS D 23 4.34 16.22 24.48
CA HIS D 23 3.16 15.46 24.86
C HIS D 23 1.97 16.31 25.26
N GLY A 1 6.42 32.41 13.25
CA GLY A 1 7.53 31.92 14.04
C GLY A 1 8.46 31.09 13.22
N SER A 2 9.63 31.61 12.96
CA SER A 2 10.63 30.91 12.19
C SER A 2 11.36 29.92 13.10
N HIS A 3 10.89 28.71 13.08
CA HIS A 3 11.48 27.65 13.90
C HIS A 3 12.49 26.90 13.08
N MET A 4 12.23 26.84 11.78
CA MET A 4 13.01 26.04 10.84
C MET A 4 12.95 24.59 11.22
N ALA A 5 11.81 24.01 10.99
CA ALA A 5 11.60 22.63 11.29
C ALA A 5 12.16 21.82 10.16
N SER A 6 13.23 21.10 10.43
CA SER A 6 13.87 20.31 9.44
C SER A 6 12.98 19.10 9.13
N SER A 7 12.12 19.28 8.18
CA SER A 7 11.21 18.29 7.78
C SER A 7 11.74 17.58 6.55
N ARG A 8 12.54 16.59 6.77
CA ARG A 8 13.14 15.86 5.70
C ARG A 8 12.31 14.64 5.44
N GLN A 9 11.82 14.09 6.53
CA GLN A 9 11.04 12.86 6.55
C GLN A 9 9.58 13.09 6.14
N LYS A 10 9.28 14.28 5.68
CA LYS A 10 7.91 14.64 5.34
C LYS A 10 7.54 14.20 3.93
N TYR A 11 8.52 13.64 3.19
CA TYR A 11 8.31 13.20 1.81
C TYR A 11 7.22 12.17 1.70
N ALA A 12 6.99 11.47 2.81
CA ALA A 12 6.00 10.42 2.94
C ALA A 12 4.71 10.80 2.26
N GLU A 13 4.17 11.97 2.62
CA GLU A 13 2.87 12.45 2.11
C GLU A 13 2.81 12.42 0.56
N GLU A 14 3.87 12.91 -0.08
CA GLU A 14 3.90 13.00 -1.51
C GLU A 14 4.00 11.63 -2.09
N GLU A 15 4.91 10.87 -1.53
CA GLU A 15 5.24 9.58 -1.98
C GLU A 15 4.01 8.67 -1.90
N LEU A 16 3.39 8.61 -0.72
CA LEU A 16 2.25 7.76 -0.48
C LEU A 16 1.03 8.11 -1.34
N GLU A 17 0.67 9.39 -1.37
CA GLU A 17 -0.52 9.79 -2.12
C GLU A 17 -0.35 9.53 -3.62
N GLN A 18 0.81 9.94 -4.11
CA GLN A 18 1.09 9.83 -5.51
C GLN A 18 1.19 8.39 -5.93
N VAL A 19 1.81 7.56 -5.11
CA VAL A 19 1.94 6.17 -5.49
C VAL A 19 0.60 5.46 -5.41
N ARG A 20 -0.26 5.88 -4.48
CA ARG A 20 -1.59 5.34 -4.38
C ARG A 20 -2.29 5.50 -5.71
N GLU A 21 -2.29 6.72 -6.21
CA GLU A 21 -2.93 6.94 -7.48
C GLU A 21 -2.13 6.38 -8.67
N ALA A 22 -0.81 6.49 -8.62
CA ALA A 22 0.07 6.09 -9.72
C ALA A 22 0.09 4.60 -9.90
N LEU A 23 0.33 3.91 -8.83
CA LEU A 23 0.45 2.49 -8.85
C LEU A 23 -0.90 1.83 -9.06
N ARG A 24 -1.96 2.33 -8.42
CA ARG A 24 -3.27 1.72 -8.69
C ARG A 24 -3.70 2.00 -10.16
N LYS A 25 -3.28 3.15 -10.69
CA LYS A 25 -3.52 3.51 -12.07
C LYS A 25 -2.77 2.54 -12.97
N ALA A 26 -1.50 2.29 -12.62
CA ALA A 26 -0.65 1.37 -13.35
C ALA A 26 -1.27 0.01 -13.39
N GLU A 27 -1.82 -0.40 -12.27
CA GLU A 27 -2.49 -1.67 -12.17
C GLU A 27 -3.61 -1.77 -13.17
N LYS A 28 -4.51 -0.82 -13.13
CA LYS A 28 -5.65 -0.89 -14.03
C LYS A 28 -5.23 -0.76 -15.50
N GLU A 29 -4.24 0.07 -15.78
CA GLU A 29 -3.82 0.22 -17.15
C GLU A 29 -3.08 -1.02 -17.61
N LEU A 30 -2.39 -1.65 -16.70
CA LEU A 30 -1.62 -2.85 -16.99
C LEU A 30 -2.58 -3.97 -17.35
N GLU A 31 -3.48 -4.30 -16.45
CA GLU A 31 -4.52 -5.31 -16.76
C GLU A 31 -5.28 -4.94 -18.07
N SER A 32 -5.44 -3.64 -18.34
CA SER A 32 -6.12 -3.23 -19.57
C SER A 32 -5.20 -3.46 -20.80
N HIS A 33 -3.91 -3.12 -20.66
CA HIS A 33 -2.89 -3.32 -21.70
C HIS A 33 -2.62 -4.79 -21.97
N SER A 34 -2.77 -5.62 -20.96
CA SER A 34 -2.50 -7.07 -21.07
C SER A 34 -3.23 -7.72 -22.25
N SER A 35 -4.32 -7.11 -22.71
CA SER A 35 -5.09 -7.62 -23.82
C SER A 35 -4.33 -7.42 -25.17
N TRP A 36 -3.17 -6.81 -25.09
CA TRP A 36 -2.30 -6.59 -26.22
C TRP A 36 -1.23 -7.69 -26.29
N TYR A 37 -0.75 -8.09 -25.13
CA TYR A 37 0.37 -9.00 -25.03
C TYR A 37 0.01 -10.29 -24.33
N ALA A 38 1.02 -11.08 -24.01
CA ALA A 38 0.82 -12.34 -23.36
C ALA A 38 0.48 -12.15 -21.88
N PRO A 39 -0.44 -12.98 -21.32
CA PRO A 39 -0.89 -12.86 -19.91
C PRO A 39 0.24 -13.06 -18.89
N GLU A 40 1.37 -13.55 -19.35
CA GLU A 40 2.53 -13.77 -18.50
C GLU A 40 3.04 -12.46 -17.91
N ALA A 41 2.86 -11.37 -18.66
CA ALA A 41 3.26 -10.06 -18.19
C ALA A 41 2.33 -9.63 -17.07
N LEU A 42 1.06 -9.99 -17.20
CA LEU A 42 0.07 -9.75 -16.17
C LEU A 42 0.39 -10.57 -14.93
N GLN A 43 0.84 -11.80 -15.14
CA GLN A 43 1.27 -12.65 -14.04
C GLN A 43 2.42 -12.01 -13.30
N LYS A 44 3.41 -11.54 -14.04
CA LYS A 44 4.56 -10.85 -13.45
C LYS A 44 4.11 -9.59 -12.72
N TRP A 45 3.30 -8.80 -13.38
CA TRP A 45 2.77 -7.58 -12.81
C TRP A 45 1.98 -7.84 -11.52
N LEU A 46 1.02 -8.74 -11.58
CA LEU A 46 0.24 -9.07 -10.39
C LEU A 46 1.17 -9.67 -9.31
N GLN A 47 2.13 -10.47 -9.72
CA GLN A 47 3.09 -11.04 -8.77
C GLN A 47 3.82 -9.90 -8.05
N LEU A 48 4.27 -8.93 -8.82
CA LEU A 48 4.98 -7.76 -8.29
C LEU A 48 4.10 -6.93 -7.37
N THR A 49 2.91 -6.60 -7.84
CA THR A 49 1.99 -5.79 -7.06
C THR A 49 1.60 -6.47 -5.75
N HIS A 50 1.24 -7.75 -5.84
CA HIS A 50 0.83 -8.50 -4.67
C HIS A 50 2.02 -8.74 -3.74
N GLU A 51 3.19 -9.02 -4.31
CA GLU A 51 4.41 -9.23 -3.55
C GLU A 51 4.67 -8.04 -2.69
N VAL A 52 4.62 -6.88 -3.29
CA VAL A 52 4.92 -5.66 -2.62
C VAL A 52 3.83 -5.23 -1.65
N GLU A 53 2.61 -5.52 -2.00
CA GLU A 53 1.47 -5.26 -1.13
C GLU A 53 1.74 -6.02 0.19
N VAL A 54 1.98 -7.32 0.06
CA VAL A 54 2.29 -8.19 1.19
C VAL A 54 3.59 -7.75 1.88
N GLN A 55 4.57 -7.31 1.08
CA GLN A 55 5.83 -6.81 1.62
C GLN A 55 5.63 -5.68 2.56
N TYR A 56 5.00 -4.59 2.09
CA TYR A 56 4.85 -3.42 2.91
C TYR A 56 4.02 -3.77 4.14
N TYR A 57 3.01 -4.60 3.91
CA TYR A 57 2.10 -5.08 4.93
C TYR A 57 2.87 -5.75 6.05
N ASN A 58 3.65 -6.74 5.69
CA ASN A 58 4.45 -7.50 6.63
C ASN A 58 5.53 -6.69 7.29
N ILE A 59 6.08 -5.73 6.55
CA ILE A 59 7.12 -4.85 7.08
C ILE A 59 6.58 -4.04 8.21
N LYS A 60 5.46 -3.39 7.97
CA LYS A 60 4.85 -2.62 9.00
C LYS A 60 4.25 -3.49 10.05
N LYS A 61 3.83 -4.69 9.67
CA LYS A 61 3.33 -5.64 10.64
C LYS A 61 4.40 -5.92 11.66
N GLN A 62 5.58 -6.29 11.20
CA GLN A 62 6.72 -6.57 12.07
C GLN A 62 7.00 -5.34 12.92
N ASN A 63 7.16 -4.21 12.25
CA ASN A 63 7.49 -2.97 12.92
C ASN A 63 6.44 -2.52 13.89
N ALA A 64 5.18 -2.53 13.48
CA ALA A 64 4.09 -2.08 14.33
C ALA A 64 3.89 -2.95 15.55
N GLU A 65 4.02 -4.27 15.39
CA GLU A 65 3.87 -5.17 16.53
C GLU A 65 5.03 -4.91 17.51
N LYS A 66 6.24 -4.72 16.95
CA LYS A 66 7.42 -4.37 17.76
C LYS A 66 7.19 -3.05 18.47
N GLN A 67 6.76 -2.05 17.71
CA GLN A 67 6.45 -0.72 18.23
C GLN A 67 5.44 -0.77 19.34
N LEU A 68 4.35 -1.48 19.10
CA LEU A 68 3.33 -1.69 20.13
C LEU A 68 3.94 -2.26 21.39
N LEU A 69 4.74 -3.29 21.23
CA LEU A 69 5.38 -3.96 22.34
C LEU A 69 6.36 -3.03 23.06
N VAL A 70 7.22 -2.35 22.33
CA VAL A 70 8.27 -1.54 22.93
C VAL A 70 7.72 -0.23 23.51
N ALA A 71 6.71 0.31 22.87
CA ALA A 71 6.08 1.52 23.36
C ALA A 71 5.27 1.20 24.59
N LYS A 72 4.70 0.00 24.63
CA LYS A 72 3.99 -0.48 25.79
C LYS A 72 4.98 -0.60 26.96
N GLU A 73 6.12 -1.23 26.67
CA GLU A 73 7.23 -1.37 27.61
C GLU A 73 7.65 0.00 28.13
N GLY A 74 8.01 0.86 27.23
CA GLY A 74 8.45 2.18 27.58
C GLY A 74 7.43 2.92 28.38
N ALA A 75 6.21 2.87 27.95
CA ALA A 75 5.13 3.56 28.62
C ALA A 75 4.96 3.07 30.06
N GLU A 76 5.13 1.78 30.27
CA GLU A 76 4.98 1.27 31.64
C GLU A 76 6.18 1.64 32.50
N LYS A 77 7.34 1.69 31.86
CA LYS A 77 8.58 2.05 32.52
C LYS A 77 8.67 3.54 32.82
N ILE A 78 8.41 4.35 31.82
CA ILE A 78 8.57 5.79 31.93
C ILE A 78 7.36 6.39 32.61
N LYS A 79 6.24 6.33 31.90
CA LYS A 79 4.97 6.87 32.33
C LYS A 79 4.00 6.81 31.17
N LYS A 80 2.97 6.01 31.29
CA LYS A 80 1.94 6.00 30.30
C LYS A 80 1.04 7.16 30.61
N LYS A 81 0.68 7.89 29.60
CA LYS A 81 0.09 9.17 29.84
C LYS A 81 -1.10 9.41 28.96
N ARG A 82 -1.57 10.63 29.00
CA ARG A 82 -2.60 11.15 28.18
C ARG A 82 -2.11 12.49 27.71
N GLY B 1 -4.71 -16.41 2.87
CA GLY B 1 -4.47 -14.99 2.71
C GLY B 1 -5.74 -14.20 2.92
N SER B 2 -5.61 -12.89 3.09
CA SER B 2 -6.77 -12.04 3.28
C SER B 2 -7.41 -11.65 1.94
N GLU B 3 -8.43 -10.76 1.99
CA GLU B 3 -9.26 -10.41 0.82
C GLU B 3 -8.41 -9.97 -0.37
N LEU B 4 -7.39 -9.19 -0.11
CA LEU B 4 -6.50 -8.71 -1.15
C LEU B 4 -5.80 -9.84 -1.90
N ASN B 5 -5.42 -10.89 -1.19
CA ASN B 5 -4.68 -12.03 -1.73
C ASN B 5 -5.58 -12.84 -2.60
N GLU B 6 -6.70 -13.20 -2.03
CA GLU B 6 -7.64 -14.04 -2.68
C GLU B 6 -8.21 -13.35 -3.90
N LEU B 7 -8.57 -12.09 -3.75
CA LEU B 7 -9.10 -11.35 -4.86
C LEU B 7 -8.03 -10.98 -5.85
N ALA B 8 -6.77 -10.93 -5.41
CA ALA B 8 -5.68 -10.72 -6.33
C ALA B 8 -5.66 -11.85 -7.29
N GLU B 9 -5.71 -13.05 -6.75
CA GLU B 9 -5.67 -14.23 -7.55
C GLU B 9 -6.93 -14.35 -8.44
N PHE B 10 -8.06 -14.07 -7.87
CA PHE B 10 -9.32 -14.19 -8.59
C PHE B 10 -9.49 -13.13 -9.67
N ALA B 11 -9.13 -11.91 -9.36
CA ALA B 11 -9.30 -10.82 -10.29
C ALA B 11 -8.30 -10.93 -11.38
N ARG B 12 -7.10 -11.37 -11.05
CA ARG B 12 -6.07 -11.53 -12.05
C ARG B 12 -6.47 -12.62 -13.04
N LEU B 13 -6.98 -13.74 -12.51
CA LEU B 13 -7.47 -14.84 -13.33
C LEU B 13 -8.67 -14.41 -14.17
N GLN B 14 -9.59 -13.71 -13.56
CA GLN B 14 -10.77 -13.25 -14.25
C GLN B 14 -10.47 -12.20 -15.29
N ASP B 15 -9.65 -11.22 -14.91
CA ASP B 15 -9.32 -10.15 -15.83
C ASP B 15 -8.63 -10.72 -17.02
N GLN B 16 -7.72 -11.67 -16.83
CA GLN B 16 -7.08 -12.29 -17.97
C GLN B 16 -8.05 -13.22 -18.70
N LEU B 17 -9.00 -13.81 -17.99
CA LEU B 17 -10.00 -14.66 -18.65
C LEU B 17 -10.73 -13.86 -19.71
N ASP B 18 -10.85 -12.57 -19.48
CA ASP B 18 -11.42 -11.68 -20.48
C ASP B 18 -10.31 -11.01 -21.34
N HIS B 19 -9.38 -10.36 -20.68
CA HIS B 19 -8.32 -9.53 -21.29
C HIS B 19 -6.94 -10.20 -21.33
N ARG B 20 -6.92 -11.52 -21.48
CA ARG B 20 -5.67 -12.31 -21.53
C ARG B 20 -4.61 -11.78 -22.50
N GLY B 21 -5.06 -11.27 -23.64
CA GLY B 21 -4.11 -10.81 -24.64
C GLY B 21 -3.75 -11.94 -25.55
N ASP B 22 -2.81 -12.74 -25.12
CA ASP B 22 -2.52 -13.98 -25.78
C ASP B 22 -3.46 -14.99 -25.16
N HIS B 23 -4.66 -14.93 -25.64
CA HIS B 23 -5.75 -15.64 -25.07
C HIS B 23 -5.81 -17.06 -25.49
N GLY C 1 15.08 -11.25 -30.32
CA GLY C 1 13.81 -10.97 -30.96
C GLY C 1 13.38 -9.57 -30.66
N SER C 2 13.67 -8.67 -31.55
CA SER C 2 13.33 -7.29 -31.37
C SER C 2 11.87 -7.06 -31.69
N HIS C 3 11.07 -7.04 -30.66
CA HIS C 3 9.64 -6.83 -30.79
C HIS C 3 9.32 -5.38 -30.54
N MET C 4 10.17 -4.76 -29.73
CA MET C 4 9.96 -3.40 -29.24
C MET C 4 8.68 -3.33 -28.46
N ALA C 5 8.68 -3.93 -27.32
CA ALA C 5 7.55 -3.90 -26.45
C ALA C 5 7.49 -2.54 -25.80
N SER C 6 6.49 -1.77 -26.13
CA SER C 6 6.34 -0.46 -25.58
C SER C 6 5.80 -0.59 -24.17
N SER C 7 6.68 -0.87 -23.26
CA SER C 7 6.36 -1.01 -21.89
C SER C 7 6.51 0.32 -21.19
N ARG C 8 5.43 1.02 -21.10
CA ARG C 8 5.43 2.33 -20.48
C ARG C 8 4.82 2.21 -19.10
N GLN C 9 3.86 1.31 -19.02
CA GLN C 9 3.09 1.01 -17.83
C GLN C 9 3.91 0.16 -16.85
N LYS C 10 5.12 -0.19 -17.25
CA LYS C 10 5.98 -1.05 -16.48
C LYS C 10 6.57 -0.33 -15.25
N TYR C 11 6.30 0.99 -15.13
CA TYR C 11 6.85 1.82 -14.05
C TYR C 11 6.41 1.33 -12.68
N ALA C 12 5.27 0.64 -12.68
CA ALA C 12 4.64 0.10 -11.49
C ALA C 12 5.63 -0.57 -10.58
N GLU C 13 6.40 -1.53 -11.12
CA GLU C 13 7.36 -2.34 -10.34
C GLU C 13 8.32 -1.48 -9.50
N GLU C 14 8.91 -0.49 -10.14
CA GLU C 14 9.82 0.40 -9.49
C GLU C 14 9.10 1.16 -8.42
N GLU C 15 8.00 1.77 -8.81
CA GLU C 15 7.27 2.66 -8.00
C GLU C 15 6.77 1.95 -6.74
N LEU C 16 6.14 0.80 -6.92
CA LEU C 16 5.61 0.03 -5.82
C LEU C 16 6.67 -0.47 -4.85
N GLU C 17 7.74 -1.05 -5.36
CA GLU C 17 8.77 -1.60 -4.49
C GLU C 17 9.47 -0.49 -3.71
N GLN C 18 9.79 0.58 -4.41
CA GLN C 18 10.49 1.68 -3.81
C GLN C 18 9.66 2.37 -2.79
N VAL C 19 8.39 2.56 -3.07
CA VAL C 19 7.53 3.22 -2.12
C VAL C 19 7.27 2.34 -0.90
N ARG C 20 7.22 1.03 -1.11
CA ARG C 20 7.07 0.09 -0.04
C ARG C 20 8.15 0.32 0.98
N GLU C 21 9.39 0.32 0.51
CA GLU C 21 10.47 0.54 1.42
C GLU C 21 10.59 2.00 1.87
N ALA C 22 10.34 2.94 0.97
CA ALA C 22 10.52 4.37 1.23
C ALA C 22 9.50 4.88 2.21
N LEU C 23 8.28 4.60 1.94
CA LEU C 23 7.18 5.06 2.74
C LEU C 23 7.12 4.33 4.06
N ARG C 24 7.37 3.02 4.10
CA ARG C 24 7.38 2.34 5.40
C ARG C 24 8.59 2.85 6.25
N LYS C 25 9.69 3.21 5.56
CA LYS C 25 10.85 3.79 6.18
C LYS C 25 10.49 5.13 6.77
N ALA C 26 9.79 5.96 5.96
CA ALA C 26 9.33 7.27 6.36
C ALA C 26 8.49 7.17 7.58
N GLU C 27 7.61 6.18 7.60
CA GLU C 27 6.75 5.93 8.73
C GLU C 27 7.55 5.73 9.98
N LYS C 28 8.48 4.78 9.95
CA LYS C 28 9.23 4.49 11.15
C LYS C 28 10.12 5.67 11.57
N GLU C 29 10.72 6.35 10.61
CA GLU C 29 11.57 7.46 10.97
C GLU C 29 10.74 8.62 11.47
N LEU C 30 9.54 8.76 10.94
CA LEU C 30 8.64 9.83 11.31
C LEU C 30 8.22 9.64 12.77
N GLU C 31 7.60 8.52 13.07
CA GLU C 31 7.27 8.19 14.48
C GLU C 31 8.52 8.32 15.38
N SER C 32 9.71 8.02 14.85
CA SER C 32 10.93 8.18 15.63
C SER C 32 11.23 9.69 15.85
N HIS C 33 11.16 10.47 14.78
CA HIS C 33 11.36 11.91 14.80
C HIS C 33 10.34 12.64 15.66
N SER C 34 9.14 12.11 15.74
CA SER C 34 8.06 12.73 16.52
C SER C 34 8.45 13.04 17.96
N SER C 35 9.46 12.34 18.50
CA SER C 35 9.93 12.58 19.84
C SER C 35 10.71 13.92 19.93
N TRP C 36 10.91 14.55 18.79
CA TRP C 36 11.58 15.84 18.70
C TRP C 36 10.57 16.98 18.73
N TYR C 37 9.41 16.72 18.15
CA TYR C 37 8.40 17.75 17.97
C TYR C 37 7.07 17.39 18.64
N ALA C 38 6.04 18.14 18.32
CA ALA C 38 4.74 17.90 18.90
C ALA C 38 4.06 16.73 18.21
N PRO C 39 3.31 15.89 18.98
CA PRO C 39 2.64 14.69 18.45
C PRO C 39 1.58 14.99 17.37
N GLU C 40 1.24 16.26 17.24
CA GLU C 40 0.28 16.71 16.26
C GLU C 40 0.76 16.41 14.83
N ALA C 41 2.08 16.42 14.65
CA ALA C 41 2.66 16.11 13.36
C ALA C 41 2.52 14.61 13.10
N LEU C 42 2.67 13.82 14.17
CA LEU C 42 2.47 12.38 14.10
C LEU C 42 1.01 12.08 13.78
N GLN C 43 0.11 12.87 14.36
CA GLN C 43 -1.30 12.73 14.05
C GLN C 43 -1.55 12.99 12.57
N LYS C 44 -0.97 14.05 12.04
CA LYS C 44 -1.07 14.35 10.62
C LYS C 44 -0.45 13.26 9.78
N TRP C 45 0.73 12.85 10.14
CA TRP C 45 1.44 11.79 9.45
C TRP C 45 0.64 10.48 9.43
N LEU C 46 0.19 10.02 10.61
CA LEU C 46 -0.58 8.81 10.65
C LEU C 46 -1.90 8.99 9.89
N GLN C 47 -2.50 10.18 9.98
CA GLN C 47 -3.72 10.48 9.24
C GLN C 47 -3.47 10.29 7.75
N LEU C 48 -2.36 10.84 7.28
CA LEU C 48 -1.96 10.76 5.87
C LEU C 48 -1.70 9.32 5.44
N THR C 49 -0.87 8.62 6.21
CA THR C 49 -0.52 7.25 5.90
C THR C 49 -1.76 6.35 5.89
N HIS C 50 -2.57 6.46 6.92
CA HIS C 50 -3.75 5.65 7.05
C HIS C 50 -4.78 6.00 5.98
N GLU C 51 -4.97 7.30 5.75
CA GLU C 51 -5.91 7.76 4.74
C GLU C 51 -5.57 7.17 3.42
N VAL C 52 -4.30 7.23 3.06
CA VAL C 52 -3.84 6.76 1.79
C VAL C 52 -3.86 5.24 1.68
N GLU C 53 -3.57 4.59 2.78
CA GLU C 53 -3.62 3.15 2.87
C GLU C 53 -5.06 2.72 2.49
N VAL C 54 -6.02 3.30 3.20
CA VAL C 54 -7.42 3.06 2.97
C VAL C 54 -7.83 3.53 1.55
N GLN C 55 -7.23 4.64 1.09
CA GLN C 55 -7.47 5.16 -0.25
C GLN C 55 -7.16 4.15 -1.30
N TYR C 56 -5.91 3.67 -1.33
CA TYR C 56 -5.50 2.75 -2.37
C TYR C 56 -6.33 1.48 -2.28
N TYR C 57 -6.57 1.06 -1.04
CA TYR C 57 -7.33 -0.13 -0.71
C TYR C 57 -8.71 -0.05 -1.34
N ASN C 58 -9.41 1.00 -1.03
CA ASN C 58 -10.75 1.25 -1.53
C ASN C 58 -10.78 1.45 -3.04
N ILE C 59 -9.75 2.07 -3.59
CA ILE C 59 -9.66 2.30 -5.03
C ILE C 59 -9.61 0.99 -5.76
N LYS C 60 -8.70 0.13 -5.32
CA LYS C 60 -8.59 -1.14 -5.94
C LYS C 60 -9.75 -2.02 -5.57
N LYS C 61 -10.31 -1.81 -4.40
CA LYS C 61 -11.49 -2.54 -4.00
C LYS C 61 -12.60 -2.30 -4.99
N GLN C 62 -12.89 -1.03 -5.24
CA GLN C 62 -13.90 -0.63 -6.20
C GLN C 62 -13.58 -1.22 -7.58
N ASN C 63 -12.36 -0.98 -8.04
CA ASN C 63 -11.93 -1.45 -9.35
C ASN C 63 -11.91 -2.95 -9.47
N ALA C 64 -11.35 -3.64 -8.49
CA ALA C 64 -11.27 -5.10 -8.52
C ALA C 64 -12.63 -5.76 -8.50
N GLU C 65 -13.56 -5.25 -7.70
CA GLU C 65 -14.90 -5.82 -7.68
C GLU C 65 -15.57 -5.60 -9.03
N LYS C 66 -15.34 -4.40 -9.61
CA LYS C 66 -15.84 -4.12 -10.95
C LYS C 66 -15.22 -5.06 -11.95
N GLN C 67 -13.90 -5.17 -11.91
CA GLN C 67 -13.15 -6.07 -12.78
C GLN C 67 -13.63 -7.49 -12.69
N LEU C 68 -13.80 -7.97 -11.47
CA LEU C 68 -14.34 -9.29 -11.23
C LEU C 68 -15.67 -9.45 -11.91
N LEU C 69 -16.55 -8.50 -11.69
CA LEU C 69 -17.89 -8.52 -12.25
C LEU C 69 -17.87 -8.45 -13.79
N VAL C 70 -17.12 -7.50 -14.34
CA VAL C 70 -17.13 -7.26 -15.79
C VAL C 70 -16.39 -8.37 -16.54
N ALA C 71 -15.34 -8.90 -15.93
CA ALA C 71 -14.59 -9.96 -16.55
C ALA C 71 -15.34 -11.26 -16.44
N LYS C 72 -16.11 -11.43 -15.37
CA LYS C 72 -16.92 -12.61 -15.19
C LYS C 72 -17.98 -12.65 -16.28
N GLU C 73 -18.68 -11.53 -16.43
CA GLU C 73 -19.68 -11.47 -17.44
C GLU C 73 -19.10 -11.48 -18.84
N GLY C 74 -18.04 -10.76 -19.06
CA GLY C 74 -17.35 -10.81 -20.33
C GLY C 74 -16.95 -12.22 -20.67
N ALA C 75 -16.37 -12.92 -19.71
CA ALA C 75 -15.94 -14.29 -19.91
C ALA C 75 -17.10 -15.21 -20.26
N GLU C 76 -18.26 -14.99 -19.67
CA GLU C 76 -19.41 -15.85 -20.00
C GLU C 76 -19.94 -15.53 -21.39
N LYS C 77 -19.81 -14.28 -21.75
CA LYS C 77 -20.24 -13.81 -23.06
C LYS C 77 -19.31 -14.30 -24.14
N ILE C 78 -18.02 -14.06 -23.96
CA ILE C 78 -17.03 -14.40 -24.96
C ILE C 78 -16.74 -15.87 -24.94
N LYS C 79 -16.11 -16.31 -23.86
CA LYS C 79 -15.67 -17.67 -23.63
C LYS C 79 -14.75 -17.68 -22.42
N LYS C 80 -15.20 -18.25 -21.34
CA LYS C 80 -14.35 -18.42 -20.19
C LYS C 80 -13.47 -19.62 -20.46
N LYS C 81 -12.21 -19.47 -20.25
CA LYS C 81 -11.28 -20.44 -20.72
C LYS C 81 -10.14 -20.67 -19.76
N ARG C 82 -9.30 -21.61 -20.11
CA ARG C 82 -8.16 -21.95 -19.33
C ARG C 82 -6.91 -21.56 -20.08
N GLY D 1 -13.12 -1.14 10.93
CA GLY D 1 -11.86 -1.16 10.20
C GLY D 1 -11.10 -2.41 10.47
N SER D 2 -10.23 -2.79 9.55
CA SER D 2 -9.46 -4.01 9.67
C SER D 2 -8.19 -3.77 10.50
N GLU D 3 -7.30 -4.78 10.56
CA GLU D 3 -6.11 -4.77 11.44
C GLU D 3 -5.25 -3.52 11.25
N LEU D 4 -5.09 -3.09 10.02
CA LEU D 4 -4.31 -1.89 9.73
C LEU D 4 -4.89 -0.64 10.40
N ASN D 5 -6.20 -0.52 10.42
CA ASN D 5 -6.92 0.62 11.00
C ASN D 5 -6.77 0.65 12.48
N GLU D 6 -7.11 -0.46 13.06
CA GLU D 6 -7.12 -0.60 14.46
C GLU D 6 -5.73 -0.47 15.03
N LEU D 7 -4.77 -1.11 14.39
CA LEU D 7 -3.42 -1.03 14.85
C LEU D 7 -2.79 0.29 14.49
N ALA D 8 -3.32 0.95 13.47
CA ALA D 8 -2.85 2.30 13.15
C ALA D 8 -3.12 3.16 14.31
N GLU D 9 -4.34 3.12 14.79
CA GLU D 9 -4.75 3.92 15.89
C GLU D 9 -4.03 3.52 17.20
N PHE D 10 -3.90 2.24 17.40
CA PHE D 10 -3.28 1.73 18.61
C PHE D 10 -1.79 1.98 18.64
N ALA D 11 -1.13 1.80 17.52
CA ALA D 11 0.30 1.96 17.46
C ALA D 11 0.65 3.40 17.49
N ARG D 12 -0.17 4.22 16.85
CA ARG D 12 0.08 5.65 16.86
C ARG D 12 -0.06 6.20 18.27
N LEU D 13 -1.11 5.77 18.98
CA LEU D 13 -1.33 6.17 20.36
C LEU D 13 -0.22 5.66 21.26
N GLN D 14 0.17 4.42 21.06
CA GLN D 14 1.22 3.82 21.84
C GLN D 14 2.57 4.43 21.58
N ASP D 15 2.91 4.56 20.32
CA ASP D 15 4.19 5.10 19.94
C ASP D 15 4.32 6.49 20.48
N GLN D 16 3.24 7.29 20.39
CA GLN D 16 3.33 8.62 20.95
C GLN D 16 3.28 8.58 22.48
N LEU D 17 2.63 7.58 23.05
CA LEU D 17 2.60 7.45 24.52
C LEU D 17 4.03 7.33 25.03
N ASP D 18 4.88 6.77 24.20
CA ASP D 18 6.29 6.68 24.52
C ASP D 18 7.10 7.86 23.89
N HIS D 19 6.95 8.05 22.60
CA HIS D 19 7.71 9.01 21.77
C HIS D 19 6.91 10.24 21.34
N ARG D 20 6.00 10.68 22.18
CA ARG D 20 5.13 11.84 21.90
C ARG D 20 5.87 13.09 21.45
N GLY D 21 7.08 13.29 21.95
CA GLY D 21 7.80 14.49 21.63
C GLY D 21 7.42 15.54 22.59
N ASP D 22 6.39 16.26 22.26
CA ASP D 22 5.79 17.17 23.19
C ASP D 22 4.81 16.35 23.99
N HIS D 23 5.35 15.71 24.98
CA HIS D 23 4.62 14.80 25.76
C HIS D 23 3.80 15.45 26.82
N GLY A 1 23.45 28.08 15.23
CA GLY A 1 23.55 27.97 13.77
C GLY A 1 22.22 27.60 13.20
N SER A 2 22.17 27.46 11.90
CA SER A 2 20.95 27.11 11.24
C SER A 2 20.73 25.60 11.32
N HIS A 3 19.82 25.19 12.17
CA HIS A 3 19.48 23.78 12.37
C HIS A 3 18.81 23.21 11.16
N MET A 4 18.02 24.05 10.46
CA MET A 4 17.22 23.69 9.27
C MET A 4 16.15 22.67 9.70
N ALA A 5 15.83 22.70 10.98
CA ALA A 5 14.91 21.76 11.58
C ALA A 5 13.52 21.91 11.03
N SER A 6 13.16 20.96 10.24
CA SER A 6 11.90 20.84 9.61
C SER A 6 11.74 19.37 9.30
N SER A 7 10.54 18.90 9.21
CA SER A 7 10.32 17.52 8.99
C SER A 7 10.49 17.18 7.51
N ARG A 8 11.73 16.92 7.09
CA ARG A 8 12.01 16.54 5.68
C ARG A 8 11.47 15.13 5.40
N GLN A 9 11.15 14.48 6.50
CA GLN A 9 10.63 13.11 6.56
C GLN A 9 9.21 13.08 5.99
N LYS A 10 8.66 14.27 5.75
CA LYS A 10 7.33 14.43 5.23
C LYS A 10 7.21 13.96 3.79
N TYR A 11 8.36 13.57 3.17
CA TYR A 11 8.38 13.10 1.78
C TYR A 11 7.42 11.96 1.59
N ALA A 12 7.15 11.25 2.69
CA ALA A 12 6.22 10.17 2.74
C ALA A 12 4.92 10.54 2.05
N GLU A 13 4.37 11.73 2.37
CA GLU A 13 3.05 12.16 1.83
C GLU A 13 3.08 12.20 0.29
N GLU A 14 4.21 12.68 -0.23
CA GLU A 14 4.40 12.78 -1.66
C GLU A 14 4.42 11.38 -2.23
N GLU A 15 5.30 10.56 -1.66
CA GLU A 15 5.53 9.20 -2.10
C GLU A 15 4.23 8.39 -2.06
N LEU A 16 3.57 8.39 -0.91
CA LEU A 16 2.37 7.60 -0.70
C LEU A 16 1.18 8.01 -1.54
N GLU A 17 0.86 9.27 -1.60
CA GLU A 17 -0.31 9.68 -2.34
C GLU A 17 -0.08 9.57 -3.85
N GLN A 18 1.12 9.92 -4.27
CA GLN A 18 1.43 9.86 -5.66
C GLN A 18 1.53 8.43 -6.12
N VAL A 19 2.02 7.53 -5.27
CA VAL A 19 2.07 6.13 -5.66
C VAL A 19 0.67 5.54 -5.67
N ARG A 20 -0.20 6.01 -4.77
CA ARG A 20 -1.60 5.60 -4.72
C ARG A 20 -2.21 5.81 -6.10
N GLU A 21 -2.09 7.03 -6.61
CA GLU A 21 -2.66 7.32 -7.91
C GLU A 21 -1.86 6.66 -9.03
N ALA A 22 -0.55 6.67 -8.92
CA ALA A 22 0.36 6.19 -9.98
C ALA A 22 0.24 4.71 -10.17
N LEU A 23 0.35 4.01 -9.10
CA LEU A 23 0.33 2.60 -9.09
C LEU A 23 -1.06 2.06 -9.37
N ARG A 24 -2.11 2.67 -8.80
CA ARG A 24 -3.47 2.21 -9.14
C ARG A 24 -3.76 2.45 -10.62
N LYS A 25 -3.24 3.55 -11.13
CA LYS A 25 -3.39 3.92 -12.52
C LYS A 25 -2.75 2.86 -13.39
N ALA A 26 -1.53 2.48 -13.01
CA ALA A 26 -0.78 1.46 -13.70
C ALA A 26 -1.51 0.14 -13.66
N GLU A 27 -2.00 -0.23 -12.49
CA GLU A 27 -2.75 -1.47 -12.33
C GLU A 27 -3.90 -1.53 -13.31
N LYS A 28 -4.73 -0.50 -13.30
CA LYS A 28 -5.90 -0.39 -14.18
C LYS A 28 -5.51 -0.51 -15.67
N GLU A 29 -4.53 0.26 -16.08
CA GLU A 29 -4.14 0.22 -17.48
C GLU A 29 -3.49 -1.09 -17.83
N LEU A 30 -2.78 -1.65 -16.89
CA LEU A 30 -2.07 -2.90 -17.08
C LEU A 30 -3.06 -4.04 -17.24
N GLU A 31 -3.90 -4.25 -16.22
CA GLU A 31 -4.95 -5.28 -16.29
C GLU A 31 -5.76 -5.15 -17.60
N SER A 32 -6.04 -3.92 -18.00
CA SER A 32 -6.89 -3.73 -19.16
C SER A 32 -6.12 -3.97 -20.47
N HIS A 33 -4.86 -3.58 -20.49
CA HIS A 33 -4.02 -3.64 -21.68
C HIS A 33 -3.52 -5.07 -21.96
N SER A 34 -3.35 -5.87 -20.91
CA SER A 34 -2.77 -7.25 -21.00
C SER A 34 -3.43 -8.14 -22.07
N SER A 35 -4.67 -7.86 -22.42
CA SER A 35 -5.41 -8.66 -23.40
C SER A 35 -4.82 -8.47 -24.81
N TRP A 36 -3.93 -7.52 -24.92
CA TRP A 36 -3.30 -7.18 -26.18
C TRP A 36 -1.92 -7.83 -26.30
N TYR A 37 -1.38 -8.32 -25.19
CA TYR A 37 -0.08 -8.96 -25.18
C TYR A 37 -0.10 -10.34 -24.51
N ALA A 38 1.07 -10.83 -24.14
CA ALA A 38 1.22 -12.13 -23.53
C ALA A 38 0.97 -12.04 -22.01
N PRO A 39 0.44 -13.14 -21.40
CA PRO A 39 0.07 -13.18 -19.97
C PRO A 39 1.25 -12.98 -19.03
N GLU A 40 2.45 -13.22 -19.55
CA GLU A 40 3.69 -13.11 -18.80
C GLU A 40 3.84 -11.73 -18.12
N ALA A 41 3.41 -10.68 -18.83
CA ALA A 41 3.51 -9.33 -18.33
C ALA A 41 2.56 -9.13 -17.16
N LEU A 42 1.29 -9.51 -17.34
CA LEU A 42 0.30 -9.42 -16.27
C LEU A 42 0.72 -10.24 -15.10
N GLN A 43 1.23 -11.41 -15.39
CA GLN A 43 1.61 -12.37 -14.39
C GLN A 43 2.68 -11.77 -13.49
N LYS A 44 3.71 -11.16 -14.08
CA LYS A 44 4.74 -10.53 -13.27
C LYS A 44 4.26 -9.24 -12.65
N TRP A 45 3.44 -8.49 -13.35
CA TRP A 45 2.85 -7.27 -12.81
C TRP A 45 2.06 -7.58 -11.54
N LEU A 46 1.13 -8.52 -11.62
CA LEU A 46 0.36 -8.90 -10.46
C LEU A 46 1.29 -9.52 -9.40
N GLN A 47 2.27 -10.28 -9.86
CA GLN A 47 3.27 -10.88 -8.98
C GLN A 47 3.95 -9.80 -8.13
N LEU A 48 4.40 -8.73 -8.78
CA LEU A 48 5.10 -7.66 -8.08
C LEU A 48 4.18 -6.78 -7.26
N THR A 49 3.00 -6.47 -7.80
CA THR A 49 2.04 -5.64 -7.07
C THR A 49 1.63 -6.33 -5.78
N HIS A 50 1.27 -7.60 -5.90
CA HIS A 50 0.83 -8.38 -4.77
C HIS A 50 1.98 -8.62 -3.80
N GLU A 51 3.16 -8.88 -4.37
CA GLU A 51 4.36 -9.08 -3.58
C GLU A 51 4.59 -7.89 -2.67
N VAL A 52 4.64 -6.72 -3.27
CA VAL A 52 4.96 -5.52 -2.57
C VAL A 52 3.88 -5.11 -1.60
N GLU A 53 2.67 -5.35 -1.96
CA GLU A 53 1.55 -5.02 -1.13
C GLU A 53 1.63 -5.89 0.16
N VAL A 54 1.85 -7.18 -0.02
CA VAL A 54 2.03 -8.09 1.10
C VAL A 54 3.36 -7.77 1.85
N GLN A 55 4.38 -7.35 1.11
CA GLN A 55 5.65 -6.96 1.71
C GLN A 55 5.50 -5.77 2.63
N TYR A 56 4.93 -4.63 2.12
CA TYR A 56 4.78 -3.44 2.96
C TYR A 56 3.98 -3.83 4.19
N TYR A 57 2.94 -4.66 3.96
CA TYR A 57 2.09 -5.17 5.00
C TYR A 57 2.89 -5.87 6.08
N ASN A 58 3.69 -6.81 5.64
CA ASN A 58 4.51 -7.62 6.52
C ASN A 58 5.51 -6.74 7.27
N ILE A 59 6.10 -5.80 6.56
CA ILE A 59 7.10 -4.90 7.11
C ILE A 59 6.53 -4.10 8.27
N LYS A 60 5.39 -3.47 8.03
CA LYS A 60 4.78 -2.75 9.08
C LYS A 60 4.25 -3.65 10.14
N LYS A 61 3.87 -4.87 9.79
CA LYS A 61 3.48 -5.86 10.79
C LYS A 61 4.62 -6.12 11.76
N GLN A 62 5.79 -6.40 11.22
CA GLN A 62 6.99 -6.64 12.01
C GLN A 62 7.29 -5.45 12.89
N ASN A 63 7.33 -4.28 12.26
CA ASN A 63 7.63 -3.04 12.96
C ASN A 63 6.56 -2.77 14.00
N ALA A 64 5.30 -2.94 13.63
CA ALA A 64 4.17 -2.70 14.55
C ALA A 64 4.21 -3.58 15.79
N GLU A 65 4.46 -4.88 15.62
CA GLU A 65 4.53 -5.80 16.77
C GLU A 65 5.69 -5.38 17.67
N LYS A 66 6.81 -5.02 17.03
CA LYS A 66 8.02 -4.58 17.72
C LYS A 66 7.70 -3.29 18.46
N GLN A 67 7.10 -2.36 17.74
CA GLN A 67 6.63 -1.10 18.24
C GLN A 67 5.77 -1.27 19.43
N LEU A 68 4.75 -2.10 19.29
CA LEU A 68 3.82 -2.36 20.35
C LEU A 68 4.52 -2.79 21.61
N LEU A 69 5.45 -3.70 21.48
CA LEU A 69 6.17 -4.17 22.64
C LEU A 69 7.06 -3.06 23.24
N VAL A 70 7.84 -2.40 22.38
CA VAL A 70 8.81 -1.39 22.82
C VAL A 70 8.12 -0.09 23.32
N ALA A 71 7.02 0.28 22.70
CA ALA A 71 6.30 1.45 23.08
C ALA A 71 5.53 1.19 24.33
N LYS A 72 5.00 -0.03 24.47
CA LYS A 72 4.28 -0.40 25.67
C LYS A 72 5.20 -0.31 26.87
N GLU A 73 6.37 -0.96 26.77
CA GLU A 73 7.32 -0.96 27.87
C GLU A 73 7.81 0.47 28.15
N GLY A 74 8.12 1.21 27.10
CA GLY A 74 8.56 2.58 27.24
C GLY A 74 7.55 3.41 27.96
N ALA A 75 6.34 3.37 27.49
CA ALA A 75 5.30 4.19 28.05
C ALA A 75 4.99 3.82 29.51
N GLU A 76 5.06 2.54 29.82
CA GLU A 76 4.76 2.12 31.19
C GLU A 76 5.90 2.46 32.14
N LYS A 77 7.11 2.54 31.60
CA LYS A 77 8.25 2.93 32.39
C LYS A 77 8.37 4.44 32.54
N ILE A 78 8.15 5.16 31.47
CA ILE A 78 8.39 6.59 31.47
C ILE A 78 7.10 7.35 31.75
N LYS A 79 6.18 7.30 30.81
CA LYS A 79 4.93 8.04 30.94
C LYS A 79 3.92 7.61 29.88
N LYS A 80 2.66 7.67 30.22
CA LYS A 80 1.61 7.42 29.25
C LYS A 80 0.65 8.59 29.34
N LYS A 81 0.29 9.14 28.22
CA LYS A 81 -0.66 10.23 28.22
C LYS A 81 -2.04 9.66 27.96
N ARG A 82 -3.07 10.41 28.25
CA ARG A 82 -4.41 9.96 27.98
C ARG A 82 -5.31 11.21 27.88
N GLY B 1 -5.96 -15.11 4.28
CA GLY B 1 -5.69 -13.71 3.96
C GLY B 1 -6.96 -12.90 4.07
N SER B 2 -6.81 -11.61 4.14
CA SER B 2 -7.94 -10.71 4.28
C SER B 2 -8.62 -10.48 2.92
N GLU B 3 -9.71 -9.70 2.93
CA GLU B 3 -10.56 -9.42 1.77
C GLU B 3 -9.72 -8.95 0.57
N LEU B 4 -8.75 -8.11 0.85
CA LEU B 4 -7.83 -7.61 -0.17
C LEU B 4 -7.08 -8.74 -0.89
N ASN B 5 -6.66 -9.73 -0.13
CA ASN B 5 -5.83 -10.82 -0.60
C ASN B 5 -6.65 -11.76 -1.43
N GLU B 6 -7.77 -12.11 -0.88
CA GLU B 6 -8.65 -13.06 -1.50
C GLU B 6 -9.25 -12.50 -2.78
N LEU B 7 -9.59 -11.23 -2.77
CA LEU B 7 -10.10 -10.60 -3.95
C LEU B 7 -9.00 -10.27 -4.92
N ALA B 8 -7.78 -10.10 -4.42
CA ALA B 8 -6.63 -9.91 -5.30
C ALA B 8 -6.53 -11.10 -6.15
N GLU B 9 -6.56 -12.26 -5.52
CA GLU B 9 -6.45 -13.48 -6.20
C GLU B 9 -7.65 -13.77 -7.12
N PHE B 10 -8.81 -13.51 -6.64
CA PHE B 10 -10.03 -13.82 -7.37
C PHE B 10 -10.17 -12.90 -8.59
N ALA B 11 -9.87 -11.63 -8.39
CA ALA B 11 -10.01 -10.65 -9.44
C ALA B 11 -8.91 -10.78 -10.44
N ARG B 12 -7.71 -11.11 -9.98
CA ARG B 12 -6.58 -11.29 -10.88
C ARG B 12 -6.86 -12.48 -11.79
N LEU B 13 -7.44 -13.54 -11.21
CA LEU B 13 -7.80 -14.72 -11.97
C LEU B 13 -8.87 -14.36 -12.99
N GLN B 14 -9.87 -13.62 -12.56
CA GLN B 14 -10.94 -13.15 -13.42
C GLN B 14 -10.45 -12.23 -14.54
N ASP B 15 -9.68 -11.23 -14.15
CA ASP B 15 -9.13 -10.27 -15.10
C ASP B 15 -8.37 -10.97 -16.15
N GLN B 16 -7.47 -11.86 -15.76
CA GLN B 16 -6.65 -12.55 -16.73
C GLN B 16 -7.45 -13.59 -17.45
N LEU B 17 -8.52 -14.09 -16.82
CA LEU B 17 -9.35 -15.09 -17.44
C LEU B 17 -9.91 -14.51 -18.71
N ASP B 18 -10.16 -13.19 -18.69
CA ASP B 18 -10.55 -12.50 -19.94
C ASP B 18 -9.34 -11.85 -20.61
N HIS B 19 -8.55 -11.15 -19.85
CA HIS B 19 -7.45 -10.32 -20.34
C HIS B 19 -6.09 -10.99 -20.34
N ARG B 20 -6.05 -12.29 -20.38
CA ARG B 20 -4.74 -12.97 -20.43
C ARG B 20 -3.96 -12.63 -21.70
N GLY B 21 -4.68 -12.25 -22.74
CA GLY B 21 -4.06 -11.96 -23.99
C GLY B 21 -3.83 -13.23 -24.74
N ASP B 22 -2.73 -13.86 -24.45
CA ASP B 22 -2.42 -15.14 -25.03
C ASP B 22 -2.73 -16.18 -23.99
N HIS B 23 -3.90 -16.67 -24.04
CA HIS B 23 -4.33 -17.63 -23.07
C HIS B 23 -4.21 -19.02 -23.61
N GLY C 1 6.30 1.38 -39.15
CA GLY C 1 6.99 2.41 -38.39
C GLY C 1 7.41 1.85 -37.06
N SER C 2 8.17 2.62 -36.33
CA SER C 2 8.60 2.21 -35.02
C SER C 2 7.46 2.39 -34.04
N HIS C 3 6.88 1.28 -33.61
CA HIS C 3 5.79 1.32 -32.67
C HIS C 3 6.30 1.68 -31.30
N MET C 4 7.54 1.25 -31.03
CA MET C 4 8.20 1.46 -29.73
C MET C 4 7.42 0.74 -28.65
N ALA C 5 6.75 -0.32 -29.06
CA ALA C 5 5.89 -1.10 -28.22
C ALA C 5 6.68 -1.80 -27.13
N SER C 6 6.56 -1.28 -25.96
CA SER C 6 7.14 -1.81 -24.79
C SER C 6 6.19 -1.48 -23.68
N SER C 7 6.15 -2.26 -22.66
CA SER C 7 5.27 -2.02 -21.59
C SER C 7 5.81 -0.93 -20.68
N ARG C 8 5.58 0.34 -21.07
CA ARG C 8 6.05 1.50 -20.30
C ARG C 8 5.32 1.58 -18.97
N GLN C 9 4.24 0.82 -18.90
CA GLN C 9 3.32 0.72 -17.77
C GLN C 9 4.01 0.04 -16.60
N LYS C 10 5.17 -0.53 -16.88
CA LYS C 10 5.96 -1.26 -15.92
C LYS C 10 6.54 -0.33 -14.85
N TYR C 11 6.34 1.00 -15.00
CA TYR C 11 6.82 1.99 -14.04
C TYR C 11 6.30 1.68 -12.64
N ALA C 12 5.17 0.97 -12.62
CA ALA C 12 4.53 0.50 -11.42
C ALA C 12 5.50 -0.18 -10.50
N GLU C 13 6.30 -1.14 -11.03
CA GLU C 13 7.23 -1.94 -10.20
C GLU C 13 8.20 -1.04 -9.44
N GLU C 14 8.68 -0.04 -10.14
CA GLU C 14 9.59 0.92 -9.59
C GLU C 14 8.91 1.69 -8.47
N GLU C 15 7.76 2.25 -8.79
CA GLU C 15 7.01 3.06 -7.85
C GLU C 15 6.61 2.27 -6.62
N LEU C 16 6.06 1.09 -6.83
CA LEU C 16 5.56 0.28 -5.74
C LEU C 16 6.65 -0.22 -4.80
N GLU C 17 7.73 -0.73 -5.34
CA GLU C 17 8.76 -1.26 -4.47
C GLU C 17 9.54 -0.14 -3.80
N GLN C 18 9.77 0.94 -4.53
CA GLN C 18 10.49 2.05 -3.96
C GLN C 18 9.65 2.73 -2.92
N VAL C 19 8.34 2.80 -3.12
CA VAL C 19 7.50 3.43 -2.12
C VAL C 19 7.39 2.53 -0.89
N ARG C 20 7.41 1.21 -1.10
CA ARG C 20 7.42 0.24 -0.03
C ARG C 20 8.56 0.56 0.91
N GLU C 21 9.75 0.66 0.36
CA GLU C 21 10.90 0.95 1.18
C GLU C 21 10.92 2.40 1.66
N ALA C 22 10.54 3.33 0.79
CA ALA C 22 10.61 4.77 1.06
C ALA C 22 9.65 5.17 2.15
N LEU C 23 8.44 4.78 1.96
CA LEU C 23 7.38 5.11 2.82
C LEU C 23 7.47 4.35 4.14
N ARG C 24 7.85 3.05 4.11
CA ARG C 24 8.04 2.35 5.39
C ARG C 24 9.19 2.96 6.16
N LYS C 25 10.21 3.40 5.44
CA LYS C 25 11.37 4.05 6.02
C LYS C 25 10.93 5.32 6.72
N ALA C 26 10.13 6.11 6.00
CA ALA C 26 9.61 7.35 6.51
C ALA C 26 8.76 7.11 7.72
N GLU C 27 7.90 6.10 7.68
CA GLU C 27 7.06 5.75 8.81
C GLU C 27 7.90 5.51 10.05
N LYS C 28 8.87 4.61 9.94
CA LYS C 28 9.77 4.25 11.04
C LYS C 28 10.51 5.47 11.62
N GLU C 29 11.13 6.24 10.75
CA GLU C 29 11.88 7.38 11.21
C GLU C 29 10.95 8.44 11.79
N LEU C 30 9.76 8.53 11.25
CA LEU C 30 8.79 9.53 11.66
C LEU C 30 8.26 9.19 13.04
N GLU C 31 7.64 8.03 13.17
CA GLU C 31 7.14 7.54 14.49
C GLU C 31 8.24 7.65 15.56
N SER C 32 9.48 7.34 15.19
CA SER C 32 10.54 7.33 16.17
C SER C 32 10.99 8.77 16.51
N HIS C 33 10.99 9.62 15.53
CA HIS C 33 11.47 10.98 15.66
C HIS C 33 10.44 11.89 16.37
N SER C 34 9.15 11.59 16.22
CA SER C 34 8.04 12.45 16.73
C SER C 34 8.17 12.87 18.19
N SER C 35 8.91 12.11 18.99
CA SER C 35 9.08 12.41 20.39
C SER C 35 9.91 13.71 20.57
N TRP C 36 10.56 14.10 19.52
CA TRP C 36 11.43 15.26 19.52
C TRP C 36 10.67 16.51 19.08
N TYR C 37 9.44 16.36 18.64
CA TYR C 37 8.62 17.49 18.26
C TYR C 37 7.19 17.37 18.79
N ALA C 38 6.29 18.16 18.24
CA ALA C 38 4.91 18.18 18.65
C ALA C 38 4.11 17.06 17.94
N PRO C 39 3.04 16.56 18.60
CA PRO C 39 2.24 15.42 18.11
C PRO C 39 1.54 15.69 16.79
N GLU C 40 1.39 16.96 16.46
CA GLU C 40 0.73 17.42 15.25
C GLU C 40 1.32 16.79 13.99
N ALA C 41 2.64 16.63 13.98
CA ALA C 41 3.33 16.07 12.84
C ALA C 41 3.01 14.59 12.70
N LEU C 42 3.09 13.85 13.81
CA LEU C 42 2.76 12.43 13.81
C LEU C 42 1.32 12.24 13.45
N GLN C 43 0.48 13.09 14.00
CA GLN C 43 -0.93 13.00 13.80
C GLN C 43 -1.29 13.12 12.34
N LYS C 44 -0.73 14.10 11.65
CA LYS C 44 -0.99 14.24 10.23
C LYS C 44 -0.26 13.20 9.41
N TRP C 45 0.92 12.83 9.83
CA TRP C 45 1.65 11.75 9.19
C TRP C 45 0.84 10.44 9.20
N LEU C 46 0.37 10.04 10.38
CA LEU C 46 -0.42 8.83 10.48
C LEU C 46 -1.75 9.05 9.74
N GLN C 47 -2.28 10.26 9.81
CA GLN C 47 -3.51 10.63 9.11
C GLN C 47 -3.37 10.36 7.62
N LEU C 48 -2.28 10.83 7.05
CA LEU C 48 -2.05 10.67 5.62
C LEU C 48 -1.67 9.26 5.24
N THR C 49 -0.84 8.61 6.04
CA THR C 49 -0.45 7.25 5.75
C THR C 49 -1.65 6.33 5.77
N HIS C 50 -2.45 6.44 6.81
CA HIS C 50 -3.61 5.60 6.98
C HIS C 50 -4.66 5.93 5.95
N GLU C 51 -4.84 7.22 5.68
CA GLU C 51 -5.79 7.67 4.68
C GLU C 51 -5.47 7.06 3.34
N VAL C 52 -4.23 7.19 2.92
CA VAL C 52 -3.82 6.71 1.61
C VAL C 52 -3.83 5.21 1.51
N GLU C 53 -3.49 4.57 2.60
CA GLU C 53 -3.48 3.14 2.64
C GLU C 53 -4.93 2.62 2.44
N VAL C 54 -5.85 3.21 3.19
CA VAL C 54 -7.26 2.87 3.05
C VAL C 54 -7.79 3.35 1.68
N GLN C 55 -7.27 4.47 1.18
CA GLN C 55 -7.66 4.97 -0.13
C GLN C 55 -7.26 4.02 -1.23
N TYR C 56 -5.96 3.63 -1.33
CA TYR C 56 -5.54 2.71 -2.39
C TYR C 56 -6.40 1.45 -2.29
N TYR C 57 -6.64 1.01 -1.04
CA TYR C 57 -7.45 -0.15 -0.74
C TYR C 57 -8.83 0.00 -1.35
N ASN C 58 -9.45 1.10 -1.02
CA ASN C 58 -10.78 1.43 -1.46
C ASN C 58 -10.85 1.52 -2.98
N ILE C 59 -9.84 2.14 -3.57
CA ILE C 59 -9.75 2.33 -5.01
C ILE C 59 -9.75 1.01 -5.73
N LYS C 60 -8.86 0.13 -5.31
CA LYS C 60 -8.82 -1.17 -5.91
C LYS C 60 -10.03 -1.98 -5.55
N LYS C 61 -10.63 -1.73 -4.40
CA LYS C 61 -11.90 -2.37 -4.04
C LYS C 61 -12.98 -2.03 -5.04
N GLN C 62 -13.12 -0.75 -5.34
CA GLN C 62 -14.10 -0.29 -6.33
C GLN C 62 -13.79 -0.89 -7.69
N ASN C 63 -12.53 -0.76 -8.11
CA ASN C 63 -12.11 -1.27 -9.40
C ASN C 63 -12.31 -2.75 -9.45
N ALA C 64 -11.87 -3.46 -8.40
CA ALA C 64 -11.98 -4.92 -8.34
C ALA C 64 -13.41 -5.41 -8.49
N GLU C 65 -14.36 -4.82 -7.77
CA GLU C 65 -15.77 -5.23 -7.89
C GLU C 65 -16.27 -4.98 -9.32
N LYS C 66 -15.96 -3.78 -9.84
CA LYS C 66 -16.33 -3.40 -11.19
C LYS C 66 -15.74 -4.40 -12.20
N GLN C 67 -14.47 -4.67 -12.02
CA GLN C 67 -13.67 -5.52 -12.79
C GLN C 67 -14.19 -6.96 -12.73
N LEU C 68 -14.49 -7.43 -11.54
CA LEU C 68 -15.06 -8.76 -11.35
C LEU C 68 -16.32 -8.93 -12.15
N LEU C 69 -17.17 -7.93 -12.10
CA LEU C 69 -18.42 -7.98 -12.82
C LEU C 69 -18.20 -7.95 -14.35
N VAL C 70 -17.37 -7.01 -14.80
CA VAL C 70 -17.15 -6.82 -16.24
C VAL C 70 -16.32 -7.97 -16.85
N ALA C 71 -15.38 -8.49 -16.08
CA ALA C 71 -14.55 -9.60 -16.53
C ALA C 71 -15.35 -10.88 -16.51
N LYS C 72 -16.26 -11.02 -15.53
CA LYS C 72 -17.10 -12.19 -15.48
C LYS C 72 -17.96 -12.25 -16.71
N GLU C 73 -18.66 -11.15 -17.00
CA GLU C 73 -19.53 -11.11 -18.14
C GLU C 73 -18.75 -11.25 -19.45
N GLY C 74 -17.62 -10.56 -19.54
CA GLY C 74 -16.74 -10.66 -20.69
C GLY C 74 -16.34 -12.07 -20.96
N ALA C 75 -15.83 -12.71 -19.96
CA ALA C 75 -15.32 -14.05 -20.11
C ALA C 75 -16.42 -15.06 -20.41
N GLU C 76 -17.61 -14.86 -19.85
CA GLU C 76 -18.69 -15.81 -20.11
C GLU C 76 -19.23 -15.62 -21.53
N LYS C 77 -19.15 -14.40 -22.02
CA LYS C 77 -19.58 -14.11 -23.36
C LYS C 77 -18.55 -14.50 -24.41
N ILE C 78 -17.31 -14.19 -24.16
CA ILE C 78 -16.30 -14.39 -25.16
C ILE C 78 -15.62 -15.73 -25.00
N LYS C 79 -14.86 -15.87 -23.92
CA LYS C 79 -14.09 -17.09 -23.67
C LYS C 79 -13.55 -17.08 -22.25
N LYS C 80 -13.35 -18.23 -21.67
CA LYS C 80 -12.71 -18.33 -20.39
C LYS C 80 -11.67 -19.39 -20.52
N LYS C 81 -10.45 -19.07 -20.21
CA LYS C 81 -9.42 -20.07 -20.27
C LYS C 81 -9.37 -20.75 -18.94
N ARG C 82 -8.88 -21.95 -18.92
CA ARG C 82 -8.70 -22.63 -17.69
C ARG C 82 -7.53 -23.56 -17.92
N GLY D 1 -12.50 -3.51 10.30
CA GLY D 1 -11.16 -3.31 9.79
C GLY D 1 -10.32 -4.52 10.05
N SER D 2 -9.40 -4.81 9.15
CA SER D 2 -8.57 -5.99 9.28
C SER D 2 -7.42 -5.74 10.27
N GLU D 3 -6.57 -6.76 10.45
CA GLU D 3 -5.46 -6.78 11.40
C GLU D 3 -4.54 -5.55 11.23
N LEU D 4 -4.33 -5.15 10.00
CA LEU D 4 -3.53 -3.99 9.68
C LEU D 4 -4.14 -2.70 10.26
N ASN D 5 -5.46 -2.59 10.17
CA ASN D 5 -6.23 -1.41 10.58
C ASN D 5 -6.25 -1.30 12.06
N GLU D 6 -6.57 -2.39 12.68
CA GLU D 6 -6.70 -2.44 14.11
C GLU D 6 -5.35 -2.24 14.78
N LEU D 7 -4.31 -2.82 14.21
CA LEU D 7 -2.99 -2.64 14.75
C LEU D 7 -2.42 -1.31 14.36
N ALA D 8 -2.91 -0.72 13.27
CA ALA D 8 -2.51 0.63 12.90
C ALA D 8 -2.93 1.53 13.97
N GLU D 9 -4.16 1.41 14.38
CA GLU D 9 -4.69 2.24 15.38
C GLU D 9 -4.04 1.97 16.74
N PHE D 10 -3.89 0.74 17.07
CA PHE D 10 -3.37 0.36 18.37
C PHE D 10 -1.89 0.75 18.50
N ALA D 11 -1.12 0.54 17.44
CA ALA D 11 0.29 0.84 17.46
C ALA D 11 0.54 2.31 17.36
N ARG D 12 -0.29 3.01 16.58
CA ARG D 12 -0.14 4.45 16.47
C ARG D 12 -0.43 5.09 17.82
N LEU D 13 -1.45 4.57 18.53
CA LEU D 13 -1.79 5.05 19.86
C LEU D 13 -0.64 4.79 20.81
N GLN D 14 -0.12 3.58 20.77
CA GLN D 14 1.01 3.18 21.60
C GLN D 14 2.27 4.00 21.31
N ASP D 15 2.63 4.08 20.03
CA ASP D 15 3.81 4.82 19.62
C ASP D 15 3.73 6.22 20.10
N GLN D 16 2.59 6.87 19.89
CA GLN D 16 2.46 8.25 20.28
C GLN D 16 2.28 8.38 21.77
N LEU D 17 1.76 7.33 22.41
CA LEU D 17 1.59 7.34 23.83
C LEU D 17 2.95 7.55 24.48
N ASP D 18 3.98 7.00 23.82
CA ASP D 18 5.35 7.28 24.26
C ASP D 18 5.98 8.44 23.49
N HIS D 19 5.86 8.41 22.19
CA HIS D 19 6.52 9.35 21.28
C HIS D 19 5.68 10.54 20.86
N ARG D 20 4.71 10.91 21.64
CA ARG D 20 3.90 12.09 21.29
C ARG D 20 4.74 13.36 21.24
N GLY D 21 5.83 13.38 21.97
CA GLY D 21 6.68 14.53 22.00
C GLY D 21 6.19 15.52 22.98
N ASP D 22 5.17 16.23 22.59
CA ASP D 22 4.53 17.19 23.43
C ASP D 22 3.12 16.68 23.71
N HIS D 23 3.02 15.88 24.72
CA HIS D 23 1.78 15.21 25.03
C HIS D 23 0.89 15.99 25.94
N GLY A 1 15.49 14.70 22.39
CA GLY A 1 15.42 15.16 21.01
C GLY A 1 14.95 16.57 20.95
N SER A 2 15.21 17.25 19.86
CA SER A 2 14.79 18.61 19.71
C SER A 2 13.31 18.66 19.38
N HIS A 3 12.59 19.56 20.01
CA HIS A 3 11.14 19.66 19.84
C HIS A 3 10.77 20.28 18.52
N MET A 4 11.75 20.71 17.81
CA MET A 4 11.58 21.20 16.47
C MET A 4 12.55 20.46 15.60
N ALA A 5 12.12 20.10 14.44
CA ALA A 5 12.95 19.42 13.49
C ALA A 5 12.48 19.77 12.12
N SER A 6 13.37 19.80 11.18
CA SER A 6 13.04 20.12 9.83
C SER A 6 12.33 18.92 9.20
N SER A 7 11.11 19.12 8.77
CA SER A 7 10.31 18.06 8.21
C SER A 7 10.80 17.66 6.80
N ARG A 8 11.75 16.77 6.77
CA ARG A 8 12.27 16.20 5.52
C ARG A 8 11.75 14.79 5.39
N GLN A 9 11.51 14.19 6.53
CA GLN A 9 11.01 12.82 6.66
C GLN A 9 9.53 12.76 6.29
N LYS A 10 8.96 13.92 6.00
CA LYS A 10 7.56 14.04 5.66
C LYS A 10 7.30 13.62 4.21
N TYR A 11 8.39 13.32 3.46
CA TYR A 11 8.34 12.98 2.03
C TYR A 11 7.35 11.87 1.74
N ALA A 12 7.08 11.07 2.77
CA ALA A 12 6.14 9.99 2.72
C ALA A 12 4.82 10.43 2.11
N GLU A 13 4.34 11.63 2.47
CA GLU A 13 3.05 12.14 1.97
C GLU A 13 3.06 12.23 0.44
N GLU A 14 4.18 12.69 -0.11
CA GLU A 14 4.33 12.84 -1.53
C GLU A 14 4.37 11.48 -2.17
N GLU A 15 5.23 10.65 -1.64
CA GLU A 15 5.45 9.31 -2.15
C GLU A 15 4.16 8.51 -2.16
N LEU A 16 3.46 8.48 -1.03
CA LEU A 16 2.26 7.69 -0.94
C LEU A 16 1.09 8.20 -1.76
N GLU A 17 0.85 9.51 -1.77
CA GLU A 17 -0.20 10.10 -2.59
C GLU A 17 0.03 9.75 -4.07
N GLN A 18 1.25 10.02 -4.50
CA GLN A 18 1.63 9.80 -5.87
C GLN A 18 1.52 8.34 -6.21
N VAL A 19 2.03 7.47 -5.37
CA VAL A 19 2.01 6.06 -5.66
C VAL A 19 0.57 5.50 -5.64
N ARG A 20 -0.30 6.06 -4.79
CA ARG A 20 -1.70 5.64 -4.77
C ARG A 20 -2.27 5.85 -6.14
N GLU A 21 -2.14 7.07 -6.63
CA GLU A 21 -2.71 7.35 -7.92
C GLU A 21 -1.94 6.72 -9.07
N ALA A 22 -0.62 6.76 -8.99
CA ALA A 22 0.26 6.27 -10.07
C ALA A 22 0.15 4.79 -10.24
N LEU A 23 0.32 4.10 -9.16
CA LEU A 23 0.35 2.68 -9.17
C LEU A 23 -1.04 2.08 -9.31
N ARG A 24 -2.06 2.68 -8.70
CA ARG A 24 -3.40 2.11 -8.87
C ARG A 24 -3.92 2.38 -10.28
N LYS A 25 -3.48 3.51 -10.87
CA LYS A 25 -3.78 3.80 -12.24
C LYS A 25 -3.05 2.79 -13.12
N ALA A 26 -1.79 2.52 -12.78
CA ALA A 26 -1.00 1.54 -13.50
C ALA A 26 -1.68 0.21 -13.47
N GLU A 27 -2.19 -0.16 -12.31
CA GLU A 27 -2.92 -1.39 -12.16
C GLU A 27 -4.09 -1.46 -13.09
N LYS A 28 -4.97 -0.46 -13.05
CA LYS A 28 -6.16 -0.48 -13.90
C LYS A 28 -5.79 -0.43 -15.40
N GLU A 29 -4.78 0.35 -15.75
CA GLU A 29 -4.37 0.45 -17.13
C GLU A 29 -3.67 -0.83 -17.58
N LEU A 30 -2.98 -1.46 -16.65
CA LEU A 30 -2.29 -2.72 -16.92
C LEU A 30 -3.33 -3.80 -17.17
N GLU A 31 -4.21 -4.05 -16.20
CA GLU A 31 -5.35 -5.00 -16.42
C GLU A 31 -6.24 -4.58 -17.65
N SER A 32 -6.16 -3.33 -18.09
CA SER A 32 -6.80 -2.99 -19.35
C SER A 32 -5.93 -3.48 -20.55
N HIS A 33 -4.63 -3.20 -20.46
CA HIS A 33 -3.62 -3.56 -21.44
C HIS A 33 -3.42 -5.06 -21.60
N SER A 34 -3.64 -5.83 -20.55
CA SER A 34 -3.44 -7.28 -20.55
C SER A 34 -4.17 -7.96 -21.74
N SER A 35 -5.29 -7.37 -22.16
CA SER A 35 -6.10 -7.87 -23.27
C SER A 35 -5.32 -7.80 -24.59
N TRP A 36 -4.29 -7.04 -24.59
CA TRP A 36 -3.49 -6.80 -25.75
C TRP A 36 -2.37 -7.84 -25.83
N TYR A 37 -1.56 -7.88 -24.81
CA TYR A 37 -0.35 -8.68 -24.82
C TYR A 37 -0.45 -9.97 -23.99
N ALA A 38 0.67 -10.64 -23.82
CA ALA A 38 0.73 -11.92 -23.14
C ALA A 38 0.29 -11.83 -21.67
N PRO A 39 -0.41 -12.87 -21.18
CA PRO A 39 -0.95 -12.89 -19.82
C PRO A 39 0.17 -13.01 -18.77
N GLU A 40 1.35 -13.33 -19.25
CA GLU A 40 2.52 -13.49 -18.42
C GLU A 40 2.98 -12.13 -17.89
N ALA A 41 2.66 -11.06 -18.62
CA ALA A 41 3.01 -9.72 -18.19
C ALA A 41 2.12 -9.32 -17.04
N LEU A 42 0.83 -9.66 -17.15
CA LEU A 42 -0.14 -9.45 -16.07
C LEU A 42 0.29 -10.26 -14.89
N GLN A 43 0.71 -11.48 -15.16
CA GLN A 43 1.15 -12.39 -14.16
C GLN A 43 2.28 -11.77 -13.35
N LYS A 44 3.29 -11.24 -14.03
CA LYS A 44 4.40 -10.55 -13.38
C LYS A 44 3.89 -9.34 -12.62
N TRP A 45 3.12 -8.50 -13.30
CA TRP A 45 2.55 -7.29 -12.72
C TRP A 45 1.78 -7.55 -11.44
N LEU A 46 0.84 -8.47 -11.49
CA LEU A 46 0.04 -8.81 -10.34
C LEU A 46 0.93 -9.42 -9.26
N GLN A 47 1.88 -10.23 -9.68
CA GLN A 47 2.77 -10.86 -8.75
C GLN A 47 3.61 -9.79 -8.03
N LEU A 48 4.04 -8.80 -8.79
CA LEU A 48 4.82 -7.68 -8.28
C LEU A 48 3.99 -6.82 -7.34
N THR A 49 2.81 -6.42 -7.80
CA THR A 49 1.94 -5.56 -7.02
C THR A 49 1.57 -6.19 -5.69
N HIS A 50 1.15 -7.44 -5.76
CA HIS A 50 0.73 -8.15 -4.58
C HIS A 50 1.91 -8.47 -3.68
N GLU A 51 3.06 -8.76 -4.28
CA GLU A 51 4.26 -9.04 -3.51
C GLU A 51 4.60 -7.84 -2.64
N VAL A 52 4.63 -6.67 -3.25
CA VAL A 52 5.04 -5.49 -2.53
C VAL A 52 3.98 -5.04 -1.54
N GLU A 53 2.75 -5.26 -1.89
CA GLU A 53 1.62 -4.94 -1.06
C GLU A 53 1.72 -5.77 0.25
N VAL A 54 1.89 -7.07 0.11
CA VAL A 54 2.07 -7.95 1.24
C VAL A 54 3.38 -7.62 1.98
N GLN A 55 4.42 -7.23 1.23
CA GLN A 55 5.68 -6.84 1.83
C GLN A 55 5.53 -5.66 2.75
N TYR A 56 4.99 -4.51 2.26
CA TYR A 56 4.83 -3.35 3.11
C TYR A 56 4.00 -3.71 4.33
N TYR A 57 2.97 -4.55 4.08
CA TYR A 57 2.06 -5.02 5.11
C TYR A 57 2.82 -5.70 6.21
N ASN A 58 3.59 -6.68 5.83
CA ASN A 58 4.35 -7.50 6.74
C ASN A 58 5.35 -6.63 7.51
N ILE A 59 5.96 -5.70 6.79
CA ILE A 59 6.92 -4.77 7.35
C ILE A 59 6.28 -3.92 8.44
N LYS A 60 5.17 -3.30 8.13
CA LYS A 60 4.51 -2.51 9.14
C LYS A 60 3.95 -3.34 10.25
N LYS A 61 3.60 -4.59 9.99
CA LYS A 61 3.24 -5.49 11.06
C LYS A 61 4.40 -5.66 12.01
N GLN A 62 5.60 -5.84 11.44
CA GLN A 62 6.81 -5.94 12.22
C GLN A 62 7.04 -4.63 12.97
N ASN A 63 7.04 -3.51 12.23
CA ASN A 63 7.27 -2.18 12.78
C ASN A 63 6.30 -1.86 13.91
N ALA A 64 5.03 -2.08 13.64
CA ALA A 64 3.97 -1.76 14.56
C ALA A 64 4.05 -2.59 15.81
N GLU A 65 4.18 -3.90 15.67
CA GLU A 65 4.25 -4.77 16.83
C GLU A 65 5.55 -4.53 17.63
N LYS A 66 6.64 -4.24 16.90
CA LYS A 66 7.90 -3.92 17.53
C LYS A 66 7.76 -2.66 18.36
N GLN A 67 7.14 -1.66 17.75
CA GLN A 67 7.00 -0.41 18.41
C GLN A 67 5.95 -0.46 19.50
N LEU A 68 4.89 -1.26 19.29
CA LEU A 68 3.89 -1.50 20.33
C LEU A 68 4.57 -1.99 21.58
N LEU A 69 5.47 -2.94 21.41
CA LEU A 69 6.19 -3.49 22.53
C LEU A 69 7.11 -2.45 23.18
N VAL A 70 7.90 -1.75 22.37
CA VAL A 70 8.90 -0.82 22.90
C VAL A 70 8.24 0.42 23.52
N ALA A 71 7.16 0.86 22.92
CA ALA A 71 6.45 2.03 23.40
C ALA A 71 5.63 1.69 24.61
N LYS A 72 5.07 0.48 24.65
CA LYS A 72 4.29 0.04 25.80
C LYS A 72 5.19 0.01 27.02
N GLU A 73 6.35 -0.65 26.86
CA GLU A 73 7.32 -0.76 27.93
C GLU A 73 7.79 0.61 28.36
N GLY A 74 8.14 1.44 27.39
CA GLY A 74 8.58 2.80 27.65
C GLY A 74 7.55 3.61 28.42
N ALA A 75 6.35 3.62 27.92
CA ALA A 75 5.25 4.36 28.52
C ALA A 75 4.98 3.92 29.95
N GLU A 76 4.98 2.62 30.20
CA GLU A 76 4.69 2.10 31.54
C GLU A 76 5.86 2.34 32.48
N LYS A 77 7.04 2.40 31.89
CA LYS A 77 8.26 2.71 32.58
C LYS A 77 8.18 4.13 33.15
N ILE A 78 7.82 5.06 32.30
CA ILE A 78 7.82 6.46 32.68
C ILE A 78 6.50 6.84 33.33
N LYS A 79 5.47 6.83 32.51
CA LYS A 79 4.12 7.23 32.84
C LYS A 79 3.37 7.38 31.52
N LYS A 80 2.40 6.53 31.29
CA LYS A 80 1.63 6.60 30.07
C LYS A 80 0.82 7.87 30.03
N LYS A 81 0.61 8.37 28.86
CA LYS A 81 0.03 9.68 28.69
C LYS A 81 -1.01 9.64 27.58
N ARG A 82 -1.37 10.79 27.06
CA ARG A 82 -2.30 10.90 25.97
C ARG A 82 -2.04 12.17 25.22
N GLY B 1 -4.96 -15.75 3.59
CA GLY B 1 -4.79 -14.49 2.89
C GLY B 1 -5.97 -13.60 3.10
N SER B 2 -5.73 -12.32 3.26
CA SER B 2 -6.80 -11.37 3.51
C SER B 2 -7.62 -11.08 2.23
N GLU B 3 -8.62 -10.21 2.35
CA GLU B 3 -9.58 -9.87 1.28
C GLU B 3 -8.85 -9.38 0.01
N LEU B 4 -7.76 -8.67 0.22
CA LEU B 4 -6.94 -8.16 -0.87
C LEU B 4 -6.29 -9.30 -1.64
N ASN B 5 -5.87 -10.32 -0.91
CA ASN B 5 -5.10 -11.44 -1.42
C ASN B 5 -6.00 -12.33 -2.21
N GLU B 6 -7.12 -12.61 -1.61
CA GLU B 6 -8.07 -13.49 -2.21
C GLU B 6 -8.62 -12.88 -3.48
N LEU B 7 -9.00 -11.61 -3.41
CA LEU B 7 -9.49 -10.92 -4.58
C LEU B 7 -8.41 -10.65 -5.56
N ALA B 8 -7.16 -10.62 -5.10
CA ALA B 8 -6.04 -10.46 -6.01
C ALA B 8 -5.99 -11.62 -6.91
N GLU B 9 -6.06 -12.81 -6.34
CA GLU B 9 -6.00 -14.00 -7.10
C GLU B 9 -7.23 -14.16 -8.00
N PHE B 10 -8.36 -13.86 -7.45
CA PHE B 10 -9.61 -14.00 -8.17
C PHE B 10 -9.74 -12.99 -9.31
N ALA B 11 -9.39 -11.76 -9.05
CA ALA B 11 -9.49 -10.71 -10.05
C ALA B 11 -8.45 -10.87 -11.11
N ARG B 12 -7.25 -11.32 -10.73
CA ARG B 12 -6.20 -11.54 -11.72
C ARG B 12 -6.60 -12.66 -12.67
N LEU B 13 -7.16 -13.74 -12.10
CA LEU B 13 -7.64 -14.85 -12.89
C LEU B 13 -8.78 -14.40 -13.79
N GLN B 14 -9.75 -13.73 -13.22
CA GLN B 14 -10.88 -13.23 -13.97
C GLN B 14 -10.50 -12.27 -15.07
N ASP B 15 -9.65 -11.30 -14.72
CA ASP B 15 -9.20 -10.32 -15.68
C ASP B 15 -8.59 -11.00 -16.84
N GLN B 16 -7.64 -11.89 -16.60
CA GLN B 16 -7.01 -12.58 -17.71
C GLN B 16 -7.97 -13.57 -18.38
N LEU B 17 -8.95 -14.06 -17.65
CA LEU B 17 -9.94 -14.95 -18.24
C LEU B 17 -10.65 -14.24 -19.37
N ASP B 18 -10.82 -12.93 -19.23
CA ASP B 18 -11.35 -12.15 -20.35
C ASP B 18 -10.22 -11.50 -21.18
N HIS B 19 -9.31 -10.89 -20.47
CA HIS B 19 -8.22 -10.09 -21.01
C HIS B 19 -6.89 -10.82 -21.07
N ARG B 20 -6.91 -12.11 -21.29
CA ARG B 20 -5.66 -12.90 -21.38
C ARG B 20 -4.66 -12.35 -22.41
N GLY B 21 -5.16 -11.68 -23.44
CA GLY B 21 -4.30 -11.11 -24.44
C GLY B 21 -3.78 -12.14 -25.41
N ASP B 22 -2.74 -12.81 -25.02
CA ASP B 22 -2.13 -13.84 -25.83
C ASP B 22 -2.74 -15.14 -25.36
N HIS B 23 -3.81 -15.49 -25.97
CA HIS B 23 -4.52 -16.67 -25.59
C HIS B 23 -4.49 -17.71 -26.68
N GLY C 1 -6.31 -5.63 -29.63
CA GLY C 1 -5.12 -4.88 -29.29
C GLY C 1 -3.91 -5.52 -29.90
N SER C 2 -2.79 -4.84 -29.90
CA SER C 2 -1.58 -5.40 -30.40
C SER C 2 -1.03 -6.37 -29.35
N HIS C 3 -0.57 -7.52 -29.79
CA HIS C 3 -0.09 -8.54 -28.86
C HIS C 3 1.28 -8.22 -28.31
N MET C 4 1.82 -7.13 -28.77
CA MET C 4 3.04 -6.59 -28.26
C MET C 4 2.79 -5.12 -27.95
N ALA C 5 3.38 -4.66 -26.91
CA ALA C 5 3.24 -3.29 -26.51
C ALA C 5 4.49 -2.91 -25.78
N SER C 6 4.81 -1.66 -25.79
CA SER C 6 5.97 -1.20 -25.11
C SER C 6 5.63 -1.01 -23.64
N SER C 7 6.28 -1.77 -22.80
CA SER C 7 6.02 -1.76 -21.38
C SER C 7 6.46 -0.46 -20.70
N ARG C 8 5.65 0.55 -20.83
CA ARG C 8 5.86 1.82 -20.15
C ARG C 8 5.01 1.86 -18.92
N GLN C 9 3.88 1.17 -18.99
CA GLN C 9 2.89 1.09 -17.91
C GLN C 9 3.38 0.17 -16.79
N LYS C 10 4.56 -0.37 -16.97
CA LYS C 10 5.15 -1.26 -16.00
C LYS C 10 5.80 -0.47 -14.86
N TYR C 11 5.78 0.88 -14.97
CA TYR C 11 6.42 1.82 -14.02
C TYR C 11 6.01 1.54 -12.59
N ALA C 12 4.84 0.91 -12.44
CA ALA C 12 4.29 0.51 -11.18
C ALA C 12 5.32 -0.22 -10.34
N GLU C 13 6.12 -1.11 -10.97
CA GLU C 13 7.11 -1.92 -10.25
C GLU C 13 8.13 -1.02 -9.53
N GLU C 14 8.60 -0.01 -10.24
CA GLU C 14 9.57 0.91 -9.72
C GLU C 14 8.95 1.68 -8.58
N GLU C 15 7.77 2.21 -8.85
CA GLU C 15 7.07 3.04 -7.89
C GLU C 15 6.75 2.28 -6.60
N LEU C 16 6.19 1.09 -6.74
CA LEU C 16 5.82 0.33 -5.55
C LEU C 16 6.99 -0.19 -4.73
N GLU C 17 8.02 -0.67 -5.38
CA GLU C 17 9.24 -1.09 -4.69
C GLU C 17 9.79 0.05 -3.87
N GLN C 18 9.96 1.16 -4.56
CA GLN C 18 10.52 2.33 -3.98
C GLN C 18 9.69 2.80 -2.84
N VAL C 19 8.39 2.90 -3.05
CA VAL C 19 7.52 3.41 -2.02
C VAL C 19 7.44 2.45 -0.82
N ARG C 20 7.56 1.13 -1.06
CA ARG C 20 7.58 0.18 0.05
C ARG C 20 8.73 0.51 0.95
N GLU C 21 9.90 0.61 0.38
CA GLU C 21 11.07 0.88 1.20
C GLU C 21 11.12 2.33 1.70
N ALA C 22 10.76 3.27 0.84
CA ALA C 22 10.84 4.69 1.13
C ALA C 22 9.86 5.10 2.20
N LEU C 23 8.64 4.76 1.96
CA LEU C 23 7.57 5.12 2.82
C LEU C 23 7.54 4.30 4.10
N ARG C 24 7.90 3.03 4.05
CA ARG C 24 7.92 2.25 5.29
C ARG C 24 9.09 2.70 6.14
N LYS C 25 10.16 3.15 5.49
CA LYS C 25 11.28 3.71 6.18
C LYS C 25 10.83 5.00 6.81
N ALA C 26 10.10 5.81 6.04
CA ALA C 26 9.57 7.07 6.53
C ALA C 26 8.71 6.85 7.74
N GLU C 27 7.86 5.84 7.68
CA GLU C 27 7.02 5.49 8.79
C GLU C 27 7.84 5.19 10.05
N LYS C 28 8.79 4.27 9.94
CA LYS C 28 9.61 3.91 11.11
C LYS C 28 10.47 5.08 11.60
N GLU C 29 11.02 5.85 10.69
CA GLU C 29 11.86 6.97 11.07
C GLU C 29 11.00 8.08 11.65
N LEU C 30 9.79 8.21 11.17
CA LEU C 30 8.86 9.21 11.64
C LEU C 30 8.47 8.86 13.07
N GLU C 31 7.88 7.69 13.28
CA GLU C 31 7.60 7.19 14.66
C GLU C 31 8.90 7.19 15.58
N SER C 32 10.08 7.18 14.97
CA SER C 32 11.27 7.36 15.79
C SER C 32 11.46 8.86 16.15
N HIS C 33 11.21 9.70 15.18
CA HIS C 33 11.32 11.15 15.27
C HIS C 33 10.24 11.80 16.13
N SER C 34 9.06 11.19 16.20
CA SER C 34 7.93 11.71 16.98
C SER C 34 8.33 12.04 18.42
N SER C 35 9.30 11.29 18.95
CA SER C 35 9.83 11.45 20.30
C SER C 35 10.52 12.81 20.48
N TRP C 36 10.81 13.43 19.39
CA TRP C 36 11.50 14.69 19.38
C TRP C 36 10.50 15.83 19.40
N TYR C 37 9.62 15.84 18.43
CA TYR C 37 8.73 16.96 18.20
C TYR C 37 7.28 16.70 18.61
N ALA C 38 6.40 17.63 18.26
CA ALA C 38 5.00 17.57 18.63
C ALA C 38 4.28 16.37 18.05
N PRO C 39 3.37 15.74 18.84
CA PRO C 39 2.64 14.53 18.44
C PRO C 39 1.67 14.80 17.30
N GLU C 40 1.39 16.07 17.06
CA GLU C 40 0.49 16.49 16.01
C GLU C 40 1.09 16.18 14.63
N ALA C 41 2.42 16.07 14.57
CA ALA C 41 3.09 15.72 13.33
C ALA C 41 2.88 14.24 13.05
N LEU C 42 3.00 13.43 14.11
CA LEU C 42 2.72 11.99 14.02
C LEU C 42 1.28 11.80 13.67
N GLN C 43 0.45 12.61 14.26
CA GLN C 43 -0.97 12.56 14.05
C GLN C 43 -1.27 12.76 12.57
N LYS C 44 -0.69 13.80 11.97
CA LYS C 44 -0.85 14.05 10.55
C LYS C 44 -0.25 12.92 9.74
N TRP C 45 0.98 12.55 10.06
CA TRP C 45 1.68 11.47 9.38
C TRP C 45 0.87 10.16 9.37
N LEU C 46 0.42 9.73 10.53
CA LEU C 46 -0.34 8.51 10.63
C LEU C 46 -1.68 8.69 9.91
N GLN C 47 -2.27 9.88 10.02
CA GLN C 47 -3.52 10.15 9.36
C GLN C 47 -3.34 10.01 7.84
N LEU C 48 -2.25 10.59 7.35
CA LEU C 48 -1.89 10.56 5.93
C LEU C 48 -1.60 9.16 5.44
N THR C 49 -0.73 8.45 6.16
CA THR C 49 -0.33 7.11 5.78
C THR C 49 -1.51 6.18 5.70
N HIS C 50 -2.32 6.20 6.74
CA HIS C 50 -3.47 5.34 6.84
C HIS C 50 -4.52 5.75 5.83
N GLU C 51 -4.65 7.05 5.62
CA GLU C 51 -5.64 7.58 4.70
C GLU C 51 -5.37 7.05 3.31
N VAL C 52 -4.14 7.15 2.89
CA VAL C 52 -3.77 6.75 1.55
C VAL C 52 -3.78 5.23 1.41
N GLU C 53 -3.43 4.57 2.47
CA GLU C 53 -3.42 3.14 2.51
C GLU C 53 -4.86 2.61 2.29
N VAL C 54 -5.79 3.16 3.05
CA VAL C 54 -7.18 2.79 2.90
C VAL C 54 -7.72 3.29 1.54
N GLN C 55 -7.22 4.43 1.06
CA GLN C 55 -7.61 4.94 -0.25
C GLN C 55 -7.26 3.97 -1.35
N TYR C 56 -5.97 3.58 -1.46
CA TYR C 56 -5.58 2.66 -2.51
C TYR C 56 -6.40 1.38 -2.39
N TYR C 57 -6.61 0.95 -1.14
CA TYR C 57 -7.37 -0.25 -0.81
C TYR C 57 -8.75 -0.19 -1.40
N ASN C 58 -9.43 0.87 -1.06
CA ASN C 58 -10.80 1.11 -1.47
C ASN C 58 -10.86 1.18 -3.01
N ILE C 59 -9.87 1.85 -3.58
CA ILE C 59 -9.76 2.01 -5.03
C ILE C 59 -9.63 0.67 -5.71
N LYS C 60 -8.71 -0.16 -5.26
CA LYS C 60 -8.57 -1.45 -5.86
C LYS C 60 -9.74 -2.35 -5.58
N LYS C 61 -10.41 -2.15 -4.46
CA LYS C 61 -11.67 -2.86 -4.22
C LYS C 61 -12.66 -2.52 -5.31
N GLN C 62 -12.75 -1.25 -5.63
CA GLN C 62 -13.60 -0.78 -6.70
C GLN C 62 -13.13 -1.36 -8.04
N ASN C 63 -11.82 -1.20 -8.34
CA ASN C 63 -11.22 -1.70 -9.61
C ASN C 63 -11.45 -3.17 -9.78
N ALA C 64 -11.13 -3.92 -8.74
CA ALA C 64 -11.21 -5.36 -8.75
C ALA C 64 -12.61 -5.85 -8.93
N GLU C 65 -13.54 -5.34 -8.14
CA GLU C 65 -14.93 -5.77 -8.26
C GLU C 65 -15.53 -5.33 -9.60
N LYS C 66 -15.13 -4.15 -10.07
CA LYS C 66 -15.54 -3.64 -11.36
C LYS C 66 -15.09 -4.58 -12.44
N GLN C 67 -13.80 -4.92 -12.38
CA GLN C 67 -13.25 -5.75 -13.37
C GLN C 67 -13.69 -7.19 -13.25
N LEU C 68 -13.93 -7.66 -12.02
CA LEU C 68 -14.51 -8.98 -11.80
C LEU C 68 -15.80 -9.11 -12.56
N LEU C 69 -16.67 -8.11 -12.41
CA LEU C 69 -17.94 -8.12 -13.09
C LEU C 69 -17.77 -8.07 -14.62
N VAL C 70 -16.95 -7.15 -15.11
CA VAL C 70 -16.81 -6.95 -16.55
C VAL C 70 -16.10 -8.14 -17.22
N ALA C 71 -15.11 -8.71 -16.54
CA ALA C 71 -14.35 -9.80 -17.07
C ALA C 71 -15.12 -11.09 -16.98
N LYS C 72 -15.92 -11.24 -15.92
CA LYS C 72 -16.75 -12.43 -15.78
C LYS C 72 -17.75 -12.47 -16.91
N GLU C 73 -18.46 -11.35 -17.09
CA GLU C 73 -19.44 -11.21 -18.16
C GLU C 73 -18.80 -11.46 -19.50
N GLY C 74 -17.69 -10.79 -19.75
CA GLY C 74 -16.97 -10.94 -20.99
C GLY C 74 -16.55 -12.37 -21.25
N ALA C 75 -15.99 -12.99 -20.26
CA ALA C 75 -15.48 -14.35 -20.37
C ALA C 75 -16.58 -15.34 -20.65
N GLU C 76 -17.72 -15.19 -19.98
CA GLU C 76 -18.84 -16.13 -20.16
C GLU C 76 -19.54 -15.86 -21.48
N LYS C 77 -19.38 -14.65 -21.94
CA LYS C 77 -19.88 -14.18 -23.21
C LYS C 77 -19.11 -14.84 -24.35
N ILE C 78 -17.81 -14.86 -24.24
CA ILE C 78 -16.95 -15.39 -25.29
C ILE C 78 -16.75 -16.89 -25.10
N LYS C 79 -16.04 -17.20 -24.02
CA LYS C 79 -15.63 -18.54 -23.62
C LYS C 79 -14.56 -18.37 -22.57
N LYS C 80 -14.82 -18.79 -21.35
CA LYS C 80 -13.85 -18.65 -20.31
C LYS C 80 -12.68 -19.58 -20.54
N LYS C 81 -11.53 -19.13 -20.18
CA LYS C 81 -10.29 -19.78 -20.52
C LYS C 81 -9.39 -19.86 -19.29
N ARG C 82 -8.12 -20.11 -19.49
CA ARG C 82 -7.16 -20.17 -18.42
C ARG C 82 -5.80 -19.83 -18.98
N GLY D 1 -12.74 -1.70 10.83
CA GLY D 1 -11.50 -1.68 10.06
C GLY D 1 -10.77 -3.00 10.16
N SER D 2 -9.85 -3.23 9.25
CA SER D 2 -9.08 -4.45 9.22
C SER D 2 -7.87 -4.35 10.15
N GLU D 3 -7.05 -5.41 10.19
CA GLU D 3 -5.90 -5.55 11.10
C GLU D 3 -4.94 -4.35 11.00
N LEU D 4 -4.76 -3.85 9.80
CA LEU D 4 -3.91 -2.69 9.56
C LEU D 4 -4.46 -1.44 10.27
N ASN D 5 -5.78 -1.29 10.26
CA ASN D 5 -6.50 -0.13 10.75
C ASN D 5 -6.46 -0.12 12.23
N GLU D 6 -6.79 -1.25 12.77
CA GLU D 6 -6.87 -1.41 14.20
C GLU D 6 -5.50 -1.24 14.82
N LEU D 7 -4.49 -1.88 14.24
CA LEU D 7 -3.16 -1.76 14.75
C LEU D 7 -2.58 -0.39 14.43
N ALA D 8 -3.11 0.27 13.41
CA ALA D 8 -2.68 1.63 13.10
C ALA D 8 -3.04 2.50 14.25
N GLU D 9 -4.27 2.41 14.69
CA GLU D 9 -4.74 3.22 15.76
C GLU D 9 -4.04 2.86 17.07
N PHE D 10 -3.91 1.61 17.31
CA PHE D 10 -3.28 1.14 18.53
C PHE D 10 -1.80 1.48 18.60
N ALA D 11 -1.10 1.28 17.49
CA ALA D 11 0.32 1.55 17.44
C ALA D 11 0.60 3.03 17.44
N ARG D 12 -0.26 3.81 16.80
CA ARG D 12 -0.07 5.26 16.79
C ARG D 12 -0.25 5.82 18.19
N LEU D 13 -1.28 5.31 18.89
CA LEU D 13 -1.54 5.71 20.26
C LEU D 13 -0.38 5.30 21.14
N GLN D 14 0.04 4.06 21.01
CA GLN D 14 1.14 3.55 21.79
C GLN D 14 2.44 4.26 21.53
N ASP D 15 2.76 4.43 20.25
CA ASP D 15 3.98 5.12 19.87
C ASP D 15 4.02 6.46 20.50
N GLN D 16 2.95 7.25 20.35
CA GLN D 16 2.94 8.57 20.96
C GLN D 16 2.84 8.50 22.48
N LEU D 17 2.26 7.44 23.01
CA LEU D 17 2.19 7.26 24.45
C LEU D 17 3.59 7.25 25.03
N ASP D 18 4.52 6.71 24.26
CA ASP D 18 5.92 6.80 24.68
C ASP D 18 6.64 8.00 24.02
N HIS D 19 6.48 8.08 22.73
CA HIS D 19 7.17 9.01 21.85
C HIS D 19 6.33 10.23 21.48
N ARG D 20 5.49 10.68 22.37
CA ARG D 20 4.66 11.87 22.12
C ARG D 20 5.48 13.10 21.71
N GLY D 21 6.72 13.17 22.18
CA GLY D 21 7.56 14.29 21.84
C GLY D 21 7.24 15.48 22.68
N ASP D 22 6.25 16.21 22.27
CA ASP D 22 5.78 17.35 22.99
C ASP D 22 4.64 16.89 23.83
N HIS D 23 4.94 16.57 25.02
CA HIS D 23 3.97 16.09 25.92
C HIS D 23 3.65 17.10 26.98
N GLY A 1 15.90 33.88 14.70
CA GLY A 1 16.21 32.46 14.60
C GLY A 1 14.97 31.69 14.30
N SER A 2 15.12 30.49 13.82
CA SER A 2 13.98 29.71 13.46
C SER A 2 14.03 28.37 14.14
N HIS A 3 13.01 28.10 14.93
CA HIS A 3 12.85 26.82 15.58
C HIS A 3 11.94 25.95 14.71
N MET A 4 11.46 26.56 13.64
CA MET A 4 10.58 25.88 12.73
C MET A 4 11.40 24.97 11.85
N ALA A 5 10.84 23.85 11.51
CA ALA A 5 11.57 22.87 10.74
C ALA A 5 11.30 23.04 9.27
N SER A 6 12.32 22.88 8.47
CA SER A 6 12.19 22.93 7.05
C SER A 6 11.66 21.57 6.61
N SER A 7 10.52 21.57 5.97
CA SER A 7 9.89 20.34 5.64
C SER A 7 10.43 19.69 4.38
N ARG A 8 11.51 18.96 4.55
CA ARG A 8 12.01 18.11 3.49
C ARG A 8 11.53 16.71 3.76
N GLN A 9 11.44 16.39 5.05
CA GLN A 9 11.04 15.08 5.56
C GLN A 9 9.59 14.76 5.20
N LYS A 10 8.85 15.77 4.76
CA LYS A 10 7.46 15.62 4.47
C LYS A 10 7.25 14.87 3.16
N TYR A 11 8.35 14.58 2.43
CA TYR A 11 8.30 13.93 1.11
C TYR A 11 7.45 12.67 1.13
N ALA A 12 7.36 12.05 2.32
CA ALA A 12 6.58 10.87 2.53
C ALA A 12 5.16 11.06 2.03
N GLU A 13 4.55 12.23 2.33
CA GLU A 13 3.16 12.52 1.94
C GLU A 13 3.02 12.47 0.41
N GLU A 14 4.03 12.98 -0.26
CA GLU A 14 4.02 13.09 -1.69
C GLU A 14 4.21 11.70 -2.28
N GLU A 15 5.15 10.95 -1.74
CA GLU A 15 5.45 9.61 -2.22
C GLU A 15 4.22 8.73 -2.09
N LEU A 16 3.64 8.68 -0.90
CA LEU A 16 2.51 7.81 -0.63
C LEU A 16 1.25 8.19 -1.43
N GLU A 17 0.90 9.45 -1.43
CA GLU A 17 -0.29 9.91 -2.15
C GLU A 17 -0.14 9.67 -3.64
N GLN A 18 1.01 10.03 -4.16
CA GLN A 18 1.23 9.92 -5.57
C GLN A 18 1.28 8.50 -5.99
N VAL A 19 1.89 7.64 -5.20
CA VAL A 19 1.97 6.25 -5.59
C VAL A 19 0.58 5.60 -5.51
N ARG A 20 -0.26 6.06 -4.57
CA ARG A 20 -1.63 5.59 -4.49
C ARG A 20 -2.31 5.86 -5.81
N GLU A 21 -2.24 7.08 -6.27
CA GLU A 21 -2.88 7.39 -7.51
C GLU A 21 -2.13 6.80 -8.71
N ALA A 22 -0.81 6.89 -8.70
CA ALA A 22 0.04 6.50 -9.83
C ALA A 22 -0.06 5.03 -10.08
N LEU A 23 0.17 4.29 -9.04
CA LEU A 23 0.19 2.88 -9.09
C LEU A 23 -1.21 2.30 -9.25
N ARG A 24 -2.22 2.87 -8.59
CA ARG A 24 -3.58 2.33 -8.77
C ARG A 24 -4.13 2.67 -10.15
N LYS A 25 -3.70 3.81 -10.69
CA LYS A 25 -4.05 4.15 -12.04
C LYS A 25 -3.27 3.31 -13.03
N ALA A 26 -2.04 2.95 -12.65
CA ALA A 26 -1.24 2.04 -13.44
C ALA A 26 -1.90 0.69 -13.46
N GLU A 27 -2.39 0.26 -12.29
CA GLU A 27 -3.12 -0.99 -12.16
C GLU A 27 -4.29 -1.02 -13.11
N LYS A 28 -5.15 0.00 -13.06
CA LYS A 28 -6.33 0.01 -13.91
C LYS A 28 -5.97 0.06 -15.42
N GLU A 29 -4.95 0.83 -15.78
CA GLU A 29 -4.59 0.89 -17.19
C GLU A 29 -3.92 -0.41 -17.62
N LEU A 30 -3.18 -1.00 -16.72
CA LEU A 30 -2.48 -2.24 -16.98
C LEU A 30 -3.51 -3.34 -17.21
N GLU A 31 -4.38 -3.57 -16.22
CA GLU A 31 -5.50 -4.53 -16.37
C GLU A 31 -6.39 -4.19 -17.62
N SER A 32 -6.38 -2.92 -18.08
CA SER A 32 -7.09 -2.59 -19.32
C SER A 32 -6.25 -3.02 -20.56
N HIS A 33 -4.98 -2.74 -20.47
CA HIS A 33 -3.99 -3.01 -21.51
C HIS A 33 -3.64 -4.46 -21.69
N SER A 34 -3.78 -5.27 -20.66
CA SER A 34 -3.44 -6.70 -20.68
C SER A 34 -4.07 -7.44 -21.89
N SER A 35 -5.22 -6.94 -22.36
CA SER A 35 -5.94 -7.53 -23.48
C SER A 35 -5.21 -7.24 -24.83
N TRP A 36 -4.23 -6.37 -24.76
CA TRP A 36 -3.48 -5.93 -25.93
C TRP A 36 -2.25 -6.81 -26.13
N TYR A 37 -1.56 -7.11 -25.07
CA TYR A 37 -0.30 -7.83 -25.13
C TYR A 37 -0.37 -9.20 -24.45
N ALA A 38 0.79 -9.80 -24.22
CA ALA A 38 0.87 -11.10 -23.59
C ALA A 38 0.56 -11.00 -22.10
N PRO A 39 -0.08 -12.05 -21.54
CA PRO A 39 -0.52 -12.05 -20.14
C PRO A 39 0.63 -12.04 -19.14
N GLU A 40 1.84 -12.26 -19.62
CA GLU A 40 3.03 -12.28 -18.78
C GLU A 40 3.24 -10.94 -18.10
N ALA A 41 2.84 -9.86 -18.78
CA ALA A 41 2.98 -8.53 -18.25
C ALA A 41 2.05 -8.33 -17.07
N LEU A 42 0.82 -8.82 -17.21
CA LEU A 42 -0.17 -8.79 -16.13
C LEU A 42 0.30 -9.63 -14.99
N GLN A 43 0.78 -10.82 -15.33
CA GLN A 43 1.24 -11.79 -14.36
C GLN A 43 2.33 -11.15 -13.52
N LYS A 44 3.28 -10.53 -14.20
CA LYS A 44 4.38 -9.84 -13.57
C LYS A 44 3.84 -8.68 -12.73
N TRP A 45 3.05 -7.83 -13.36
CA TRP A 45 2.46 -6.66 -12.72
C TRP A 45 1.71 -6.99 -11.43
N LEU A 46 0.79 -7.93 -11.51
CA LEU A 46 0.02 -8.28 -10.34
C LEU A 46 0.94 -8.97 -9.31
N GLN A 47 1.91 -9.75 -9.79
CA GLN A 47 2.83 -10.39 -8.87
C GLN A 47 3.60 -9.32 -8.11
N LEU A 48 3.99 -8.27 -8.82
CA LEU A 48 4.71 -7.13 -8.26
C LEU A 48 3.84 -6.32 -7.30
N THR A 49 2.61 -5.99 -7.72
CA THR A 49 1.71 -5.22 -6.89
C THR A 49 1.41 -5.96 -5.60
N HIS A 50 1.07 -7.23 -5.75
CA HIS A 50 0.74 -8.09 -4.63
C HIS A 50 1.97 -8.34 -3.75
N GLU A 51 3.14 -8.41 -4.36
CA GLU A 51 4.38 -8.60 -3.64
C GLU A 51 4.59 -7.43 -2.70
N VAL A 52 4.50 -6.24 -3.25
CA VAL A 52 4.71 -5.02 -2.52
C VAL A 52 3.66 -4.81 -1.46
N GLU A 53 2.47 -5.18 -1.80
CA GLU A 53 1.33 -5.05 -0.93
C GLU A 53 1.55 -5.93 0.33
N VAL A 54 1.82 -7.20 0.11
CA VAL A 54 2.07 -8.12 1.22
C VAL A 54 3.37 -7.73 1.95
N GLN A 55 4.37 -7.25 1.22
CA GLN A 55 5.61 -6.81 1.84
C GLN A 55 5.40 -5.65 2.78
N TYR A 56 4.78 -4.53 2.30
CA TYR A 56 4.57 -3.37 3.18
C TYR A 56 3.79 -3.82 4.40
N TYR A 57 2.79 -4.68 4.15
CA TYR A 57 1.93 -5.22 5.17
C TYR A 57 2.73 -5.89 6.26
N ASN A 58 3.57 -6.80 5.85
CA ASN A 58 4.39 -7.57 6.75
C ASN A 58 5.33 -6.65 7.53
N ILE A 59 5.88 -5.70 6.82
CA ILE A 59 6.83 -4.73 7.37
C ILE A 59 6.19 -3.94 8.48
N LYS A 60 5.03 -3.37 8.20
CA LYS A 60 4.36 -2.64 9.22
C LYS A 60 3.82 -3.52 10.31
N LYS A 61 3.51 -4.76 10.00
CA LYS A 61 3.17 -5.74 11.03
C LYS A 61 4.31 -5.80 12.03
N GLN A 62 5.53 -5.90 11.51
CA GLN A 62 6.69 -5.95 12.36
C GLN A 62 6.85 -4.63 13.12
N ASN A 63 6.78 -3.51 12.38
CA ASN A 63 6.93 -2.18 12.98
C ASN A 63 5.89 -1.89 14.04
N ALA A 64 4.64 -2.14 13.69
CA ALA A 64 3.51 -1.79 14.54
C ALA A 64 3.43 -2.66 15.76
N GLU A 65 3.61 -3.94 15.58
CA GLU A 65 3.52 -4.85 16.69
C GLU A 65 4.75 -4.76 17.60
N LYS A 66 5.90 -4.35 17.01
CA LYS A 66 7.09 -4.05 17.79
C LYS A 66 6.75 -2.89 18.68
N GLN A 67 6.19 -1.85 18.07
CA GLN A 67 5.77 -0.64 18.74
C GLN A 67 4.78 -0.94 19.82
N LEU A 68 3.82 -1.78 19.53
CA LEU A 68 2.84 -2.18 20.51
C LEU A 68 3.53 -2.73 21.74
N LEU A 69 4.45 -3.66 21.56
CA LEU A 69 5.13 -4.26 22.70
C LEU A 69 6.04 -3.24 23.43
N VAL A 70 6.86 -2.54 22.66
CA VAL A 70 7.88 -1.65 23.22
C VAL A 70 7.29 -0.35 23.78
N ALA A 71 6.32 0.19 23.10
CA ALA A 71 5.70 1.40 23.53
C ALA A 71 4.72 1.15 24.65
N LYS A 72 4.09 -0.04 24.68
CA LYS A 72 3.20 -0.34 25.80
C LYS A 72 4.01 -0.47 27.07
N GLU A 73 5.09 -1.29 27.00
CA GLU A 73 5.93 -1.46 28.18
C GLU A 73 6.56 -0.13 28.55
N GLY A 74 6.92 0.65 27.54
CA GLY A 74 7.47 1.97 27.73
C GLY A 74 6.50 2.88 28.43
N ALA A 75 5.30 2.93 27.94
CA ALA A 75 4.25 3.77 28.50
C ALA A 75 4.03 3.48 29.97
N GLU A 76 3.92 2.21 30.32
CA GLU A 76 3.71 1.84 31.72
C GLU A 76 5.01 1.96 32.55
N LYS A 77 6.12 1.97 31.85
CA LYS A 77 7.44 2.13 32.44
C LYS A 77 7.64 3.58 32.90
N ILE A 78 7.43 4.51 32.00
CA ILE A 78 7.71 5.92 32.27
C ILE A 78 6.51 6.77 32.63
N LYS A 79 5.42 6.48 31.98
CA LYS A 79 4.12 7.16 32.13
C LYS A 79 4.08 8.51 31.45
N LYS A 80 3.43 8.53 30.33
CA LYS A 80 3.22 9.75 29.59
C LYS A 80 1.81 10.17 29.80
N LYS A 81 1.03 9.41 29.21
CA LYS A 81 -0.39 9.52 29.22
C LYS A 81 -0.94 8.16 28.88
N ARG A 82 -2.23 8.06 28.80
CA ARG A 82 -2.89 6.86 28.35
C ARG A 82 -4.02 7.28 27.46
N GLY B 1 -5.63 -16.02 4.59
CA GLY B 1 -5.35 -14.89 3.71
C GLY B 1 -6.12 -13.67 4.14
N SER B 2 -6.13 -12.66 3.32
CA SER B 2 -6.88 -11.45 3.61
C SER B 2 -7.66 -11.03 2.40
N GLU B 3 -8.59 -10.12 2.60
CA GLU B 3 -9.56 -9.65 1.61
C GLU B 3 -8.86 -9.16 0.32
N LEU B 4 -7.86 -8.32 0.51
CA LEU B 4 -7.05 -7.81 -0.60
C LEU B 4 -6.35 -8.94 -1.36
N ASN B 5 -5.82 -9.89 -0.62
CA ASN B 5 -5.05 -11.04 -1.11
C ASN B 5 -5.87 -11.94 -1.97
N GLU B 6 -6.99 -12.33 -1.41
CA GLU B 6 -7.87 -13.25 -2.05
C GLU B 6 -8.44 -12.63 -3.30
N LEU B 7 -8.85 -11.39 -3.21
CA LEU B 7 -9.41 -10.75 -4.36
C LEU B 7 -8.37 -10.32 -5.36
N ALA B 8 -7.13 -10.20 -4.92
CA ALA B 8 -6.04 -9.93 -5.84
C ALA B 8 -5.90 -11.11 -6.72
N GLU B 9 -5.84 -12.29 -6.12
CA GLU B 9 -5.68 -13.50 -6.85
C GLU B 9 -6.91 -13.81 -7.74
N PHE B 10 -8.08 -13.62 -7.19
CA PHE B 10 -9.33 -13.88 -7.91
C PHE B 10 -9.55 -12.93 -9.08
N ALA B 11 -9.31 -11.66 -8.85
CA ALA B 11 -9.56 -10.67 -9.87
C ALA B 11 -8.50 -10.72 -10.92
N ARG B 12 -7.28 -11.07 -10.53
CA ARG B 12 -6.22 -11.17 -11.49
C ARG B 12 -6.49 -12.34 -12.43
N LEU B 13 -6.94 -13.48 -11.86
CA LEU B 13 -7.33 -14.61 -12.67
C LEU B 13 -8.50 -14.24 -13.56
N GLN B 14 -9.49 -13.58 -13.01
CA GLN B 14 -10.65 -13.19 -13.77
C GLN B 14 -10.34 -12.19 -14.87
N ASP B 15 -9.54 -11.17 -14.56
CA ASP B 15 -9.18 -10.19 -15.57
C ASP B 15 -8.50 -10.86 -16.71
N GLN B 16 -7.50 -11.70 -16.42
CA GLN B 16 -6.81 -12.39 -17.52
C GLN B 16 -7.72 -13.42 -18.18
N LEU B 17 -8.65 -13.99 -17.44
CA LEU B 17 -9.60 -14.92 -18.02
C LEU B 17 -10.37 -14.24 -19.12
N ASP B 18 -10.62 -12.96 -18.98
CA ASP B 18 -11.25 -12.22 -20.08
C ASP B 18 -10.22 -11.49 -20.97
N HIS B 19 -9.26 -10.87 -20.34
CA HIS B 19 -8.26 -10.01 -20.96
C HIS B 19 -6.88 -10.63 -21.05
N ARG B 20 -6.80 -11.92 -21.21
CA ARG B 20 -5.48 -12.61 -21.34
C ARG B 20 -4.61 -12.07 -22.50
N GLY B 21 -5.22 -11.37 -23.45
CA GLY B 21 -4.45 -10.76 -24.50
C GLY B 21 -3.95 -11.73 -25.53
N ASP B 22 -2.71 -12.09 -25.42
CA ASP B 22 -2.11 -13.00 -26.35
C ASP B 22 -2.08 -14.37 -25.74
N HIS B 23 -3.14 -15.08 -25.95
CA HIS B 23 -3.26 -16.39 -25.42
C HIS B 23 -2.88 -17.41 -26.46
N GLY C 1 12.66 -5.51 -37.73
CA GLY C 1 11.70 -4.78 -36.91
C GLY C 1 11.69 -5.35 -35.52
N SER C 2 10.94 -4.76 -34.64
CA SER C 2 10.89 -5.23 -33.29
C SER C 2 9.46 -5.19 -32.77
N HIS C 3 8.92 -6.35 -32.49
CA HIS C 3 7.59 -6.48 -31.95
C HIS C 3 7.65 -6.36 -30.43
N MET C 4 8.88 -6.36 -29.93
CA MET C 4 9.14 -6.28 -28.52
C MET C 4 8.84 -4.88 -28.04
N ALA C 5 8.17 -4.79 -26.93
CA ALA C 5 7.74 -3.52 -26.41
C ALA C 5 8.85 -2.86 -25.61
N SER C 6 8.94 -1.56 -25.74
CA SER C 6 9.90 -0.81 -24.99
C SER C 6 9.34 -0.61 -23.58
N SER C 7 10.05 -1.11 -22.61
CA SER C 7 9.58 -1.09 -21.26
C SER C 7 9.71 0.26 -20.58
N ARG C 8 8.78 1.13 -20.87
CA ARG C 8 8.66 2.38 -20.15
C ARG C 8 7.54 2.20 -19.14
N GLN C 9 6.56 1.38 -19.52
CA GLN C 9 5.35 1.12 -18.73
C GLN C 9 5.70 0.35 -17.46
N LYS C 10 6.89 -0.19 -17.42
CA LYS C 10 7.32 -1.01 -16.31
C LYS C 10 7.61 -0.16 -15.08
N TYR C 11 7.54 1.19 -15.21
CA TYR C 11 7.85 2.11 -14.11
C TYR C 11 7.10 1.75 -12.83
N ALA C 12 5.94 1.11 -13.00
CA ALA C 12 5.12 0.67 -11.90
C ALA C 12 5.91 -0.16 -10.89
N GLU C 13 6.74 -1.10 -11.40
CA GLU C 13 7.54 -2.00 -10.53
C GLU C 13 8.45 -1.19 -9.61
N GLU C 14 9.04 -0.17 -10.19
CA GLU C 14 9.98 0.66 -9.51
C GLU C 14 9.24 1.52 -8.50
N GLU C 15 8.12 2.09 -8.92
CA GLU C 15 7.32 2.96 -8.05
C GLU C 15 6.86 2.20 -6.81
N LEU C 16 6.21 1.07 -7.04
CA LEU C 16 5.65 0.29 -5.97
C LEU C 16 6.72 -0.28 -5.00
N GLU C 17 7.75 -0.86 -5.55
CA GLU C 17 8.80 -1.44 -4.72
C GLU C 17 9.52 -0.37 -3.91
N GLN C 18 9.85 0.73 -4.58
CA GLN C 18 10.57 1.78 -3.94
C GLN C 18 9.74 2.42 -2.88
N VAL C 19 8.47 2.64 -3.14
CA VAL C 19 7.64 3.27 -2.15
C VAL C 19 7.44 2.35 -0.93
N ARG C 20 7.42 1.03 -1.17
CA ARG C 20 7.34 0.07 -0.07
C ARG C 20 8.52 0.30 0.84
N GLU C 21 9.71 0.30 0.27
CA GLU C 21 10.87 0.49 1.09
C GLU C 21 10.99 1.95 1.59
N ALA C 22 10.72 2.91 0.72
CA ALA C 22 10.91 4.33 1.01
C ALA C 22 9.98 4.80 2.07
N LEU C 23 8.74 4.51 1.87
CA LEU C 23 7.69 4.93 2.76
C LEU C 23 7.67 4.13 4.04
N ARG C 24 7.91 2.82 3.99
CA ARG C 24 7.89 2.05 5.24
C ARG C 24 9.15 2.35 6.07
N LYS C 25 10.24 2.67 5.39
CA LYS C 25 11.44 3.12 6.09
C LYS C 25 11.23 4.53 6.64
N ALA C 26 10.45 5.33 5.90
CA ALA C 26 10.08 6.65 6.37
C ALA C 26 9.24 6.50 7.61
N GLU C 27 8.31 5.54 7.58
CA GLU C 27 7.48 5.23 8.71
C GLU C 27 8.32 4.95 9.94
N LYS C 28 9.27 3.99 9.82
CA LYS C 28 10.08 3.63 10.98
C LYS C 28 10.94 4.80 11.49
N GLU C 29 11.54 5.57 10.58
CA GLU C 29 12.35 6.70 11.03
C GLU C 29 11.46 7.76 11.64
N LEU C 30 10.29 7.95 11.08
CA LEU C 30 9.34 8.95 11.54
C LEU C 30 8.88 8.59 12.95
N GLU C 31 8.28 7.43 13.10
CA GLU C 31 7.88 6.91 14.44
C GLU C 31 9.10 6.88 15.44
N SER C 32 10.34 6.80 14.93
CA SER C 32 11.48 6.90 15.84
C SER C 32 11.78 8.38 16.19
N HIS C 33 11.63 9.22 15.21
CA HIS C 33 11.85 10.65 15.25
C HIS C 33 10.80 11.44 16.00
N SER C 34 9.59 10.94 16.06
CA SER C 34 8.44 11.61 16.69
C SER C 34 8.77 12.14 18.12
N SER C 35 9.66 11.45 18.81
CA SER C 35 10.09 11.82 20.16
C SER C 35 10.98 13.11 20.15
N TRP C 36 11.38 13.50 18.97
CA TRP C 36 12.27 14.63 18.77
C TRP C 36 11.50 15.94 18.58
N TYR C 37 10.29 15.84 18.06
CA TYR C 37 9.48 17.00 17.76
C TYR C 37 8.04 16.86 18.26
N ALA C 38 7.18 17.77 17.83
CA ALA C 38 5.78 17.77 18.21
C ALA C 38 5.04 16.59 17.57
N PRO C 39 4.07 16.01 18.32
CA PRO C 39 3.33 14.82 17.88
C PRO C 39 2.44 15.06 16.67
N GLU C 40 2.27 16.33 16.30
CA GLU C 40 1.43 16.68 15.17
C GLU C 40 2.00 16.13 13.88
N ALA C 41 3.32 15.99 13.83
CA ALA C 41 3.97 15.46 12.65
C ALA C 41 3.64 13.99 12.49
N LEU C 42 3.65 13.26 13.62
CA LEU C 42 3.25 11.85 13.63
C LEU C 42 1.81 11.71 13.29
N GLN C 43 1.00 12.58 13.88
CA GLN C 43 -0.42 12.57 13.68
C GLN C 43 -0.70 12.73 12.19
N LYS C 44 -0.05 13.73 11.60
CA LYS C 44 -0.16 13.99 10.17
C LYS C 44 0.34 12.78 9.39
N TRP C 45 1.54 12.33 9.71
CA TRP C 45 2.18 11.21 9.04
C TRP C 45 1.31 9.95 9.05
N LEU C 46 0.86 9.53 10.22
CA LEU C 46 0.06 8.32 10.29
C LEU C 46 -1.30 8.56 9.63
N GLN C 47 -1.83 9.76 9.74
CA GLN C 47 -3.11 10.06 9.11
C GLN C 47 -2.94 9.96 7.60
N LEU C 48 -1.80 10.43 7.11
CA LEU C 48 -1.46 10.37 5.69
C LEU C 48 -1.22 8.93 5.23
N THR C 49 -0.41 8.17 5.98
CA THR C 49 -0.12 6.80 5.61
C THR C 49 -1.40 5.97 5.58
N HIS C 50 -2.19 6.11 6.64
CA HIS C 50 -3.44 5.40 6.79
C HIS C 50 -4.45 5.84 5.73
N GLU C 51 -4.44 7.13 5.41
CA GLU C 51 -5.34 7.68 4.40
C GLU C 51 -5.07 7.00 3.07
N VAL C 52 -3.81 6.96 2.71
CA VAL C 52 -3.40 6.36 1.46
C VAL C 52 -3.61 4.86 1.43
N GLU C 53 -3.41 4.26 2.56
CA GLU C 53 -3.55 2.85 2.73
C GLU C 53 -5.03 2.46 2.49
N VAL C 54 -5.92 3.11 3.22
CA VAL C 54 -7.36 2.87 3.09
C VAL C 54 -7.84 3.28 1.69
N GLN C 55 -7.25 4.34 1.13
CA GLN C 55 -7.57 4.77 -0.21
C GLN C 55 -7.20 3.75 -1.26
N TYR C 56 -5.91 3.31 -1.33
CA TYR C 56 -5.52 2.34 -2.35
C TYR C 56 -6.42 1.11 -2.24
N TYR C 57 -6.68 0.72 -0.98
CA TYR C 57 -7.52 -0.40 -0.64
C TYR C 57 -8.89 -0.28 -1.28
N ASN C 58 -9.50 0.83 -1.02
CA ASN C 58 -10.83 1.13 -1.50
C ASN C 58 -10.86 1.15 -3.02
N ILE C 59 -9.83 1.75 -3.58
CA ILE C 59 -9.69 1.90 -5.01
C ILE C 59 -9.65 0.56 -5.69
N LYS C 60 -8.77 -0.31 -5.20
CA LYS C 60 -8.69 -1.62 -5.76
C LYS C 60 -9.90 -2.45 -5.45
N LYS C 61 -10.55 -2.20 -4.33
CA LYS C 61 -11.83 -2.83 -4.06
C LYS C 61 -12.78 -2.58 -5.20
N GLN C 62 -12.84 -1.33 -5.62
CA GLN C 62 -13.66 -0.97 -6.74
C GLN C 62 -13.14 -1.61 -8.03
N ASN C 63 -11.83 -1.51 -8.28
CA ASN C 63 -11.23 -2.10 -9.51
C ASN C 63 -11.43 -3.60 -9.58
N ALA C 64 -11.09 -4.26 -8.50
CA ALA C 64 -11.09 -5.71 -8.45
C ALA C 64 -12.48 -6.29 -8.49
N GLU C 65 -13.38 -5.71 -7.74
CA GLU C 65 -14.73 -6.22 -7.70
C GLU C 65 -15.49 -5.86 -8.98
N LYS C 66 -15.12 -4.73 -9.62
CA LYS C 66 -15.65 -4.39 -10.93
C LYS C 66 -15.24 -5.48 -11.90
N GLN C 67 -13.94 -5.80 -11.85
CA GLN C 67 -13.34 -6.84 -12.67
C GLN C 67 -13.99 -8.16 -12.43
N LEU C 68 -14.20 -8.50 -11.18
CA LEU C 68 -14.88 -9.73 -10.85
C LEU C 68 -16.22 -9.81 -11.56
N LEU C 69 -17.02 -8.77 -11.47
CA LEU C 69 -18.33 -8.80 -12.10
C LEU C 69 -18.21 -8.81 -13.65
N VAL C 70 -17.42 -7.90 -14.20
CA VAL C 70 -17.33 -7.72 -15.64
C VAL C 70 -16.56 -8.85 -16.33
N ALA C 71 -15.49 -9.30 -15.72
CA ALA C 71 -14.70 -10.35 -16.29
C ALA C 71 -15.35 -11.69 -16.09
N LYS C 72 -16.13 -11.88 -15.00
CA LYS C 72 -16.84 -13.13 -14.83
C LYS C 72 -17.90 -13.26 -15.91
N GLU C 73 -18.71 -12.18 -16.09
CA GLU C 73 -19.73 -12.22 -17.11
C GLU C 73 -19.07 -12.36 -18.47
N GLY C 74 -17.97 -11.66 -18.65
CA GLY C 74 -17.20 -11.74 -19.88
C GLY C 74 -16.74 -13.14 -20.17
N ALA C 75 -16.11 -13.75 -19.21
CA ALA C 75 -15.60 -15.11 -19.33
C ALA C 75 -16.69 -16.10 -19.73
N GLU C 76 -17.86 -15.99 -19.10
CA GLU C 76 -18.98 -16.88 -19.45
C GLU C 76 -19.63 -16.48 -20.79
N LYS C 77 -19.49 -15.23 -21.13
CA LYS C 77 -20.04 -14.64 -22.34
C LYS C 77 -19.25 -15.11 -23.57
N ILE C 78 -17.95 -14.90 -23.55
CA ILE C 78 -17.11 -15.18 -24.71
C ILE C 78 -16.35 -16.48 -24.66
N LYS C 79 -15.87 -16.81 -23.49
CA LYS C 79 -15.09 -18.02 -23.20
C LYS C 79 -13.64 -17.94 -23.66
N LYS C 80 -12.75 -17.85 -22.70
CA LYS C 80 -11.31 -17.95 -22.96
C LYS C 80 -10.84 -19.24 -22.45
N LYS C 81 -10.91 -19.28 -21.23
CA LYS C 81 -10.55 -20.37 -20.38
C LYS C 81 -11.30 -20.15 -19.08
N ARG C 82 -11.06 -21.01 -18.14
CA ARG C 82 -11.59 -20.85 -16.81
C ARG C 82 -10.49 -21.21 -15.85
N GLY D 1 -13.55 -2.77 10.78
CA GLY D 1 -12.21 -2.34 10.39
C GLY D 1 -11.40 -3.50 9.90
N SER D 2 -10.11 -3.31 9.74
CA SER D 2 -9.23 -4.38 9.31
C SER D 2 -7.98 -4.41 10.17
N GLU D 3 -7.20 -5.46 10.04
CA GLU D 3 -5.99 -5.74 10.84
C GLU D 3 -5.00 -4.56 10.77
N LEU D 4 -4.72 -4.13 9.57
CA LEU D 4 -3.83 -3.00 9.33
C LEU D 4 -4.38 -1.71 9.98
N ASN D 5 -5.68 -1.53 9.85
CA ASN D 5 -6.42 -0.36 10.33
C ASN D 5 -6.36 -0.25 11.82
N GLU D 6 -6.72 -1.32 12.46
CA GLU D 6 -6.81 -1.36 13.87
C GLU D 6 -5.44 -1.18 14.47
N LEU D 7 -4.46 -1.88 13.92
CA LEU D 7 -3.14 -1.77 14.46
C LEU D 7 -2.46 -0.49 14.07
N ALA D 8 -2.92 0.14 13.01
CA ALA D 8 -2.42 1.46 12.65
C ALA D 8 -2.80 2.40 13.73
N GLU D 9 -4.07 2.39 14.09
CA GLU D 9 -4.58 3.27 15.09
C GLU D 9 -4.01 2.93 16.50
N PHE D 10 -3.91 1.67 16.80
CA PHE D 10 -3.40 1.22 18.10
C PHE D 10 -1.92 1.53 18.27
N ALA D 11 -1.14 1.26 17.24
CA ALA D 11 0.28 1.44 17.32
C ALA D 11 0.64 2.87 17.25
N ARG D 12 -0.15 3.65 16.50
CA ARG D 12 0.10 5.06 16.40
C ARG D 12 -0.14 5.72 17.75
N LEU D 13 -1.24 5.34 18.42
CA LEU D 13 -1.51 5.84 19.77
C LEU D 13 -0.42 5.40 20.72
N GLN D 14 0.02 4.17 20.58
CA GLN D 14 1.07 3.65 21.44
C GLN D 14 2.41 4.31 21.21
N ASP D 15 2.81 4.47 19.94
CA ASP D 15 4.07 5.12 19.65
C ASP D 15 4.08 6.49 20.22
N GLN D 16 3.04 7.28 19.96
CA GLN D 16 3.00 8.62 20.54
C GLN D 16 2.86 8.59 22.05
N LEU D 17 2.19 7.57 22.58
CA LEU D 17 2.07 7.44 24.02
C LEU D 17 3.45 7.36 24.65
N ASP D 18 4.39 6.79 23.94
CA ASP D 18 5.76 6.81 24.46
C ASP D 18 6.60 7.95 23.85
N HIS D 19 6.49 8.11 22.55
CA HIS D 19 7.27 9.04 21.73
C HIS D 19 6.50 10.29 21.32
N ARG D 20 5.60 10.76 22.14
CA ARG D 20 4.83 11.99 21.82
C ARG D 20 5.73 13.21 21.52
N GLY D 21 6.96 13.17 21.97
CA GLY D 21 7.89 14.21 21.64
C GLY D 21 7.70 15.44 22.45
N ASP D 22 7.11 16.43 21.86
CA ASP D 22 6.90 17.70 22.49
C ASP D 22 5.50 17.76 23.00
N HIS D 23 5.35 17.31 24.19
CA HIS D 23 4.06 17.25 24.82
C HIS D 23 3.90 18.37 25.83
N GLY A 1 21.07 21.03 20.12
CA GLY A 1 21.44 20.60 18.77
C GLY A 1 20.30 20.73 17.82
N SER A 2 19.97 19.66 17.14
CA SER A 2 18.91 19.67 16.18
C SER A 2 17.59 19.37 16.87
N HIS A 3 16.96 20.40 17.40
CA HIS A 3 15.67 20.26 18.03
C HIS A 3 14.60 20.37 16.95
N MET A 4 14.92 21.18 15.97
CA MET A 4 14.10 21.35 14.83
C MET A 4 14.91 20.97 13.63
N ALA A 5 14.67 19.80 13.16
CA ALA A 5 15.39 19.32 12.02
C ALA A 5 14.57 19.60 10.79
N SER A 6 15.24 19.93 9.70
CA SER A 6 14.57 20.17 8.46
C SER A 6 13.85 18.89 8.01
N SER A 7 12.56 18.95 7.95
CA SER A 7 11.76 17.80 7.73
C SER A 7 11.67 17.41 6.27
N ARG A 8 12.63 16.63 5.84
CA ARG A 8 12.58 16.04 4.50
C ARG A 8 11.83 14.74 4.62
N GLN A 9 11.78 14.26 5.87
CA GLN A 9 11.15 13.00 6.31
C GLN A 9 9.67 12.94 5.90
N LYS A 10 9.11 14.11 5.65
CA LYS A 10 7.72 14.26 5.28
C LYS A 10 7.42 13.70 3.89
N TYR A 11 8.48 13.26 3.17
CA TYR A 11 8.39 12.71 1.81
C TYR A 11 7.38 11.59 1.72
N ALA A 12 7.12 10.94 2.86
CA ALA A 12 6.16 9.87 2.98
C ALA A 12 4.85 10.23 2.29
N GLU A 13 4.29 11.43 2.62
CA GLU A 13 3.00 11.86 2.06
C GLU A 13 3.04 11.91 0.54
N GLU A 14 4.15 12.39 0.02
CA GLU A 14 4.33 12.55 -1.39
C GLU A 14 4.37 11.21 -2.06
N GLU A 15 5.19 10.32 -1.50
CA GLU A 15 5.38 9.00 -2.06
C GLU A 15 4.10 8.19 -2.01
N LEU A 16 3.43 8.21 -0.87
CA LEU A 16 2.22 7.42 -0.69
C LEU A 16 1.07 7.88 -1.57
N GLU A 17 0.85 9.18 -1.64
CA GLU A 17 -0.20 9.70 -2.48
C GLU A 17 0.08 9.40 -3.94
N GLN A 18 1.34 9.61 -4.33
CA GLN A 18 1.75 9.41 -5.67
C GLN A 18 1.64 8.00 -6.07
N VAL A 19 2.05 7.09 -5.22
CA VAL A 19 1.99 5.69 -5.56
C VAL A 19 0.53 5.22 -5.62
N ARG A 20 -0.33 5.76 -4.76
CA ARG A 20 -1.74 5.41 -4.78
C ARG A 20 -2.29 5.70 -6.16
N GLU A 21 -2.07 6.92 -6.63
CA GLU A 21 -2.54 7.25 -7.95
C GLU A 21 -1.75 6.56 -9.07
N ALA A 22 -0.42 6.56 -8.96
CA ALA A 22 0.47 6.04 -10.00
C ALA A 22 0.23 4.59 -10.24
N LEU A 23 0.29 3.86 -9.18
CA LEU A 23 0.17 2.47 -9.20
C LEU A 23 -1.26 2.02 -9.51
N ARG A 24 -2.29 2.68 -8.96
CA ARG A 24 -3.67 2.28 -9.35
C ARG A 24 -3.92 2.56 -10.84
N LYS A 25 -3.31 3.63 -11.34
CA LYS A 25 -3.43 3.97 -12.76
C LYS A 25 -2.77 2.91 -13.60
N ALA A 26 -1.57 2.52 -13.18
CA ALA A 26 -0.83 1.48 -13.84
C ALA A 26 -1.58 0.18 -13.84
N GLU A 27 -2.17 -0.16 -12.69
CA GLU A 27 -2.96 -1.37 -12.55
C GLU A 27 -4.06 -1.43 -13.57
N LYS A 28 -4.89 -0.38 -13.60
CA LYS A 28 -6.02 -0.34 -14.52
C LYS A 28 -5.56 -0.42 -15.98
N GLU A 29 -4.53 0.33 -16.33
CA GLU A 29 -4.09 0.34 -17.69
C GLU A 29 -3.43 -0.99 -18.04
N LEU A 30 -2.78 -1.60 -17.07
CA LEU A 30 -2.07 -2.86 -17.27
C LEU A 30 -3.08 -3.99 -17.47
N GLU A 31 -3.95 -4.19 -16.49
CA GLU A 31 -5.04 -5.19 -16.62
C GLU A 31 -5.82 -4.98 -17.95
N SER A 32 -5.96 -3.71 -18.39
CA SER A 32 -6.68 -3.41 -19.61
C SER A 32 -5.82 -3.74 -20.86
N HIS A 33 -4.58 -3.33 -20.85
CA HIS A 33 -3.64 -3.52 -21.96
C HIS A 33 -3.25 -4.95 -22.19
N SER A 34 -3.23 -5.75 -21.15
CA SER A 34 -2.83 -7.17 -21.24
C SER A 34 -3.58 -7.94 -22.34
N SER A 35 -4.74 -7.44 -22.76
CA SER A 35 -5.51 -8.08 -23.81
C SER A 35 -4.84 -7.92 -25.19
N TRP A 36 -3.90 -7.03 -25.25
CA TRP A 36 -3.20 -6.70 -26.48
C TRP A 36 -1.94 -7.54 -26.61
N TYR A 37 -1.35 -7.89 -25.48
CA TYR A 37 -0.11 -8.63 -25.46
C TYR A 37 -0.24 -9.96 -24.72
N ALA A 38 0.88 -10.56 -24.40
CA ALA A 38 0.89 -11.79 -23.67
C ALA A 38 0.73 -11.49 -22.17
N PRO A 39 0.01 -12.36 -21.43
CA PRO A 39 -0.27 -12.14 -20.01
C PRO A 39 0.95 -12.24 -19.11
N GLU A 40 2.12 -12.49 -19.70
CA GLU A 40 3.38 -12.53 -18.96
C GLU A 40 3.59 -11.23 -18.22
N ALA A 41 3.14 -10.13 -18.85
CA ALA A 41 3.26 -8.83 -18.27
C ALA A 41 2.31 -8.70 -17.09
N LEU A 42 1.12 -9.27 -17.23
CA LEU A 42 0.12 -9.29 -16.16
C LEU A 42 0.61 -10.13 -15.00
N GLN A 43 1.21 -11.28 -15.32
CA GLN A 43 1.78 -12.16 -14.31
C GLN A 43 2.83 -11.43 -13.51
N LYS A 44 3.76 -10.82 -14.23
CA LYS A 44 4.81 -10.00 -13.65
C LYS A 44 4.20 -8.89 -12.79
N TRP A 45 3.29 -8.15 -13.37
CA TRP A 45 2.63 -7.04 -12.71
C TRP A 45 1.82 -7.45 -11.48
N LEU A 46 0.92 -8.41 -11.61
CA LEU A 46 0.08 -8.81 -10.51
C LEU A 46 0.93 -9.45 -9.40
N GLN A 47 1.87 -10.30 -9.79
CA GLN A 47 2.71 -10.95 -8.82
C GLN A 47 3.52 -9.93 -8.05
N LEU A 48 4.06 -8.95 -8.75
CA LEU A 48 4.86 -7.92 -8.09
C LEU A 48 4.01 -6.97 -7.27
N THR A 49 2.84 -6.58 -7.79
CA THR A 49 1.98 -5.67 -7.06
C THR A 49 1.59 -6.26 -5.73
N HIS A 50 1.11 -7.49 -5.76
CA HIS A 50 0.64 -8.13 -4.56
C HIS A 50 1.80 -8.55 -3.67
N GLU A 51 2.93 -8.90 -4.29
CA GLU A 51 4.11 -9.28 -3.52
C GLU A 51 4.59 -8.11 -2.69
N VAL A 52 4.67 -6.95 -3.30
CA VAL A 52 5.13 -5.77 -2.60
C VAL A 52 4.08 -5.32 -1.60
N GLU A 53 2.84 -5.55 -1.96
CA GLU A 53 1.71 -5.30 -1.09
C GLU A 53 1.88 -6.14 0.23
N VAL A 54 2.11 -7.43 0.07
CA VAL A 54 2.40 -8.31 1.21
C VAL A 54 3.67 -7.83 1.95
N GLN A 55 4.65 -7.35 1.19
CA GLN A 55 5.91 -6.87 1.77
C GLN A 55 5.67 -5.71 2.71
N TYR A 56 5.07 -4.59 2.23
CA TYR A 56 4.87 -3.42 3.09
C TYR A 56 4.03 -3.82 4.30
N TYR A 57 3.06 -4.71 4.03
CA TYR A 57 2.13 -5.16 5.04
C TYR A 57 2.85 -5.83 6.17
N ASN A 58 3.64 -6.80 5.81
CA ASN A 58 4.39 -7.59 6.75
C ASN A 58 5.39 -6.71 7.51
N ILE A 59 6.00 -5.78 6.80
CA ILE A 59 6.97 -4.87 7.37
C ILE A 59 6.36 -3.99 8.44
N LYS A 60 5.24 -3.34 8.12
CA LYS A 60 4.60 -2.51 9.10
C LYS A 60 4.00 -3.33 10.22
N LYS A 61 3.62 -4.55 9.92
CA LYS A 61 3.16 -5.47 10.95
C LYS A 61 4.26 -5.68 11.96
N GLN A 62 5.41 -6.07 11.46
CA GLN A 62 6.57 -6.30 12.27
C GLN A 62 6.94 -5.03 13.05
N ASN A 63 7.03 -3.89 12.34
CA ASN A 63 7.45 -2.65 12.99
C ASN A 63 6.43 -2.16 13.99
N ALA A 64 5.16 -2.11 13.59
CA ALA A 64 4.11 -1.53 14.44
C ALA A 64 3.87 -2.35 15.67
N GLU A 65 3.92 -3.65 15.52
CA GLU A 65 3.72 -4.51 16.65
C GLU A 65 4.95 -4.54 17.55
N LYS A 66 6.12 -4.38 16.95
CA LYS A 66 7.35 -4.22 17.72
C LYS A 66 7.29 -2.86 18.44
N GLN A 67 6.81 -1.85 17.73
CA GLN A 67 6.55 -0.53 18.29
C GLN A 67 5.59 -0.62 19.43
N LEU A 68 4.52 -1.40 19.26
CA LEU A 68 3.54 -1.65 20.33
C LEU A 68 4.24 -2.12 21.57
N LEU A 69 5.07 -3.12 21.41
CA LEU A 69 5.76 -3.70 22.53
C LEU A 69 6.74 -2.71 23.18
N VAL A 70 7.59 -2.07 22.38
CA VAL A 70 8.62 -1.18 22.93
C VAL A 70 8.03 0.11 23.50
N ALA A 71 7.00 0.63 22.84
CA ALA A 71 6.35 1.84 23.28
C ALA A 71 5.63 1.58 24.57
N LYS A 72 4.90 0.47 24.64
CA LYS A 72 4.17 0.13 25.87
C LYS A 72 5.13 -0.04 27.03
N GLU A 73 6.23 -0.76 26.78
CA GLU A 73 7.28 -0.96 27.77
C GLU A 73 7.81 0.38 28.27
N GLY A 74 8.26 1.20 27.35
CA GLY A 74 8.79 2.50 27.71
C GLY A 74 7.76 3.34 28.43
N ALA A 75 6.57 3.32 27.93
CA ALA A 75 5.50 4.14 28.45
C ALA A 75 5.16 3.80 29.89
N GLU A 76 5.17 2.54 30.23
CA GLU A 76 4.87 2.15 31.60
C GLU A 76 6.05 2.44 32.51
N LYS A 77 7.23 2.23 31.99
CA LYS A 77 8.45 2.36 32.76
C LYS A 77 8.87 3.80 32.97
N ILE A 78 8.80 4.58 31.93
CA ILE A 78 9.24 5.95 32.01
C ILE A 78 8.10 6.82 32.51
N LYS A 79 7.08 6.94 31.66
CA LYS A 79 5.95 7.80 31.91
C LYS A 79 5.02 7.71 30.73
N LYS A 80 3.72 7.71 30.95
CA LYS A 80 2.79 7.72 29.87
C LYS A 80 1.68 8.69 30.15
N LYS A 81 1.19 9.31 29.12
CA LYS A 81 0.17 10.33 29.25
C LYS A 81 -1.21 9.72 29.17
N ARG A 82 -2.19 10.58 29.29
CA ARG A 82 -3.57 10.22 29.19
C ARG A 82 -4.27 11.24 28.33
N GLY B 1 -4.40 -15.64 3.65
CA GLY B 1 -4.31 -14.19 3.55
C GLY B 1 -5.65 -13.55 3.78
N SER B 2 -5.70 -12.24 3.73
CA SER B 2 -6.94 -11.51 3.97
C SER B 2 -7.73 -11.26 2.68
N GLU B 3 -8.80 -10.46 2.81
CA GLU B 3 -9.75 -10.10 1.75
C GLU B 3 -9.03 -9.65 0.46
N LEU B 4 -8.03 -8.82 0.63
CA LEU B 4 -7.22 -8.33 -0.48
C LEU B 4 -6.48 -9.47 -1.20
N ASN B 5 -6.00 -10.44 -0.45
CA ASN B 5 -5.20 -11.56 -0.98
C ASN B 5 -6.06 -12.48 -1.79
N GLU B 6 -7.13 -12.89 -1.18
CA GLU B 6 -8.03 -13.83 -1.77
C GLU B 6 -8.67 -13.22 -3.02
N LEU B 7 -9.04 -11.96 -2.93
CA LEU B 7 -9.62 -11.29 -4.06
C LEU B 7 -8.58 -10.90 -5.07
N ALA B 8 -7.32 -10.79 -4.66
CA ALA B 8 -6.24 -10.53 -5.60
C ALA B 8 -6.12 -11.68 -6.52
N GLU B 9 -6.06 -12.87 -5.94
CA GLU B 9 -5.92 -14.05 -6.72
C GLU B 9 -7.17 -14.32 -7.57
N PHE B 10 -8.30 -14.07 -7.00
CA PHE B 10 -9.55 -14.31 -7.70
C PHE B 10 -9.75 -13.30 -8.82
N ALA B 11 -9.52 -12.03 -8.53
CA ALA B 11 -9.68 -10.97 -9.52
C ALA B 11 -8.67 -11.07 -10.60
N ARG B 12 -7.44 -11.44 -10.26
CA ARG B 12 -6.42 -11.60 -11.28
C ARG B 12 -6.78 -12.74 -12.21
N LEU B 13 -7.24 -13.88 -11.65
CA LEU B 13 -7.66 -15.02 -12.47
C LEU B 13 -8.82 -14.65 -13.37
N GLN B 14 -9.75 -13.93 -12.82
CA GLN B 14 -10.92 -13.47 -13.55
C GLN B 14 -10.55 -12.45 -14.63
N ASP B 15 -9.79 -11.44 -14.22
CA ASP B 15 -9.36 -10.38 -15.12
C ASP B 15 -8.62 -10.97 -16.28
N GLN B 16 -7.71 -11.90 -16.01
CA GLN B 16 -6.96 -12.47 -17.10
C GLN B 16 -7.79 -13.47 -17.85
N LEU B 17 -8.78 -14.07 -17.19
CA LEU B 17 -9.63 -15.02 -17.86
C LEU B 17 -10.30 -14.32 -19.02
N ASP B 18 -10.60 -13.05 -18.83
CA ASP B 18 -11.14 -12.26 -19.93
C ASP B 18 -10.07 -11.45 -20.68
N HIS B 19 -9.16 -10.88 -19.95
CA HIS B 19 -8.18 -9.94 -20.51
C HIS B 19 -6.78 -10.50 -20.69
N ARG B 20 -6.64 -11.79 -20.74
CA ARG B 20 -5.32 -12.46 -20.83
C ARG B 20 -4.46 -12.00 -22.02
N GLY B 21 -5.09 -11.67 -23.13
CA GLY B 21 -4.32 -11.32 -24.31
C GLY B 21 -3.94 -12.56 -25.06
N ASP B 22 -2.87 -13.17 -24.65
CA ASP B 22 -2.53 -14.48 -25.15
C ASP B 22 -3.23 -15.46 -24.26
N HIS B 23 -4.44 -15.72 -24.60
CA HIS B 23 -5.29 -16.50 -23.78
C HIS B 23 -5.24 -17.97 -24.07
N GLY C 1 -1.49 -1.28 -35.99
CA GLY C 1 -0.85 -0.17 -35.31
C GLY C 1 -0.02 -0.63 -34.14
N SER C 2 -0.36 -0.17 -32.97
CA SER C 2 0.38 -0.50 -31.79
C SER C 2 -0.06 -1.84 -31.22
N HIS C 3 0.60 -2.89 -31.66
CA HIS C 3 0.40 -4.21 -31.09
C HIS C 3 1.40 -4.37 -29.97
N MET C 4 2.53 -3.72 -30.15
CA MET C 4 3.56 -3.64 -29.15
C MET C 4 3.78 -2.19 -28.86
N ALA C 5 3.40 -1.78 -27.70
CA ALA C 5 3.55 -0.42 -27.30
C ALA C 5 4.70 -0.35 -26.31
N SER C 6 5.46 0.73 -26.36
CA SER C 6 6.57 0.93 -25.47
C SER C 6 6.06 1.02 -24.04
N SER C 7 6.36 0.01 -23.28
CA SER C 7 5.84 -0.15 -21.96
C SER C 7 6.50 0.79 -20.96
N ARG C 8 5.94 1.96 -20.80
CA ARG C 8 6.32 2.84 -19.72
C ARG C 8 5.46 2.46 -18.53
N GLN C 9 4.33 1.82 -18.87
CA GLN C 9 3.27 1.35 -17.95
C GLN C 9 3.80 0.48 -16.82
N LYS C 10 4.98 -0.07 -17.05
CA LYS C 10 5.64 -0.94 -16.10
C LYS C 10 6.13 -0.17 -14.85
N TYR C 11 5.98 1.17 -14.88
CA TYR C 11 6.39 2.08 -13.81
C TYR C 11 5.87 1.65 -12.45
N ALA C 12 4.77 0.91 -12.46
CA ALA C 12 4.13 0.37 -11.27
C ALA C 12 5.15 -0.27 -10.34
N GLU C 13 5.99 -1.19 -10.89
CA GLU C 13 6.96 -1.94 -10.09
C GLU C 13 7.93 -1.00 -9.37
N GLU C 14 8.35 0.03 -10.08
CA GLU C 14 9.29 0.98 -9.57
C GLU C 14 8.67 1.76 -8.43
N GLU C 15 7.46 2.25 -8.67
CA GLU C 15 6.78 3.07 -7.70
C GLU C 15 6.45 2.27 -6.43
N LEU C 16 5.90 1.07 -6.63
CA LEU C 16 5.50 0.23 -5.51
C LEU C 16 6.67 -0.22 -4.64
N GLU C 17 7.73 -0.67 -5.26
CA GLU C 17 8.91 -1.10 -4.51
C GLU C 17 9.51 0.08 -3.75
N GLN C 18 9.61 1.21 -4.46
CA GLN C 18 10.20 2.38 -3.89
C GLN C 18 9.37 2.89 -2.75
N VAL C 19 8.07 2.90 -2.91
CA VAL C 19 7.23 3.41 -1.85
C VAL C 19 7.25 2.48 -0.64
N ARG C 20 7.34 1.16 -0.89
CA ARG C 20 7.43 0.20 0.19
C ARG C 20 8.61 0.55 1.06
N GLU C 21 9.77 0.71 0.44
CA GLU C 21 10.92 1.06 1.22
C GLU C 21 10.89 2.51 1.71
N ALA C 22 10.52 3.44 0.84
CA ALA C 22 10.56 4.88 1.14
C ALA C 22 9.65 5.21 2.28
N LEU C 23 8.46 4.78 2.15
CA LEU C 23 7.45 5.05 3.08
C LEU C 23 7.63 4.29 4.38
N ARG C 24 8.04 2.99 4.34
CA ARG C 24 8.31 2.28 5.61
C ARG C 24 9.49 2.92 6.36
N LYS C 25 10.46 3.43 5.59
CA LYS C 25 11.62 4.13 6.17
C LYS C 25 11.15 5.40 6.84
N ALA C 26 10.30 6.13 6.13
CA ALA C 26 9.75 7.36 6.64
C ALA C 26 8.93 7.10 7.88
N GLU C 27 8.11 6.07 7.87
CA GLU C 27 7.30 5.69 9.01
C GLU C 27 8.16 5.49 10.23
N LYS C 28 9.16 4.64 10.11
CA LYS C 28 10.05 4.31 11.22
C LYS C 28 10.79 5.55 11.76
N GLU C 29 11.32 6.35 10.85
CA GLU C 29 12.05 7.52 11.27
C GLU C 29 11.11 8.58 11.85
N LEU C 30 9.89 8.63 11.34
CA LEU C 30 8.92 9.61 11.75
C LEU C 30 8.43 9.28 13.15
N GLU C 31 7.88 8.10 13.31
CA GLU C 31 7.45 7.60 14.64
C GLU C 31 8.62 7.77 15.68
N SER C 32 9.89 7.59 15.21
CA SER C 32 11.01 7.75 16.13
C SER C 32 11.29 9.24 16.44
N HIS C 33 11.34 10.05 15.41
CA HIS C 33 11.64 11.48 15.51
C HIS C 33 10.60 12.27 16.25
N SER C 34 9.36 11.85 16.20
CA SER C 34 8.26 12.53 16.90
C SER C 34 8.55 12.81 18.38
N SER C 35 9.46 12.04 18.99
CA SER C 35 9.83 12.24 20.40
C SER C 35 10.62 13.55 20.60
N TRP C 36 11.09 14.08 19.52
CA TRP C 36 11.90 15.28 19.51
C TRP C 36 11.01 16.50 19.36
N TYR C 37 10.03 16.39 18.50
CA TYR C 37 9.15 17.49 18.20
C TYR C 37 7.74 17.27 18.74
N ALA C 38 6.81 18.09 18.29
CA ALA C 38 5.42 17.96 18.66
C ALA C 38 4.78 16.86 17.82
N PRO C 39 3.84 16.09 18.39
CA PRO C 39 3.21 14.95 17.71
C PRO C 39 2.26 15.35 16.59
N GLU C 40 2.20 16.65 16.29
CA GLU C 40 1.33 17.14 15.22
C GLU C 40 1.80 16.53 13.91
N ALA C 41 3.12 16.32 13.82
CA ALA C 41 3.72 15.73 12.64
C ALA C 41 3.33 14.27 12.55
N LEU C 42 3.29 13.60 13.70
CA LEU C 42 2.87 12.21 13.76
C LEU C 42 1.40 12.09 13.40
N GLN C 43 0.58 13.00 13.91
CA GLN C 43 -0.84 13.02 13.59
C GLN C 43 -1.05 13.19 12.11
N LYS C 44 -0.32 14.12 11.53
CA LYS C 44 -0.32 14.37 10.10
C LYS C 44 0.12 13.11 9.35
N TRP C 45 1.25 12.60 9.74
CA TRP C 45 1.85 11.43 9.14
C TRP C 45 0.97 10.19 9.24
N LEU C 46 0.53 9.84 10.43
CA LEU C 46 -0.26 8.64 10.62
C LEU C 46 -1.62 8.79 9.93
N GLN C 47 -2.23 9.96 10.05
CA GLN C 47 -3.53 10.15 9.43
C GLN C 47 -3.41 10.04 7.92
N LEU C 48 -2.35 10.62 7.37
CA LEU C 48 -2.17 10.57 5.92
C LEU C 48 -1.75 9.20 5.44
N THR C 49 -0.89 8.52 6.19
CA THR C 49 -0.45 7.19 5.80
C THR C 49 -1.61 6.24 5.73
N HIS C 50 -2.40 6.22 6.78
CA HIS C 50 -3.49 5.30 6.85
C HIS C 50 -4.65 5.74 5.95
N GLU C 51 -4.81 7.04 5.78
CA GLU C 51 -5.85 7.55 4.92
C GLU C 51 -5.60 7.13 3.48
N VAL C 52 -4.37 7.29 3.03
CA VAL C 52 -4.03 6.91 1.68
C VAL C 52 -4.04 5.41 1.53
N GLU C 53 -3.70 4.75 2.62
CA GLU C 53 -3.75 3.32 2.71
C GLU C 53 -5.21 2.84 2.42
N VAL C 54 -6.15 3.43 3.14
CA VAL C 54 -7.57 3.16 2.93
C VAL C 54 -7.99 3.56 1.49
N GLN C 55 -7.39 4.65 0.97
CA GLN C 55 -7.70 5.11 -0.38
C GLN C 55 -7.33 4.09 -1.43
N TYR C 56 -6.05 3.66 -1.50
CA TYR C 56 -5.65 2.72 -2.54
C TYR C 56 -6.42 1.41 -2.38
N TYR C 57 -6.66 1.06 -1.11
CA TYR C 57 -7.38 -0.14 -0.76
C TYR C 57 -8.77 -0.13 -1.36
N ASN C 58 -9.50 0.91 -1.06
CA ASN C 58 -10.86 1.11 -1.56
C ASN C 58 -10.88 1.14 -3.08
N ILE C 59 -9.91 1.83 -3.65
CA ILE C 59 -9.82 2.00 -5.10
C ILE C 59 -9.64 0.67 -5.81
N LYS C 60 -8.71 -0.14 -5.34
CA LYS C 60 -8.54 -1.43 -5.94
C LYS C 60 -9.70 -2.33 -5.63
N LYS C 61 -10.34 -2.13 -4.50
CA LYS C 61 -11.53 -2.88 -4.15
C LYS C 61 -12.60 -2.63 -5.20
N GLN C 62 -12.87 -1.37 -5.41
CA GLN C 62 -13.81 -0.91 -6.41
C GLN C 62 -13.44 -1.44 -7.78
N ASN C 63 -12.18 -1.25 -8.17
CA ASN C 63 -11.75 -1.63 -9.51
C ASN C 63 -11.70 -3.11 -9.70
N ALA C 64 -11.11 -3.84 -8.76
CA ALA C 64 -10.94 -5.29 -8.91
C ALA C 64 -12.26 -6.01 -8.89
N GLU C 65 -13.18 -5.55 -8.08
CA GLU C 65 -14.48 -6.16 -8.01
C GLU C 65 -15.34 -5.78 -9.22
N LYS C 66 -15.13 -4.56 -9.72
CA LYS C 66 -15.77 -4.15 -10.96
C LYS C 66 -15.19 -4.98 -12.11
N GLN C 67 -13.86 -5.13 -12.10
CA GLN C 67 -13.14 -6.00 -13.01
C GLN C 67 -13.69 -7.41 -12.94
N LEU C 68 -13.92 -7.91 -11.73
CA LEU C 68 -14.53 -9.23 -11.50
C LEU C 68 -15.82 -9.36 -12.27
N LEU C 69 -16.68 -8.36 -12.12
CA LEU C 69 -17.96 -8.38 -12.77
C LEU C 69 -17.83 -8.29 -14.30
N VAL C 70 -17.06 -7.34 -14.80
CA VAL C 70 -16.95 -7.12 -16.24
C VAL C 70 -16.19 -8.24 -16.94
N ALA C 71 -15.15 -8.74 -16.30
CA ALA C 71 -14.36 -9.81 -16.84
C ALA C 71 -15.19 -11.06 -16.91
N LYS C 72 -15.93 -11.37 -15.83
CA LYS C 72 -16.78 -12.54 -15.81
C LYS C 72 -17.83 -12.47 -16.93
N GLU C 73 -18.47 -11.30 -17.05
CA GLU C 73 -19.48 -11.05 -18.07
C GLU C 73 -18.92 -11.27 -19.46
N GLY C 74 -17.79 -10.64 -19.74
CA GLY C 74 -17.17 -10.80 -21.03
C GLY C 74 -16.73 -12.22 -21.27
N ALA C 75 -16.18 -12.82 -20.27
CA ALA C 75 -15.63 -14.15 -20.38
C ALA C 75 -16.71 -15.17 -20.73
N GLU C 76 -17.87 -15.01 -20.15
CA GLU C 76 -18.97 -15.91 -20.47
C GLU C 76 -19.58 -15.58 -21.82
N LYS C 77 -19.70 -14.30 -22.11
CA LYS C 77 -20.30 -13.82 -23.33
C LYS C 77 -19.45 -14.07 -24.58
N ILE C 78 -18.18 -13.81 -24.48
CA ILE C 78 -17.31 -13.90 -25.63
C ILE C 78 -16.70 -15.28 -25.71
N LYS C 79 -15.85 -15.56 -24.75
CA LYS C 79 -15.07 -16.77 -24.70
C LYS C 79 -14.20 -16.70 -23.48
N LYS C 80 -13.99 -17.82 -22.83
CA LYS C 80 -13.09 -17.88 -21.73
C LYS C 80 -12.31 -19.16 -21.79
N LYS C 81 -11.07 -19.07 -21.40
CA LYS C 81 -10.17 -20.19 -21.43
C LYS C 81 -10.28 -21.05 -20.19
N ARG C 82 -9.48 -22.08 -20.16
CA ARG C 82 -9.37 -23.00 -19.07
C ARG C 82 -7.92 -23.43 -18.96
N GLY D 1 -12.58 -1.48 10.51
CA GLY D 1 -11.69 -1.93 9.44
C GLY D 1 -11.03 -3.23 9.81
N SER D 2 -10.02 -3.61 9.05
CA SER D 2 -9.34 -4.88 9.24
C SER D 2 -8.18 -4.74 10.25
N GLU D 3 -7.35 -5.80 10.32
CA GLU D 3 -6.21 -5.91 11.25
C GLU D 3 -5.31 -4.68 11.18
N LEU D 4 -5.03 -4.26 9.97
CA LEU D 4 -4.20 -3.10 9.72
C LEU D 4 -4.81 -1.82 10.32
N ASN D 5 -6.12 -1.69 10.26
CA ASN D 5 -6.84 -0.51 10.73
C ASN D 5 -6.80 -0.43 12.22
N GLU D 6 -7.22 -1.51 12.82
CA GLU D 6 -7.34 -1.59 14.25
C GLU D 6 -5.98 -1.47 14.91
N LEU D 7 -4.99 -2.11 14.32
CA LEU D 7 -3.65 -2.02 14.83
C LEU D 7 -3.00 -0.73 14.46
N ALA D 8 -3.45 -0.08 13.40
CA ALA D 8 -2.94 1.25 13.07
C ALA D 8 -3.28 2.17 14.16
N GLU D 9 -4.53 2.15 14.55
CA GLU D 9 -5.01 3.02 15.58
C GLU D 9 -4.36 2.68 16.94
N PHE D 10 -4.26 1.43 17.22
CA PHE D 10 -3.69 0.98 18.48
C PHE D 10 -2.20 1.29 18.54
N ALA D 11 -1.48 0.97 17.49
CA ALA D 11 -0.06 1.20 17.41
C ALA D 11 0.26 2.65 17.42
N ARG D 12 -0.52 3.44 16.70
CA ARG D 12 -0.27 4.88 16.67
C ARG D 12 -0.49 5.50 18.05
N LEU D 13 -1.54 5.06 18.76
CA LEU D 13 -1.80 5.54 20.11
C LEU D 13 -0.68 5.14 21.05
N GLN D 14 -0.24 3.91 20.92
CA GLN D 14 0.83 3.38 21.74
C GLN D 14 2.16 4.04 21.43
N ASP D 15 2.47 4.11 20.14
CA ASP D 15 3.70 4.74 19.68
C ASP D 15 3.78 6.14 20.16
N GLN D 16 2.68 6.91 20.05
CA GLN D 16 2.74 8.28 20.49
C GLN D 16 2.66 8.36 22.00
N LEU D 17 2.05 7.36 22.63
CA LEU D 17 1.94 7.37 24.05
C LEU D 17 3.33 7.39 24.64
N ASP D 18 4.26 6.75 23.96
CA ASP D 18 5.65 6.83 24.38
C ASP D 18 6.43 7.91 23.63
N HIS D 19 6.24 7.94 22.33
CA HIS D 19 7.06 8.78 21.44
C HIS D 19 6.39 10.08 21.01
N ARG D 20 5.42 10.54 21.74
CA ARG D 20 4.66 11.76 21.37
C ARG D 20 5.54 13.00 21.17
N GLY D 21 6.61 13.13 21.93
CA GLY D 21 7.42 14.33 21.85
C GLY D 21 6.86 15.39 22.74
N ASP D 22 5.83 16.05 22.29
CA ASP D 22 5.08 16.94 23.14
C ASP D 22 3.97 16.14 23.74
N HIS D 23 4.29 15.49 24.79
CA HIS D 23 3.42 14.53 25.39
C HIS D 23 2.59 15.12 26.50
N GLY A 1 27.02 21.58 12.26
CA GLY A 1 26.02 22.22 13.10
C GLY A 1 25.01 21.22 13.53
N SER A 2 23.84 21.69 13.90
CA SER A 2 22.80 20.81 14.31
C SER A 2 22.07 20.33 13.08
N HIS A 3 21.47 19.17 13.18
CA HIS A 3 20.71 18.62 12.08
C HIS A 3 19.23 18.83 12.33
N MET A 4 18.93 19.50 13.42
CA MET A 4 17.57 19.83 13.79
C MET A 4 17.06 20.95 12.89
N ALA A 5 16.29 20.58 11.91
CA ALA A 5 15.74 21.51 10.94
C ALA A 5 14.41 20.97 10.45
N SER A 6 13.94 21.49 9.34
CA SER A 6 12.70 21.09 8.72
C SER A 6 12.72 19.57 8.39
N SER A 7 11.59 18.92 8.56
CA SER A 7 11.44 17.51 8.33
C SER A 7 11.83 17.13 6.89
N ARG A 8 12.77 16.20 6.74
CA ARG A 8 13.16 15.72 5.42
C ARG A 8 12.27 14.56 5.05
N GLN A 9 11.66 13.96 6.06
CA GLN A 9 10.78 12.82 5.90
C GLN A 9 9.35 13.25 5.55
N LYS A 10 9.22 14.48 5.08
CA LYS A 10 7.93 15.07 4.67
C LYS A 10 7.54 14.55 3.28
N TYR A 11 8.41 13.78 2.69
CA TYR A 11 8.15 13.21 1.40
C TYR A 11 7.17 12.07 1.48
N ALA A 12 7.09 11.47 2.69
CA ALA A 12 6.30 10.28 2.93
C ALA A 12 4.89 10.43 2.43
N GLU A 13 4.22 11.47 2.88
CA GLU A 13 2.85 11.73 2.49
C GLU A 13 2.73 11.95 1.00
N GLU A 14 3.72 12.60 0.42
CA GLU A 14 3.68 12.91 -0.96
C GLU A 14 3.80 11.62 -1.76
N GLU A 15 4.77 10.78 -1.41
CA GLU A 15 4.98 9.56 -2.15
C GLU A 15 3.88 8.55 -1.94
N LEU A 16 3.34 8.46 -0.72
CA LEU A 16 2.24 7.54 -0.48
C LEU A 16 0.98 7.90 -1.26
N GLU A 17 0.64 9.17 -1.29
CA GLU A 17 -0.53 9.61 -2.02
C GLU A 17 -0.29 9.48 -3.54
N GLN A 18 0.93 9.85 -3.96
CA GLN A 18 1.31 9.76 -5.36
C GLN A 18 1.29 8.34 -5.82
N VAL A 19 1.85 7.45 -5.03
CA VAL A 19 1.90 6.07 -5.43
C VAL A 19 0.51 5.46 -5.39
N ARG A 20 -0.34 5.92 -4.47
CA ARG A 20 -1.73 5.48 -4.40
C ARG A 20 -2.38 5.66 -5.75
N GLU A 21 -2.30 6.89 -6.23
CA GLU A 21 -2.91 7.22 -7.46
C GLU A 21 -2.18 6.62 -8.65
N ALA A 22 -0.85 6.63 -8.58
CA ALA A 22 0.01 6.16 -9.67
C ALA A 22 -0.09 4.67 -9.87
N LEU A 23 0.10 3.96 -8.81
CA LEU A 23 0.09 2.52 -8.81
C LEU A 23 -1.28 1.97 -9.09
N ARG A 24 -2.35 2.51 -8.47
CA ARG A 24 -3.68 2.00 -8.79
C ARG A 24 -4.07 2.35 -10.23
N LYS A 25 -3.56 3.50 -10.73
CA LYS A 25 -3.73 3.88 -12.09
C LYS A 25 -3.05 2.87 -12.99
N ALA A 26 -1.77 2.60 -12.72
CA ALA A 26 -1.00 1.64 -13.48
C ALA A 26 -1.62 0.29 -13.45
N GLU A 27 -2.19 -0.10 -12.33
CA GLU A 27 -2.89 -1.35 -12.24
C GLU A 27 -4.02 -1.41 -13.22
N LYS A 28 -4.96 -0.44 -13.18
CA LYS A 28 -6.09 -0.49 -14.12
C LYS A 28 -5.63 -0.30 -15.59
N GLU A 29 -4.61 0.52 -15.75
CA GLU A 29 -3.93 0.76 -17.01
C GLU A 29 -3.38 -0.56 -17.57
N LEU A 30 -2.74 -1.31 -16.70
CA LEU A 30 -2.10 -2.54 -17.06
C LEU A 30 -3.13 -3.60 -17.36
N GLU A 31 -3.97 -3.91 -16.39
CA GLU A 31 -5.05 -4.90 -16.58
C GLU A 31 -5.99 -4.57 -17.78
N SER A 32 -6.08 -3.31 -18.17
CA SER A 32 -6.88 -3.01 -19.36
C SER A 32 -6.08 -3.28 -20.65
N HIS A 33 -4.82 -2.88 -20.63
CA HIS A 33 -3.90 -3.05 -21.74
C HIS A 33 -3.38 -4.45 -21.97
N SER A 34 -3.30 -5.24 -20.93
CA SER A 34 -2.72 -6.59 -20.97
C SER A 34 -3.26 -7.47 -22.10
N SER A 35 -4.49 -7.24 -22.52
CA SER A 35 -5.12 -8.03 -23.55
C SER A 35 -4.49 -7.73 -24.94
N TRP A 36 -3.74 -6.66 -25.00
CA TRP A 36 -3.10 -6.22 -26.21
C TRP A 36 -1.75 -6.92 -26.40
N TYR A 37 -1.19 -7.40 -25.31
CA TYR A 37 0.10 -8.07 -25.33
C TYR A 37 0.05 -9.45 -24.67
N ALA A 38 1.18 -9.96 -24.20
CA ALA A 38 1.27 -11.31 -23.67
C ALA A 38 0.91 -11.40 -22.18
N PRO A 39 0.30 -12.56 -21.75
CA PRO A 39 -0.10 -12.85 -20.36
C PRO A 39 1.01 -12.59 -19.34
N GLU A 40 2.23 -12.85 -19.78
CA GLU A 40 3.40 -12.75 -18.95
C GLU A 40 3.55 -11.39 -18.30
N ALA A 41 3.18 -10.33 -19.01
CA ALA A 41 3.30 -8.99 -18.49
C ALA A 41 2.37 -8.78 -17.32
N LEU A 42 1.12 -9.19 -17.50
CA LEU A 42 0.11 -9.08 -16.45
C LEU A 42 0.47 -9.94 -15.28
N GLN A 43 0.87 -11.14 -15.57
CA GLN A 43 1.16 -12.10 -14.55
C GLN A 43 2.36 -11.67 -13.71
N LYS A 44 3.36 -11.10 -14.37
CA LYS A 44 4.52 -10.60 -13.68
C LYS A 44 4.15 -9.33 -12.91
N TRP A 45 3.34 -8.48 -13.53
CA TRP A 45 2.81 -7.26 -12.90
C TRP A 45 2.03 -7.57 -11.64
N LEU A 46 1.06 -8.48 -11.74
CA LEU A 46 0.29 -8.84 -10.57
C LEU A 46 1.18 -9.53 -9.53
N GLN A 47 2.17 -10.30 -9.99
CA GLN A 47 3.11 -10.92 -9.05
C GLN A 47 3.83 -9.83 -8.27
N LEU A 48 4.24 -8.80 -8.99
CA LEU A 48 4.94 -7.66 -8.40
C LEU A 48 4.06 -6.86 -7.47
N THR A 49 2.85 -6.53 -7.91
CA THR A 49 1.94 -5.76 -7.08
C THR A 49 1.63 -6.51 -5.81
N HIS A 50 1.29 -7.77 -5.96
CA HIS A 50 0.91 -8.61 -4.85
C HIS A 50 2.09 -8.85 -3.91
N GLU A 51 3.26 -9.12 -4.48
CA GLU A 51 4.45 -9.36 -3.69
C GLU A 51 4.77 -8.17 -2.82
N VAL A 52 4.73 -7.00 -3.42
CA VAL A 52 5.05 -5.82 -2.71
C VAL A 52 3.96 -5.47 -1.73
N GLU A 53 2.75 -5.77 -2.12
CA GLU A 53 1.61 -5.49 -1.30
C GLU A 53 1.71 -6.27 0.01
N VAL A 54 1.89 -7.57 -0.12
CA VAL A 54 2.07 -8.43 1.04
C VAL A 54 3.32 -8.02 1.83
N GLN A 55 4.38 -7.61 1.12
CA GLN A 55 5.61 -7.19 1.79
C GLN A 55 5.45 -5.93 2.62
N TYR A 56 5.00 -4.81 2.02
CA TYR A 56 4.89 -3.56 2.80
C TYR A 56 3.93 -3.78 3.97
N TYR A 57 2.90 -4.58 3.69
CA TYR A 57 1.90 -4.95 4.65
C TYR A 57 2.54 -5.65 5.82
N ASN A 58 3.29 -6.66 5.51
CA ASN A 58 3.95 -7.52 6.49
C ASN A 58 4.95 -6.72 7.31
N ILE A 59 5.66 -5.85 6.64
CA ILE A 59 6.67 -5.00 7.24
C ILE A 59 6.06 -4.14 8.31
N LYS A 60 4.99 -3.45 7.98
CA LYS A 60 4.36 -2.66 8.98
C LYS A 60 3.67 -3.49 10.02
N LYS A 61 3.22 -4.69 9.68
CA LYS A 61 2.70 -5.61 10.70
C LYS A 61 3.77 -5.92 11.73
N GLN A 62 4.96 -6.24 11.25
CA GLN A 62 6.10 -6.51 12.09
C GLN A 62 6.42 -5.29 12.93
N ASN A 63 6.51 -4.14 12.27
CA ASN A 63 6.84 -2.89 12.93
C ASN A 63 5.78 -2.52 13.94
N ALA A 64 4.52 -2.61 13.54
CA ALA A 64 3.39 -2.27 14.41
C ALA A 64 3.34 -3.12 15.68
N GLU A 65 3.45 -4.44 15.53
CA GLU A 65 3.53 -5.35 16.68
C GLU A 65 4.74 -5.01 17.57
N LYS A 66 5.88 -4.75 16.93
CA LYS A 66 7.11 -4.37 17.62
C LYS A 66 6.85 -3.09 18.38
N GLN A 67 6.30 -2.11 17.67
CA GLN A 67 5.92 -0.84 18.21
C GLN A 67 5.02 -0.97 19.40
N LEU A 68 3.99 -1.77 19.27
CA LEU A 68 3.08 -2.01 20.36
C LEU A 68 3.83 -2.47 21.60
N LEU A 69 4.67 -3.45 21.43
CA LEU A 69 5.42 -4.02 22.54
C LEU A 69 6.41 -2.98 23.15
N VAL A 70 7.17 -2.34 22.28
CA VAL A 70 8.22 -1.41 22.71
C VAL A 70 7.63 -0.10 23.27
N ALA A 71 6.54 0.37 22.69
CA ALA A 71 5.90 1.57 23.14
C ALA A 71 5.20 1.34 24.45
N LYS A 72 4.59 0.16 24.61
CA LYS A 72 3.95 -0.16 25.87
C LYS A 72 4.96 -0.20 26.99
N GLU A 73 6.10 -0.89 26.77
CA GLU A 73 7.12 -0.93 27.81
C GLU A 73 7.73 0.43 28.09
N GLY A 74 8.00 1.18 27.05
CA GLY A 74 8.55 2.50 27.21
C GLY A 74 7.65 3.39 27.99
N ALA A 75 6.40 3.35 27.65
CA ALA A 75 5.44 4.25 28.24
C ALA A 75 5.13 3.87 29.66
N GLU A 76 5.19 2.58 29.94
CA GLU A 76 4.90 2.13 31.29
C GLU A 76 6.09 2.42 32.21
N LYS A 77 7.29 2.36 31.63
CA LYS A 77 8.52 2.59 32.38
C LYS A 77 8.91 4.05 32.50
N ILE A 78 8.91 4.75 31.42
CA ILE A 78 9.40 6.11 31.42
C ILE A 78 8.31 7.02 31.91
N LYS A 79 7.27 7.12 31.10
CA LYS A 79 6.10 7.93 31.38
C LYS A 79 5.15 7.78 30.22
N LYS A 80 3.93 8.18 30.42
CA LYS A 80 2.94 8.13 29.37
C LYS A 80 2.10 9.37 29.50
N LYS A 81 1.18 9.54 28.61
CA LYS A 81 0.29 10.66 28.70
C LYS A 81 -1.13 10.17 28.68
N ARG A 82 -2.01 11.08 28.87
CA ARG A 82 -3.39 10.86 28.76
C ARG A 82 -3.87 11.86 27.77
N GLY B 1 -4.31 -15.23 4.28
CA GLY B 1 -4.68 -14.58 3.03
C GLY B 1 -5.82 -13.64 3.25
N SER B 2 -5.53 -12.38 3.34
CA SER B 2 -6.52 -11.37 3.63
C SER B 2 -7.37 -11.03 2.41
N GLU B 3 -8.36 -10.16 2.62
CA GLU B 3 -9.33 -9.71 1.60
C GLU B 3 -8.61 -9.20 0.32
N LEU B 4 -7.56 -8.44 0.52
CA LEU B 4 -6.75 -7.93 -0.57
C LEU B 4 -6.10 -9.06 -1.38
N ASN B 5 -5.59 -10.06 -0.69
CA ASN B 5 -4.87 -11.20 -1.25
C ASN B 5 -5.79 -12.05 -2.06
N GLU B 6 -6.90 -12.36 -1.47
CA GLU B 6 -7.84 -13.24 -2.08
C GLU B 6 -8.44 -12.60 -3.32
N LEU B 7 -8.80 -11.33 -3.23
CA LEU B 7 -9.36 -10.65 -4.38
C LEU B 7 -8.30 -10.38 -5.40
N ALA B 8 -7.04 -10.29 -4.97
CA ALA B 8 -5.94 -10.14 -5.90
C ALA B 8 -5.90 -11.33 -6.77
N GLU B 9 -5.94 -12.50 -6.15
CA GLU B 9 -5.86 -13.73 -6.88
C GLU B 9 -7.11 -13.96 -7.77
N PHE B 10 -8.24 -13.67 -7.22
CA PHE B 10 -9.51 -13.87 -7.93
C PHE B 10 -9.70 -12.93 -9.10
N ALA B 11 -9.41 -11.67 -8.89
CA ALA B 11 -9.60 -10.68 -9.91
C ALA B 11 -8.54 -10.79 -10.95
N ARG B 12 -7.33 -11.17 -10.54
CA ARG B 12 -6.26 -11.34 -11.49
C ARG B 12 -6.57 -12.51 -12.42
N LEU B 13 -7.09 -13.61 -11.86
CA LEU B 13 -7.48 -14.75 -12.66
C LEU B 13 -8.61 -14.39 -13.60
N GLN B 14 -9.57 -13.66 -13.09
CA GLN B 14 -10.69 -13.23 -13.89
C GLN B 14 -10.30 -12.23 -14.98
N ASP B 15 -9.54 -11.21 -14.61
CA ASP B 15 -9.11 -10.23 -15.57
C ASP B 15 -8.31 -10.87 -16.64
N GLN B 16 -7.42 -11.79 -16.28
CA GLN B 16 -6.62 -12.41 -17.31
C GLN B 16 -7.44 -13.41 -18.07
N LEU B 17 -8.47 -13.95 -17.44
CA LEU B 17 -9.32 -14.90 -18.11
C LEU B 17 -9.92 -14.24 -19.32
N ASP B 18 -10.19 -12.94 -19.19
CA ASP B 18 -10.66 -12.18 -20.34
C ASP B 18 -9.50 -11.45 -21.06
N HIS B 19 -8.70 -10.75 -20.32
CA HIS B 19 -7.64 -9.87 -20.82
C HIS B 19 -6.25 -10.45 -20.75
N ARG B 20 -6.12 -11.74 -20.83
CA ARG B 20 -4.78 -12.35 -20.81
C ARG B 20 -3.96 -11.96 -22.05
N GLY B 21 -4.64 -11.54 -23.09
CA GLY B 21 -3.97 -11.24 -24.34
C GLY B 21 -3.87 -12.48 -25.17
N ASP B 22 -3.14 -13.43 -24.68
CA ASP B 22 -3.05 -14.74 -25.27
C ASP B 22 -3.64 -15.69 -24.27
N HIS B 23 -4.88 -15.95 -24.41
CA HIS B 23 -5.59 -16.70 -23.43
C HIS B 23 -5.98 -18.07 -23.92
N GLY C 1 2.17 7.64 -35.91
CA GLY C 1 2.38 6.22 -36.16
C GLY C 1 1.66 5.37 -35.15
N SER C 2 2.22 4.24 -34.84
CA SER C 2 1.61 3.34 -33.89
C SER C 2 2.09 3.67 -32.49
N HIS C 3 1.26 3.42 -31.52
CA HIS C 3 1.60 3.64 -30.13
C HIS C 3 1.97 2.34 -29.46
N MET C 4 1.94 1.27 -30.25
CA MET C 4 2.32 -0.05 -29.77
C MET C 4 3.83 -0.13 -29.70
N ALA C 5 4.34 -0.07 -28.50
CA ALA C 5 5.76 -0.10 -28.25
C ALA C 5 6.00 -0.65 -26.86
N SER C 6 7.17 -0.43 -26.31
CA SER C 6 7.53 -0.89 -24.99
C SER C 6 6.56 -0.34 -23.93
N SER C 7 6.32 -1.11 -22.90
CA SER C 7 5.41 -0.74 -21.83
C SER C 7 5.89 0.51 -21.09
N ARG C 8 5.05 1.55 -21.08
CA ARG C 8 5.36 2.78 -20.34
C ARG C 8 4.98 2.59 -18.89
N GLN C 9 4.00 1.72 -18.69
CA GLN C 9 3.45 1.42 -17.37
C GLN C 9 4.35 0.45 -16.59
N LYS C 10 5.60 0.35 -17.01
CA LYS C 10 6.62 -0.49 -16.41
C LYS C 10 7.19 0.17 -15.14
N TYR C 11 6.72 1.38 -14.87
CA TYR C 11 7.13 2.12 -13.71
C TYR C 11 6.46 1.58 -12.46
N ALA C 12 5.33 0.90 -12.65
CA ALA C 12 4.46 0.45 -11.57
C ALA C 12 5.21 -0.35 -10.55
N GLU C 13 5.86 -1.42 -11.00
CA GLU C 13 6.60 -2.32 -10.13
C GLU C 13 7.73 -1.60 -9.42
N GLU C 14 8.34 -0.69 -10.12
CA GLU C 14 9.43 0.05 -9.58
C GLU C 14 8.91 0.93 -8.46
N GLU C 15 7.88 1.73 -8.73
CA GLU C 15 7.36 2.66 -7.75
C GLU C 15 6.73 1.96 -6.57
N LEU C 16 6.05 0.84 -6.80
CA LEU C 16 5.46 0.10 -5.70
C LEU C 16 6.51 -0.47 -4.76
N GLU C 17 7.56 -1.05 -5.32
CA GLU C 17 8.62 -1.61 -4.49
C GLU C 17 9.40 -0.48 -3.78
N GLN C 18 9.65 0.60 -4.51
CA GLN C 18 10.37 1.73 -3.98
C GLN C 18 9.58 2.38 -2.87
N VAL C 19 8.28 2.56 -3.08
CA VAL C 19 7.47 3.20 -2.07
C VAL C 19 7.30 2.28 -0.87
N ARG C 20 7.28 0.97 -1.10
CA ARG C 20 7.23 -0.01 -0.02
C ARG C 20 8.36 0.27 0.94
N GLU C 21 9.57 0.33 0.41
CA GLU C 21 10.69 0.55 1.25
C GLU C 21 10.77 1.97 1.75
N ALA C 22 10.44 2.91 0.89
CA ALA C 22 10.56 4.34 1.19
C ALA C 22 9.57 4.77 2.26
N LEU C 23 8.33 4.44 2.03
CA LEU C 23 7.25 4.79 2.89
C LEU C 23 7.34 4.06 4.21
N ARG C 24 7.63 2.75 4.21
CA ARG C 24 7.75 2.05 5.50
C ARG C 24 8.99 2.53 6.27
N LYS C 25 10.03 2.94 5.52
CA LYS C 25 11.21 3.54 6.10
C LYS C 25 10.81 4.85 6.75
N ALA C 26 10.15 5.73 5.99
CA ALA C 26 9.70 7.01 6.49
C ALA C 26 8.81 6.85 7.68
N GLU C 27 7.97 5.83 7.69
CA GLU C 27 7.14 5.56 8.82
C GLU C 27 7.97 5.31 10.05
N LYS C 28 8.89 4.33 10.00
CA LYS C 28 9.72 4.05 11.19
C LYS C 28 10.64 5.24 11.54
N GLU C 29 11.12 5.90 10.52
CA GLU C 29 11.91 7.12 10.60
C GLU C 29 11.14 8.20 11.36
N LEU C 30 9.90 8.38 10.98
CA LEU C 30 9.06 9.39 11.52
C LEU C 30 8.69 9.06 12.95
N GLU C 31 8.05 7.92 13.15
CA GLU C 31 7.67 7.45 14.51
C GLU C 31 8.87 7.40 15.48
N SER C 32 10.09 7.23 14.98
CA SER C 32 11.23 7.28 15.89
C SER C 32 11.64 8.73 16.22
N HIS C 33 11.60 9.58 15.20
CA HIS C 33 11.94 11.00 15.31
C HIS C 33 10.90 11.88 15.96
N SER C 34 9.64 11.51 15.87
CA SER C 34 8.51 12.30 16.37
C SER C 34 8.68 12.77 17.83
N SER C 35 9.44 12.02 18.61
CA SER C 35 9.70 12.33 20.01
C SER C 35 10.60 13.57 20.15
N TRP C 36 11.17 13.98 19.07
CA TRP C 36 12.08 15.10 19.03
C TRP C 36 11.33 16.41 18.74
N TYR C 37 10.18 16.30 18.10
CA TYR C 37 9.40 17.46 17.72
C TYR C 37 7.94 17.36 18.23
N ALA C 38 7.03 18.06 17.57
CA ALA C 38 5.65 18.16 18.05
C ALA C 38 4.77 16.99 17.60
N PRO C 39 3.78 16.58 18.45
CA PRO C 39 2.80 15.50 18.18
C PRO C 39 2.10 15.65 16.84
N GLU C 40 1.88 16.90 16.46
CA GLU C 40 1.12 17.25 15.27
C GLU C 40 1.74 16.66 14.00
N ALA C 41 3.06 16.49 13.99
CA ALA C 41 3.73 15.97 12.83
C ALA C 41 3.44 14.48 12.68
N LEU C 42 3.49 13.77 13.80
CA LEU C 42 3.19 12.34 13.81
C LEU C 42 1.75 12.11 13.50
N GLN C 43 0.91 12.88 14.15
CA GLN C 43 -0.51 12.72 14.04
C GLN C 43 -0.98 13.01 12.62
N LYS C 44 -0.37 14.00 11.99
CA LYS C 44 -0.69 14.34 10.62
C LYS C 44 -0.12 13.25 9.70
N TRP C 45 1.09 12.81 9.99
CA TRP C 45 1.76 11.72 9.26
C TRP C 45 0.92 10.44 9.30
N LEU C 46 0.51 10.00 10.49
CA LEU C 46 -0.30 8.82 10.58
C LEU C 46 -1.67 9.07 9.92
N GLN C 47 -2.19 10.29 10.02
CA GLN C 47 -3.45 10.61 9.35
C GLN C 47 -3.28 10.41 7.85
N LEU C 48 -2.15 10.85 7.34
CA LEU C 48 -1.82 10.72 5.92
C LEU C 48 -1.61 9.29 5.50
N THR C 49 -0.80 8.56 6.25
CA THR C 49 -0.52 7.18 5.93
C THR C 49 -1.80 6.37 5.93
N HIS C 50 -2.58 6.53 6.99
CA HIS C 50 -3.81 5.81 7.16
C HIS C 50 -4.84 6.19 6.11
N GLU C 51 -4.97 7.48 5.84
CA GLU C 51 -5.91 7.96 4.84
C GLU C 51 -5.63 7.34 3.50
N VAL C 52 -4.38 7.38 3.10
CA VAL C 52 -4.00 6.89 1.83
C VAL C 52 -4.04 5.39 1.78
N GLU C 53 -3.74 4.78 2.90
CA GLU C 53 -3.77 3.35 3.03
C GLU C 53 -5.20 2.85 2.76
N VAL C 54 -6.15 3.41 3.48
CA VAL C 54 -7.55 3.08 3.29
C VAL C 54 -8.01 3.47 1.86
N GLN C 55 -7.48 4.59 1.34
CA GLN C 55 -7.83 5.02 -0.01
C GLN C 55 -7.38 4.04 -1.07
N TYR C 56 -6.06 3.72 -1.14
CA TYR C 56 -5.55 2.82 -2.20
C TYR C 56 -6.28 1.49 -2.11
N TYR C 57 -6.51 1.08 -0.86
CA TYR C 57 -7.15 -0.15 -0.52
C TYR C 57 -8.54 -0.18 -1.11
N ASN C 58 -9.29 0.83 -0.79
CA ASN C 58 -10.68 0.97 -1.19
C ASN C 58 -10.79 1.06 -2.71
N ILE C 59 -9.85 1.77 -3.31
CA ILE C 59 -9.80 1.96 -4.74
C ILE C 59 -9.68 0.64 -5.45
N LYS C 60 -8.71 -0.16 -5.04
CA LYS C 60 -8.56 -1.44 -5.63
C LYS C 60 -9.66 -2.38 -5.24
N LYS C 61 -10.24 -2.20 -4.07
CA LYS C 61 -11.44 -2.99 -3.72
C LYS C 61 -12.54 -2.75 -4.71
N GLN C 62 -12.83 -1.49 -4.97
CA GLN C 62 -13.81 -1.10 -5.96
C GLN C 62 -13.45 -1.68 -7.32
N ASN C 63 -12.21 -1.45 -7.74
CA ASN C 63 -11.71 -1.90 -9.03
C ASN C 63 -11.81 -3.40 -9.12
N ALA C 64 -11.37 -4.09 -8.08
CA ALA C 64 -11.38 -5.55 -8.03
C ALA C 64 -12.79 -6.13 -8.15
N GLU C 65 -13.73 -5.62 -7.36
CA GLU C 65 -15.13 -6.06 -7.42
C GLU C 65 -15.73 -5.77 -8.81
N LYS C 66 -15.42 -4.58 -9.33
CA LYS C 66 -15.85 -4.14 -10.65
C LYS C 66 -15.28 -5.12 -11.69
N GLN C 67 -13.99 -5.37 -11.57
CA GLN C 67 -13.27 -6.31 -12.39
C GLN C 67 -13.87 -7.67 -12.37
N LEU C 68 -14.12 -8.18 -11.18
CA LEU C 68 -14.74 -9.47 -11.03
C LEU C 68 -16.03 -9.54 -11.83
N LEU C 69 -16.86 -8.54 -11.67
CA LEU C 69 -18.15 -8.52 -12.36
C LEU C 69 -17.97 -8.43 -13.89
N VAL C 70 -17.13 -7.48 -14.33
CA VAL C 70 -16.96 -7.20 -15.75
C VAL C 70 -16.14 -8.30 -16.48
N ALA C 71 -15.20 -8.88 -15.78
CA ALA C 71 -14.39 -9.93 -16.36
C ALA C 71 -15.19 -11.21 -16.44
N LYS C 72 -16.02 -11.48 -15.43
CA LYS C 72 -16.88 -12.66 -15.48
C LYS C 72 -17.85 -12.56 -16.65
N GLU C 73 -18.53 -11.42 -16.77
CA GLU C 73 -19.48 -11.23 -17.86
C GLU C 73 -18.78 -11.26 -19.23
N GLY C 74 -17.64 -10.58 -19.34
CA GLY C 74 -16.90 -10.56 -20.56
C GLY C 74 -16.47 -11.94 -20.99
N ALA C 75 -15.95 -12.67 -20.07
CA ALA C 75 -15.39 -13.97 -20.36
C ALA C 75 -16.49 -14.98 -20.64
N GLU C 76 -17.63 -14.80 -20.03
CA GLU C 76 -18.72 -15.73 -20.28
C GLU C 76 -19.35 -15.44 -21.66
N LYS C 77 -19.36 -14.16 -22.02
CA LYS C 77 -19.95 -13.71 -23.27
C LYS C 77 -19.04 -13.89 -24.47
N ILE C 78 -17.83 -13.41 -24.36
CA ILE C 78 -16.92 -13.42 -25.48
C ILE C 78 -16.28 -14.78 -25.59
N LYS C 79 -15.45 -15.08 -24.62
CA LYS C 79 -14.70 -16.31 -24.56
C LYS C 79 -13.87 -16.28 -23.31
N LYS C 80 -13.49 -17.43 -22.86
CA LYS C 80 -12.64 -17.53 -21.70
C LYS C 80 -11.62 -18.59 -22.01
N LYS C 81 -10.67 -18.76 -21.14
CA LYS C 81 -9.69 -19.78 -21.33
C LYS C 81 -9.70 -20.70 -20.15
N ARG C 82 -8.94 -21.73 -20.28
CA ARG C 82 -8.66 -22.65 -19.24
C ARG C 82 -7.18 -22.62 -19.01
N GLY D 1 -12.90 -2.28 9.75
CA GLY D 1 -11.62 -1.90 10.33
C GLY D 1 -10.72 -3.11 10.39
N SER D 2 -10.03 -3.37 9.31
CA SER D 2 -9.18 -4.54 9.17
C SER D 2 -7.94 -4.48 10.07
N GLU D 3 -7.17 -5.56 10.04
CA GLU D 3 -5.99 -5.79 10.88
C GLU D 3 -4.99 -4.59 10.79
N LEU D 4 -4.79 -4.12 9.58
CA LEU D 4 -3.93 -2.98 9.32
C LEU D 4 -4.45 -1.71 10.01
N ASN D 5 -5.75 -1.50 9.94
CA ASN D 5 -6.44 -0.32 10.43
C ASN D 5 -6.39 -0.27 11.93
N GLU D 6 -6.72 -1.38 12.52
CA GLU D 6 -6.79 -1.48 13.94
C GLU D 6 -5.40 -1.34 14.54
N LEU D 7 -4.41 -1.99 13.95
CA LEU D 7 -3.07 -1.86 14.47
C LEU D 7 -2.50 -0.51 14.16
N ALA D 8 -3.02 0.14 13.13
CA ALA D 8 -2.60 1.49 12.82
C ALA D 8 -2.97 2.36 13.96
N GLU D 9 -4.22 2.26 14.38
CA GLU D 9 -4.72 3.07 15.45
C GLU D 9 -4.04 2.74 16.79
N PHE D 10 -3.89 1.49 17.06
CA PHE D 10 -3.31 1.03 18.31
C PHE D 10 -1.84 1.38 18.44
N ALA D 11 -1.08 1.14 17.39
CA ALA D 11 0.33 1.36 17.42
C ALA D 11 0.62 2.83 17.36
N ARG D 12 -0.20 3.59 16.64
CA ARG D 12 -0.01 5.02 16.56
C ARG D 12 -0.25 5.66 17.93
N LEU D 13 -1.33 5.23 18.62
CA LEU D 13 -1.63 5.74 19.95
C LEU D 13 -0.51 5.38 20.91
N GLN D 14 -0.04 4.16 20.81
CA GLN D 14 1.03 3.70 21.65
C GLN D 14 2.36 4.40 21.36
N ASP D 15 2.71 4.48 20.09
CA ASP D 15 3.95 5.11 19.71
C ASP D 15 3.94 6.54 20.13
N GLN D 16 2.82 7.24 19.95
CA GLN D 16 2.81 8.62 20.32
C GLN D 16 2.71 8.76 21.82
N LEU D 17 2.14 7.76 22.46
CA LEU D 17 2.04 7.77 23.90
C LEU D 17 3.43 7.89 24.47
N ASP D 18 4.39 7.24 23.81
CA ASP D 18 5.78 7.37 24.23
C ASP D 18 6.53 8.48 23.44
N HIS D 19 6.37 8.47 22.14
CA HIS D 19 7.13 9.34 21.22
C HIS D 19 6.33 10.52 20.69
N ARG D 20 5.38 10.99 21.42
CA ARG D 20 4.60 12.16 20.96
C ARG D 20 5.46 13.43 20.83
N GLY D 21 6.56 13.47 21.57
CA GLY D 21 7.42 14.65 21.58
C GLY D 21 6.98 15.59 22.67
N ASP D 22 5.75 15.99 22.57
CA ASP D 22 5.08 16.78 23.58
C ASP D 22 3.89 15.99 24.01
N HIS D 23 4.05 15.21 25.04
CA HIS D 23 3.04 14.29 25.43
C HIS D 23 2.41 14.64 26.75
N GLY A 1 4.91 23.73 22.21
CA GLY A 1 6.32 24.10 22.30
C GLY A 1 7.04 23.85 21.00
N SER A 2 7.68 22.71 20.87
CA SER A 2 8.43 22.40 19.70
C SER A 2 7.56 21.71 18.65
N HIS A 3 6.92 22.52 17.83
CA HIS A 3 6.05 21.99 16.78
C HIS A 3 6.86 21.72 15.54
N MET A 4 7.81 22.56 15.31
CA MET A 4 8.65 22.47 14.14
C MET A 4 9.96 21.84 14.50
N ALA A 5 10.39 20.93 13.68
CA ALA A 5 11.64 20.24 13.81
C ALA A 5 12.06 19.86 12.44
N SER A 6 13.26 19.34 12.31
CA SER A 6 13.79 18.94 11.02
C SER A 6 12.98 17.79 10.42
N SER A 7 12.07 18.14 9.55
CA SER A 7 11.22 17.17 8.92
C SER A 7 11.71 16.96 7.51
N ARG A 8 12.60 16.01 7.36
CA ARG A 8 13.17 15.71 6.06
C ARG A 8 12.54 14.44 5.52
N GLN A 9 11.90 13.72 6.41
CA GLN A 9 11.22 12.47 6.14
C GLN A 9 9.80 12.73 5.65
N LYS A 10 9.47 14.00 5.51
CA LYS A 10 8.12 14.42 5.15
C LYS A 10 7.76 14.09 3.69
N TYR A 11 8.73 13.59 2.93
CA TYR A 11 8.50 13.20 1.55
C TYR A 11 7.50 12.07 1.46
N ALA A 12 7.40 11.31 2.57
CA ALA A 12 6.53 10.16 2.68
C ALA A 12 5.13 10.47 2.17
N GLU A 13 4.57 11.60 2.62
CA GLU A 13 3.22 11.98 2.25
C GLU A 13 3.08 12.15 0.72
N GLU A 14 4.08 12.75 0.11
CA GLU A 14 4.06 12.99 -1.31
C GLU A 14 4.14 11.65 -2.03
N GLU A 15 5.07 10.82 -1.58
CA GLU A 15 5.31 9.52 -2.16
C GLU A 15 4.08 8.62 -2.09
N LEU A 16 3.44 8.57 -0.93
CA LEU A 16 2.28 7.72 -0.74
C LEU A 16 1.07 8.16 -1.55
N GLU A 17 0.76 9.46 -1.56
CA GLU A 17 -0.34 9.99 -2.39
C GLU A 17 -0.09 9.66 -3.88
N GLN A 18 1.12 9.96 -4.32
CA GLN A 18 1.50 9.77 -5.69
C GLN A 18 1.37 8.33 -6.07
N VAL A 19 1.94 7.46 -5.27
CA VAL A 19 1.95 6.06 -5.59
C VAL A 19 0.54 5.46 -5.56
N ARG A 20 -0.32 5.99 -4.67
CA ARG A 20 -1.69 5.53 -4.62
C ARG A 20 -2.34 5.72 -5.96
N GLU A 21 -2.28 6.96 -6.45
CA GLU A 21 -2.97 7.24 -7.70
C GLU A 21 -2.23 6.62 -8.85
N ALA A 22 -0.95 6.62 -8.74
CA ALA A 22 -0.06 6.21 -9.83
C ALA A 22 -0.15 4.73 -10.07
N LEU A 23 0.02 4.00 -9.02
CA LEU A 23 0.03 2.57 -9.07
C LEU A 23 -1.37 2.01 -9.28
N ARG A 24 -2.40 2.60 -8.69
CA ARG A 24 -3.77 2.10 -8.92
C ARG A 24 -4.20 2.37 -10.36
N LYS A 25 -3.74 3.50 -10.88
CA LYS A 25 -3.95 3.85 -12.24
C LYS A 25 -3.27 2.84 -13.11
N ALA A 26 -2.00 2.58 -12.83
CA ALA A 26 -1.21 1.58 -13.52
C ALA A 26 -1.85 0.22 -13.44
N GLU A 27 -2.46 -0.12 -12.31
CA GLU A 27 -3.18 -1.38 -12.17
C GLU A 27 -4.29 -1.50 -13.20
N LYS A 28 -5.20 -0.52 -13.24
CA LYS A 28 -6.31 -0.59 -14.23
C LYS A 28 -5.79 -0.46 -15.70
N GLU A 29 -4.77 0.34 -15.84
CA GLU A 29 -4.05 0.56 -17.06
C GLU A 29 -3.47 -0.77 -17.56
N LEU A 30 -2.83 -1.47 -16.64
CA LEU A 30 -2.12 -2.69 -16.90
C LEU A 30 -3.10 -3.78 -17.24
N GLU A 31 -4.03 -4.06 -16.33
CA GLU A 31 -5.06 -5.09 -16.57
C GLU A 31 -5.75 -4.87 -17.95
N SER A 32 -5.94 -3.61 -18.35
CA SER A 32 -6.61 -3.36 -19.60
C SER A 32 -5.64 -3.56 -20.78
N HIS A 33 -4.40 -3.22 -20.56
CA HIS A 33 -3.37 -3.29 -21.56
C HIS A 33 -2.94 -4.75 -21.84
N SER A 34 -3.04 -5.62 -20.82
CA SER A 34 -2.60 -7.03 -20.92
C SER A 34 -3.19 -7.78 -22.11
N SER A 35 -4.32 -7.31 -22.65
CA SER A 35 -4.98 -7.95 -23.79
C SER A 35 -4.10 -7.86 -25.06
N TRP A 36 -3.13 -6.99 -24.99
CA TRP A 36 -2.23 -6.70 -26.09
C TRP A 36 -0.99 -7.57 -26.03
N TYR A 37 -0.68 -8.09 -24.86
CA TYR A 37 0.53 -8.85 -24.67
C TYR A 37 0.31 -10.17 -23.96
N ALA A 38 1.40 -10.83 -23.65
CA ALA A 38 1.36 -12.10 -23.00
C ALA A 38 1.05 -11.94 -21.53
N PRO A 39 0.31 -12.90 -20.95
CA PRO A 39 -0.14 -12.86 -19.55
C PRO A 39 1.01 -12.79 -18.57
N GLU A 40 2.21 -13.13 -19.01
CA GLU A 40 3.40 -13.11 -18.17
C GLU A 40 3.64 -11.74 -17.56
N ALA A 41 3.34 -10.69 -18.32
CA ALA A 41 3.53 -9.34 -17.85
C ALA A 41 2.49 -9.01 -16.78
N LEU A 42 1.26 -9.48 -16.99
CA LEU A 42 0.19 -9.33 -16.00
C LEU A 42 0.52 -10.12 -14.75
N GLN A 43 1.03 -11.31 -14.95
CA GLN A 43 1.40 -12.16 -13.84
C GLN A 43 2.49 -11.53 -13.04
N LYS A 44 3.48 -10.98 -13.72
CA LYS A 44 4.57 -10.27 -13.06
C LYS A 44 4.00 -9.07 -12.31
N TRP A 45 3.19 -8.29 -13.00
CA TRP A 45 2.55 -7.11 -12.44
C TRP A 45 1.74 -7.43 -11.20
N LEU A 46 0.83 -8.39 -11.30
CA LEU A 46 0.02 -8.74 -10.16
C LEU A 46 0.90 -9.35 -9.07
N GLN A 47 1.89 -10.14 -9.47
CA GLN A 47 2.82 -10.75 -8.54
C GLN A 47 3.51 -9.67 -7.72
N LEU A 48 4.00 -8.66 -8.41
CA LEU A 48 4.73 -7.58 -7.75
C LEU A 48 3.81 -6.64 -6.97
N THR A 49 2.65 -6.30 -7.53
CA THR A 49 1.70 -5.46 -6.81
C THR A 49 1.29 -6.14 -5.51
N HIS A 50 0.93 -7.40 -5.63
CA HIS A 50 0.51 -8.21 -4.50
C HIS A 50 1.67 -8.45 -3.54
N GLU A 51 2.86 -8.68 -4.08
CA GLU A 51 4.03 -8.90 -3.25
C GLU A 51 4.29 -7.68 -2.42
N VAL A 52 4.29 -6.52 -3.03
CA VAL A 52 4.57 -5.29 -2.31
C VAL A 52 3.47 -4.95 -1.34
N GLU A 53 2.28 -5.30 -1.71
CA GLU A 53 1.11 -5.11 -0.90
C GLU A 53 1.27 -5.94 0.40
N VAL A 54 1.50 -7.23 0.24
CA VAL A 54 1.73 -8.11 1.38
C VAL A 54 3.03 -7.74 2.12
N GLN A 55 4.06 -7.31 1.37
CA GLN A 55 5.32 -6.89 1.96
C GLN A 55 5.15 -5.70 2.85
N TYR A 56 4.60 -4.57 2.33
CA TYR A 56 4.42 -3.37 3.16
C TYR A 56 3.62 -3.74 4.38
N TYR A 57 2.57 -4.55 4.15
CA TYR A 57 1.68 -5.02 5.17
C TYR A 57 2.45 -5.71 6.27
N ASN A 58 3.19 -6.69 5.88
CA ASN A 58 3.94 -7.52 6.78
C ASN A 58 4.98 -6.70 7.53
N ILE A 59 5.61 -5.79 6.80
CA ILE A 59 6.64 -4.91 7.35
C ILE A 59 6.07 -4.07 8.47
N LYS A 60 4.98 -3.41 8.20
CA LYS A 60 4.37 -2.61 9.20
C LYS A 60 3.71 -3.41 10.26
N LYS A 61 3.24 -4.62 9.95
CA LYS A 61 2.75 -5.50 11.02
C LYS A 61 3.87 -5.80 11.99
N GLN A 62 5.01 -6.14 11.43
CA GLN A 62 6.21 -6.43 12.20
C GLN A 62 6.60 -5.21 13.01
N ASN A 63 6.65 -4.07 12.32
CA ASN A 63 6.97 -2.77 12.93
C ASN A 63 5.97 -2.47 14.01
N ALA A 64 4.70 -2.65 13.70
CA ALA A 64 3.60 -2.37 14.62
C ALA A 64 3.66 -3.22 15.89
N GLU A 65 3.89 -4.52 15.76
CA GLU A 65 4.05 -5.40 16.91
C GLU A 65 5.25 -4.97 17.75
N LYS A 66 6.34 -4.67 17.05
CA LYS A 66 7.56 -4.19 17.70
C LYS A 66 7.24 -2.89 18.42
N GLN A 67 6.57 -2.00 17.72
CA GLN A 67 6.10 -0.72 18.23
C GLN A 67 5.32 -0.87 19.48
N LEU A 68 4.33 -1.73 19.43
CA LEU A 68 3.50 -2.02 20.56
C LEU A 68 4.36 -2.42 21.77
N LEU A 69 5.31 -3.30 21.55
CA LEU A 69 6.22 -3.75 22.60
C LEU A 69 7.13 -2.60 23.08
N VAL A 70 7.76 -1.90 22.13
CA VAL A 70 8.71 -0.84 22.45
C VAL A 70 8.04 0.28 23.22
N ALA A 71 6.92 0.72 22.70
CA ALA A 71 6.22 1.82 23.28
C ALA A 71 5.64 1.45 24.63
N LYS A 72 5.20 0.19 24.76
CA LYS A 72 4.69 -0.30 26.04
C LYS A 72 5.78 -0.19 27.09
N GLU A 73 6.95 -0.76 26.75
CA GLU A 73 8.11 -0.77 27.61
C GLU A 73 8.51 0.66 27.97
N GLY A 74 8.72 1.45 26.95
CA GLY A 74 9.14 2.81 27.12
C GLY A 74 8.21 3.59 28.01
N ALA A 75 6.95 3.50 27.75
CA ALA A 75 6.00 4.32 28.46
C ALA A 75 5.86 3.89 29.91
N GLU A 76 5.95 2.59 30.17
CA GLU A 76 5.84 2.14 31.56
C GLU A 76 7.10 2.39 32.36
N LYS A 77 8.22 2.42 31.67
CA LYS A 77 9.51 2.64 32.30
C LYS A 77 9.91 4.10 32.43
N ILE A 78 9.85 4.82 31.33
CA ILE A 78 10.35 6.18 31.31
C ILE A 78 9.30 7.11 31.88
N LYS A 79 8.21 7.21 31.16
CA LYS A 79 7.08 8.04 31.47
C LYS A 79 6.24 8.01 30.23
N LYS A 80 4.96 8.06 30.36
CA LYS A 80 4.12 8.11 29.19
C LYS A 80 3.79 9.56 28.86
N LYS A 81 3.08 9.75 27.77
CA LYS A 81 2.60 11.04 27.32
C LYS A 81 1.61 11.65 28.31
N ARG A 82 1.19 12.82 27.98
CA ARG A 82 0.13 13.46 28.66
C ARG A 82 -1.04 13.35 27.72
N GLY B 1 -4.99 -16.11 3.79
CA GLY B 1 -4.84 -14.78 3.21
C GLY B 1 -6.09 -14.00 3.42
N SER B 2 -5.95 -12.71 3.59
CA SER B 2 -7.07 -11.86 3.85
C SER B 2 -7.74 -11.40 2.56
N GLU B 3 -8.70 -10.49 2.71
CA GLU B 3 -9.56 -9.93 1.68
C GLU B 3 -8.73 -9.47 0.43
N LEU B 4 -7.67 -8.74 0.68
CA LEU B 4 -6.79 -8.26 -0.36
C LEU B 4 -6.19 -9.41 -1.19
N ASN B 5 -5.71 -10.43 -0.50
CA ASN B 5 -5.06 -11.59 -1.10
C ASN B 5 -5.99 -12.36 -1.98
N GLU B 6 -7.11 -12.69 -1.42
CA GLU B 6 -8.07 -13.51 -2.09
C GLU B 6 -8.62 -12.78 -3.30
N LEU B 7 -8.92 -11.52 -3.15
CA LEU B 7 -9.45 -10.80 -4.27
C LEU B 7 -8.39 -10.43 -5.26
N ALA B 8 -7.14 -10.42 -4.83
CA ALA B 8 -6.04 -10.23 -5.76
C ALA B 8 -5.99 -11.39 -6.68
N GLU B 9 -6.03 -12.57 -6.11
CA GLU B 9 -5.95 -13.78 -6.86
C GLU B 9 -7.21 -13.99 -7.73
N PHE B 10 -8.34 -13.73 -7.16
CA PHE B 10 -9.61 -13.91 -7.87
C PHE B 10 -9.79 -12.91 -8.99
N ALA B 11 -9.47 -11.66 -8.74
CA ALA B 11 -9.66 -10.63 -9.73
C ALA B 11 -8.63 -10.75 -10.80
N ARG B 12 -7.42 -11.17 -10.44
CA ARG B 12 -6.37 -11.33 -11.41
C ARG B 12 -6.70 -12.48 -12.37
N LEU B 13 -7.21 -13.60 -11.81
CA LEU B 13 -7.62 -14.72 -12.64
C LEU B 13 -8.77 -14.33 -13.53
N GLN B 14 -9.69 -13.58 -12.99
CA GLN B 14 -10.81 -13.08 -13.73
C GLN B 14 -10.39 -12.11 -14.82
N ASP B 15 -9.57 -11.15 -14.44
CA ASP B 15 -9.12 -10.15 -15.38
C ASP B 15 -8.41 -10.78 -16.52
N GLN B 16 -7.57 -11.76 -16.25
CA GLN B 16 -6.88 -12.42 -17.34
C GLN B 16 -7.82 -13.36 -18.05
N LEU B 17 -8.85 -13.85 -17.35
CA LEU B 17 -9.84 -14.72 -17.95
C LEU B 17 -10.42 -13.99 -19.15
N ASP B 18 -10.59 -12.68 -19.01
CA ASP B 18 -11.06 -11.85 -20.13
C ASP B 18 -9.90 -11.19 -20.91
N HIS B 19 -8.96 -10.63 -20.19
CA HIS B 19 -7.88 -9.83 -20.76
C HIS B 19 -6.53 -10.52 -20.81
N ARG B 20 -6.52 -11.84 -20.91
CA ARG B 20 -5.27 -12.62 -20.91
C ARG B 20 -4.28 -12.21 -21.98
N GLY B 21 -4.77 -11.68 -23.08
CA GLY B 21 -3.91 -11.26 -24.12
C GLY B 21 -3.53 -12.36 -25.05
N ASP B 22 -2.27 -12.70 -25.02
CA ASP B 22 -1.70 -13.71 -25.89
C ASP B 22 -1.96 -15.04 -25.25
N HIS B 23 -3.10 -15.56 -25.52
CA HIS B 23 -3.51 -16.77 -24.91
C HIS B 23 -3.48 -17.91 -25.90
N GLY C 1 3.17 -15.52 -28.71
CA GLY C 1 3.08 -14.62 -29.88
C GLY C 1 3.49 -13.22 -29.52
N SER C 2 2.54 -12.41 -29.12
CA SER C 2 2.83 -11.04 -28.78
C SER C 2 3.13 -10.92 -27.29
N HIS C 3 4.37 -11.07 -26.95
CA HIS C 3 4.83 -10.97 -25.56
C HIS C 3 5.20 -9.55 -25.26
N MET C 4 5.81 -8.92 -26.24
CA MET C 4 6.27 -7.56 -26.11
C MET C 4 5.29 -6.61 -26.74
N ALA C 5 4.93 -5.61 -25.98
CA ALA C 5 4.03 -4.58 -26.42
C ALA C 5 4.47 -3.32 -25.74
N SER C 6 3.89 -2.19 -26.09
CA SER C 6 4.25 -0.92 -25.51
C SER C 6 3.94 -0.89 -24.00
N SER C 7 4.90 -1.27 -23.22
CA SER C 7 4.75 -1.29 -21.81
C SER C 7 5.33 -0.01 -21.26
N ARG C 8 4.50 1.00 -21.21
CA ARG C 8 4.94 2.30 -20.74
C ARG C 8 4.52 2.44 -19.29
N GLN C 9 3.57 1.62 -18.90
CA GLN C 9 3.03 1.61 -17.56
C GLN C 9 3.87 0.72 -16.63
N LYS C 10 5.03 0.32 -17.10
CA LYS C 10 5.90 -0.58 -16.35
C LYS C 10 6.61 0.14 -15.19
N TYR C 11 6.43 1.46 -15.11
CA TYR C 11 7.01 2.26 -14.03
C TYR C 11 6.45 1.82 -12.68
N ALA C 12 5.25 1.24 -12.73
CA ALA C 12 4.51 0.81 -11.55
C ALA C 12 5.36 0.00 -10.60
N GLU C 13 6.08 -1.00 -11.12
CA GLU C 13 6.88 -1.89 -10.30
C GLU C 13 7.98 -1.13 -9.56
N GLU C 14 8.56 -0.16 -10.23
CA GLU C 14 9.62 0.62 -9.65
C GLU C 14 9.04 1.47 -8.53
N GLU C 15 7.94 2.13 -8.83
CA GLU C 15 7.25 2.98 -7.88
C GLU C 15 6.81 2.22 -6.64
N LEU C 16 6.18 1.08 -6.85
CA LEU C 16 5.69 0.29 -5.74
C LEU C 16 6.80 -0.25 -4.83
N GLU C 17 7.86 -0.79 -5.41
CA GLU C 17 9.03 -1.24 -4.66
C GLU C 17 9.63 -0.09 -3.84
N GLN C 18 9.84 1.02 -4.53
CA GLN C 18 10.45 2.16 -3.92
C GLN C 18 9.62 2.68 -2.81
N VAL C 19 8.34 2.85 -3.03
CA VAL C 19 7.49 3.39 -2.01
C VAL C 19 7.36 2.44 -0.82
N ARG C 20 7.43 1.12 -1.06
CA ARG C 20 7.40 0.14 0.01
C ARG C 20 8.52 0.41 0.99
N GLU C 21 9.73 0.45 0.45
CA GLU C 21 10.89 0.60 1.30
C GLU C 21 10.96 2.01 1.82
N ALA C 22 10.58 2.92 1.00
CA ALA C 22 10.72 4.37 1.28
C ALA C 22 9.78 4.80 2.36
N LEU C 23 8.54 4.48 2.16
CA LEU C 23 7.50 4.88 3.05
C LEU C 23 7.53 4.08 4.34
N ARG C 24 7.87 2.79 4.29
CA ARG C 24 7.98 2.02 5.54
C ARG C 24 9.17 2.52 6.37
N LYS C 25 10.22 2.91 5.65
CA LYS C 25 11.37 3.49 6.28
C LYS C 25 10.97 4.79 6.93
N ALA C 26 10.27 5.64 6.17
CA ALA C 26 9.75 6.88 6.65
C ALA C 26 8.83 6.67 7.83
N GLU C 27 8.04 5.61 7.83
CA GLU C 27 7.18 5.29 8.96
C GLU C 27 8.00 5.10 10.23
N LYS C 28 9.00 4.21 10.19
CA LYS C 28 9.83 4.00 11.40
C LYS C 28 10.68 5.26 11.75
N GLU C 29 11.13 5.92 10.73
CA GLU C 29 11.85 7.14 10.80
C GLU C 29 11.00 8.21 11.52
N LEU C 30 9.78 8.33 11.06
CA LEU C 30 8.84 9.33 11.51
C LEU C 30 8.45 9.07 12.92
N GLU C 31 7.89 7.89 13.19
CA GLU C 31 7.51 7.51 14.57
C GLU C 31 8.67 7.78 15.55
N SER C 32 9.92 7.53 15.13
CA SER C 32 11.01 7.72 16.06
C SER C 32 11.38 9.22 16.16
N HIS C 33 11.17 9.93 15.10
CA HIS C 33 11.49 11.33 15.04
C HIS C 33 10.47 12.18 15.80
N SER C 34 9.23 11.73 15.86
CA SER C 34 8.12 12.48 16.50
C SER C 34 8.42 12.96 17.91
N SER C 35 9.37 12.33 18.59
CA SER C 35 9.73 12.68 19.96
C SER C 35 10.32 14.10 20.02
N TRP C 36 10.79 14.54 18.89
CA TRP C 36 11.47 15.81 18.73
C TRP C 36 10.46 16.94 18.50
N TYR C 37 9.29 16.60 17.98
CA TYR C 37 8.32 17.59 17.61
C TYR C 37 6.94 17.34 18.15
N ALA C 38 6.00 18.14 17.70
CA ALA C 38 4.64 18.05 18.11
C ALA C 38 3.97 16.86 17.49
N PRO C 39 3.08 16.19 18.24
CA PRO C 39 2.39 14.98 17.80
C PRO C 39 1.51 15.20 16.59
N GLU C 40 1.22 16.45 16.30
CA GLU C 40 0.40 16.84 15.16
C GLU C 40 1.01 16.32 13.85
N ALA C 41 2.34 16.29 13.79
CA ALA C 41 3.03 15.82 12.61
C ALA C 41 2.87 14.32 12.48
N LEU C 42 2.94 13.64 13.61
CA LEU C 42 2.71 12.19 13.65
C LEU C 42 1.29 11.88 13.29
N GLN C 43 0.38 12.67 13.81
CA GLN C 43 -1.02 12.48 13.55
C GLN C 43 -1.35 12.72 12.10
N LYS C 44 -0.69 13.69 11.49
CA LYS C 44 -0.86 13.94 10.06
C LYS C 44 -0.28 12.76 9.29
N TRP C 45 0.91 12.36 9.69
CA TRP C 45 1.62 11.25 9.08
C TRP C 45 0.80 9.96 9.14
N LEU C 46 0.35 9.59 10.32
CA LEU C 46 -0.42 8.38 10.47
C LEU C 46 -1.76 8.55 9.75
N GLN C 47 -2.35 9.73 9.82
CA GLN C 47 -3.60 10.01 9.12
C GLN C 47 -3.44 9.75 7.64
N LEU C 48 -2.36 10.26 7.07
CA LEU C 48 -2.11 10.13 5.64
C LEU C 48 -1.68 8.74 5.25
N THR C 49 -0.79 8.12 6.02
CA THR C 49 -0.36 6.75 5.74
C THR C 49 -1.55 5.82 5.75
N HIS C 50 -2.35 5.93 6.79
CA HIS C 50 -3.54 5.13 6.96
C HIS C 50 -4.57 5.46 5.91
N GLU C 51 -4.71 6.74 5.59
CA GLU C 51 -5.66 7.16 4.60
C GLU C 51 -5.32 6.54 3.28
N VAL C 52 -4.08 6.65 2.87
CA VAL C 52 -3.65 6.13 1.59
C VAL C 52 -3.71 4.62 1.57
N GLU C 53 -3.47 4.03 2.70
CA GLU C 53 -3.55 2.62 2.88
C GLU C 53 -5.02 2.17 2.61
N VAL C 54 -5.95 2.78 3.33
CA VAL C 54 -7.36 2.50 3.15
C VAL C 54 -7.83 2.93 1.74
N GLN C 55 -7.31 4.05 1.24
CA GLN C 55 -7.66 4.54 -0.09
C GLN C 55 -7.28 3.55 -1.16
N TYR C 56 -5.97 3.18 -1.24
CA TYR C 56 -5.51 2.24 -2.27
C TYR C 56 -6.36 0.98 -2.18
N TYR C 57 -6.57 0.55 -0.92
CA TYR C 57 -7.32 -0.64 -0.60
C TYR C 57 -8.69 -0.58 -1.22
N ASN C 58 -9.39 0.46 -0.90
CA ASN C 58 -10.75 0.66 -1.30
C ASN C 58 -10.84 0.78 -2.82
N ILE C 59 -9.86 1.49 -3.38
CA ILE C 59 -9.77 1.74 -4.82
C ILE C 59 -9.67 0.44 -5.57
N LYS C 60 -8.75 -0.39 -5.16
CA LYS C 60 -8.61 -1.65 -5.78
C LYS C 60 -9.71 -2.60 -5.45
N LYS C 61 -10.33 -2.48 -4.28
CA LYS C 61 -11.53 -3.28 -3.99
C LYS C 61 -12.60 -2.95 -5.01
N GLN C 62 -12.81 -1.67 -5.21
CA GLN C 62 -13.75 -1.14 -6.16
C GLN C 62 -13.39 -1.62 -7.58
N ASN C 63 -12.11 -1.51 -7.91
CA ASN C 63 -11.58 -1.94 -9.21
C ASN C 63 -11.77 -3.43 -9.36
N ALA C 64 -11.41 -4.15 -8.31
CA ALA C 64 -11.50 -5.61 -8.28
C ALA C 64 -12.92 -6.11 -8.48
N GLU C 65 -13.86 -5.55 -7.72
CA GLU C 65 -15.27 -5.89 -7.87
C GLU C 65 -15.74 -5.60 -9.28
N LYS C 66 -15.40 -4.40 -9.75
CA LYS C 66 -15.75 -3.99 -11.09
C LYS C 66 -15.18 -4.94 -12.10
N GLN C 67 -13.87 -5.19 -12.05
CA GLN C 67 -13.23 -6.05 -13.02
C GLN C 67 -13.72 -7.49 -12.92
N LEU C 68 -14.13 -7.92 -11.72
CA LEU C 68 -14.78 -9.22 -11.57
C LEU C 68 -16.02 -9.27 -12.44
N LEU C 69 -16.83 -8.23 -12.33
CA LEU C 69 -18.03 -8.09 -13.17
C LEU C 69 -17.64 -7.96 -14.66
N VAL C 70 -16.66 -7.09 -14.95
CA VAL C 70 -16.19 -6.80 -16.33
C VAL C 70 -15.75 -8.08 -17.00
N ALA C 71 -14.89 -8.78 -16.32
CA ALA C 71 -14.29 -9.96 -16.84
C ALA C 71 -15.28 -11.09 -16.96
N LYS C 72 -16.21 -11.18 -16.00
CA LYS C 72 -17.23 -12.21 -16.05
C LYS C 72 -18.08 -12.02 -17.30
N GLU C 73 -18.55 -10.78 -17.48
CA GLU C 73 -19.35 -10.39 -18.63
C GLU C 73 -18.60 -10.68 -19.91
N GLY C 74 -17.42 -10.14 -19.99
CA GLY C 74 -16.60 -10.27 -21.17
C GLY C 74 -16.32 -11.70 -21.51
N ALA C 75 -15.94 -12.47 -20.55
CA ALA C 75 -15.52 -13.80 -20.85
C ALA C 75 -16.66 -14.68 -21.27
N GLU C 76 -17.82 -14.49 -20.67
CA GLU C 76 -18.94 -15.31 -21.05
C GLU C 76 -19.53 -14.89 -22.39
N LYS C 77 -19.46 -13.61 -22.67
CA LYS C 77 -20.02 -13.07 -23.90
C LYS C 77 -19.08 -13.17 -25.09
N ILE C 78 -17.86 -12.76 -24.92
CA ILE C 78 -16.92 -12.69 -26.02
C ILE C 78 -16.31 -14.06 -26.23
N LYS C 79 -15.52 -14.46 -25.26
CA LYS C 79 -14.82 -15.71 -25.23
C LYS C 79 -13.82 -15.57 -24.11
N LYS C 80 -13.59 -16.61 -23.36
CA LYS C 80 -12.63 -16.53 -22.29
C LYS C 80 -11.25 -16.89 -22.84
N LYS C 81 -10.28 -16.88 -21.96
CA LYS C 81 -8.92 -17.28 -22.25
C LYS C 81 -8.84 -18.77 -22.58
N ARG C 82 -7.65 -19.19 -22.85
CA ARG C 82 -7.35 -20.56 -22.94
C ARG C 82 -6.75 -20.91 -21.62
N GLY D 1 -13.35 -2.03 10.80
CA GLY D 1 -11.97 -1.86 10.34
C GLY D 1 -11.20 -3.13 10.52
N SER D 2 -10.32 -3.41 9.60
CA SER D 2 -9.57 -4.64 9.61
C SER D 2 -8.26 -4.49 10.41
N GLU D 3 -7.45 -5.54 10.38
CA GLU D 3 -6.18 -5.68 11.13
C GLU D 3 -5.27 -4.43 10.97
N LEU D 4 -5.14 -3.97 9.75
CA LEU D 4 -4.35 -2.78 9.45
C LEU D 4 -4.88 -1.54 10.19
N ASN D 5 -6.17 -1.35 10.15
CA ASN D 5 -6.87 -0.20 10.75
C ASN D 5 -6.69 -0.15 12.23
N GLU D 6 -7.00 -1.26 12.84
CA GLU D 6 -6.97 -1.36 14.26
C GLU D 6 -5.56 -1.22 14.77
N LEU D 7 -4.62 -1.86 14.10
CA LEU D 7 -3.26 -1.75 14.55
C LEU D 7 -2.64 -0.44 14.17
N ALA D 8 -3.22 0.24 13.20
CA ALA D 8 -2.78 1.59 12.88
C ALA D 8 -3.09 2.46 14.02
N GLU D 9 -4.32 2.37 14.48
CA GLU D 9 -4.79 3.16 15.55
C GLU D 9 -4.11 2.80 16.88
N PHE D 10 -3.93 1.55 17.11
CA PHE D 10 -3.32 1.08 18.33
C PHE D 10 -1.84 1.37 18.41
N ALA D 11 -1.15 1.18 17.31
CA ALA D 11 0.28 1.40 17.30
C ALA D 11 0.57 2.86 17.28
N ARG D 12 -0.30 3.63 16.65
CA ARG D 12 -0.11 5.07 16.59
C ARG D 12 -0.32 5.68 17.97
N LEU D 13 -1.35 5.22 18.69
CA LEU D 13 -1.58 5.67 20.06
C LEU D 13 -0.44 5.26 20.93
N GLN D 14 0.04 4.05 20.76
CA GLN D 14 1.17 3.57 21.50
C GLN D 14 2.45 4.34 21.18
N ASP D 15 2.69 4.56 19.90
CA ASP D 15 3.88 5.27 19.49
C ASP D 15 3.87 6.64 20.07
N GLN D 16 2.74 7.34 20.00
CA GLN D 16 2.70 8.66 20.56
C GLN D 16 2.69 8.59 22.07
N LEU D 17 2.20 7.49 22.62
CA LEU D 17 2.17 7.31 24.04
C LEU D 17 3.58 7.44 24.57
N ASP D 18 4.52 6.93 23.79
CA ASP D 18 5.94 7.06 24.16
C ASP D 18 6.62 8.26 23.48
N HIS D 19 6.38 8.38 22.20
CA HIS D 19 7.04 9.37 21.32
C HIS D 19 6.21 10.59 21.00
N ARG D 20 5.29 10.95 21.87
CA ARG D 20 4.39 12.10 21.61
C ARG D 20 5.14 13.41 21.31
N GLY D 21 6.34 13.53 21.80
CA GLY D 21 7.13 14.70 21.52
C GLY D 21 6.75 15.87 22.39
N ASP D 22 6.05 16.80 21.80
CA ASP D 22 5.64 18.03 22.45
C ASP D 22 4.33 17.77 23.15
N HIS D 23 4.42 17.23 24.31
CA HIS D 23 3.25 16.84 25.04
C HIS D 23 2.99 17.77 26.21
N GLY A 1 -6.62 21.62 15.89
CA GLY A 1 -5.20 21.49 16.20
C GLY A 1 -4.38 21.96 15.04
N SER A 2 -3.11 21.66 15.05
CA SER A 2 -2.23 22.02 13.98
C SER A 2 -1.49 20.79 13.52
N HIS A 3 -1.43 20.60 12.23
CA HIS A 3 -0.65 19.51 11.64
C HIS A 3 0.62 20.05 10.98
N MET A 4 0.81 21.36 11.09
CA MET A 4 1.88 22.10 10.38
C MET A 4 3.30 21.86 10.88
N ALA A 5 3.50 20.87 11.74
CA ALA A 5 4.83 20.55 12.21
C ALA A 5 5.69 20.12 11.03
N SER A 6 6.79 20.79 10.86
CA SER A 6 7.59 20.63 9.69
C SER A 6 8.69 19.57 9.84
N SER A 7 8.36 18.37 9.49
CA SER A 7 9.33 17.31 9.42
C SER A 7 9.91 17.30 8.00
N ARG A 8 11.21 17.05 7.88
CA ARG A 8 11.85 16.97 6.55
C ARG A 8 11.69 15.56 6.02
N GLN A 9 11.27 14.72 6.90
CA GLN A 9 11.04 13.32 6.68
C GLN A 9 9.56 13.05 6.37
N LYS A 10 8.83 14.11 6.03
CA LYS A 10 7.39 14.02 5.74
C LYS A 10 7.12 13.39 4.37
N TYR A 11 8.18 13.11 3.61
CA TYR A 11 8.10 12.66 2.22
C TYR A 11 7.17 11.48 2.01
N ALA A 12 6.96 10.69 3.07
CA ALA A 12 6.06 9.56 3.06
C ALA A 12 4.71 9.94 2.48
N GLU A 13 4.15 11.08 2.94
CA GLU A 13 2.82 11.53 2.50
C GLU A 13 2.77 11.71 0.98
N GLU A 14 3.80 12.32 0.45
CA GLU A 14 3.88 12.60 -0.96
C GLU A 14 4.07 11.32 -1.74
N GLU A 15 5.00 10.50 -1.29
CA GLU A 15 5.33 9.28 -1.97
C GLU A 15 4.16 8.30 -1.99
N LEU A 16 3.47 8.12 -0.86
CA LEU A 16 2.35 7.23 -0.86
C LEU A 16 1.13 7.76 -1.62
N GLU A 17 0.87 9.04 -1.51
CA GLU A 17 -0.25 9.63 -2.24
C GLU A 17 -0.02 9.56 -3.77
N GLN A 18 1.20 9.84 -4.17
CA GLN A 18 1.56 9.78 -5.56
C GLN A 18 1.55 8.35 -6.06
N VAL A 19 1.99 7.42 -5.23
CA VAL A 19 1.96 6.03 -5.65
C VAL A 19 0.50 5.55 -5.72
N ARG A 20 -0.36 6.08 -4.85
CA ARG A 20 -1.78 5.79 -4.91
C ARG A 20 -2.29 6.15 -6.29
N GLU A 21 -2.01 7.36 -6.73
CA GLU A 21 -2.50 7.76 -8.03
C GLU A 21 -1.78 7.01 -9.16
N ALA A 22 -0.47 6.85 -9.03
CA ALA A 22 0.39 6.28 -10.07
C ALA A 22 0.13 4.81 -10.26
N LEU A 23 0.20 4.11 -9.19
CA LEU A 23 0.06 2.71 -9.16
C LEU A 23 -1.37 2.26 -9.40
N ARG A 24 -2.36 3.02 -8.92
CA ARG A 24 -3.75 2.63 -9.19
C ARG A 24 -4.06 2.88 -10.67
N LYS A 25 -3.44 3.93 -11.20
CA LYS A 25 -3.55 4.28 -12.59
C LYS A 25 -2.94 3.17 -13.43
N ALA A 26 -1.73 2.75 -13.03
CA ALA A 26 -1.00 1.72 -13.71
C ALA A 26 -1.72 0.41 -13.66
N GLU A 27 -2.20 0.02 -12.47
CA GLU A 27 -2.95 -1.22 -12.32
C GLU A 27 -4.12 -1.26 -13.28
N LYS A 28 -4.90 -0.18 -13.30
CA LYS A 28 -6.05 -0.09 -14.18
C LYS A 28 -5.66 -0.21 -15.68
N GLU A 29 -4.67 0.55 -16.11
CA GLU A 29 -4.28 0.52 -17.51
C GLU A 29 -3.65 -0.82 -17.86
N LEU A 30 -2.94 -1.39 -16.91
CA LEU A 30 -2.23 -2.64 -17.13
C LEU A 30 -3.22 -3.76 -17.30
N GLU A 31 -4.07 -3.97 -16.30
CA GLU A 31 -5.12 -4.99 -16.39
C GLU A 31 -5.95 -4.81 -17.69
N SER A 32 -6.17 -3.55 -18.09
CA SER A 32 -6.95 -3.28 -19.29
C SER A 32 -6.14 -3.65 -20.56
N HIS A 33 -4.92 -3.14 -20.62
CA HIS A 33 -4.03 -3.33 -21.75
C HIS A 33 -3.58 -4.75 -21.98
N SER A 34 -3.50 -5.55 -20.93
CA SER A 34 -3.07 -6.95 -21.05
C SER A 34 -3.84 -7.74 -22.14
N SER A 35 -5.03 -7.25 -22.51
CA SER A 35 -5.83 -7.89 -23.54
C SER A 35 -5.23 -7.66 -24.95
N TRP A 36 -4.19 -6.88 -25.00
CA TRP A 36 -3.49 -6.55 -26.23
C TRP A 36 -2.24 -7.43 -26.35
N TYR A 37 -1.56 -7.61 -25.24
CA TYR A 37 -0.31 -8.33 -25.20
C TYR A 37 -0.40 -9.67 -24.46
N ALA A 38 0.72 -10.22 -24.07
CA ALA A 38 0.76 -11.51 -23.41
C ALA A 38 0.36 -11.41 -21.93
N PRO A 39 -0.32 -12.46 -21.40
CA PRO A 39 -0.83 -12.48 -20.02
C PRO A 39 0.30 -12.48 -19.00
N GLU A 40 1.49 -12.80 -19.46
CA GLU A 40 2.66 -12.90 -18.62
C GLU A 40 3.05 -11.55 -18.04
N ALA A 41 2.71 -10.47 -18.75
CA ALA A 41 2.98 -9.13 -18.27
C ALA A 41 2.09 -8.85 -17.08
N LEU A 42 0.81 -9.20 -17.24
CA LEU A 42 -0.17 -9.09 -16.17
C LEU A 42 0.24 -9.94 -15.01
N GLN A 43 0.66 -11.15 -15.34
CA GLN A 43 1.09 -12.11 -14.36
C GLN A 43 2.22 -11.52 -13.53
N LYS A 44 3.22 -10.95 -14.21
CA LYS A 44 4.34 -10.31 -13.53
C LYS A 44 3.82 -9.16 -12.68
N TRP A 45 3.06 -8.30 -13.31
CA TRP A 45 2.50 -7.12 -12.69
C TRP A 45 1.68 -7.44 -11.43
N LEU A 46 0.70 -8.33 -11.55
CA LEU A 46 -0.11 -8.68 -10.39
C LEU A 46 0.78 -9.36 -9.31
N GLN A 47 1.69 -10.20 -9.75
CA GLN A 47 2.61 -10.88 -8.84
C GLN A 47 3.42 -9.83 -8.08
N LEU A 48 3.91 -8.86 -8.81
CA LEU A 48 4.74 -7.77 -8.27
C LEU A 48 3.95 -6.81 -7.39
N THR A 49 2.77 -6.43 -7.84
CA THR A 49 1.94 -5.51 -7.09
C THR A 49 1.57 -6.10 -5.75
N HIS A 50 1.11 -7.34 -5.76
CA HIS A 50 0.69 -7.98 -4.54
C HIS A 50 1.90 -8.34 -3.69
N GLU A 51 3.02 -8.64 -4.35
CA GLU A 51 4.29 -8.91 -3.68
C GLU A 51 4.63 -7.76 -2.76
N VAL A 52 4.66 -6.56 -3.31
CA VAL A 52 5.04 -5.40 -2.54
C VAL A 52 3.96 -4.99 -1.55
N GLU A 53 2.73 -5.20 -1.94
CA GLU A 53 1.55 -4.95 -1.13
C GLU A 53 1.68 -5.77 0.18
N VAL A 54 1.85 -7.07 0.02
CA VAL A 54 2.04 -7.97 1.16
C VAL A 54 3.32 -7.59 1.92
N GLN A 55 4.37 -7.16 1.20
CA GLN A 55 5.62 -6.77 1.86
C GLN A 55 5.43 -5.59 2.79
N TYR A 56 4.93 -4.44 2.27
CA TYR A 56 4.80 -3.26 3.11
C TYR A 56 3.88 -3.57 4.29
N TYR A 57 2.82 -4.35 4.01
CA TYR A 57 1.85 -4.76 5.00
C TYR A 57 2.53 -5.51 6.13
N ASN A 58 3.26 -6.53 5.74
CA ASN A 58 3.97 -7.39 6.66
C ASN A 58 4.98 -6.61 7.49
N ILE A 59 5.66 -5.71 6.81
CA ILE A 59 6.66 -4.86 7.42
C ILE A 59 6.07 -4.02 8.52
N LYS A 60 4.97 -3.33 8.23
CA LYS A 60 4.33 -2.57 9.27
C LYS A 60 3.72 -3.44 10.33
N LYS A 61 3.29 -4.64 10.00
CA LYS A 61 2.82 -5.57 11.03
C LYS A 61 3.91 -5.89 12.01
N GLN A 62 5.05 -6.28 11.49
CA GLN A 62 6.21 -6.58 12.30
C GLN A 62 6.63 -5.35 13.10
N ASN A 63 6.70 -4.21 12.40
CA ASN A 63 7.10 -2.96 13.01
C ASN A 63 6.11 -2.56 14.08
N ALA A 64 4.83 -2.63 13.75
CA ALA A 64 3.78 -2.27 14.68
C ALA A 64 3.88 -3.08 15.96
N GLU A 65 4.06 -4.40 15.83
CA GLU A 65 4.26 -5.23 17.02
C GLU A 65 5.49 -4.78 17.82
N LYS A 66 6.59 -4.46 17.11
CA LYS A 66 7.81 -3.96 17.76
C LYS A 66 7.52 -2.67 18.50
N GLN A 67 6.89 -1.74 17.78
CA GLN A 67 6.52 -0.46 18.29
C GLN A 67 5.59 -0.58 19.48
N LEU A 68 4.59 -1.45 19.37
CA LEU A 68 3.66 -1.72 20.47
C LEU A 68 4.40 -2.15 21.72
N LEU A 69 5.36 -3.05 21.54
CA LEU A 69 6.13 -3.55 22.66
C LEU A 69 7.01 -2.47 23.28
N VAL A 70 7.75 -1.74 22.46
CA VAL A 70 8.68 -0.76 22.95
C VAL A 70 7.94 0.47 23.54
N ALA A 71 6.84 0.85 22.90
CA ALA A 71 6.04 1.96 23.36
C ALA A 71 5.36 1.61 24.65
N LYS A 72 4.91 0.35 24.78
CA LYS A 72 4.30 -0.11 26.01
C LYS A 72 5.32 0.01 27.14
N GLU A 73 6.51 -0.56 26.92
CA GLU A 73 7.62 -0.54 27.88
C GLU A 73 7.96 0.88 28.28
N GLY A 74 8.22 1.70 27.29
CA GLY A 74 8.60 3.05 27.51
C GLY A 74 7.53 3.84 28.22
N ALA A 75 6.32 3.69 27.82
CA ALA A 75 5.26 4.50 28.37
C ALA A 75 4.96 4.15 29.82
N GLU A 76 5.06 2.88 30.15
CA GLU A 76 4.81 2.47 31.53
C GLU A 76 5.98 2.83 32.43
N LYS A 77 7.17 2.81 31.86
CA LYS A 77 8.37 3.16 32.60
C LYS A 77 8.58 4.66 32.73
N ILE A 78 8.40 5.38 31.65
CA ILE A 78 8.77 6.79 31.62
C ILE A 78 7.54 7.68 31.83
N LYS A 79 6.67 7.69 30.84
CA LYS A 79 5.51 8.54 30.87
C LYS A 79 4.49 8.04 29.86
N LYS A 80 3.23 8.11 30.20
CA LYS A 80 2.17 7.74 29.29
C LYS A 80 1.12 8.81 29.32
N LYS A 81 -0.04 8.53 28.81
CA LYS A 81 -1.13 9.45 28.89
C LYS A 81 -2.39 8.62 28.94
N ARG A 82 -3.51 9.25 29.00
CA ARG A 82 -4.76 8.57 28.96
C ARG A 82 -5.48 8.96 27.68
N GLY B 1 -5.51 -16.60 2.85
CA GLY B 1 -5.01 -15.24 3.01
C GLY B 1 -6.13 -14.28 3.29
N SER B 2 -5.78 -13.01 3.43
CA SER B 2 -6.73 -11.97 3.75
C SER B 2 -7.55 -11.55 2.52
N GLU B 3 -8.50 -10.66 2.74
CA GLU B 3 -9.47 -10.13 1.74
C GLU B 3 -8.73 -9.69 0.45
N LEU B 4 -7.70 -8.90 0.63
CA LEU B 4 -6.91 -8.41 -0.47
C LEU B 4 -6.21 -9.53 -1.24
N ASN B 5 -5.77 -10.54 -0.51
CA ASN B 5 -5.02 -11.67 -1.06
C ASN B 5 -5.92 -12.53 -1.90
N GLU B 6 -7.02 -12.91 -1.32
CA GLU B 6 -7.96 -13.79 -1.94
C GLU B 6 -8.58 -13.16 -3.16
N LEU B 7 -8.88 -11.88 -3.06
CA LEU B 7 -9.44 -11.21 -4.18
C LEU B 7 -8.40 -10.82 -5.18
N ALA B 8 -7.15 -10.69 -4.76
CA ALA B 8 -6.07 -10.45 -5.71
C ALA B 8 -5.99 -11.60 -6.62
N GLU B 9 -5.96 -12.77 -6.04
CA GLU B 9 -5.84 -13.99 -6.76
C GLU B 9 -7.07 -14.24 -7.64
N PHE B 10 -8.22 -14.02 -7.09
CA PHE B 10 -9.46 -14.29 -7.79
C PHE B 10 -9.68 -13.29 -8.93
N ALA B 11 -9.39 -12.03 -8.68
CA ALA B 11 -9.61 -10.99 -9.65
C ALA B 11 -8.58 -11.08 -10.72
N ARG B 12 -7.37 -11.45 -10.35
CA ARG B 12 -6.31 -11.58 -11.32
C ARG B 12 -6.59 -12.73 -12.27
N LEU B 13 -7.11 -13.83 -11.72
CA LEU B 13 -7.48 -14.97 -12.53
C LEU B 13 -8.62 -14.59 -13.47
N GLN B 14 -9.61 -13.93 -12.91
CA GLN B 14 -10.76 -13.45 -13.68
C GLN B 14 -10.38 -12.44 -14.75
N ASP B 15 -9.63 -11.43 -14.33
CA ASP B 15 -9.23 -10.37 -15.21
C ASP B 15 -8.47 -10.93 -16.36
N GLN B 16 -7.53 -11.83 -16.10
CA GLN B 16 -6.77 -12.40 -17.20
C GLN B 16 -7.63 -13.38 -17.97
N LEU B 17 -8.60 -14.01 -17.31
CA LEU B 17 -9.48 -14.94 -17.96
C LEU B 17 -10.13 -14.22 -19.15
N ASP B 18 -10.39 -12.94 -18.96
CA ASP B 18 -10.90 -12.12 -20.08
C ASP B 18 -9.75 -11.38 -20.80
N HIS B 19 -8.92 -10.71 -20.03
CA HIS B 19 -7.86 -9.83 -20.53
C HIS B 19 -6.51 -10.51 -20.71
N ARG B 20 -6.51 -11.78 -20.92
CA ARG B 20 -5.28 -12.54 -21.16
C ARG B 20 -4.47 -12.02 -22.35
N GLY B 21 -5.16 -11.60 -23.39
CA GLY B 21 -4.45 -11.10 -24.53
C GLY B 21 -3.96 -12.22 -25.41
N ASP B 22 -2.70 -12.55 -25.27
CA ASP B 22 -2.09 -13.63 -26.04
C ASP B 22 -2.29 -14.92 -25.28
N HIS B 23 -3.51 -15.36 -25.29
CA HIS B 23 -3.91 -16.56 -24.61
C HIS B 23 -3.18 -17.79 -25.12
N GLY C 1 8.07 -20.20 -17.11
CA GLY C 1 7.41 -19.15 -17.90
C GLY C 1 8.32 -17.97 -18.08
N SER C 2 7.86 -16.96 -18.78
CA SER C 2 8.63 -15.76 -18.96
C SER C 2 7.77 -14.58 -18.53
N HIS C 3 8.35 -13.70 -17.77
CA HIS C 3 7.69 -12.49 -17.32
C HIS C 3 8.22 -11.28 -18.09
N MET C 4 9.09 -11.55 -19.04
CA MET C 4 9.85 -10.53 -19.79
C MET C 4 9.03 -9.71 -20.81
N ALA C 5 7.71 -9.84 -20.79
CA ALA C 5 6.87 -9.02 -21.66
C ALA C 5 7.10 -7.55 -21.31
N SER C 6 7.38 -6.77 -22.30
CA SER C 6 7.81 -5.43 -22.08
C SER C 6 6.68 -4.39 -22.17
N SER C 7 6.00 -4.20 -21.07
CA SER C 7 5.03 -3.17 -20.95
C SER C 7 5.75 -1.86 -20.58
N ARG C 8 5.34 -0.75 -21.17
CA ARG C 8 5.94 0.55 -20.82
C ARG C 8 5.27 1.09 -19.58
N GLN C 9 4.13 0.52 -19.33
CA GLN C 9 3.27 0.85 -18.21
C GLN C 9 3.62 0.00 -16.98
N LYS C 10 4.80 -0.61 -17.00
CA LYS C 10 5.27 -1.48 -15.92
C LYS C 10 5.73 -0.68 -14.70
N TYR C 11 5.72 0.66 -14.82
CA TYR C 11 6.26 1.58 -13.82
C TYR C 11 5.72 1.34 -12.41
N ALA C 12 4.53 0.72 -12.33
CA ALA C 12 3.89 0.37 -11.09
C ALA C 12 4.85 -0.41 -10.17
N GLU C 13 5.55 -1.40 -10.73
CA GLU C 13 6.43 -2.27 -9.94
C GLU C 13 7.54 -1.45 -9.27
N GLU C 14 8.10 -0.53 -10.02
CA GLU C 14 9.17 0.30 -9.52
C GLU C 14 8.64 1.26 -8.49
N GLU C 15 7.52 1.89 -8.79
CA GLU C 15 6.92 2.86 -7.90
C GLU C 15 6.53 2.25 -6.57
N LEU C 16 5.81 1.12 -6.59
CA LEU C 16 5.42 0.48 -5.36
C LEU C 16 6.58 -0.09 -4.56
N GLU C 17 7.54 -0.69 -5.22
CA GLU C 17 8.69 -1.25 -4.52
C GLU C 17 9.51 -0.13 -3.84
N GLN C 18 9.69 0.96 -4.56
CA GLN C 18 10.41 2.10 -4.04
C GLN C 18 9.63 2.77 -2.93
N VAL C 19 8.32 2.76 -3.01
CA VAL C 19 7.54 3.37 -1.95
C VAL C 19 7.54 2.46 -0.73
N ARG C 20 7.61 1.15 -0.96
CA ARG C 20 7.77 0.17 0.11
C ARG C 20 9.01 0.53 0.90
N GLU C 21 10.12 0.70 0.22
CA GLU C 21 11.33 1.02 0.93
C GLU C 21 11.28 2.44 1.54
N ALA C 22 10.79 3.40 0.76
CA ALA C 22 10.80 4.81 1.11
C ALA C 22 9.88 5.09 2.26
N LEU C 23 8.67 4.67 2.10
CA LEU C 23 7.64 4.91 3.03
C LEU C 23 7.79 4.07 4.29
N ARG C 24 8.30 2.84 4.19
CA ARG C 24 8.50 2.05 5.41
C ARG C 24 9.63 2.64 6.23
N LYS C 25 10.61 3.17 5.51
CA LYS C 25 11.74 3.86 6.10
C LYS C 25 11.27 5.14 6.76
N ALA C 26 10.45 5.90 6.03
CA ALA C 26 9.88 7.14 6.52
C ALA C 26 9.03 6.90 7.74
N GLU C 27 8.12 5.92 7.67
CA GLU C 27 7.27 5.59 8.81
C GLU C 27 8.11 5.30 10.04
N LYS C 28 9.10 4.44 9.89
CA LYS C 28 9.98 4.06 11.00
C LYS C 28 10.75 5.28 11.58
N GLU C 29 11.36 6.08 10.72
CA GLU C 29 12.13 7.22 11.21
C GLU C 29 11.20 8.27 11.80
N LEU C 30 10.03 8.38 11.24
CA LEU C 30 9.05 9.38 11.65
C LEU C 30 8.54 9.03 13.04
N GLU C 31 7.95 7.85 13.16
CA GLU C 31 7.47 7.34 14.47
C GLU C 31 8.60 7.46 15.53
N SER C 32 9.86 7.22 15.13
CA SER C 32 10.95 7.29 16.09
C SER C 32 11.28 8.75 16.44
N HIS C 33 11.44 9.57 15.41
CA HIS C 33 11.79 10.99 15.55
C HIS C 33 10.73 11.83 16.25
N SER C 34 9.47 11.46 16.16
CA SER C 34 8.37 12.21 16.80
C SER C 34 8.60 12.47 18.30
N SER C 35 9.45 11.67 18.94
CA SER C 35 9.77 11.84 20.35
C SER C 35 10.61 13.12 20.59
N TRP C 36 11.08 13.68 19.52
CA TRP C 36 11.89 14.89 19.54
C TRP C 36 10.99 16.11 19.38
N TYR C 37 10.03 16.01 18.46
CA TYR C 37 9.17 17.13 18.11
C TYR C 37 7.72 16.93 18.58
N ALA C 38 6.82 17.74 18.06
CA ALA C 38 5.42 17.69 18.44
C ALA C 38 4.70 16.48 17.84
N PRO C 39 3.73 15.90 18.61
CA PRO C 39 3.00 14.69 18.22
C PRO C 39 2.08 14.94 17.03
N GLU C 40 1.87 16.21 16.73
CA GLU C 40 1.00 16.61 15.66
C GLU C 40 1.57 16.21 14.29
N ALA C 41 2.90 16.10 14.21
CA ALA C 41 3.55 15.67 12.99
C ALA C 41 3.23 14.20 12.77
N LEU C 42 3.36 13.42 13.85
CA LEU C 42 3.03 12.00 13.84
C LEU C 42 1.58 11.82 13.52
N GLN C 43 0.76 12.62 14.18
CA GLN C 43 -0.66 12.57 14.01
C GLN C 43 -1.02 12.76 12.55
N LYS C 44 -0.43 13.79 11.93
CA LYS C 44 -0.62 14.06 10.52
C LYS C 44 -0.15 12.87 9.70
N TRP C 45 1.07 12.48 9.96
CA TRP C 45 1.72 11.38 9.27
C TRP C 45 0.92 10.08 9.33
N LEU C 46 0.52 9.62 10.52
CA LEU C 46 -0.24 8.39 10.61
C LEU C 46 -1.63 8.57 9.95
N GLN C 47 -2.21 9.75 10.12
CA GLN C 47 -3.48 10.07 9.50
C GLN C 47 -3.36 9.95 7.99
N LEU C 48 -2.29 10.53 7.46
CA LEU C 48 -1.99 10.55 6.02
C LEU C 48 -1.61 9.19 5.47
N THR C 49 -0.77 8.47 6.20
CA THR C 49 -0.33 7.16 5.78
C THR C 49 -1.50 6.22 5.67
N HIS C 50 -2.32 6.18 6.70
CA HIS C 50 -3.45 5.29 6.72
C HIS C 50 -4.53 5.78 5.77
N GLU C 51 -4.62 7.10 5.61
CA GLU C 51 -5.52 7.74 4.64
C GLU C 51 -5.31 7.13 3.27
N VAL C 52 -4.08 7.17 2.80
CA VAL C 52 -3.76 6.69 1.48
C VAL C 52 -3.79 5.18 1.40
N GLU C 53 -3.42 4.55 2.49
CA GLU C 53 -3.43 3.11 2.64
C GLU C 53 -4.88 2.60 2.39
N VAL C 54 -5.82 3.14 3.15
CA VAL C 54 -7.22 2.80 2.99
C VAL C 54 -7.72 3.18 1.60
N GLN C 55 -7.24 4.31 1.08
CA GLN C 55 -7.64 4.75 -0.25
C GLN C 55 -7.24 3.77 -1.32
N TYR C 56 -5.94 3.44 -1.45
CA TYR C 56 -5.50 2.53 -2.51
C TYR C 56 -6.22 1.20 -2.37
N TYR C 57 -6.39 0.77 -1.11
CA TYR C 57 -7.08 -0.46 -0.78
C TYR C 57 -8.50 -0.44 -1.30
N ASN C 58 -9.20 0.60 -0.95
CA ASN C 58 -10.59 0.79 -1.33
C ASN C 58 -10.72 0.84 -2.84
N ILE C 59 -9.80 1.56 -3.45
CA ILE C 59 -9.77 1.74 -4.89
C ILE C 59 -9.67 0.42 -5.60
N LYS C 60 -8.72 -0.41 -5.20
CA LYS C 60 -8.63 -1.71 -5.80
C LYS C 60 -9.78 -2.59 -5.42
N LYS C 61 -10.36 -2.39 -4.25
CA LYS C 61 -11.57 -3.14 -3.89
C LYS C 61 -12.70 -2.85 -4.86
N GLN C 62 -12.96 -1.57 -5.07
CA GLN C 62 -13.96 -1.13 -5.99
C GLN C 62 -13.63 -1.61 -7.39
N ASN C 63 -12.37 -1.38 -7.79
CA ASN C 63 -11.90 -1.78 -9.11
C ASN C 63 -12.00 -3.27 -9.31
N ALA C 64 -11.55 -4.03 -8.31
CA ALA C 64 -11.58 -5.49 -8.37
C ALA C 64 -12.98 -6.00 -8.57
N GLU C 65 -13.94 -5.46 -7.82
CA GLU C 65 -15.34 -5.83 -8.00
C GLU C 65 -15.82 -5.51 -9.43
N LYS C 66 -15.44 -4.33 -9.93
CA LYS C 66 -15.76 -3.91 -11.29
C LYS C 66 -15.16 -4.89 -12.28
N GLN C 67 -13.87 -5.15 -12.11
CA GLN C 67 -13.13 -6.06 -12.95
C GLN C 67 -13.71 -7.45 -12.92
N LEU C 68 -14.03 -7.93 -11.73
CA LEU C 68 -14.67 -9.23 -11.56
C LEU C 68 -15.94 -9.33 -12.38
N LEU C 69 -16.76 -8.29 -12.32
CA LEU C 69 -18.01 -8.25 -13.05
C LEU C 69 -17.79 -8.24 -14.57
N VAL C 70 -16.92 -7.37 -15.04
CA VAL C 70 -16.70 -7.22 -16.48
C VAL C 70 -15.95 -8.41 -17.06
N ALA C 71 -15.05 -8.99 -16.27
CA ALA C 71 -14.29 -10.14 -16.68
C ALA C 71 -15.19 -11.35 -16.73
N LYS C 72 -16.09 -11.47 -15.75
CA LYS C 72 -17.06 -12.56 -15.74
C LYS C 72 -17.90 -12.50 -17.02
N GLU C 73 -18.46 -11.31 -17.26
CA GLU C 73 -19.29 -11.06 -18.45
C GLU C 73 -18.54 -11.41 -19.73
N GLY C 74 -17.38 -10.83 -19.89
CA GLY C 74 -16.58 -11.05 -21.05
C GLY C 74 -16.18 -12.48 -21.22
N ALA C 75 -15.75 -13.09 -20.16
CA ALA C 75 -15.20 -14.42 -20.27
C ALA C 75 -16.27 -15.46 -20.59
N GLU C 76 -17.46 -15.27 -20.06
CA GLU C 76 -18.53 -16.20 -20.35
C GLU C 76 -19.06 -15.98 -21.75
N LYS C 77 -19.09 -14.72 -22.17
CA LYS C 77 -19.58 -14.37 -23.50
C LYS C 77 -18.59 -14.69 -24.60
N ILE C 78 -17.34 -14.35 -24.40
CA ILE C 78 -16.36 -14.44 -25.48
C ILE C 78 -15.49 -15.68 -25.36
N LYS C 79 -14.66 -15.71 -24.34
CA LYS C 79 -13.71 -16.76 -24.16
C LYS C 79 -13.27 -16.80 -22.71
N LYS C 80 -13.15 -17.98 -22.16
CA LYS C 80 -12.67 -18.16 -20.81
C LYS C 80 -11.74 -19.35 -20.81
N LYS C 81 -11.13 -19.63 -19.69
CA LYS C 81 -10.24 -20.75 -19.61
C LYS C 81 -10.58 -21.52 -18.35
N ARG C 82 -9.88 -22.57 -18.11
CA ARG C 82 -10.00 -23.31 -16.90
C ARG C 82 -8.68 -23.23 -16.14
N GLY D 1 -12.90 -1.77 11.72
CA GLY D 1 -12.15 -1.82 10.46
C GLY D 1 -11.45 -3.13 10.30
N SER D 2 -10.43 -3.18 9.49
CA SER D 2 -9.66 -4.39 9.31
C SER D 2 -8.42 -4.36 10.22
N GLU D 3 -7.66 -5.45 10.19
CA GLU D 3 -6.44 -5.66 11.00
C GLU D 3 -5.50 -4.46 10.94
N LEU D 4 -5.25 -4.00 9.73
CA LEU D 4 -4.39 -2.86 9.50
C LEU D 4 -4.94 -1.59 10.15
N ASN D 5 -6.25 -1.43 10.12
CA ASN D 5 -6.93 -0.25 10.63
C ASN D 5 -6.86 -0.18 12.13
N GLU D 6 -7.25 -1.28 12.73
CA GLU D 6 -7.33 -1.38 14.16
C GLU D 6 -5.95 -1.29 14.78
N LEU D 7 -4.98 -1.92 14.15
CA LEU D 7 -3.64 -1.85 14.65
C LEU D 7 -2.98 -0.55 14.31
N ALA D 8 -3.43 0.10 13.23
CA ALA D 8 -2.92 1.43 12.90
C ALA D 8 -3.26 2.34 14.02
N GLU D 9 -4.50 2.32 14.42
CA GLU D 9 -5.00 3.17 15.45
C GLU D 9 -4.38 2.82 16.80
N PHE D 10 -4.28 1.57 17.09
CA PHE D 10 -3.75 1.12 18.37
C PHE D 10 -2.26 1.40 18.49
N ALA D 11 -1.54 1.14 17.42
CA ALA D 11 -0.11 1.30 17.41
C ALA D 11 0.25 2.74 17.39
N ARG D 12 -0.54 3.53 16.69
CA ARG D 12 -0.29 4.96 16.62
C ARG D 12 -0.52 5.60 17.98
N LEU D 13 -1.59 5.18 18.67
CA LEU D 13 -1.87 5.66 19.99
C LEU D 13 -0.75 5.28 20.94
N GLN D 14 -0.34 4.04 20.87
CA GLN D 14 0.75 3.52 21.67
C GLN D 14 2.08 4.18 21.37
N ASP D 15 2.41 4.23 20.10
CA ASP D 15 3.65 4.81 19.64
C ASP D 15 3.76 6.22 20.11
N GLN D 16 2.69 7.00 19.95
CA GLN D 16 2.74 8.38 20.38
C GLN D 16 2.66 8.46 21.89
N LEU D 17 2.02 7.48 22.54
CA LEU D 17 1.93 7.45 23.98
C LEU D 17 3.34 7.52 24.54
N ASP D 18 4.28 6.89 23.83
CA ASP D 18 5.70 7.00 24.19
C ASP D 18 6.40 8.12 23.40
N HIS D 19 6.28 8.06 22.09
CA HIS D 19 6.99 8.96 21.17
C HIS D 19 6.25 10.25 20.85
N ARG D 20 5.41 10.69 21.74
CA ARG D 20 4.68 11.95 21.58
C ARG D 20 5.58 13.16 21.38
N GLY D 21 6.71 13.17 22.05
CA GLY D 21 7.59 14.30 21.93
C GLY D 21 7.11 15.47 22.74
N ASP D 22 6.44 16.40 22.10
CA ASP D 22 5.88 17.55 22.78
C ASP D 22 4.50 17.19 23.28
N HIS D 23 4.50 16.44 24.34
CA HIS D 23 3.29 15.88 24.90
C HIS D 23 2.34 16.94 25.49
N GLY A 1 -3.07 31.35 10.51
CA GLY A 1 -1.96 31.11 11.42
C GLY A 1 -0.74 30.69 10.64
N SER A 2 0.37 30.53 11.31
CA SER A 2 1.59 30.10 10.66
C SER A 2 1.51 28.61 10.38
N HIS A 3 1.48 28.23 9.11
CA HIS A 3 1.38 26.82 8.81
C HIS A 3 2.70 26.11 9.01
N MET A 4 3.79 26.91 8.98
CA MET A 4 5.14 26.45 9.29
C MET A 4 5.53 25.23 8.47
N ALA A 5 5.46 25.37 7.16
CA ALA A 5 5.76 24.26 6.29
C ALA A 5 7.26 24.11 6.12
N SER A 6 7.86 23.49 7.09
CA SER A 6 9.26 23.17 7.08
C SER A 6 9.43 21.90 7.88
N SER A 7 9.45 20.80 7.20
CA SER A 7 9.57 19.53 7.83
C SER A 7 10.32 18.62 6.88
N ARG A 8 11.37 17.98 7.35
CA ARG A 8 12.20 17.12 6.51
C ARG A 8 11.54 15.79 6.25
N GLN A 9 10.52 15.49 7.00
CA GLN A 9 9.88 14.19 6.93
C GLN A 9 8.63 14.23 6.07
N LYS A 10 8.16 15.41 5.75
CA LYS A 10 6.86 15.57 5.12
C LYS A 10 6.80 15.08 3.68
N TYR A 11 7.91 14.67 3.10
CA TYR A 11 7.89 14.19 1.73
C TYR A 11 7.10 12.91 1.62
N ALA A 12 7.01 12.19 2.75
CA ALA A 12 6.29 10.94 2.84
C ALA A 12 4.89 11.05 2.26
N GLU A 13 4.14 12.11 2.64
CA GLU A 13 2.75 12.29 2.16
C GLU A 13 2.71 12.42 0.64
N GLU A 14 3.71 13.10 0.12
CA GLU A 14 3.82 13.37 -1.28
C GLU A 14 4.00 12.07 -2.04
N GLU A 15 4.97 11.29 -1.57
CA GLU A 15 5.34 10.05 -2.21
C GLU A 15 4.17 9.05 -2.20
N LEU A 16 3.55 8.91 -1.03
CA LEU A 16 2.46 7.97 -0.87
C LEU A 16 1.21 8.33 -1.69
N GLU A 17 0.83 9.59 -1.68
CA GLU A 17 -0.33 10.06 -2.46
C GLU A 17 -0.07 9.84 -3.96
N GLN A 18 1.13 10.21 -4.38
CA GLN A 18 1.50 10.09 -5.76
C GLN A 18 1.54 8.65 -6.21
N VAL A 19 2.08 7.78 -5.40
CA VAL A 19 2.16 6.39 -5.78
C VAL A 19 0.76 5.74 -5.76
N ARG A 20 -0.11 6.19 -4.87
CA ARG A 20 -1.50 5.73 -4.83
C ARG A 20 -2.13 5.93 -6.17
N GLU A 21 -2.06 7.16 -6.66
CA GLU A 21 -2.68 7.45 -7.93
C GLU A 21 -1.92 6.83 -9.08
N ALA A 22 -0.60 6.90 -9.01
CA ALA A 22 0.27 6.45 -10.09
C ALA A 22 0.17 4.96 -10.30
N LEU A 23 0.35 4.26 -9.24
CA LEU A 23 0.37 2.83 -9.25
C LEU A 23 -1.01 2.22 -9.42
N ARG A 24 -2.04 2.82 -8.83
CA ARG A 24 -3.40 2.26 -9.00
C ARG A 24 -3.89 2.52 -10.42
N LYS A 25 -3.45 3.63 -10.99
CA LYS A 25 -3.75 3.94 -12.35
C LYS A 25 -3.02 2.98 -13.26
N ALA A 26 -1.75 2.70 -12.92
CA ALA A 26 -0.96 1.74 -13.64
C ALA A 26 -1.63 0.38 -13.59
N GLU A 27 -2.13 0.01 -12.40
CA GLU A 27 -2.82 -1.24 -12.22
C GLU A 27 -4.00 -1.37 -13.16
N LYS A 28 -4.91 -0.40 -13.15
CA LYS A 28 -6.09 -0.48 -14.00
C LYS A 28 -5.73 -0.47 -15.51
N GLU A 29 -4.75 0.35 -15.90
CA GLU A 29 -4.38 0.39 -17.31
C GLU A 29 -3.65 -0.89 -17.70
N LEU A 30 -2.93 -1.45 -16.76
CA LEU A 30 -2.17 -2.68 -16.98
C LEU A 30 -3.16 -3.82 -17.22
N GLU A 31 -4.02 -4.10 -16.23
CA GLU A 31 -5.09 -5.11 -16.41
C GLU A 31 -5.91 -4.85 -17.71
N SER A 32 -6.06 -3.58 -18.08
CA SER A 32 -6.77 -3.26 -19.30
C SER A 32 -5.93 -3.67 -20.53
N HIS A 33 -4.72 -3.17 -20.60
CA HIS A 33 -3.79 -3.40 -21.70
C HIS A 33 -3.37 -4.84 -21.87
N SER A 34 -3.34 -5.61 -20.78
CA SER A 34 -2.94 -7.01 -20.83
C SER A 34 -3.75 -7.83 -21.86
N SER A 35 -4.91 -7.32 -22.30
CA SER A 35 -5.71 -8.00 -23.30
C SER A 35 -5.09 -7.86 -24.71
N TRP A 36 -4.11 -7.01 -24.81
CA TRP A 36 -3.43 -6.75 -26.04
C TRP A 36 -2.17 -7.61 -26.14
N TYR A 37 -1.41 -7.62 -25.06
CA TYR A 37 -0.14 -8.33 -25.02
C TYR A 37 -0.21 -9.66 -24.27
N ALA A 38 0.95 -10.24 -24.01
CA ALA A 38 1.05 -11.52 -23.36
C ALA A 38 0.76 -11.42 -21.86
N PRO A 39 0.12 -12.47 -21.26
CA PRO A 39 -0.30 -12.49 -19.85
C PRO A 39 0.89 -12.47 -18.88
N GLU A 40 2.10 -12.68 -19.41
CA GLU A 40 3.33 -12.65 -18.62
C GLU A 40 3.50 -11.30 -17.94
N ALA A 41 3.02 -10.26 -18.60
CA ALA A 41 3.12 -8.93 -18.05
C ALA A 41 2.20 -8.80 -16.86
N LEU A 42 0.97 -9.27 -17.01
CA LEU A 42 -0.02 -9.25 -15.92
C LEU A 42 0.45 -10.11 -14.78
N GLN A 43 0.98 -11.27 -15.11
CA GLN A 43 1.48 -12.21 -14.14
C GLN A 43 2.54 -11.54 -13.28
N LYS A 44 3.49 -10.93 -13.96
CA LYS A 44 4.58 -10.20 -13.33
C LYS A 44 4.01 -9.05 -12.52
N TRP A 45 3.22 -8.23 -13.15
CA TRP A 45 2.61 -7.05 -12.55
C TRP A 45 1.81 -7.37 -11.30
N LEU A 46 0.88 -8.29 -11.39
CA LEU A 46 0.06 -8.65 -10.24
C LEU A 46 0.95 -9.25 -9.15
N GLN A 47 1.92 -10.08 -9.53
CA GLN A 47 2.82 -10.66 -8.55
C GLN A 47 3.62 -9.55 -7.86
N LEU A 48 4.07 -8.60 -8.63
CA LEU A 48 4.85 -7.46 -8.13
C LEU A 48 4.02 -6.55 -7.24
N THR A 49 2.85 -6.16 -7.72
CA THR A 49 1.98 -5.26 -6.99
C THR A 49 1.59 -5.87 -5.66
N HIS A 50 1.15 -7.11 -5.69
CA HIS A 50 0.69 -7.77 -4.52
C HIS A 50 1.86 -8.15 -3.62
N GLU A 51 3.03 -8.45 -4.21
CA GLU A 51 4.24 -8.73 -3.44
C GLU A 51 4.55 -7.55 -2.57
N VAL A 52 4.59 -6.36 -3.15
CA VAL A 52 4.93 -5.17 -2.40
C VAL A 52 3.83 -4.80 -1.43
N GLU A 53 2.64 -5.08 -1.83
CA GLU A 53 1.46 -4.87 -1.05
C GLU A 53 1.60 -5.71 0.26
N VAL A 54 1.83 -7.01 0.09
CA VAL A 54 2.04 -7.90 1.22
C VAL A 54 3.34 -7.52 1.97
N GLN A 55 4.35 -7.07 1.24
CA GLN A 55 5.59 -6.64 1.87
C GLN A 55 5.39 -5.46 2.80
N TYR A 56 4.84 -4.32 2.29
CA TYR A 56 4.64 -3.16 3.14
C TYR A 56 3.80 -3.57 4.35
N TYR A 57 2.79 -4.42 4.07
CA TYR A 57 1.87 -4.93 5.05
C TYR A 57 2.61 -5.61 6.17
N ASN A 58 3.41 -6.59 5.81
CA ASN A 58 4.16 -7.36 6.77
C ASN A 58 5.16 -6.51 7.51
N ILE A 59 5.77 -5.58 6.79
CA ILE A 59 6.76 -4.67 7.37
C ILE A 59 6.13 -3.89 8.50
N LYS A 60 5.00 -3.28 8.22
CA LYS A 60 4.33 -2.56 9.24
C LYS A 60 3.69 -3.43 10.28
N LYS A 61 3.30 -4.64 9.93
CA LYS A 61 2.81 -5.58 10.95
C LYS A 61 3.88 -5.85 11.97
N GLN A 62 5.07 -6.19 11.48
CA GLN A 62 6.20 -6.45 12.33
C GLN A 62 6.55 -5.20 13.13
N ASN A 63 6.58 -4.07 12.43
CA ASN A 63 6.91 -2.79 13.04
C ASN A 63 5.88 -2.44 14.09
N ALA A 64 4.61 -2.57 13.74
CA ALA A 64 3.48 -2.23 14.63
C ALA A 64 3.48 -3.06 15.89
N GLU A 65 3.65 -4.36 15.75
CA GLU A 65 3.69 -5.24 16.91
C GLU A 65 4.89 -4.93 17.79
N LYS A 66 6.03 -4.64 17.15
CA LYS A 66 7.23 -4.22 17.86
C LYS A 66 6.94 -2.91 18.58
N GLN A 67 6.35 -1.97 17.85
CA GLN A 67 5.93 -0.68 18.34
C GLN A 67 5.03 -0.81 19.55
N LEU A 68 4.01 -1.62 19.43
CA LEU A 68 3.09 -1.90 20.52
C LEU A 68 3.86 -2.35 21.76
N LEU A 69 4.74 -3.31 21.58
CA LEU A 69 5.49 -3.87 22.67
C LEU A 69 6.51 -2.87 23.26
N VAL A 70 7.29 -2.24 22.39
CA VAL A 70 8.37 -1.35 22.83
C VAL A 70 7.81 -0.08 23.47
N ALA A 71 6.73 0.44 22.91
CA ALA A 71 6.11 1.64 23.43
C ALA A 71 5.41 1.33 24.73
N LYS A 72 4.82 0.14 24.83
CA LYS A 72 4.19 -0.27 26.07
C LYS A 72 5.22 -0.30 27.18
N GLU A 73 6.33 -1.00 26.92
CA GLU A 73 7.42 -1.16 27.89
C GLU A 73 7.95 0.20 28.33
N GLY A 74 8.33 0.99 27.36
CA GLY A 74 8.88 2.29 27.62
C GLY A 74 7.97 3.14 28.48
N ALA A 75 6.72 3.27 28.05
CA ALA A 75 5.78 4.13 28.73
C ALA A 75 5.47 3.65 30.14
N GLU A 76 5.40 2.34 30.31
CA GLU A 76 5.10 1.77 31.62
C GLU A 76 6.31 1.87 32.56
N LYS A 77 7.49 1.96 31.99
CA LYS A 77 8.68 2.14 32.78
C LYS A 77 8.95 3.59 33.13
N ILE A 78 9.00 4.44 32.14
CA ILE A 78 9.40 5.82 32.35
C ILE A 78 8.21 6.75 32.66
N LYS A 79 7.34 6.96 31.70
CA LYS A 79 6.18 7.82 31.79
C LYS A 79 5.31 7.64 30.60
N LYS A 80 4.06 7.55 30.85
CA LYS A 80 3.08 7.40 29.82
C LYS A 80 2.38 8.73 29.64
N LYS A 81 2.05 9.06 28.44
CA LYS A 81 1.36 10.29 28.19
C LYS A 81 0.15 10.02 27.33
N ARG A 82 -0.55 11.05 26.96
CA ARG A 82 -1.78 10.93 26.24
C ARG A 82 -1.81 11.98 25.13
N GLY B 1 -6.35 -16.41 3.64
CA GLY B 1 -5.68 -15.20 3.15
C GLY B 1 -6.47 -14.01 3.56
N SER B 2 -5.91 -12.84 3.38
CA SER B 2 -6.61 -11.64 3.71
C SER B 2 -7.45 -11.18 2.54
N GLU B 3 -8.36 -10.26 2.81
CA GLU B 3 -9.34 -9.73 1.85
C GLU B 3 -8.65 -9.28 0.54
N LEU B 4 -7.60 -8.51 0.70
CA LEU B 4 -6.80 -8.03 -0.41
C LEU B 4 -6.17 -9.19 -1.19
N ASN B 5 -5.70 -10.19 -0.47
CA ASN B 5 -4.98 -11.36 -1.00
C ASN B 5 -5.89 -12.20 -1.84
N GLU B 6 -7.00 -12.54 -1.25
CA GLU B 6 -7.95 -13.40 -1.87
C GLU B 6 -8.53 -12.75 -3.10
N LEU B 7 -8.91 -11.48 -2.98
CA LEU B 7 -9.47 -10.79 -4.11
C LEU B 7 -8.41 -10.44 -5.13
N ALA B 8 -7.16 -10.40 -4.71
CA ALA B 8 -6.09 -10.19 -5.66
C ALA B 8 -6.02 -11.35 -6.56
N GLU B 9 -6.00 -12.54 -5.99
CA GLU B 9 -5.93 -13.72 -6.76
C GLU B 9 -7.19 -13.94 -7.60
N PHE B 10 -8.31 -13.71 -7.01
CA PHE B 10 -9.58 -13.91 -7.68
C PHE B 10 -9.78 -12.95 -8.85
N ALA B 11 -9.51 -11.69 -8.62
CA ALA B 11 -9.69 -10.68 -9.63
C ALA B 11 -8.64 -10.80 -10.73
N ARG B 12 -7.41 -11.16 -10.36
CA ARG B 12 -6.35 -11.33 -11.37
C ARG B 12 -6.69 -12.50 -12.30
N LEU B 13 -7.20 -13.59 -11.70
CA LEU B 13 -7.59 -14.75 -12.46
C LEU B 13 -8.73 -14.39 -13.37
N GLN B 14 -9.74 -13.74 -12.82
CA GLN B 14 -10.88 -13.30 -13.58
C GLN B 14 -10.51 -12.34 -14.69
N ASP B 15 -9.70 -11.34 -14.34
CA ASP B 15 -9.28 -10.36 -15.31
C ASP B 15 -8.63 -11.00 -16.47
N GLN B 16 -7.63 -11.87 -16.24
CA GLN B 16 -6.99 -12.52 -17.36
C GLN B 16 -7.92 -13.52 -18.04
N LEU B 17 -8.85 -14.07 -17.30
CA LEU B 17 -9.83 -14.97 -17.90
C LEU B 17 -10.62 -14.24 -18.96
N ASP B 18 -10.74 -12.94 -18.83
CA ASP B 18 -11.26 -12.19 -19.95
C ASP B 18 -10.13 -11.57 -20.79
N HIS B 19 -9.23 -10.90 -20.11
CA HIS B 19 -8.18 -10.04 -20.69
C HIS B 19 -6.77 -10.63 -20.68
N ARG B 20 -6.67 -11.92 -20.81
CA ARG B 20 -5.38 -12.64 -20.82
C ARG B 20 -4.43 -12.12 -21.92
N GLY B 21 -5.02 -11.70 -23.03
CA GLY B 21 -4.25 -11.22 -24.13
C GLY B 21 -3.81 -12.35 -25.01
N ASP B 22 -2.68 -12.90 -24.68
CA ASP B 22 -2.13 -13.98 -25.42
C ASP B 22 -2.63 -15.23 -24.80
N HIS B 23 -3.64 -15.74 -25.38
CA HIS B 23 -4.23 -16.93 -24.88
C HIS B 23 -4.09 -18.05 -25.89
N GLY C 1 17.73 -16.68 -22.26
CA GLY C 1 16.88 -16.36 -23.41
C GLY C 1 16.69 -14.88 -23.57
N SER C 2 15.85 -14.48 -24.49
CA SER C 2 15.60 -13.08 -24.74
C SER C 2 14.89 -12.43 -23.57
N HIS C 3 15.58 -11.51 -22.98
CA HIS C 3 15.16 -10.79 -21.80
C HIS C 3 13.97 -9.88 -22.15
N MET C 4 14.03 -9.28 -23.34
CA MET C 4 12.95 -8.47 -23.94
C MET C 4 12.43 -7.36 -23.02
N ALA C 5 13.31 -6.69 -22.31
CA ALA C 5 12.88 -5.62 -21.41
C ALA C 5 12.53 -4.37 -22.20
N SER C 6 11.33 -4.34 -22.65
CA SER C 6 10.75 -3.23 -23.32
C SER C 6 9.26 -3.24 -23.07
N SER C 7 8.85 -2.60 -22.02
CA SER C 7 7.47 -2.53 -21.66
C SER C 7 7.19 -1.15 -21.07
N ARG C 8 6.25 -0.44 -21.61
CA ARG C 8 5.94 0.92 -21.16
C ARG C 8 5.22 0.92 -19.82
N GLN C 9 4.87 -0.24 -19.35
CA GLN C 9 4.08 -0.37 -18.14
C GLN C 9 4.91 -0.86 -16.97
N LYS C 10 6.14 -1.27 -17.25
CA LYS C 10 6.96 -1.93 -16.24
C LYS C 10 7.54 -0.99 -15.18
N TYR C 11 7.35 0.31 -15.36
CA TYR C 11 7.84 1.28 -14.39
C TYR C 11 7.14 1.09 -13.04
N ALA C 12 5.93 0.51 -13.11
CA ALA C 12 5.09 0.27 -11.95
C ALA C 12 5.84 -0.45 -10.85
N GLU C 13 6.58 -1.53 -11.22
CA GLU C 13 7.30 -2.34 -10.23
C GLU C 13 8.35 -1.50 -9.50
N GLU C 14 8.97 -0.61 -10.25
CA GLU C 14 9.99 0.25 -9.74
C GLU C 14 9.40 1.21 -8.72
N GLU C 15 8.30 1.86 -9.11
CA GLU C 15 7.64 2.85 -8.27
C GLU C 15 7.16 2.23 -6.96
N LEU C 16 6.50 1.09 -7.07
CA LEU C 16 5.94 0.41 -5.91
C LEU C 16 7.00 -0.14 -4.94
N GLU C 17 8.02 -0.78 -5.48
CA GLU C 17 9.12 -1.32 -4.65
C GLU C 17 9.82 -0.17 -3.91
N GLN C 18 10.10 0.90 -4.65
CA GLN C 18 10.78 2.03 -4.09
C GLN C 18 9.96 2.70 -3.02
N VAL C 19 8.67 2.85 -3.25
CA VAL C 19 7.84 3.50 -2.26
C VAL C 19 7.67 2.61 -1.02
N ARG C 20 7.66 1.29 -1.20
CA ARG C 20 7.61 0.33 -0.08
C ARG C 20 8.75 0.63 0.85
N GLU C 21 9.96 0.64 0.30
CA GLU C 21 11.10 0.86 1.14
C GLU C 21 11.18 2.29 1.63
N ALA C 22 10.86 3.23 0.76
CA ALA C 22 10.99 4.66 1.05
C ALA C 22 10.01 5.11 2.12
N LEU C 23 8.78 4.79 1.89
CA LEU C 23 7.72 5.19 2.73
C LEU C 23 7.70 4.41 4.04
N ARG C 24 8.01 3.12 4.02
CA ARG C 24 8.05 2.36 5.28
C ARG C 24 9.24 2.80 6.13
N LYS C 25 10.31 3.19 5.45
CA LYS C 25 11.48 3.72 6.10
C LYS C 25 11.09 5.03 6.79
N ALA C 26 10.38 5.87 6.03
CA ALA C 26 9.88 7.13 6.53
C ALA C 26 8.98 6.91 7.72
N GLU C 27 8.09 5.93 7.61
CA GLU C 27 7.19 5.58 8.71
C GLU C 27 7.94 5.30 9.99
N LYS C 28 8.89 4.37 9.95
CA LYS C 28 9.61 4.02 11.17
C LYS C 28 10.48 5.19 11.71
N GLU C 29 11.11 5.94 10.84
CA GLU C 29 11.91 7.05 11.32
C GLU C 29 11.00 8.15 11.84
N LEU C 30 9.84 8.29 11.24
CA LEU C 30 8.89 9.32 11.62
C LEU C 30 8.40 9.03 13.02
N GLU C 31 7.79 7.87 13.23
CA GLU C 31 7.37 7.44 14.58
C GLU C 31 8.54 7.57 15.59
N SER C 32 9.77 7.30 15.14
CA SER C 32 10.91 7.39 16.03
C SER C 32 11.22 8.87 16.37
N HIS C 33 11.27 9.69 15.35
CA HIS C 33 11.56 11.12 15.44
C HIS C 33 10.48 11.92 16.13
N SER C 34 9.23 11.49 16.03
CA SER C 34 8.10 12.20 16.64
C SER C 34 8.31 12.47 18.14
N SER C 35 9.23 11.75 18.78
CA SER C 35 9.53 11.94 20.19
C SER C 35 10.33 13.22 20.43
N TRP C 36 10.82 13.78 19.36
CA TRP C 36 11.64 14.98 19.40
C TRP C 36 10.78 16.22 19.20
N TYR C 37 9.83 16.11 18.31
CA TYR C 37 8.99 17.24 17.93
C TYR C 37 7.54 17.07 18.37
N ALA C 38 6.66 17.89 17.83
CA ALA C 38 5.26 17.89 18.22
C ALA C 38 4.51 16.71 17.59
N PRO C 39 3.51 16.15 18.31
CA PRO C 39 2.73 15.00 17.86
C PRO C 39 1.87 15.31 16.63
N GLU C 40 1.77 16.59 16.26
CA GLU C 40 0.99 17.00 15.10
C GLU C 40 1.57 16.41 13.82
N ALA C 41 2.88 16.21 13.82
CA ALA C 41 3.54 15.63 12.68
C ALA C 41 3.13 14.17 12.56
N LEU C 42 3.16 13.44 13.68
CA LEU C 42 2.74 12.04 13.73
C LEU C 42 1.30 11.90 13.36
N GLN C 43 0.48 12.76 13.93
CA GLN C 43 -0.93 12.78 13.70
C GLN C 43 -1.21 12.88 12.21
N LYS C 44 -0.57 13.87 11.59
CA LYS C 44 -0.68 14.11 10.17
C LYS C 44 -0.17 12.89 9.40
N TRP C 45 1.04 12.48 9.72
CA TRP C 45 1.71 11.36 9.09
C TRP C 45 0.89 10.07 9.14
N LEU C 46 0.45 9.66 10.33
CA LEU C 46 -0.30 8.43 10.45
C LEU C 46 -1.63 8.58 9.70
N GLN C 47 -2.27 9.73 9.83
CA GLN C 47 -3.51 9.97 9.13
C GLN C 47 -3.30 9.85 7.63
N LEU C 48 -2.23 10.46 7.15
CA LEU C 48 -1.86 10.47 5.73
C LEU C 48 -1.51 9.07 5.23
N THR C 49 -0.62 8.39 5.94
CA THR C 49 -0.18 7.06 5.55
C THR C 49 -1.33 6.10 5.47
N HIS C 50 -2.14 6.08 6.52
CA HIS C 50 -3.23 5.17 6.61
C HIS C 50 -4.36 5.59 5.68
N GLU C 51 -4.50 6.90 5.45
CA GLU C 51 -5.51 7.37 4.52
C GLU C 51 -5.24 6.83 3.16
N VAL C 52 -4.01 6.96 2.70
CA VAL C 52 -3.64 6.48 1.38
C VAL C 52 -3.68 4.97 1.31
N GLU C 53 -3.35 4.38 2.41
CA GLU C 53 -3.40 2.96 2.60
C GLU C 53 -4.86 2.49 2.36
N VAL C 54 -5.79 3.10 3.08
CA VAL C 54 -7.21 2.82 2.93
C VAL C 54 -7.69 3.23 1.52
N GLN C 55 -7.14 4.32 0.97
CA GLN C 55 -7.50 4.76 -0.36
C GLN C 55 -7.14 3.76 -1.41
N TYR C 56 -5.83 3.37 -1.50
CA TYR C 56 -5.42 2.39 -2.52
C TYR C 56 -6.27 1.13 -2.36
N TYR C 57 -6.50 0.76 -1.08
CA TYR C 57 -7.26 -0.40 -0.70
C TYR C 57 -8.65 -0.33 -1.30
N ASN C 58 -9.34 0.73 -1.01
CA ASN C 58 -10.68 0.94 -1.48
C ASN C 58 -10.75 1.02 -2.98
N ILE C 59 -9.75 1.67 -3.57
CA ILE C 59 -9.65 1.82 -5.01
C ILE C 59 -9.61 0.45 -5.67
N LYS C 60 -8.70 -0.39 -5.20
CA LYS C 60 -8.62 -1.71 -5.74
C LYS C 60 -9.78 -2.58 -5.35
N LYS C 61 -10.40 -2.34 -4.21
CA LYS C 61 -11.63 -3.06 -3.88
C LYS C 61 -12.70 -2.79 -4.91
N GLN C 62 -12.96 -1.51 -5.15
CA GLN C 62 -13.92 -1.09 -6.15
C GLN C 62 -13.54 -1.66 -7.51
N ASN C 63 -12.27 -1.53 -7.85
CA ASN C 63 -11.75 -1.98 -9.12
C ASN C 63 -11.88 -3.49 -9.23
N ALA C 64 -11.46 -4.20 -8.19
CA ALA C 64 -11.48 -5.67 -8.17
C ALA C 64 -12.88 -6.23 -8.31
N GLU C 65 -13.81 -5.69 -7.55
CA GLU C 65 -15.20 -6.13 -7.63
C GLU C 65 -15.76 -5.84 -9.03
N LYS C 66 -15.43 -4.68 -9.58
CA LYS C 66 -15.84 -4.33 -10.93
C LYS C 66 -15.21 -5.30 -11.91
N GLN C 67 -13.93 -5.55 -11.72
CA GLN C 67 -13.16 -6.51 -12.50
C GLN C 67 -13.77 -7.88 -12.48
N LEU C 68 -14.10 -8.35 -11.29
CA LEU C 68 -14.76 -9.64 -11.12
C LEU C 68 -16.02 -9.70 -11.96
N LEU C 69 -16.85 -8.67 -11.84
CA LEU C 69 -18.10 -8.63 -12.56
C LEU C 69 -17.91 -8.49 -14.07
N VAL C 70 -17.07 -7.55 -14.50
CA VAL C 70 -16.91 -7.26 -15.92
C VAL C 70 -16.21 -8.40 -16.67
N ALA C 71 -15.27 -9.05 -16.01
CA ALA C 71 -14.54 -10.15 -16.59
C ALA C 71 -15.42 -11.37 -16.64
N LYS C 72 -16.25 -11.56 -15.60
CA LYS C 72 -17.17 -12.67 -15.59
C LYS C 72 -18.11 -12.57 -16.77
N GLU C 73 -18.72 -11.38 -16.91
CA GLU C 73 -19.68 -11.12 -17.98
C GLU C 73 -19.04 -11.34 -19.34
N GLY C 74 -17.95 -10.65 -19.58
CA GLY C 74 -17.26 -10.72 -20.83
C GLY C 74 -16.93 -12.14 -21.22
N ALA C 75 -16.28 -12.85 -20.33
CA ALA C 75 -15.80 -14.18 -20.62
C ALA C 75 -16.94 -15.17 -20.80
N GLU C 76 -18.02 -14.98 -20.06
CA GLU C 76 -19.15 -15.89 -20.17
C GLU C 76 -19.91 -15.63 -21.47
N LYS C 77 -19.85 -14.39 -21.95
CA LYS C 77 -20.51 -14.02 -23.18
C LYS C 77 -19.69 -14.33 -24.43
N ILE C 78 -18.45 -13.90 -24.45
CA ILE C 78 -17.64 -14.04 -25.65
C ILE C 78 -16.86 -15.35 -25.70
N LYS C 79 -15.90 -15.53 -24.80
CA LYS C 79 -15.03 -16.69 -24.70
C LYS C 79 -14.24 -16.65 -23.45
N LYS C 80 -14.25 -17.73 -22.76
CA LYS C 80 -13.46 -17.85 -21.56
C LYS C 80 -12.17 -18.57 -21.88
N LYS C 81 -11.16 -18.28 -21.12
CA LYS C 81 -9.83 -18.80 -21.36
C LYS C 81 -9.20 -19.15 -20.02
N ARG C 82 -7.99 -19.63 -20.03
CA ARG C 82 -7.34 -20.06 -18.81
C ARG C 82 -5.85 -19.69 -18.83
N GLY D 1 -13.04 -2.83 11.93
CA GLY D 1 -11.93 -2.38 11.12
C GLY D 1 -11.02 -3.52 10.80
N SER D 2 -10.33 -3.45 9.69
CA SER D 2 -9.44 -4.50 9.26
C SER D 2 -8.16 -4.52 10.10
N GLU D 3 -7.39 -5.60 9.95
CA GLU D 3 -6.14 -5.87 10.70
C GLU D 3 -5.18 -4.65 10.65
N LEU D 4 -4.98 -4.14 9.47
CA LEU D 4 -4.15 -2.97 9.25
C LEU D 4 -4.70 -1.74 9.98
N ASN D 5 -6.01 -1.58 9.93
CA ASN D 5 -6.73 -0.43 10.48
C ASN D 5 -6.63 -0.39 11.97
N GLU D 6 -6.96 -1.51 12.56
CA GLU D 6 -6.99 -1.65 13.97
C GLU D 6 -5.59 -1.47 14.53
N LEU D 7 -4.62 -2.13 13.92
CA LEU D 7 -3.27 -2.01 14.41
C LEU D 7 -2.67 -0.67 14.10
N ALA D 8 -3.18 0.00 13.08
CA ALA D 8 -2.73 1.34 12.78
C ALA D 8 -3.10 2.22 13.91
N GLU D 9 -4.34 2.17 14.34
CA GLU D 9 -4.79 3.00 15.39
C GLU D 9 -4.14 2.62 16.72
N PHE D 10 -4.06 1.36 16.96
CA PHE D 10 -3.49 0.86 18.21
C PHE D 10 -2.01 1.20 18.33
N ALA D 11 -1.25 0.94 17.29
CA ALA D 11 0.18 1.18 17.30
C ALA D 11 0.48 2.65 17.30
N ARG D 12 -0.30 3.46 16.57
CA ARG D 12 -0.08 4.90 16.54
C ARG D 12 -0.33 5.51 17.92
N LEU D 13 -1.38 5.02 18.60
CA LEU D 13 -1.69 5.48 19.93
C LEU D 13 -0.58 5.09 20.87
N GLN D 14 -0.18 3.83 20.80
CA GLN D 14 0.91 3.33 21.61
C GLN D 14 2.21 4.06 21.36
N ASP D 15 2.53 4.24 20.09
CA ASP D 15 3.75 4.92 19.72
C ASP D 15 3.79 6.29 20.32
N GLN D 16 2.73 7.09 20.13
CA GLN D 16 2.76 8.41 20.72
C GLN D 16 2.64 8.35 22.24
N LEU D 17 1.99 7.32 22.76
CA LEU D 17 1.89 7.14 24.20
C LEU D 17 3.28 7.02 24.80
N ASP D 18 4.23 6.56 24.02
CA ASP D 18 5.62 6.71 24.44
C ASP D 18 6.30 7.93 23.80
N HIS D 19 6.26 7.97 22.49
CA HIS D 19 7.02 8.90 21.64
C HIS D 19 6.22 10.11 21.16
N ARG D 20 5.28 10.56 21.94
CA ARG D 20 4.44 11.73 21.60
C ARG D 20 5.27 12.97 21.26
N GLY D 21 6.43 13.09 21.89
CA GLY D 21 7.27 14.23 21.67
C GLY D 21 6.87 15.39 22.52
N ASP D 22 6.00 16.19 22.00
CA ASP D 22 5.54 17.34 22.69
C ASP D 22 4.33 16.94 23.44
N HIS D 23 4.53 16.63 24.66
CA HIS D 23 3.48 16.20 25.47
C HIS D 23 3.21 17.24 26.55
N GLY A 1 22.01 28.73 14.50
CA GLY A 1 22.19 29.58 13.32
C GLY A 1 21.25 29.16 12.25
N SER A 2 21.15 29.95 11.19
CA SER A 2 20.24 29.68 10.10
C SER A 2 20.71 28.45 9.32
N HIS A 3 20.14 27.32 9.63
CA HIS A 3 20.49 26.09 8.96
C HIS A 3 19.75 25.99 7.64
N MET A 4 18.47 26.36 7.68
CA MET A 4 17.56 26.30 6.52
C MET A 4 17.40 24.83 6.09
N ALA A 5 17.56 23.95 7.05
CA ALA A 5 17.50 22.54 6.83
C ALA A 5 16.08 22.06 6.89
N SER A 6 15.45 22.02 5.76
CA SER A 6 14.11 21.58 5.68
C SER A 6 14.08 20.06 5.61
N SER A 7 13.14 19.48 6.32
CA SER A 7 12.98 18.07 6.40
C SER A 7 12.77 17.44 5.03
N ARG A 8 13.72 16.61 4.63
CA ARG A 8 13.63 15.91 3.38
C ARG A 8 12.95 14.59 3.54
N GLN A 9 12.95 14.05 4.76
CA GLN A 9 12.35 12.75 5.06
C GLN A 9 10.81 12.79 5.01
N LYS A 10 10.27 13.96 4.68
CA LYS A 10 8.85 14.19 4.57
C LYS A 10 8.31 13.64 3.25
N TYR A 11 9.24 13.17 2.39
CA TYR A 11 8.92 12.65 1.05
C TYR A 11 7.83 11.61 1.06
N ALA A 12 7.68 10.94 2.20
CA ALA A 12 6.68 9.92 2.40
C ALA A 12 5.32 10.38 1.94
N GLU A 13 4.90 11.59 2.37
CA GLU A 13 3.57 12.16 2.05
C GLU A 13 3.37 12.18 0.54
N GLU A 14 4.36 12.75 -0.12
CA GLU A 14 4.33 12.97 -1.54
C GLU A 14 4.34 11.62 -2.26
N GLU A 15 5.24 10.76 -1.83
CA GLU A 15 5.41 9.46 -2.42
C GLU A 15 4.18 8.58 -2.25
N LEU A 16 3.60 8.56 -1.07
CA LEU A 16 2.43 7.72 -0.81
C LEU A 16 1.21 8.16 -1.59
N GLU A 17 0.94 9.44 -1.61
CA GLU A 17 -0.21 9.98 -2.31
C GLU A 17 -0.05 9.75 -3.84
N GLN A 18 1.14 10.04 -4.30
CA GLN A 18 1.42 9.89 -5.70
C GLN A 18 1.47 8.45 -6.12
N VAL A 19 2.00 7.58 -5.27
CA VAL A 19 2.07 6.17 -5.63
C VAL A 19 0.67 5.57 -5.64
N ARG A 20 -0.20 6.08 -4.75
CA ARG A 20 -1.59 5.67 -4.74
C ARG A 20 -2.16 5.89 -6.12
N GLU A 21 -2.00 7.13 -6.62
CA GLU A 21 -2.56 7.42 -7.93
C GLU A 21 -1.81 6.70 -9.03
N ALA A 22 -0.50 6.69 -8.92
CA ALA A 22 0.39 6.19 -9.97
C ALA A 22 0.23 4.71 -10.17
N LEU A 23 0.35 4.02 -9.10
CA LEU A 23 0.30 2.60 -9.06
C LEU A 23 -1.10 2.09 -9.34
N ARG A 24 -2.15 2.67 -8.74
CA ARG A 24 -3.52 2.18 -9.04
C ARG A 24 -3.88 2.45 -10.50
N LYS A 25 -3.37 3.55 -11.03
CA LYS A 25 -3.59 3.94 -12.40
C LYS A 25 -2.94 2.93 -13.33
N ALA A 26 -1.65 2.66 -13.12
CA ALA A 26 -0.91 1.68 -13.88
C ALA A 26 -1.51 0.29 -13.74
N GLU A 27 -2.04 -0.04 -12.58
CA GLU A 27 -2.73 -1.30 -12.39
C GLU A 27 -3.91 -1.42 -13.34
N LYS A 28 -4.80 -0.43 -13.31
CA LYS A 28 -5.98 -0.38 -14.19
C LYS A 28 -5.54 -0.42 -15.69
N GLU A 29 -4.53 0.37 -15.95
CA GLU A 29 -3.88 0.50 -17.23
C GLU A 29 -3.39 -0.88 -17.70
N LEU A 30 -2.71 -1.55 -16.82
CA LEU A 30 -2.06 -2.80 -17.08
C LEU A 30 -3.07 -3.91 -17.27
N GLU A 31 -3.92 -4.13 -16.26
CA GLU A 31 -5.00 -5.13 -16.36
C GLU A 31 -5.83 -4.93 -17.68
N SER A 32 -5.99 -3.68 -18.11
CA SER A 32 -6.75 -3.42 -19.32
C SER A 32 -5.88 -3.71 -20.57
N HIS A 33 -4.66 -3.24 -20.53
CA HIS A 33 -3.71 -3.35 -21.63
C HIS A 33 -3.33 -4.80 -21.94
N SER A 34 -3.35 -5.64 -20.93
CA SER A 34 -2.99 -7.05 -21.07
C SER A 34 -3.83 -7.81 -22.12
N SER A 35 -4.96 -7.24 -22.53
CA SER A 35 -5.78 -7.88 -23.56
C SER A 35 -5.14 -7.71 -24.95
N TRP A 36 -4.22 -6.77 -25.01
CA TRP A 36 -3.53 -6.41 -26.26
C TRP A 36 -2.31 -7.30 -26.43
N TYR A 37 -1.53 -7.41 -25.38
CA TYR A 37 -0.30 -8.14 -25.41
C TYR A 37 -0.41 -9.49 -24.70
N ALA A 38 0.73 -10.10 -24.46
CA ALA A 38 0.78 -11.37 -23.80
C ALA A 38 0.62 -11.19 -22.29
N PRO A 39 0.02 -12.19 -21.60
CA PRO A 39 -0.28 -12.10 -20.17
C PRO A 39 0.96 -12.10 -19.29
N GLU A 40 2.12 -12.30 -19.90
CA GLU A 40 3.40 -12.29 -19.22
C GLU A 40 3.66 -10.96 -18.54
N ALA A 41 3.18 -9.88 -19.14
CA ALA A 41 3.35 -8.57 -18.57
C ALA A 41 2.42 -8.40 -17.38
N LEU A 42 1.23 -8.98 -17.47
CA LEU A 42 0.29 -9.00 -16.35
C LEU A 42 0.86 -9.82 -15.24
N GLN A 43 1.41 -10.95 -15.61
CA GLN A 43 2.00 -11.87 -14.68
C GLN A 43 3.15 -11.19 -13.93
N LYS A 44 4.00 -10.52 -14.69
CA LYS A 44 5.10 -9.74 -14.12
C LYS A 44 4.56 -8.68 -13.17
N TRP A 45 3.62 -7.91 -13.67
CA TRP A 45 2.97 -6.84 -12.96
C TRP A 45 2.30 -7.32 -11.68
N LEU A 46 1.46 -8.33 -11.79
CA LEU A 46 0.76 -8.84 -10.64
C LEU A 46 1.75 -9.46 -9.65
N GLN A 47 2.80 -10.09 -10.15
CA GLN A 47 3.78 -10.69 -9.29
C GLN A 47 4.47 -9.61 -8.48
N LEU A 48 4.81 -8.51 -9.14
CA LEU A 48 5.51 -7.44 -8.47
C LEU A 48 4.59 -6.64 -7.56
N THR A 49 3.38 -6.35 -8.04
CA THR A 49 2.42 -5.60 -7.24
C THR A 49 2.10 -6.35 -5.98
N HIS A 50 1.78 -7.63 -6.13
CA HIS A 50 1.39 -8.47 -5.03
C HIS A 50 2.56 -8.73 -4.09
N GLU A 51 3.75 -8.89 -4.67
CA GLU A 51 4.97 -9.08 -3.87
C GLU A 51 5.14 -7.92 -2.94
N VAL A 52 5.11 -6.73 -3.50
CA VAL A 52 5.35 -5.55 -2.76
C VAL A 52 4.19 -5.22 -1.85
N GLU A 53 3.00 -5.52 -2.30
CA GLU A 53 1.81 -5.26 -1.55
C GLU A 53 1.84 -6.09 -0.25
N VAL A 54 2.03 -7.38 -0.40
CA VAL A 54 2.15 -8.25 0.75
C VAL A 54 3.38 -7.86 1.58
N GLN A 55 4.44 -7.39 0.92
CA GLN A 55 5.65 -6.99 1.62
C GLN A 55 5.45 -5.77 2.48
N TYR A 56 5.00 -4.61 1.92
CA TYR A 56 4.81 -3.42 2.74
C TYR A 56 3.85 -3.75 3.89
N TYR A 57 2.84 -4.55 3.56
CA TYR A 57 1.83 -5.01 4.48
C TYR A 57 2.46 -5.76 5.62
N ASN A 58 3.22 -6.75 5.26
CA ASN A 58 3.91 -7.63 6.19
C ASN A 58 4.85 -6.82 7.08
N ILE A 59 5.57 -5.91 6.45
CA ILE A 59 6.55 -5.08 7.11
C ILE A 59 5.90 -4.28 8.22
N LYS A 60 4.81 -3.62 7.91
CA LYS A 60 4.12 -2.92 8.93
C LYS A 60 3.44 -3.81 9.92
N LYS A 61 3.04 -5.00 9.53
CA LYS A 61 2.52 -5.96 10.50
C LYS A 61 3.60 -6.32 11.51
N GLN A 62 4.78 -6.62 11.00
CA GLN A 62 5.93 -6.93 11.83
C GLN A 62 6.28 -5.74 12.70
N ASN A 63 6.33 -4.55 12.08
CA ASN A 63 6.62 -3.33 12.82
C ASN A 63 5.53 -3.04 13.81
N ALA A 64 4.28 -3.22 13.40
CA ALA A 64 3.12 -2.98 14.27
C ALA A 64 3.19 -3.80 15.54
N GLU A 65 3.48 -5.10 15.41
CA GLU A 65 3.67 -5.96 16.58
C GLU A 65 4.83 -5.45 17.43
N LYS A 66 5.94 -5.11 16.75
CA LYS A 66 7.14 -4.56 17.41
C LYS A 66 6.73 -3.31 18.19
N GLN A 67 6.06 -2.42 17.49
CA GLN A 67 5.51 -1.18 18.00
C GLN A 67 4.67 -1.39 19.21
N LEU A 68 3.66 -2.22 19.06
CA LEU A 68 2.74 -2.51 20.12
C LEU A 68 3.47 -2.97 21.38
N LEU A 69 4.42 -3.85 21.21
CA LEU A 69 5.18 -4.35 22.32
C LEU A 69 6.12 -3.27 22.90
N VAL A 70 6.88 -2.60 22.03
CA VAL A 70 7.89 -1.63 22.48
C VAL A 70 7.24 -0.37 23.08
N ALA A 71 6.12 0.00 22.54
CA ALA A 71 5.40 1.15 23.01
C ALA A 71 4.73 0.81 24.31
N LYS A 72 4.19 -0.42 24.42
CA LYS A 72 3.58 -0.83 25.66
C LYS A 72 4.63 -0.83 26.77
N GLU A 73 5.81 -1.41 26.45
CA GLU A 73 6.95 -1.45 27.36
C GLU A 73 7.28 -0.04 27.83
N GLY A 74 7.54 0.83 26.87
CA GLY A 74 7.92 2.19 27.17
C GLY A 74 6.87 2.93 27.94
N ALA A 75 5.67 2.85 27.50
CA ALA A 75 4.61 3.66 28.07
C ALA A 75 4.30 3.24 29.50
N GLU A 76 4.37 1.96 29.78
CA GLU A 76 4.09 1.50 31.13
C GLU A 76 5.27 1.77 32.05
N LYS A 77 6.48 1.67 31.50
CA LYS A 77 7.70 1.89 32.24
C LYS A 77 8.01 3.35 32.49
N ILE A 78 8.03 4.12 31.44
CA ILE A 78 8.47 5.50 31.53
C ILE A 78 7.30 6.36 32.01
N LYS A 79 6.30 6.46 31.16
CA LYS A 79 5.02 7.13 31.44
C LYS A 79 4.20 7.15 30.18
N LYS A 80 2.92 7.08 30.33
CA LYS A 80 2.05 7.13 29.20
C LYS A 80 1.40 8.50 29.11
N LYS A 81 1.09 8.88 27.93
CA LYS A 81 0.45 10.13 27.67
C LYS A 81 -0.54 9.90 26.56
N ARG A 82 -1.25 10.90 26.17
CA ARG A 82 -2.22 10.74 25.14
C ARG A 82 -1.81 11.57 23.95
N GLY B 1 -5.04 -15.89 4.10
CA GLY B 1 -4.69 -14.56 3.63
C GLY B 1 -5.81 -13.58 3.88
N SER B 2 -5.45 -12.32 4.08
CA SER B 2 -6.43 -11.29 4.39
C SER B 2 -7.29 -10.92 3.16
N GLU B 3 -8.29 -10.07 3.39
CA GLU B 3 -9.29 -9.62 2.39
C GLU B 3 -8.60 -9.19 1.07
N LEU B 4 -7.61 -8.35 1.20
CA LEU B 4 -6.84 -7.86 0.08
C LEU B 4 -6.17 -8.99 -0.70
N ASN B 5 -5.63 -9.94 0.02
CA ASN B 5 -4.85 -11.06 -0.52
C ASN B 5 -5.71 -12.01 -1.29
N GLU B 6 -6.80 -12.38 -0.67
CA GLU B 6 -7.70 -13.33 -1.25
C GLU B 6 -8.37 -12.74 -2.48
N LEU B 7 -8.80 -11.50 -2.38
CA LEU B 7 -9.40 -10.87 -3.52
C LEU B 7 -8.39 -10.53 -4.56
N ALA B 8 -7.14 -10.33 -4.15
CA ALA B 8 -6.07 -10.12 -5.11
C ALA B 8 -5.96 -11.32 -5.98
N GLU B 9 -5.93 -12.49 -5.37
CA GLU B 9 -5.82 -13.73 -6.09
C GLU B 9 -7.06 -14.00 -6.97
N PHE B 10 -8.20 -13.75 -6.42
CA PHE B 10 -9.47 -13.98 -7.11
C PHE B 10 -9.66 -13.04 -8.27
N ALA B 11 -9.37 -11.79 -8.04
CA ALA B 11 -9.59 -10.78 -9.02
C ALA B 11 -8.54 -10.84 -10.08
N ARG B 12 -7.31 -11.20 -9.71
CA ARG B 12 -6.24 -11.33 -10.69
C ARG B 12 -6.55 -12.49 -11.63
N LEU B 13 -7.06 -13.61 -11.07
CA LEU B 13 -7.48 -14.72 -11.89
C LEU B 13 -8.59 -14.29 -12.80
N GLN B 14 -9.59 -13.65 -12.24
CA GLN B 14 -10.73 -13.18 -13.00
C GLN B 14 -10.32 -12.21 -14.09
N ASP B 15 -9.51 -11.23 -13.74
CA ASP B 15 -9.07 -10.25 -14.69
C ASP B 15 -8.40 -10.90 -15.86
N GLN B 16 -7.43 -11.80 -15.62
CA GLN B 16 -6.80 -12.47 -16.77
C GLN B 16 -7.73 -13.45 -17.44
N LEU B 17 -8.65 -14.06 -16.67
CA LEU B 17 -9.64 -14.98 -17.24
C LEU B 17 -10.45 -14.25 -18.29
N ASP B 18 -10.54 -12.95 -18.17
CA ASP B 18 -11.09 -12.16 -19.24
C ASP B 18 -9.99 -11.57 -20.13
N HIS B 19 -9.11 -10.80 -19.51
CA HIS B 19 -8.11 -9.95 -20.17
C HIS B 19 -6.74 -10.59 -20.38
N ARG B 20 -6.67 -11.87 -20.49
CA ARG B 20 -5.39 -12.58 -20.65
C ARG B 20 -4.62 -12.15 -21.90
N GLY B 21 -5.33 -11.75 -22.94
CA GLY B 21 -4.69 -11.28 -24.16
C GLY B 21 -4.23 -12.41 -25.04
N ASP B 22 -3.10 -12.98 -24.70
CA ASP B 22 -2.52 -14.04 -25.48
C ASP B 22 -2.65 -15.32 -24.73
N HIS B 23 -3.63 -16.05 -25.08
CA HIS B 23 -3.85 -17.31 -24.49
C HIS B 23 -3.57 -18.40 -25.48
N GLY C 1 7.55 0.82 -38.05
CA GLY C 1 8.96 1.15 -38.19
C GLY C 1 9.62 1.13 -36.85
N SER C 2 10.79 1.72 -36.76
CA SER C 2 11.50 1.75 -35.50
C SER C 2 10.92 2.85 -34.63
N HIS C 3 10.00 2.48 -33.78
CA HIS C 3 9.33 3.43 -32.92
C HIS C 3 10.21 3.70 -31.72
N MET C 4 10.75 2.61 -31.16
CA MET C 4 11.63 2.62 -29.96
C MET C 4 10.80 3.02 -28.71
N ALA C 5 9.49 3.00 -28.87
CA ALA C 5 8.58 3.40 -27.84
C ALA C 5 8.51 2.34 -26.78
N SER C 6 9.21 2.57 -25.72
CA SER C 6 9.27 1.65 -24.64
C SER C 6 8.15 1.99 -23.68
N SER C 7 7.55 0.97 -23.08
CA SER C 7 6.47 1.15 -22.14
C SER C 7 6.93 1.98 -20.96
N ARG C 8 6.38 3.17 -20.85
CA ARG C 8 6.75 4.11 -19.83
C ARG C 8 5.82 3.97 -18.65
N GLN C 9 4.67 3.34 -18.87
CA GLN C 9 3.65 3.20 -17.83
C GLN C 9 4.02 2.06 -16.86
N LYS C 10 5.17 1.46 -17.12
CA LYS C 10 5.72 0.38 -16.33
C LYS C 10 6.28 0.91 -15.01
N TYR C 11 6.27 2.25 -14.84
CA TYR C 11 6.83 2.94 -13.66
C TYR C 11 6.32 2.37 -12.35
N ALA C 12 5.14 1.75 -12.41
CA ALA C 12 4.50 1.12 -11.29
C ALA C 12 5.45 0.23 -10.53
N GLU C 13 6.19 -0.64 -11.24
CA GLU C 13 7.12 -1.62 -10.60
C GLU C 13 8.10 -0.91 -9.66
N GLU C 14 8.73 0.09 -10.23
CA GLU C 14 9.74 0.88 -9.57
C GLU C 14 9.13 1.66 -8.43
N GLU C 15 8.03 2.32 -8.72
CA GLU C 15 7.35 3.16 -7.74
C GLU C 15 6.82 2.35 -6.57
N LEU C 16 6.24 1.20 -6.83
CA LEU C 16 5.72 0.38 -5.76
C LEU C 16 6.81 -0.17 -4.85
N GLU C 17 7.86 -0.70 -5.44
CA GLU C 17 8.95 -1.28 -4.66
C GLU C 17 9.67 -0.16 -3.86
N GLN C 18 9.90 0.93 -4.54
CA GLN C 18 10.58 2.02 -3.94
C GLN C 18 9.74 2.73 -2.91
N VAL C 19 8.43 2.79 -3.10
CA VAL C 19 7.60 3.43 -2.11
C VAL C 19 7.49 2.54 -0.88
N ARG C 20 7.53 1.22 -1.09
CA ARG C 20 7.56 0.26 -0.01
C ARG C 20 8.72 0.60 0.91
N GLU C 21 9.91 0.72 0.30
CA GLU C 21 11.08 1.02 1.11
C GLU C 21 11.02 2.44 1.65
N ALA C 22 10.62 3.37 0.80
CA ALA C 22 10.66 4.80 1.12
C ALA C 22 9.72 5.16 2.22
N LEU C 23 8.51 4.76 2.03
CA LEU C 23 7.45 5.06 2.91
C LEU C 23 7.56 4.30 4.23
N ARG C 24 7.91 3.01 4.20
CA ARG C 24 8.06 2.28 5.48
C ARG C 24 9.25 2.83 6.28
N LYS C 25 10.28 3.25 5.56
CA LYS C 25 11.46 3.81 6.14
C LYS C 25 11.12 5.13 6.84
N ALA C 26 10.45 6.03 6.11
CA ALA C 26 9.98 7.28 6.64
C ALA C 26 9.00 7.09 7.78
N GLU C 27 8.14 6.07 7.70
CA GLU C 27 7.24 5.75 8.80
C GLU C 27 8.02 5.50 10.07
N LYS C 28 8.97 4.58 10.00
CA LYS C 28 9.85 4.22 11.13
C LYS C 28 10.62 5.46 11.63
N GLU C 29 11.14 6.18 10.68
CA GLU C 29 11.85 7.41 10.86
C GLU C 29 10.97 8.42 11.62
N LEU C 30 9.78 8.60 11.14
CA LEU C 30 8.86 9.58 11.63
C LEU C 30 8.36 9.20 13.02
N GLU C 31 7.77 8.02 13.15
CA GLU C 31 7.32 7.50 14.47
C GLU C 31 8.46 7.64 15.53
N SER C 32 9.73 7.47 15.11
CA SER C 32 10.81 7.59 16.07
C SER C 32 11.16 9.07 16.34
N HIS C 33 11.19 9.86 15.28
CA HIS C 33 11.58 11.25 15.31
C HIS C 33 10.57 12.10 16.11
N SER C 34 9.32 11.68 16.12
CA SER C 34 8.24 12.40 16.82
C SER C 34 8.51 12.64 18.32
N SER C 35 9.43 11.88 18.90
CA SER C 35 9.77 12.06 20.30
C SER C 35 10.61 13.33 20.50
N TRP C 36 11.16 13.81 19.42
CA TRP C 36 12.04 14.96 19.41
C TRP C 36 11.21 16.22 19.30
N TYR C 37 10.33 16.23 18.34
CA TYR C 37 9.50 17.37 18.05
C TYR C 37 8.09 17.21 18.61
N ALA C 38 7.16 17.97 18.10
CA ALA C 38 5.80 17.92 18.54
C ALA C 38 5.04 16.83 17.77
N PRO C 39 4.01 16.22 18.40
CA PRO C 39 3.26 15.09 17.81
C PRO C 39 2.42 15.50 16.62
N GLU C 40 2.39 16.79 16.34
CA GLU C 40 1.65 17.35 15.25
C GLU C 40 2.16 16.80 13.90
N ALA C 41 3.47 16.57 13.82
CA ALA C 41 4.02 16.02 12.59
C ALA C 41 3.63 14.57 12.45
N LEU C 42 3.54 13.86 13.58
CA LEU C 42 3.07 12.47 13.59
C LEU C 42 1.63 12.45 13.21
N GLN C 43 0.89 13.40 13.72
CA GLN C 43 -0.52 13.53 13.47
C GLN C 43 -0.74 13.76 11.98
N LYS C 44 0.05 14.66 11.40
CA LYS C 44 0.04 14.94 9.97
C LYS C 44 0.39 13.67 9.18
N TRP C 45 1.50 13.08 9.55
CA TRP C 45 2.03 11.88 8.94
C TRP C 45 1.06 10.73 9.01
N LEU C 46 0.56 10.42 10.19
CA LEU C 46 -0.35 9.33 10.36
C LEU C 46 -1.67 9.62 9.62
N GLN C 47 -2.11 10.88 9.61
CA GLN C 47 -3.34 11.21 8.92
C GLN C 47 -3.17 10.93 7.45
N LEU C 48 -2.03 11.32 6.90
CA LEU C 48 -1.79 11.16 5.49
C LEU C 48 -1.51 9.72 5.13
N THR C 49 -0.67 9.05 5.90
CA THR C 49 -0.35 7.65 5.64
C THR C 49 -1.61 6.81 5.68
N HIS C 50 -2.39 6.99 6.71
CA HIS C 50 -3.59 6.22 6.91
C HIS C 50 -4.64 6.57 5.88
N GLU C 51 -4.74 7.85 5.53
CA GLU C 51 -5.70 8.27 4.52
C GLU C 51 -5.40 7.59 3.22
N VAL C 52 -4.15 7.65 2.80
CA VAL C 52 -3.77 7.11 1.55
C VAL C 52 -3.78 5.60 1.58
N GLU C 53 -3.45 5.06 2.73
CA GLU C 53 -3.43 3.64 2.91
C GLU C 53 -4.84 3.08 2.73
N VAL C 54 -5.78 3.65 3.46
CA VAL C 54 -7.17 3.26 3.34
C VAL C 54 -7.67 3.58 1.93
N GLN C 55 -7.21 4.69 1.34
CA GLN C 55 -7.61 5.05 0.00
C GLN C 55 -7.17 4.07 -1.06
N TYR C 56 -5.84 3.79 -1.19
CA TYR C 56 -5.38 2.85 -2.22
C TYR C 56 -6.09 1.50 -2.02
N TYR C 57 -6.25 1.13 -0.74
CA TYR C 57 -6.91 -0.08 -0.33
C TYR C 57 -8.33 -0.11 -0.85
N ASN C 58 -9.04 0.93 -0.53
CA ASN C 58 -10.43 1.11 -0.86
C ASN C 58 -10.62 1.12 -2.37
N ILE C 59 -9.70 1.79 -3.05
CA ILE C 59 -9.72 1.91 -4.50
C ILE C 59 -9.63 0.57 -5.15
N LYS C 60 -8.68 -0.24 -4.73
CA LYS C 60 -8.61 -1.56 -5.26
C LYS C 60 -9.71 -2.44 -4.80
N LYS C 61 -10.26 -2.22 -3.63
CA LYS C 61 -11.47 -2.96 -3.22
C LYS C 61 -12.60 -2.67 -4.19
N GLN C 62 -12.81 -1.40 -4.46
CA GLN C 62 -13.82 -0.95 -5.39
C GLN C 62 -13.55 -1.52 -6.78
N ASN C 63 -12.30 -1.41 -7.22
CA ASN C 63 -11.92 -1.94 -8.53
C ASN C 63 -12.03 -3.46 -8.53
N ALA C 64 -11.57 -4.09 -7.47
CA ALA C 64 -11.63 -5.56 -7.35
C ALA C 64 -13.04 -6.06 -7.54
N GLU C 65 -14.00 -5.46 -6.83
CA GLU C 65 -15.41 -5.84 -7.01
C GLU C 65 -15.86 -5.55 -8.44
N LYS C 66 -15.43 -4.40 -8.96
CA LYS C 66 -15.74 -4.01 -10.33
C LYS C 66 -15.21 -5.05 -11.31
N GLN C 67 -13.91 -5.35 -11.20
CA GLN C 67 -13.26 -6.30 -12.08
C GLN C 67 -13.78 -7.70 -11.91
N LEU C 68 -14.07 -8.11 -10.67
CA LEU C 68 -14.69 -9.43 -10.44
C LEU C 68 -15.99 -9.54 -11.21
N LEU C 69 -16.81 -8.52 -11.11
CA LEU C 69 -18.08 -8.53 -11.81
C LEU C 69 -17.89 -8.48 -13.33
N VAL C 70 -17.08 -7.56 -13.81
CA VAL C 70 -16.93 -7.38 -15.25
C VAL C 70 -16.14 -8.53 -15.91
N ALA C 71 -15.22 -9.09 -15.18
CA ALA C 71 -14.45 -10.22 -15.69
C ALA C 71 -15.31 -11.45 -15.72
N LYS C 72 -16.14 -11.64 -14.68
CA LYS C 72 -17.05 -12.78 -14.67
C LYS C 72 -17.98 -12.69 -15.86
N GLU C 73 -18.50 -11.47 -16.09
CA GLU C 73 -19.36 -11.17 -17.22
C GLU C 73 -18.67 -11.55 -18.52
N GLY C 74 -17.52 -10.98 -18.74
CA GLY C 74 -16.77 -11.22 -19.95
C GLY C 74 -16.41 -12.67 -20.14
N ALA C 75 -15.95 -13.28 -19.11
CA ALA C 75 -15.47 -14.64 -19.23
C ALA C 75 -16.59 -15.63 -19.48
N GLU C 76 -17.74 -15.39 -18.90
CA GLU C 76 -18.86 -16.29 -19.12
C GLU C 76 -19.47 -16.09 -20.50
N LYS C 77 -19.46 -14.84 -20.95
CA LYS C 77 -20.07 -14.48 -22.21
C LYS C 77 -19.16 -14.71 -23.41
N ILE C 78 -17.96 -14.18 -23.35
CA ILE C 78 -17.06 -14.22 -24.49
C ILE C 78 -16.39 -15.60 -24.55
N LYS C 79 -15.57 -15.88 -23.55
CA LYS C 79 -14.90 -17.17 -23.35
C LYS C 79 -13.98 -17.04 -22.17
N LYS C 80 -13.75 -18.12 -21.49
CA LYS C 80 -12.85 -18.11 -20.40
C LYS C 80 -11.61 -18.91 -20.73
N LYS C 81 -10.51 -18.46 -20.22
CA LYS C 81 -9.24 -19.06 -20.46
C LYS C 81 -8.49 -18.96 -19.15
N ARG C 82 -7.39 -19.64 -19.02
CA ARG C 82 -6.67 -19.66 -17.77
C ARG C 82 -5.38 -18.90 -17.92
N GLY D 1 -13.11 -1.97 10.75
CA GLY D 1 -12.15 -1.96 9.65
C GLY D 1 -11.37 -3.24 9.63
N SER D 2 -10.51 -3.40 8.65
CA SER D 2 -9.72 -4.61 8.51
C SER D 2 -8.48 -4.59 9.42
N GLU D 3 -7.72 -5.67 9.38
CA GLU D 3 -6.51 -5.94 10.21
C GLU D 3 -5.55 -4.72 10.20
N LEU D 4 -5.27 -4.24 9.02
CA LEU D 4 -4.38 -3.09 8.83
C LEU D 4 -4.94 -1.84 9.51
N ASN D 5 -6.23 -1.67 9.45
CA ASN D 5 -6.93 -0.49 9.93
C ASN D 5 -6.97 -0.45 11.43
N GLU D 6 -7.36 -1.56 11.99
CA GLU D 6 -7.47 -1.70 13.42
C GLU D 6 -6.11 -1.57 14.06
N LEU D 7 -5.12 -2.24 13.49
CA LEU D 7 -3.78 -2.16 14.03
C LEU D 7 -3.13 -0.84 13.73
N ALA D 8 -3.57 -0.18 12.68
CA ALA D 8 -3.09 1.17 12.40
C ALA D 8 -3.48 2.05 13.52
N GLU D 9 -4.75 1.99 13.91
CA GLU D 9 -5.24 2.82 14.97
C GLU D 9 -4.61 2.45 16.33
N PHE D 10 -4.50 1.19 16.59
CA PHE D 10 -3.95 0.69 17.83
C PHE D 10 -2.47 0.99 17.96
N ALA D 11 -1.73 0.78 16.89
CA ALA D 11 -0.30 0.98 16.91
C ALA D 11 0.05 2.44 16.88
N ARG D 12 -0.76 3.23 16.18
CA ARG D 12 -0.53 4.67 16.12
C ARG D 12 -0.73 5.29 17.49
N LEU D 13 -1.79 4.82 18.20
CA LEU D 13 -2.01 5.26 19.55
C LEU D 13 -0.86 4.85 20.41
N GLN D 14 -0.48 3.59 20.33
CA GLN D 14 0.64 3.08 21.09
C GLN D 14 1.93 3.84 20.82
N ASP D 15 2.23 4.03 19.54
CA ASP D 15 3.43 4.73 19.15
C ASP D 15 3.47 6.10 19.75
N GLN D 16 2.41 6.90 19.61
CA GLN D 16 2.46 8.22 20.22
C GLN D 16 2.37 8.14 21.73
N LEU D 17 1.68 7.11 22.27
CA LEU D 17 1.60 6.91 23.70
C LEU D 17 2.99 6.74 24.28
N ASP D 18 3.93 6.29 23.48
CA ASP D 18 5.30 6.33 23.90
C ASP D 18 6.02 7.57 23.33
N HIS D 19 6.01 7.67 22.01
CA HIS D 19 6.81 8.63 21.23
C HIS D 19 6.13 9.94 20.90
N ARG D 20 5.19 10.34 21.69
CA ARG D 20 4.43 11.59 21.42
C ARG D 20 5.33 12.84 21.33
N GLY D 21 6.43 12.82 22.05
CA GLY D 21 7.33 13.93 22.03
C GLY D 21 6.87 15.07 22.90
N ASP D 22 6.03 15.89 22.35
CA ASP D 22 5.56 17.06 23.04
C ASP D 22 4.18 16.79 23.55
N HIS D 23 4.12 16.42 24.75
CA HIS D 23 2.86 16.15 25.36
C HIS D 23 2.54 17.20 26.39
N GLY A 1 23.71 17.78 17.32
CA GLY A 1 22.31 18.15 17.24
C GLY A 1 21.82 18.11 15.84
N SER A 2 20.54 18.28 15.66
CA SER A 2 19.96 18.30 14.35
C SER A 2 19.92 19.73 13.87
N HIS A 3 20.85 20.08 13.00
CA HIS A 3 21.01 21.44 12.51
C HIS A 3 19.76 21.89 11.77
N MET A 4 19.21 21.01 10.97
CA MET A 4 17.95 21.27 10.34
C MET A 4 16.90 20.44 11.00
N ALA A 5 16.43 20.89 12.14
CA ALA A 5 15.38 20.22 12.84
C ALA A 5 14.07 20.68 12.24
N SER A 6 13.77 20.11 11.14
CA SER A 6 12.61 20.44 10.40
C SER A 6 12.10 19.16 9.78
N SER A 7 10.96 19.21 9.20
CA SER A 7 10.38 18.05 8.62
C SER A 7 11.14 17.64 7.36
N ARG A 8 12.05 16.71 7.54
CA ARG A 8 12.85 16.19 6.45
C ARG A 8 12.16 14.95 5.95
N GLN A 9 11.73 14.16 6.90
CA GLN A 9 11.09 12.88 6.72
C GLN A 9 9.60 13.00 6.32
N LYS A 10 9.19 14.19 5.92
CA LYS A 10 7.81 14.45 5.54
C LYS A 10 7.50 13.97 4.12
N TYR A 11 8.53 13.50 3.43
CA TYR A 11 8.41 13.05 2.04
C TYR A 11 7.42 11.89 1.91
N ALA A 12 7.23 11.17 3.02
CA ALA A 12 6.34 10.04 3.11
C ALA A 12 5.01 10.30 2.46
N GLU A 13 4.38 11.43 2.82
CA GLU A 13 3.05 11.77 2.34
C GLU A 13 3.03 11.95 0.83
N GLU A 14 4.12 12.45 0.30
CA GLU A 14 4.24 12.68 -1.12
C GLU A 14 4.31 11.35 -1.82
N GLU A 15 5.19 10.48 -1.32
CA GLU A 15 5.42 9.17 -1.89
C GLU A 15 4.13 8.34 -1.86
N LEU A 16 3.49 8.31 -0.70
CA LEU A 16 2.28 7.51 -0.52
C LEU A 16 1.08 7.98 -1.36
N GLU A 17 0.82 9.28 -1.37
CA GLU A 17 -0.30 9.82 -2.14
C GLU A 17 -0.06 9.57 -3.64
N GLN A 18 1.16 9.87 -4.07
CA GLN A 18 1.51 9.75 -5.46
C GLN A 18 1.49 8.31 -5.90
N VAL A 19 1.95 7.41 -5.06
CA VAL A 19 1.95 6.02 -5.45
C VAL A 19 0.53 5.47 -5.45
N ARG A 20 -0.34 5.99 -4.57
CA ARG A 20 -1.72 5.60 -4.54
C ARG A 20 -2.31 5.82 -5.91
N GLU A 21 -2.15 7.04 -6.40
CA GLU A 21 -2.69 7.35 -7.69
C GLU A 21 -1.91 6.69 -8.84
N ALA A 22 -0.58 6.69 -8.74
CA ALA A 22 0.30 6.18 -9.80
C ALA A 22 0.13 4.70 -10.00
N LEU A 23 0.24 3.99 -8.92
CA LEU A 23 0.19 2.58 -8.91
C LEU A 23 -1.20 2.05 -9.20
N ARG A 24 -2.27 2.64 -8.61
CA ARG A 24 -3.61 2.14 -8.94
C ARG A 24 -3.97 2.46 -10.41
N LYS A 25 -3.44 3.60 -10.91
CA LYS A 25 -3.61 3.98 -12.29
C LYS A 25 -2.95 2.96 -13.19
N ALA A 26 -1.72 2.57 -12.82
CA ALA A 26 -0.94 1.60 -13.54
C ALA A 26 -1.65 0.28 -13.54
N GLU A 27 -2.15 -0.14 -12.39
CA GLU A 27 -2.86 -1.39 -12.25
C GLU A 27 -4.01 -1.48 -13.24
N LYS A 28 -4.86 -0.47 -13.28
CA LYS A 28 -5.97 -0.52 -14.21
C LYS A 28 -5.53 -0.41 -15.70
N GLU A 29 -4.53 0.40 -16.00
CA GLU A 29 -4.10 0.48 -17.39
C GLU A 29 -3.41 -0.81 -17.78
N LEU A 30 -2.74 -1.43 -16.84
CA LEU A 30 -2.02 -2.67 -17.06
C LEU A 30 -3.02 -3.79 -17.33
N GLU A 31 -3.94 -4.04 -16.38
CA GLU A 31 -5.01 -5.07 -16.59
C GLU A 31 -5.70 -4.81 -17.97
N SER A 32 -5.84 -3.54 -18.36
CA SER A 32 -6.49 -3.20 -19.60
C SER A 32 -5.56 -3.53 -20.80
N HIS A 33 -4.32 -3.08 -20.71
CA HIS A 33 -3.32 -3.29 -21.76
C HIS A 33 -2.99 -4.76 -21.99
N SER A 34 -3.08 -5.58 -20.94
CA SER A 34 -2.76 -7.01 -21.01
C SER A 34 -3.49 -7.74 -22.14
N SER A 35 -4.68 -7.25 -22.51
CA SER A 35 -5.46 -7.86 -23.58
C SER A 35 -4.78 -7.71 -24.94
N TRP A 36 -3.85 -6.80 -24.99
CA TRP A 36 -3.13 -6.51 -26.20
C TRP A 36 -1.89 -7.38 -26.33
N TYR A 37 -1.25 -7.67 -25.23
CA TYR A 37 -0.02 -8.45 -25.26
C TYR A 37 -0.17 -9.82 -24.61
N ALA A 38 0.95 -10.43 -24.28
CA ALA A 38 0.96 -11.73 -23.65
C ALA A 38 0.70 -11.57 -22.14
N PRO A 39 -0.07 -12.50 -21.56
CA PRO A 39 -0.47 -12.48 -20.13
C PRO A 39 0.71 -12.59 -19.17
N GLU A 40 1.91 -12.87 -19.71
CA GLU A 40 3.10 -12.96 -18.89
C GLU A 40 3.39 -11.62 -18.23
N ALA A 41 3.04 -10.54 -18.90
CA ALA A 41 3.24 -9.22 -18.38
C ALA A 41 2.29 -8.96 -17.23
N LEU A 42 1.05 -9.41 -17.38
CA LEU A 42 0.06 -9.32 -16.29
C LEU A 42 0.51 -10.14 -15.13
N GLN A 43 1.01 -11.33 -15.43
CA GLN A 43 1.47 -12.24 -14.42
C GLN A 43 2.60 -11.60 -13.63
N LYS A 44 3.55 -11.03 -14.36
CA LYS A 44 4.66 -10.30 -13.77
C LYS A 44 4.13 -9.13 -12.94
N TRP A 45 3.30 -8.32 -13.55
CA TRP A 45 2.68 -7.16 -12.92
C TRP A 45 1.94 -7.52 -11.65
N LEU A 46 1.03 -8.47 -11.74
CA LEU A 46 0.29 -8.86 -10.59
C LEU A 46 1.22 -9.46 -9.55
N GLN A 47 2.21 -10.23 -9.97
CA GLN A 47 3.13 -10.79 -9.01
C GLN A 47 3.90 -9.67 -8.31
N LEU A 48 4.28 -8.66 -9.05
CA LEU A 48 4.96 -7.50 -8.51
C LEU A 48 4.09 -6.76 -7.53
N THR A 49 2.88 -6.43 -7.97
CA THR A 49 1.95 -5.71 -7.12
C THR A 49 1.65 -6.52 -5.87
N HIS A 50 1.34 -7.77 -6.07
CA HIS A 50 1.00 -8.70 -5.01
C HIS A 50 2.14 -8.91 -4.04
N GLU A 51 3.32 -9.16 -4.55
CA GLU A 51 4.45 -9.41 -3.71
C GLU A 51 4.76 -8.20 -2.88
N VAL A 52 4.76 -7.05 -3.49
CA VAL A 52 5.11 -5.85 -2.79
C VAL A 52 4.01 -5.44 -1.83
N GLU A 53 2.78 -5.73 -2.20
CA GLU A 53 1.64 -5.44 -1.38
C GLU A 53 1.74 -6.28 -0.10
N VAL A 54 1.93 -7.57 -0.28
CA VAL A 54 2.11 -8.47 0.84
C VAL A 54 3.39 -8.11 1.65
N GLN A 55 4.41 -7.60 0.96
CA GLN A 55 5.63 -7.20 1.65
C GLN A 55 5.44 -5.96 2.51
N TYR A 56 4.97 -4.81 1.94
CA TYR A 56 4.78 -3.60 2.77
C TYR A 56 3.89 -3.93 3.95
N TYR A 57 2.88 -4.78 3.67
CA TYR A 57 1.92 -5.23 4.62
C TYR A 57 2.58 -5.92 5.78
N ASN A 58 3.36 -6.93 5.49
CA ASN A 58 4.02 -7.69 6.51
C ASN A 58 5.08 -6.90 7.23
N ILE A 59 5.71 -6.00 6.51
CA ILE A 59 6.71 -5.11 7.07
C ILE A 59 6.08 -4.25 8.14
N LYS A 60 4.97 -3.62 7.82
CA LYS A 60 4.30 -2.86 8.83
C LYS A 60 3.71 -3.73 9.90
N LYS A 61 3.35 -4.94 9.58
CA LYS A 61 2.93 -5.87 10.64
C LYS A 61 4.05 -6.05 11.65
N GLN A 62 5.25 -6.27 11.14
CA GLN A 62 6.43 -6.40 11.96
C GLN A 62 6.67 -5.11 12.74
N ASN A 63 6.69 -4.00 12.01
CA ASN A 63 6.90 -2.67 12.59
C ASN A 63 5.86 -2.33 13.60
N ALA A 64 4.60 -2.54 13.27
CA ALA A 64 3.49 -2.19 14.15
C ALA A 64 3.52 -2.98 15.42
N GLU A 65 3.78 -4.29 15.33
CA GLU A 65 3.87 -5.09 16.54
C GLU A 65 5.10 -4.71 17.35
N LYS A 66 6.15 -4.31 16.65
CA LYS A 66 7.34 -3.81 17.30
C LYS A 66 7.00 -2.52 18.04
N GLN A 67 6.32 -1.61 17.33
CA GLN A 67 5.87 -0.33 17.90
C GLN A 67 5.03 -0.60 19.13
N LEU A 68 4.07 -1.51 18.99
CA LEU A 68 3.21 -1.91 20.10
C LEU A 68 4.02 -2.33 21.30
N LEU A 69 4.98 -3.22 21.09
CA LEU A 69 5.80 -3.74 22.17
C LEU A 69 6.72 -2.65 22.76
N VAL A 70 7.43 -1.95 21.90
CA VAL A 70 8.43 -0.98 22.35
C VAL A 70 7.81 0.22 23.03
N ALA A 71 6.70 0.69 22.47
CA ALA A 71 6.04 1.84 22.99
C ALA A 71 5.26 1.49 24.22
N LYS A 72 4.69 0.27 24.28
CA LYS A 72 3.99 -0.17 25.48
C LYS A 72 4.95 -0.20 26.64
N GLU A 73 6.09 -0.84 26.43
CA GLU A 73 7.14 -0.93 27.44
C GLU A 73 7.54 0.46 27.89
N GLY A 74 7.86 1.32 26.93
CA GLY A 74 8.28 2.67 27.22
C GLY A 74 7.22 3.45 27.97
N ALA A 75 6.03 3.41 27.49
CA ALA A 75 4.93 4.17 28.07
C ALA A 75 4.61 3.73 29.51
N GLU A 76 4.69 2.46 29.78
CA GLU A 76 4.42 2.00 31.15
C GLU A 76 5.60 2.30 32.06
N LYS A 77 6.76 2.21 31.49
CA LYS A 77 8.03 2.47 32.13
C LYS A 77 8.18 3.94 32.51
N ILE A 78 7.98 4.81 31.53
CA ILE A 78 8.23 6.23 31.70
C ILE A 78 6.94 6.93 32.04
N LYS A 79 6.04 7.00 31.05
CA LYS A 79 4.72 7.57 31.20
C LYS A 79 3.95 7.42 29.90
N LYS A 80 2.66 7.54 30.01
CA LYS A 80 1.77 7.46 28.88
C LYS A 80 1.36 8.88 28.50
N LYS A 81 0.29 9.03 27.75
CA LYS A 81 -0.12 10.35 27.32
C LYS A 81 -1.50 10.68 27.85
N ARG A 82 -1.97 11.85 27.54
CA ARG A 82 -3.32 12.24 27.77
C ARG A 82 -4.05 12.10 26.43
N GLY B 1 -4.75 -15.66 3.62
CA GLY B 1 -4.32 -14.33 3.20
C GLY B 1 -5.37 -13.32 3.50
N SER B 2 -5.01 -12.07 3.59
CA SER B 2 -5.97 -11.02 3.92
C SER B 2 -6.90 -10.71 2.74
N GLU B 3 -7.92 -9.90 3.03
CA GLU B 3 -9.00 -9.49 2.10
C GLU B 3 -8.42 -9.01 0.75
N LEU B 4 -7.45 -8.14 0.84
CA LEU B 4 -6.75 -7.61 -0.33
C LEU B 4 -6.04 -8.72 -1.12
N ASN B 5 -5.48 -9.66 -0.40
CA ASN B 5 -4.65 -10.73 -0.94
C ASN B 5 -5.50 -11.76 -1.65
N GLU B 6 -6.54 -12.17 -0.98
CA GLU B 6 -7.45 -13.15 -1.51
C GLU B 6 -8.13 -12.58 -2.75
N LEU B 7 -8.55 -11.33 -2.67
CA LEU B 7 -9.20 -10.73 -3.81
C LEU B 7 -8.21 -10.40 -4.89
N ALA B 8 -6.95 -10.23 -4.53
CA ALA B 8 -5.91 -10.03 -5.53
C ALA B 8 -5.84 -11.22 -6.38
N GLU B 9 -5.79 -12.38 -5.75
CA GLU B 9 -5.70 -13.61 -6.47
C GLU B 9 -6.97 -13.89 -7.29
N PHE B 10 -8.09 -13.68 -6.68
CA PHE B 10 -9.37 -13.92 -7.32
C PHE B 10 -9.63 -12.97 -8.48
N ALA B 11 -9.36 -11.70 -8.28
CA ALA B 11 -9.58 -10.70 -9.29
C ALA B 11 -8.58 -10.82 -10.40
N ARG B 12 -7.33 -11.17 -10.07
CA ARG B 12 -6.32 -11.37 -11.12
C ARG B 12 -6.69 -12.53 -12.01
N LEU B 13 -7.19 -13.61 -11.39
CA LEU B 13 -7.62 -14.77 -12.13
C LEU B 13 -8.76 -14.39 -13.05
N GLN B 14 -9.72 -13.68 -12.51
CA GLN B 14 -10.86 -13.20 -13.27
C GLN B 14 -10.48 -12.20 -14.36
N ASP B 15 -9.73 -11.18 -13.97
CA ASP B 15 -9.31 -10.14 -14.90
C ASP B 15 -8.57 -10.75 -16.04
N GLN B 16 -7.64 -11.66 -15.77
CA GLN B 16 -6.90 -12.25 -16.85
C GLN B 16 -7.77 -13.25 -17.57
N LEU B 17 -8.77 -13.85 -16.88
CA LEU B 17 -9.64 -14.80 -17.54
C LEU B 17 -10.27 -14.12 -18.73
N ASP B 18 -10.57 -12.82 -18.58
CA ASP B 18 -11.10 -12.04 -19.71
C ASP B 18 -9.99 -11.28 -20.47
N HIS B 19 -9.13 -10.62 -19.73
CA HIS B 19 -8.15 -9.67 -20.28
C HIS B 19 -6.75 -10.22 -20.41
N ARG B 20 -6.64 -11.50 -20.44
CA ARG B 20 -5.38 -12.23 -20.53
C ARG B 20 -4.47 -11.76 -21.66
N GLY B 21 -5.05 -11.52 -22.79
CA GLY B 21 -4.27 -11.27 -23.95
C GLY B 21 -4.11 -12.55 -24.69
N ASP B 22 -3.11 -12.67 -25.47
CA ASP B 22 -2.97 -13.86 -26.27
C ASP B 22 -1.69 -14.58 -25.94
N HIS B 23 -1.81 -15.61 -25.17
CA HIS B 23 -0.67 -16.46 -24.85
C HIS B 23 -0.48 -17.54 -25.91
N GLY C 1 -2.66 2.51 -34.32
CA GLY C 1 -2.16 1.50 -33.40
C GLY C 1 -1.24 2.14 -32.41
N SER C 2 -0.69 1.36 -31.52
CA SER C 2 0.24 1.86 -30.56
C SER C 2 1.62 1.77 -31.16
N HIS C 3 2.20 2.91 -31.47
CA HIS C 3 3.51 2.96 -32.12
C HIS C 3 4.58 2.38 -31.22
N MET C 4 4.50 2.69 -29.95
CA MET C 4 5.38 2.05 -29.00
C MET C 4 4.60 1.04 -28.20
N ALA C 5 4.33 -0.08 -28.84
CA ALA C 5 3.65 -1.16 -28.20
C ALA C 5 4.69 -1.92 -27.42
N SER C 6 4.92 -1.47 -26.25
CA SER C 6 5.92 -2.00 -25.39
C SER C 6 5.45 -1.77 -23.97
N SER C 7 6.21 -2.21 -23.02
CA SER C 7 5.87 -2.03 -21.65
C SER C 7 6.14 -0.57 -21.25
N ARG C 8 5.12 0.23 -21.34
CA ARG C 8 5.20 1.63 -20.97
C ARG C 8 4.75 1.73 -19.52
N GLN C 9 3.68 1.03 -19.26
CA GLN C 9 2.98 0.97 -18.00
C GLN C 9 3.69 0.08 -16.95
N LYS C 10 4.91 -0.31 -17.23
CA LYS C 10 5.70 -1.17 -16.34
C LYS C 10 6.26 -0.41 -15.15
N TYR C 11 6.05 0.90 -15.15
CA TYR C 11 6.55 1.79 -14.11
C TYR C 11 6.02 1.40 -12.74
N ALA C 12 4.86 0.72 -12.74
CA ALA C 12 4.18 0.26 -11.55
C ALA C 12 5.12 -0.39 -10.57
N GLU C 13 5.91 -1.36 -11.05
CA GLU C 13 6.82 -2.13 -10.19
C GLU C 13 7.84 -1.23 -9.49
N GLU C 14 8.28 -0.23 -10.20
CA GLU C 14 9.26 0.70 -9.71
C GLU C 14 8.64 1.52 -8.60
N GLU C 15 7.47 2.07 -8.88
CA GLU C 15 6.75 2.90 -7.94
C GLU C 15 6.41 2.14 -6.66
N LEU C 16 5.86 0.95 -6.82
CA LEU C 16 5.43 0.15 -5.69
C LEU C 16 6.58 -0.34 -4.81
N GLU C 17 7.63 -0.85 -5.42
CA GLU C 17 8.79 -1.35 -4.66
C GLU C 17 9.44 -0.19 -3.90
N GLN C 18 9.63 0.91 -4.62
CA GLN C 18 10.30 2.05 -4.06
C GLN C 18 9.50 2.67 -2.97
N VAL C 19 8.18 2.68 -3.10
CA VAL C 19 7.38 3.26 -2.06
C VAL C 19 7.32 2.34 -0.84
N ARG C 20 7.38 1.03 -1.07
CA ARG C 20 7.39 0.05 0.00
C ARG C 20 8.55 0.39 0.92
N GLU C 21 9.73 0.51 0.33
CA GLU C 21 10.89 0.81 1.12
C GLU C 21 10.89 2.26 1.62
N ALA C 22 10.50 3.21 0.77
CA ALA C 22 10.55 4.64 1.08
C ALA C 22 9.61 5.00 2.19
N LEU C 23 8.40 4.60 2.01
CA LEU C 23 7.35 4.91 2.91
C LEU C 23 7.47 4.15 4.23
N ARG C 24 7.84 2.86 4.20
CA ARG C 24 8.02 2.16 5.48
C ARG C 24 9.23 2.72 6.25
N LYS C 25 10.25 3.15 5.49
CA LYS C 25 11.43 3.76 6.05
C LYS C 25 11.02 5.05 6.74
N ALA C 26 10.20 5.82 6.03
CA ALA C 26 9.71 7.06 6.53
C ALA C 26 8.86 6.87 7.76
N GLU C 27 7.97 5.86 7.73
CA GLU C 27 7.12 5.55 8.86
C GLU C 27 7.95 5.33 10.12
N LYS C 28 8.94 4.46 10.04
CA LYS C 28 9.74 4.19 11.23
C LYS C 28 10.63 5.38 11.67
N GLU C 29 11.18 6.12 10.71
CA GLU C 29 11.99 7.25 11.11
C GLU C 29 11.10 8.35 11.66
N LEU C 30 9.90 8.46 11.12
CA LEU C 30 8.95 9.46 11.54
C LEU C 30 8.51 9.17 12.96
N GLU C 31 7.96 7.99 13.19
CA GLU C 31 7.57 7.56 14.57
C GLU C 31 8.77 7.80 15.55
N SER C 32 10.02 7.60 15.06
CA SER C 32 11.19 7.80 15.89
C SER C 32 11.47 9.32 16.12
N HIS C 33 11.31 10.09 15.06
CA HIS C 33 11.54 11.54 15.08
C HIS C 33 10.50 12.28 15.91
N SER C 34 9.28 11.79 15.93
CA SER C 34 8.17 12.44 16.64
C SER C 34 8.48 12.75 18.09
N SER C 35 9.35 11.96 18.69
CA SER C 35 9.70 12.12 20.09
C SER C 35 10.60 13.38 20.29
N TRP C 36 10.98 13.99 19.18
CA TRP C 36 11.80 15.19 19.20
C TRP C 36 10.94 16.44 19.04
N TYR C 37 9.89 16.31 18.27
CA TYR C 37 9.02 17.43 18.00
C TYR C 37 7.63 17.28 18.59
N ALA C 38 6.70 18.08 18.09
CA ALA C 38 5.34 18.02 18.54
C ALA C 38 4.62 16.88 17.85
N PRO C 39 3.76 16.16 18.58
CA PRO C 39 3.01 15.00 18.07
C PRO C 39 2.08 15.33 16.90
N GLU C 40 1.87 16.62 16.63
CA GLU C 40 1.04 17.02 15.52
C GLU C 40 1.62 16.55 14.19
N ALA C 41 2.94 16.43 14.12
CA ALA C 41 3.57 15.96 12.91
C ALA C 41 3.30 14.48 12.73
N LEU C 42 3.32 13.74 13.84
CA LEU C 42 2.96 12.32 13.84
C LEU C 42 1.53 12.15 13.49
N GLN C 43 0.69 12.98 14.07
CA GLN C 43 -0.72 12.93 13.84
C GLN C 43 -1.04 13.18 12.38
N LYS C 44 -0.38 14.18 11.81
CA LYS C 44 -0.48 14.47 10.39
C LYS C 44 0.03 13.27 9.58
N TRP C 45 1.21 12.80 9.92
CA TRP C 45 1.84 11.67 9.26
C TRP C 45 0.98 10.42 9.29
N LEU C 46 0.50 10.04 10.46
CA LEU C 46 -0.33 8.89 10.57
C LEU C 46 -1.65 9.14 9.84
N GLN C 47 -2.17 10.35 9.89
CA GLN C 47 -3.41 10.62 9.19
C GLN C 47 -3.18 10.52 7.68
N LEU C 48 -2.01 10.93 7.23
CA LEU C 48 -1.63 10.80 5.83
C LEU C 48 -1.46 9.37 5.42
N THR C 49 -0.67 8.62 6.19
CA THR C 49 -0.44 7.22 5.90
C THR C 49 -1.76 6.46 5.92
N HIS C 50 -2.51 6.66 6.99
CA HIS C 50 -3.78 6.01 7.20
C HIS C 50 -4.79 6.35 6.13
N GLU C 51 -4.95 7.62 5.84
CA GLU C 51 -5.90 8.03 4.86
C GLU C 51 -5.58 7.46 3.52
N VAL C 52 -4.33 7.53 3.14
CA VAL C 52 -3.94 7.06 1.85
C VAL C 52 -3.95 5.56 1.78
N GLU C 53 -3.63 4.93 2.89
CA GLU C 53 -3.62 3.50 2.98
C GLU C 53 -5.03 2.97 2.77
N VAL C 54 -5.96 3.52 3.53
CA VAL C 54 -7.35 3.16 3.42
C VAL C 54 -7.89 3.53 2.02
N GLN C 55 -7.38 4.62 1.43
CA GLN C 55 -7.80 5.00 0.10
C GLN C 55 -7.32 4.07 -0.98
N TYR C 56 -5.99 3.82 -1.13
CA TYR C 56 -5.53 2.91 -2.19
C TYR C 56 -6.20 1.56 -2.04
N TYR C 57 -6.41 1.17 -0.78
CA TYR C 57 -7.07 -0.06 -0.40
C TYR C 57 -8.49 -0.10 -0.95
N ASN C 58 -9.27 0.90 -0.63
CA ASN C 58 -10.66 0.98 -1.06
C ASN C 58 -10.77 1.15 -2.55
N ILE C 59 -9.83 1.85 -3.13
CA ILE C 59 -9.76 2.05 -4.57
C ILE C 59 -9.61 0.72 -5.25
N LYS C 60 -8.67 -0.10 -4.81
CA LYS C 60 -8.57 -1.41 -5.38
C LYS C 60 -9.73 -2.29 -5.05
N LYS C 61 -10.39 -2.07 -3.93
CA LYS C 61 -11.65 -2.78 -3.67
C LYS C 61 -12.66 -2.48 -4.76
N GLN C 62 -12.78 -1.21 -5.10
CA GLN C 62 -13.64 -0.75 -6.17
C GLN C 62 -13.18 -1.36 -7.50
N ASN C 63 -11.90 -1.19 -7.82
CA ASN C 63 -11.31 -1.71 -9.05
C ASN C 63 -11.43 -3.22 -9.14
N ALA C 64 -11.09 -3.92 -8.06
CA ALA C 64 -11.11 -5.39 -8.04
C ALA C 64 -12.50 -5.94 -8.22
N GLU C 65 -13.48 -5.39 -7.52
CA GLU C 65 -14.85 -5.86 -7.69
C GLU C 65 -15.37 -5.49 -9.08
N LYS C 66 -14.88 -4.38 -9.62
CA LYS C 66 -15.17 -4.00 -10.98
C LYS C 66 -14.58 -5.04 -11.92
N GLN C 67 -13.29 -5.37 -11.70
CA GLN C 67 -12.57 -6.40 -12.46
C GLN C 67 -13.34 -7.69 -12.43
N LEU C 68 -13.71 -8.11 -11.22
CA LEU C 68 -14.48 -9.33 -11.01
C LEU C 68 -15.74 -9.34 -11.86
N LEU C 69 -16.50 -8.27 -11.81
CA LEU C 69 -17.74 -8.18 -12.55
C LEU C 69 -17.51 -8.11 -14.07
N VAL C 70 -16.61 -7.22 -14.49
CA VAL C 70 -16.41 -6.97 -15.92
C VAL C 70 -15.76 -8.16 -16.61
N ALA C 71 -14.82 -8.76 -15.94
CA ALA C 71 -14.11 -9.87 -16.48
C ALA C 71 -14.93 -11.13 -16.44
N LYS C 72 -15.73 -11.30 -15.38
CA LYS C 72 -16.61 -12.46 -15.31
C LYS C 72 -17.59 -12.43 -16.45
N GLU C 73 -18.20 -11.26 -16.65
CA GLU C 73 -19.11 -11.04 -17.75
C GLU C 73 -18.45 -11.38 -19.06
N GLY C 74 -17.28 -10.80 -19.29
CA GLY C 74 -16.54 -11.04 -20.51
C GLY C 74 -16.18 -12.49 -20.69
N ALA C 75 -15.66 -13.09 -19.68
CA ALA C 75 -15.20 -14.45 -19.75
C ALA C 75 -16.33 -15.44 -20.04
N GLU C 76 -17.49 -15.22 -19.44
CA GLU C 76 -18.63 -16.13 -19.66
C GLU C 76 -19.24 -15.87 -21.03
N LYS C 77 -19.19 -14.62 -21.42
CA LYS C 77 -19.70 -14.15 -22.67
C LYS C 77 -18.85 -14.68 -23.83
N ILE C 78 -17.56 -14.45 -23.75
CA ILE C 78 -16.68 -14.68 -24.88
C ILE C 78 -15.92 -15.99 -24.73
N LYS C 79 -15.05 -16.01 -23.75
CA LYS C 79 -14.07 -17.06 -23.60
C LYS C 79 -13.42 -16.92 -22.22
N LYS C 80 -13.06 -18.03 -21.61
CA LYS C 80 -12.31 -17.98 -20.35
C LYS C 80 -10.87 -18.29 -20.69
N LYS C 81 -10.14 -18.84 -19.76
CA LYS C 81 -8.76 -19.21 -20.04
C LYS C 81 -8.56 -20.65 -19.68
N ARG C 82 -7.42 -21.17 -20.04
CA ARG C 82 -7.02 -22.47 -19.62
C ARG C 82 -6.19 -22.32 -18.36
N GLY D 1 -12.93 -1.79 10.35
CA GLY D 1 -11.69 -1.64 9.60
C GLY D 1 -10.92 -2.93 9.55
N SER D 2 -10.09 -3.08 8.54
CA SER D 2 -9.31 -4.29 8.36
C SER D 2 -8.12 -4.32 9.33
N GLU D 3 -7.43 -5.46 9.36
CA GLU D 3 -6.30 -5.78 10.26
C GLU D 3 -5.26 -4.64 10.28
N LEU D 4 -4.88 -4.19 9.12
CA LEU D 4 -3.94 -3.10 8.93
C LEU D 4 -4.46 -1.79 9.55
N ASN D 5 -5.74 -1.54 9.39
CA ASN D 5 -6.41 -0.31 9.79
C ASN D 5 -6.54 -0.23 11.29
N GLU D 6 -7.04 -1.31 11.84
CA GLU D 6 -7.25 -1.38 13.25
C GLU D 6 -5.93 -1.33 13.98
N LEU D 7 -4.93 -2.02 13.47
CA LEU D 7 -3.64 -1.97 14.09
C LEU D 7 -2.93 -0.69 13.81
N ALA D 8 -3.31 0.00 12.75
CA ALA D 8 -2.78 1.33 12.49
C ALA D 8 -3.17 2.21 13.60
N GLU D 9 -4.44 2.18 13.94
CA GLU D 9 -4.94 2.99 14.99
C GLU D 9 -4.37 2.60 16.36
N PHE D 10 -4.30 1.35 16.61
CA PHE D 10 -3.80 0.84 17.88
C PHE D 10 -2.30 1.07 18.07
N ALA D 11 -1.54 0.86 17.02
CA ALA D 11 -0.12 1.04 17.05
C ALA D 11 0.21 2.50 17.07
N ARG D 12 -0.55 3.33 16.35
CA ARG D 12 -0.29 4.78 16.37
C ARG D 12 -0.55 5.34 17.75
N LEU D 13 -1.63 4.87 18.40
CA LEU D 13 -1.95 5.30 19.74
C LEU D 13 -0.84 4.92 20.68
N GLN D 14 -0.41 3.68 20.60
CA GLN D 14 0.69 3.18 21.40
C GLN D 14 2.01 3.88 21.11
N ASP D 15 2.35 3.95 19.83
CA ASP D 15 3.58 4.58 19.40
C ASP D 15 3.65 5.98 19.87
N GLN D 16 2.57 6.74 19.71
CA GLN D 16 2.61 8.10 20.16
C GLN D 16 2.52 8.15 21.67
N LEU D 17 1.90 7.14 22.30
CA LEU D 17 1.81 7.13 23.75
C LEU D 17 3.22 7.21 24.31
N ASP D 18 4.15 6.56 23.62
CA ASP D 18 5.55 6.63 24.03
C ASP D 18 6.36 7.70 23.28
N HIS D 19 6.18 7.77 21.98
CA HIS D 19 7.01 8.62 21.11
C HIS D 19 6.32 9.88 20.65
N ARG D 20 5.33 10.30 21.38
CA ARG D 20 4.55 11.51 21.09
C ARG D 20 5.41 12.75 20.86
N GLY D 21 6.38 12.91 21.69
CA GLY D 21 7.15 14.10 21.65
C GLY D 21 6.61 15.05 22.66
N ASP D 22 6.75 16.31 22.42
CA ASP D 22 6.30 17.24 23.40
C ASP D 22 5.28 18.16 22.82
N HIS D 23 4.05 17.91 23.16
CA HIS D 23 2.97 18.79 22.78
C HIS D 23 2.84 19.93 23.77
N GLY A 1 28.45 13.08 15.99
CA GLY A 1 27.18 12.39 15.78
C GLY A 1 26.42 13.04 14.67
N SER A 2 25.25 12.56 14.40
CA SER A 2 24.44 13.11 13.37
C SER A 2 23.52 14.14 13.99
N HIS A 3 23.87 15.39 13.87
CA HIS A 3 23.06 16.46 14.43
C HIS A 3 22.00 16.88 13.44
N MET A 4 22.18 16.45 12.20
CA MET A 4 21.25 16.76 11.12
C MET A 4 19.91 16.04 11.32
N ALA A 5 19.02 16.72 11.98
CA ALA A 5 17.70 16.21 12.23
C ALA A 5 16.70 17.24 11.77
N SER A 6 16.13 16.99 10.64
CA SER A 6 15.19 17.87 10.01
C SER A 6 14.32 17.05 9.10
N SER A 7 13.28 17.64 8.57
CA SER A 7 12.40 16.95 7.69
C SER A 7 13.04 16.67 6.33
N ARG A 8 13.65 15.51 6.23
CA ARG A 8 14.23 15.02 4.97
C ARG A 8 13.39 13.90 4.44
N GLN A 9 12.56 13.34 5.32
CA GLN A 9 11.67 12.24 4.98
C GLN A 9 10.32 12.77 4.53
N LYS A 10 10.30 14.06 4.26
CA LYS A 10 9.10 14.80 3.84
C LYS A 10 8.65 14.40 2.43
N TYR A 11 9.42 13.57 1.78
CA TYR A 11 9.04 13.02 0.51
C TYR A 11 7.95 11.99 0.66
N ALA A 12 7.87 11.40 1.87
CA ALA A 12 6.97 10.29 2.17
C ALA A 12 5.57 10.59 1.75
N GLU A 13 5.01 11.69 2.23
CA GLU A 13 3.65 12.09 1.90
C GLU A 13 3.45 12.25 0.39
N GLU A 14 4.44 12.83 -0.28
CA GLU A 14 4.32 13.08 -1.69
C GLU A 14 4.31 11.76 -2.42
N GLU A 15 5.25 10.91 -2.07
CA GLU A 15 5.39 9.68 -2.77
C GLU A 15 4.26 8.72 -2.47
N LEU A 16 3.76 8.72 -1.23
CA LEU A 16 2.66 7.85 -0.90
C LEU A 16 1.38 8.21 -1.65
N GLU A 17 1.03 9.47 -1.66
CA GLU A 17 -0.19 9.87 -2.36
C GLU A 17 -0.02 9.76 -3.88
N GLN A 18 1.16 10.13 -4.35
CA GLN A 18 1.44 10.06 -5.76
C GLN A 18 1.51 8.65 -6.24
N VAL A 19 2.08 7.75 -5.44
CA VAL A 19 2.16 6.35 -5.84
C VAL A 19 0.77 5.73 -5.80
N ARG A 20 -0.07 6.16 -4.86
CA ARG A 20 -1.47 5.73 -4.79
C ARG A 20 -2.13 5.97 -6.13
N GLU A 21 -2.03 7.21 -6.60
CA GLU A 21 -2.67 7.52 -7.85
C GLU A 21 -1.93 6.91 -9.01
N ALA A 22 -0.61 6.94 -8.96
CA ALA A 22 0.25 6.51 -10.07
C ALA A 22 0.14 5.03 -10.31
N LEU A 23 0.33 4.31 -9.27
CA LEU A 23 0.36 2.90 -9.29
C LEU A 23 -1.04 2.32 -9.46
N ARG A 24 -2.06 2.93 -8.86
CA ARG A 24 -3.42 2.42 -9.09
C ARG A 24 -3.92 2.78 -10.49
N LYS A 25 -3.43 3.89 -11.00
CA LYS A 25 -3.70 4.32 -12.36
C LYS A 25 -3.12 3.29 -13.30
N ALA A 26 -1.86 2.90 -13.01
CA ALA A 26 -1.18 1.87 -13.76
C ALA A 26 -1.90 0.56 -13.67
N GLU A 27 -2.32 0.18 -12.45
CA GLU A 27 -3.08 -1.04 -12.24
C GLU A 27 -4.27 -1.08 -13.13
N LYS A 28 -5.08 -0.03 -13.06
CA LYS A 28 -6.32 0.04 -13.80
C LYS A 28 -6.08 -0.02 -15.31
N GLU A 29 -5.11 0.73 -15.80
CA GLU A 29 -4.85 0.71 -17.22
C GLU A 29 -4.26 -0.62 -17.63
N LEU A 30 -3.49 -1.22 -16.75
CA LEU A 30 -2.83 -2.50 -17.01
C LEU A 30 -3.88 -3.60 -17.12
N GLU A 31 -4.63 -3.79 -16.05
CA GLU A 31 -5.77 -4.74 -16.04
C GLU A 31 -6.75 -4.46 -17.24
N SER A 32 -6.84 -3.20 -17.70
CA SER A 32 -7.70 -2.92 -18.86
C SER A 32 -6.97 -3.28 -20.19
N HIS A 33 -5.68 -3.07 -20.18
CA HIS A 33 -4.79 -3.20 -21.34
C HIS A 33 -4.44 -4.67 -21.64
N SER A 34 -4.47 -5.50 -20.62
CA SER A 34 -4.00 -6.90 -20.65
C SER A 34 -4.53 -7.73 -21.85
N SER A 35 -5.70 -7.36 -22.35
CA SER A 35 -6.32 -8.05 -23.48
C SER A 35 -5.54 -7.88 -24.80
N TRP A 36 -4.62 -6.97 -24.79
CA TRP A 36 -3.84 -6.61 -25.96
C TRP A 36 -2.56 -7.46 -26.09
N TYR A 37 -2.08 -7.98 -24.99
CA TYR A 37 -0.81 -8.67 -24.98
C TYR A 37 -0.88 -10.00 -24.25
N ALA A 38 0.26 -10.63 -24.11
CA ALA A 38 0.36 -11.89 -23.42
C ALA A 38 0.15 -11.66 -21.93
N PRO A 39 -0.47 -12.63 -21.24
CA PRO A 39 -0.82 -12.49 -19.83
C PRO A 39 0.39 -12.36 -18.92
N GLU A 40 1.58 -12.68 -19.45
CA GLU A 40 2.81 -12.62 -18.67
C GLU A 40 3.06 -11.22 -18.11
N ALA A 41 2.65 -10.19 -18.85
CA ALA A 41 2.82 -8.83 -18.39
C ALA A 41 1.91 -8.56 -17.19
N LEU A 42 0.68 -9.06 -17.26
CA LEU A 42 -0.25 -8.94 -16.16
C LEU A 42 0.22 -9.75 -14.97
N GLN A 43 0.73 -10.93 -15.24
CA GLN A 43 1.22 -11.80 -14.20
C GLN A 43 2.43 -11.19 -13.52
N LYS A 44 3.30 -10.56 -14.33
CA LYS A 44 4.45 -9.82 -13.80
C LYS A 44 3.93 -8.68 -12.92
N TRP A 45 3.05 -7.90 -13.50
CA TRP A 45 2.45 -6.74 -12.85
C TRP A 45 1.76 -7.10 -11.54
N LEU A 46 0.85 -8.06 -11.57
CA LEU A 46 0.12 -8.44 -10.38
C LEU A 46 1.08 -9.07 -9.36
N GLN A 47 2.03 -9.88 -9.81
CA GLN A 47 2.97 -10.50 -8.90
C GLN A 47 3.76 -9.43 -8.16
N LEU A 48 4.18 -8.39 -8.88
CA LEU A 48 4.95 -7.32 -8.28
C LEU A 48 4.08 -6.40 -7.41
N THR A 49 2.88 -6.06 -7.86
CA THR A 49 1.98 -5.21 -7.07
C THR A 49 1.63 -5.90 -5.75
N HIS A 50 1.23 -7.16 -5.86
CA HIS A 50 0.84 -7.97 -4.71
C HIS A 50 2.03 -8.24 -3.80
N GLU A 51 3.22 -8.44 -4.41
CA GLU A 51 4.44 -8.65 -3.64
C GLU A 51 4.64 -7.46 -2.73
N VAL A 52 4.63 -6.26 -3.31
CA VAL A 52 4.88 -5.05 -2.57
C VAL A 52 3.79 -4.74 -1.57
N GLU A 53 2.58 -5.03 -1.94
CA GLU A 53 1.42 -4.83 -1.10
C GLU A 53 1.60 -5.66 0.20
N VAL A 54 1.83 -6.95 0.04
CA VAL A 54 2.06 -7.83 1.17
C VAL A 54 3.41 -7.48 1.87
N GLN A 55 4.40 -7.01 1.10
CA GLN A 55 5.69 -6.62 1.69
C GLN A 55 5.55 -5.45 2.63
N TYR A 56 5.00 -4.31 2.13
CA TYR A 56 4.88 -3.12 2.97
C TYR A 56 4.05 -3.48 4.20
N TYR A 57 3.00 -4.28 3.95
CA TYR A 57 2.09 -4.74 4.96
C TYR A 57 2.83 -5.39 6.08
N ASN A 58 3.59 -6.37 5.71
CA ASN A 58 4.31 -7.20 6.62
C ASN A 58 5.33 -6.37 7.39
N ILE A 59 5.98 -5.46 6.69
CA ILE A 59 7.00 -4.59 7.25
C ILE A 59 6.42 -3.75 8.36
N LYS A 60 5.35 -3.07 8.08
CA LYS A 60 4.73 -2.25 9.07
C LYS A 60 4.08 -3.07 10.14
N LYS A 61 3.64 -4.27 9.82
CA LYS A 61 3.17 -5.18 10.87
C LYS A 61 4.28 -5.47 11.85
N GLN A 62 5.48 -5.69 11.33
CA GLN A 62 6.64 -5.95 12.15
C GLN A 62 6.96 -4.71 12.99
N ASN A 63 7.00 -3.54 12.33
CA ASN A 63 7.20 -2.25 12.99
C ASN A 63 6.15 -2.03 14.06
N ALA A 64 4.91 -2.24 13.66
CA ALA A 64 3.75 -2.01 14.50
C ALA A 64 3.76 -2.87 15.74
N GLU A 65 4.02 -4.16 15.59
CA GLU A 65 4.07 -5.07 16.74
C GLU A 65 5.19 -4.68 17.68
N LYS A 66 6.33 -4.30 17.09
CA LYS A 66 7.46 -3.85 17.89
C LYS A 66 7.08 -2.63 18.71
N GLN A 67 6.54 -1.63 18.03
CA GLN A 67 6.14 -0.38 18.67
C GLN A 67 5.08 -0.65 19.72
N LEU A 68 4.10 -1.50 19.39
CA LEU A 68 3.07 -1.89 20.36
C LEU A 68 3.70 -2.41 21.64
N LEU A 69 4.62 -3.34 21.50
CA LEU A 69 5.23 -3.98 22.65
C LEU A 69 6.08 -2.97 23.48
N VAL A 70 6.92 -2.22 22.79
CA VAL A 70 7.86 -1.31 23.45
C VAL A 70 7.14 -0.07 24.01
N ALA A 71 6.16 0.42 23.30
CA ALA A 71 5.44 1.58 23.73
C ALA A 71 4.49 1.24 24.85
N LYS A 72 3.98 0.00 24.84
CA LYS A 72 3.13 -0.46 25.89
C LYS A 72 3.92 -0.50 27.19
N GLU A 73 5.08 -1.16 27.15
CA GLU A 73 5.90 -1.25 28.32
C GLU A 73 6.40 0.12 28.76
N GLY A 74 6.91 0.90 27.81
CA GLY A 74 7.40 2.23 28.09
C GLY A 74 6.35 3.08 28.76
N ALA A 75 5.19 3.13 28.18
CA ALA A 75 4.10 3.95 28.69
C ALA A 75 3.68 3.53 30.09
N GLU A 76 3.70 2.23 30.35
CA GLU A 76 3.31 1.77 31.68
C GLU A 76 4.41 2.03 32.71
N LYS A 77 5.65 1.98 32.25
CA LYS A 77 6.81 2.22 33.10
C LYS A 77 6.88 3.69 33.49
N ILE A 78 6.85 4.53 32.49
CA ILE A 78 7.12 5.93 32.67
C ILE A 78 5.85 6.69 32.98
N LYS A 79 4.99 6.79 31.98
CA LYS A 79 3.74 7.53 32.08
C LYS A 79 2.99 7.42 30.77
N LYS A 80 1.71 7.29 30.86
CA LYS A 80 0.91 7.21 29.67
C LYS A 80 -0.01 8.40 29.57
N LYS A 81 -0.15 8.87 28.38
CA LYS A 81 -0.92 10.02 28.05
C LYS A 81 -1.41 9.79 26.66
N ARG A 82 -2.19 10.66 26.12
CA ARG A 82 -2.68 10.46 24.79
C ARG A 82 -1.90 11.30 23.82
N GLY B 1 -6.12 -15.61 4.60
CA GLY B 1 -5.72 -14.53 3.70
C GLY B 1 -6.65 -13.37 3.81
N SER B 2 -6.14 -12.17 3.75
CA SER B 2 -6.96 -10.99 3.89
C SER B 2 -7.66 -10.66 2.59
N GLU B 3 -8.64 -9.76 2.68
CA GLU B 3 -9.53 -9.35 1.58
C GLU B 3 -8.73 -8.91 0.34
N LEU B 4 -7.71 -8.14 0.56
CA LEU B 4 -6.82 -7.67 -0.50
C LEU B 4 -6.14 -8.84 -1.23
N ASN B 5 -5.64 -9.78 -0.46
CA ASN B 5 -4.89 -10.96 -0.93
C ASN B 5 -5.75 -11.85 -1.76
N GLU B 6 -6.87 -12.19 -1.20
CA GLU B 6 -7.78 -13.10 -1.81
C GLU B 6 -8.36 -12.51 -3.08
N LEU B 7 -8.73 -11.24 -3.02
CA LEU B 7 -9.28 -10.62 -4.19
C LEU B 7 -8.22 -10.23 -5.19
N ALA B 8 -6.97 -10.15 -4.75
CA ALA B 8 -5.87 -9.96 -5.68
C ALA B 8 -5.81 -11.15 -6.54
N GLU B 9 -5.80 -12.31 -5.91
CA GLU B 9 -5.73 -13.55 -6.58
C GLU B 9 -6.98 -13.78 -7.48
N PHE B 10 -8.12 -13.51 -6.94
CA PHE B 10 -9.37 -13.71 -7.65
C PHE B 10 -9.55 -12.79 -8.81
N ALA B 11 -9.25 -11.52 -8.62
CA ALA B 11 -9.46 -10.55 -9.67
C ALA B 11 -8.44 -10.68 -10.74
N ARG B 12 -7.22 -11.05 -10.34
CA ARG B 12 -6.17 -11.25 -11.31
C ARG B 12 -6.49 -12.44 -12.20
N LEU B 13 -6.96 -13.53 -11.57
CA LEU B 13 -7.33 -14.72 -12.30
C LEU B 13 -8.53 -14.42 -13.19
N GLN B 14 -9.51 -13.76 -12.64
CA GLN B 14 -10.70 -13.41 -13.38
C GLN B 14 -10.40 -12.48 -14.53
N ASP B 15 -9.60 -11.45 -14.28
CA ASP B 15 -9.26 -10.51 -15.33
C ASP B 15 -8.62 -11.24 -16.45
N GLN B 16 -7.59 -12.05 -16.17
CA GLN B 16 -6.94 -12.78 -17.25
C GLN B 16 -7.85 -13.85 -17.84
N LEU B 17 -8.74 -14.41 -17.03
CA LEU B 17 -9.71 -15.41 -17.53
C LEU B 17 -10.49 -14.81 -18.68
N ASP B 18 -10.76 -13.52 -18.59
CA ASP B 18 -11.40 -12.85 -19.71
C ASP B 18 -10.36 -12.17 -20.62
N HIS B 19 -9.54 -11.35 -20.02
CA HIS B 19 -8.55 -10.47 -20.67
C HIS B 19 -7.14 -11.03 -20.74
N ARG B 20 -7.02 -12.33 -20.85
CA ARG B 20 -5.70 -12.99 -20.98
C ARG B 20 -4.89 -12.45 -22.15
N GLY B 21 -5.57 -11.92 -23.13
CA GLY B 21 -4.90 -11.31 -24.22
C GLY B 21 -4.49 -12.32 -25.24
N ASP B 22 -3.22 -12.58 -25.27
CA ASP B 22 -2.67 -13.52 -26.19
C ASP B 22 -2.64 -14.86 -25.53
N HIS B 23 -3.70 -15.57 -25.70
CA HIS B 23 -3.83 -16.86 -25.13
C HIS B 23 -3.22 -17.92 -26.05
N GLY C 1 -6.94 8.33 -33.48
CA GLY C 1 -6.99 7.84 -32.11
C GLY C 1 -5.60 7.69 -31.56
N SER C 2 -5.51 7.34 -30.30
CA SER C 2 -4.23 7.18 -29.67
C SER C 2 -3.64 5.82 -30.02
N HIS C 3 -2.68 5.85 -30.92
CA HIS C 3 -1.99 4.65 -31.36
C HIS C 3 -0.77 4.41 -30.50
N MET C 4 -0.55 5.29 -29.56
CA MET C 4 0.56 5.16 -28.67
C MET C 4 0.20 4.22 -27.53
N ALA C 5 0.58 2.99 -27.69
CA ALA C 5 0.35 1.98 -26.72
C ALA C 5 1.65 1.22 -26.50
N SER C 6 2.40 1.70 -25.57
CA SER C 6 3.69 1.15 -25.24
C SER C 6 3.88 1.20 -23.73
N SER C 7 4.94 0.59 -23.24
CA SER C 7 5.20 0.56 -21.83
C SER C 7 5.61 1.95 -21.30
N ARG C 8 4.62 2.72 -20.93
CA ARG C 8 4.83 4.03 -20.31
C ARG C 8 4.48 3.97 -18.86
N GLN C 9 3.79 2.91 -18.48
CA GLN C 9 3.39 2.70 -17.10
C GLN C 9 4.41 1.83 -16.39
N LYS C 10 5.57 1.71 -17.03
CA LYS C 10 6.71 0.91 -16.54
C LYS C 10 7.37 1.55 -15.32
N TYR C 11 6.89 2.71 -14.94
CA TYR C 11 7.33 3.36 -13.74
C TYR C 11 6.75 2.69 -12.50
N ALA C 12 5.60 2.01 -12.69
CA ALA C 12 4.82 1.44 -11.60
C ALA C 12 5.63 0.55 -10.71
N GLU C 13 6.29 -0.46 -11.28
CA GLU C 13 7.09 -1.42 -10.53
C GLU C 13 8.20 -0.73 -9.72
N GLU C 14 8.79 0.27 -10.33
CA GLU C 14 9.86 1.01 -9.71
C GLU C 14 9.31 1.77 -8.53
N GLU C 15 8.26 2.52 -8.78
CA GLU C 15 7.68 3.36 -7.78
C GLU C 15 7.05 2.56 -6.66
N LEU C 16 6.44 1.43 -6.98
CA LEU C 16 5.84 0.60 -5.95
C LEU C 16 6.89 0.00 -5.00
N GLU C 17 7.94 -0.57 -5.54
CA GLU C 17 8.97 -1.17 -4.70
C GLU C 17 9.76 -0.08 -3.96
N GLN C 18 10.04 1.01 -4.66
CA GLN C 18 10.79 2.08 -4.07
C GLN C 18 9.98 2.78 -3.01
N VAL C 19 8.69 2.95 -3.22
CA VAL C 19 7.86 3.59 -2.21
C VAL C 19 7.70 2.68 -1.01
N ARG C 20 7.67 1.36 -1.24
CA ARG C 20 7.66 0.39 -0.16
C ARG C 20 8.82 0.64 0.76
N GLU C 21 10.02 0.69 0.19
CA GLU C 21 11.17 0.88 1.03
C GLU C 21 11.23 2.30 1.55
N ALA C 22 10.89 3.26 0.71
CA ALA C 22 11.03 4.69 1.02
C ALA C 22 10.09 5.12 2.11
N LEU C 23 8.86 4.82 1.91
CA LEU C 23 7.80 5.20 2.78
C LEU C 23 7.83 4.37 4.06
N ARG C 24 8.19 3.10 3.98
CA ARG C 24 8.29 2.30 5.21
C ARG C 24 9.52 2.71 6.01
N LYS C 25 10.53 3.15 5.30
CA LYS C 25 11.75 3.67 5.88
C LYS C 25 11.38 4.94 6.66
N ALA C 26 10.58 5.78 5.99
CA ALA C 26 10.09 7.01 6.57
C ALA C 26 9.22 6.72 7.76
N GLU C 27 8.30 5.75 7.63
CA GLU C 27 7.44 5.35 8.74
C GLU C 27 8.26 4.99 9.95
N LYS C 28 9.21 4.09 9.76
CA LYS C 28 10.03 3.58 10.84
C LYS C 28 10.84 4.70 11.51
N GLU C 29 11.49 5.53 10.70
CA GLU C 29 12.28 6.59 11.27
C GLU C 29 11.40 7.62 11.94
N LEU C 30 10.22 7.83 11.38
CA LEU C 30 9.29 8.82 11.88
C LEU C 30 8.77 8.38 13.24
N GLU C 31 8.14 7.22 13.28
CA GLU C 31 7.68 6.62 14.55
C GLU C 31 8.83 6.49 15.59
N SER C 32 10.08 6.38 15.13
CA SER C 32 11.20 6.37 16.07
C SER C 32 11.58 7.80 16.53
N HIS C 33 11.45 8.72 15.61
CA HIS C 33 11.84 10.13 15.74
C HIS C 33 10.83 10.94 16.56
N SER C 34 9.57 10.50 16.55
CA SER C 34 8.41 11.23 17.12
C SER C 34 8.64 11.77 18.56
N SER C 35 9.49 11.10 19.31
CA SER C 35 9.80 11.48 20.70
C SER C 35 10.57 12.80 20.81
N TRP C 36 11.05 13.26 19.69
CA TRP C 36 11.85 14.47 19.60
C TRP C 36 11.01 15.71 19.42
N TYR C 37 9.85 15.56 18.85
CA TYR C 37 9.03 16.70 18.49
C TYR C 37 7.60 16.56 18.94
N ALA C 38 6.77 17.51 18.53
CA ALA C 38 5.37 17.50 18.87
C ALA C 38 4.67 16.39 18.09
N PRO C 39 3.68 15.73 18.71
CA PRO C 39 3.01 14.58 18.12
C PRO C 39 2.22 14.90 16.86
N GLU C 40 2.04 16.20 16.59
CA GLU C 40 1.30 16.66 15.42
C GLU C 40 1.94 16.12 14.13
N ALA C 41 3.26 15.98 14.13
CA ALA C 41 3.96 15.49 12.97
C ALA C 41 3.67 14.02 12.77
N LEU C 42 3.61 13.26 13.87
CA LEU C 42 3.26 11.85 13.81
C LEU C 42 1.82 11.69 13.41
N GLN C 43 0.96 12.52 13.95
CA GLN C 43 -0.44 12.47 13.64
C GLN C 43 -0.69 12.80 12.18
N LYS C 44 0.04 13.80 11.67
CA LYS C 44 -0.02 14.16 10.26
C LYS C 44 0.44 12.94 9.44
N TRP C 45 1.59 12.43 9.81
CA TRP C 45 2.22 11.30 9.15
C TRP C 45 1.32 10.06 9.14
N LEU C 46 0.83 9.64 10.30
CA LEU C 46 0.01 8.47 10.37
C LEU C 46 -1.32 8.72 9.66
N GLN C 47 -1.88 9.91 9.79
CA GLN C 47 -3.12 10.23 9.12
C GLN C 47 -2.97 10.11 7.62
N LEU C 48 -1.86 10.61 7.10
CA LEU C 48 -1.60 10.58 5.67
C LEU C 48 -1.25 9.18 5.16
N THR C 49 -0.42 8.45 5.92
CA THR C 49 -0.05 7.09 5.54
C THR C 49 -1.29 6.20 5.51
N HIS C 50 -2.06 6.27 6.58
CA HIS C 50 -3.28 5.48 6.73
C HIS C 50 -4.32 5.89 5.71
N GLU C 51 -4.39 7.19 5.43
CA GLU C 51 -5.32 7.71 4.44
C GLU C 51 -5.05 7.03 3.12
N VAL C 52 -3.81 7.08 2.69
CA VAL C 52 -3.43 6.54 1.41
C VAL C 52 -3.52 5.02 1.37
N GLU C 53 -3.21 4.41 2.47
CA GLU C 53 -3.27 2.98 2.61
C GLU C 53 -4.73 2.51 2.34
N VAL C 54 -5.65 3.11 3.08
CA VAL C 54 -7.06 2.82 2.90
C VAL C 54 -7.56 3.29 1.51
N GLN C 55 -7.03 4.43 1.03
CA GLN C 55 -7.42 4.94 -0.28
C GLN C 55 -7.07 3.98 -1.39
N TYR C 56 -5.78 3.59 -1.51
CA TYR C 56 -5.35 2.71 -2.59
C TYR C 56 -6.15 1.43 -2.48
N TYR C 57 -6.36 0.97 -1.22
CA TYR C 57 -7.08 -0.23 -0.92
C TYR C 57 -8.44 -0.20 -1.54
N ASN C 58 -9.15 0.82 -1.22
CA ASN C 58 -10.52 1.00 -1.61
C ASN C 58 -10.63 1.11 -3.13
N ILE C 59 -9.66 1.81 -3.70
CA ILE C 59 -9.58 2.03 -5.14
C ILE C 59 -9.48 0.72 -5.88
N LYS C 60 -8.53 -0.10 -5.48
CA LYS C 60 -8.38 -1.37 -6.12
C LYS C 60 -9.48 -2.31 -5.79
N LYS C 61 -10.11 -2.16 -4.63
CA LYS C 61 -11.31 -2.92 -4.34
C LYS C 61 -12.39 -2.61 -5.36
N GLN C 62 -12.51 -1.33 -5.73
CA GLN C 62 -13.48 -0.89 -6.73
C GLN C 62 -13.12 -1.55 -8.08
N ASN C 63 -11.84 -1.40 -8.48
CA ASN C 63 -11.34 -2.01 -9.74
C ASN C 63 -11.57 -3.49 -9.70
N ALA C 64 -11.18 -4.09 -8.59
CA ALA C 64 -11.25 -5.52 -8.40
C ALA C 64 -12.65 -6.06 -8.53
N GLU C 65 -13.61 -5.45 -7.82
CA GLU C 65 -14.99 -5.91 -7.88
C GLU C 65 -15.57 -5.72 -9.28
N LYS C 66 -15.20 -4.60 -9.92
CA LYS C 66 -15.62 -4.32 -11.28
C LYS C 66 -15.14 -5.43 -12.20
N GLN C 67 -13.84 -5.70 -12.13
CA GLN C 67 -13.21 -6.72 -12.94
C GLN C 67 -13.80 -8.07 -12.67
N LEU C 68 -14.00 -8.39 -11.40
CA LEU C 68 -14.62 -9.64 -11.03
C LEU C 68 -15.94 -9.82 -11.75
N LEU C 69 -16.77 -8.80 -11.70
CA LEU C 69 -18.08 -8.86 -12.30
C LEU C 69 -18.02 -8.94 -13.85
N VAL C 70 -17.24 -8.04 -14.45
CA VAL C 70 -17.21 -7.92 -15.91
C VAL C 70 -16.45 -9.09 -16.55
N ALA C 71 -15.41 -9.55 -15.89
CA ALA C 71 -14.64 -10.65 -16.38
C ALA C 71 -15.36 -11.96 -16.15
N LYS C 72 -16.15 -12.06 -15.07
CA LYS C 72 -16.92 -13.24 -14.80
C LYS C 72 -17.92 -13.44 -15.91
N GLU C 73 -18.70 -12.37 -16.20
CA GLU C 73 -19.67 -12.45 -17.25
C GLU C 73 -18.99 -12.68 -18.58
N GLY C 74 -17.96 -11.87 -18.88
CA GLY C 74 -17.25 -11.97 -20.14
C GLY C 74 -16.76 -13.36 -20.39
N ALA C 75 -16.11 -13.91 -19.42
CA ALA C 75 -15.56 -15.24 -19.54
C ALA C 75 -16.64 -16.30 -19.74
N GLU C 76 -17.80 -16.14 -19.10
CA GLU C 76 -18.88 -17.13 -19.28
C GLU C 76 -19.61 -16.95 -20.61
N LYS C 77 -19.61 -15.75 -21.12
CA LYS C 77 -20.25 -15.41 -22.37
C LYS C 77 -19.36 -15.76 -23.56
N ILE C 78 -18.08 -15.55 -23.41
CA ILE C 78 -17.18 -15.79 -24.52
C ILE C 78 -16.48 -17.14 -24.36
N LYS C 79 -15.60 -17.22 -23.38
CA LYS C 79 -14.79 -18.41 -23.12
C LYS C 79 -13.89 -18.18 -21.91
N LYS C 80 -13.77 -19.17 -21.07
CA LYS C 80 -12.94 -19.04 -19.91
C LYS C 80 -11.75 -19.98 -20.00
N LYS C 81 -10.61 -19.41 -19.77
CA LYS C 81 -9.34 -20.07 -19.86
C LYS C 81 -8.48 -19.49 -18.79
N ARG C 82 -7.40 -20.12 -18.49
CA ARG C 82 -6.50 -19.65 -17.47
C ARG C 82 -5.36 -18.97 -18.15
N GLY D 1 -13.14 -3.16 10.81
CA GLY D 1 -11.89 -2.72 10.20
C GLY D 1 -10.94 -3.87 10.05
N SER D 2 -10.01 -3.76 9.15
CA SER D 2 -9.07 -4.82 8.88
C SER D 2 -7.85 -4.70 9.78
N GLU D 3 -7.03 -5.74 9.79
CA GLU D 3 -5.86 -5.87 10.66
C GLU D 3 -4.94 -4.64 10.55
N LEU D 4 -4.66 -4.23 9.32
CA LEU D 4 -3.85 -3.05 9.04
C LEU D 4 -4.44 -1.79 9.71
N ASN D 5 -5.72 -1.61 9.56
CA ASN D 5 -6.50 -0.45 10.05
C ASN D 5 -6.48 -0.37 11.54
N GLU D 6 -6.84 -1.45 12.14
CA GLU D 6 -6.96 -1.51 13.56
C GLU D 6 -5.61 -1.35 14.22
N LEU D 7 -4.61 -2.01 13.67
CA LEU D 7 -3.28 -1.91 14.23
C LEU D 7 -2.63 -0.59 13.87
N ALA D 8 -3.11 0.07 12.83
CA ALA D 8 -2.64 1.41 12.51
C ALA D 8 -3.05 2.31 13.61
N GLU D 9 -4.30 2.24 13.97
CA GLU D 9 -4.83 3.06 14.99
C GLU D 9 -4.22 2.71 16.38
N PHE D 10 -4.10 1.45 16.65
CA PHE D 10 -3.56 1.00 17.92
C PHE D 10 -2.09 1.30 18.09
N ALA D 11 -1.30 1.05 17.05
CA ALA D 11 0.12 1.25 17.12
C ALA D 11 0.45 2.70 17.13
N ARG D 12 -0.32 3.49 16.38
CA ARG D 12 -0.09 4.91 16.34
C ARG D 12 -0.37 5.53 17.71
N LEU D 13 -1.48 5.09 18.34
CA LEU D 13 -1.84 5.57 19.64
C LEU D 13 -0.82 5.14 20.64
N GLN D 14 -0.47 3.87 20.61
CA GLN D 14 0.52 3.34 21.52
C GLN D 14 1.87 4.02 21.35
N ASP D 15 2.29 4.20 20.11
CA ASP D 15 3.56 4.84 19.82
C ASP D 15 3.61 6.18 20.44
N GLN D 16 2.61 7.02 20.19
CA GLN D 16 2.62 8.34 20.80
C GLN D 16 2.37 8.26 22.31
N LEU D 17 1.61 7.25 22.77
CA LEU D 17 1.38 7.05 24.21
C LEU D 17 2.72 7.00 24.92
N ASP D 18 3.71 6.44 24.26
CA ASP D 18 5.05 6.46 24.80
C ASP D 18 5.88 7.63 24.22
N HIS D 19 5.97 7.66 22.92
CA HIS D 19 6.82 8.57 22.11
C HIS D 19 6.10 9.83 21.63
N ARG D 20 5.16 10.32 22.40
CA ARG D 20 4.40 11.54 22.04
C ARG D 20 5.31 12.75 21.78
N GLY D 21 6.50 12.72 22.37
CA GLY D 21 7.43 13.78 22.16
C GLY D 21 7.14 14.97 23.04
N ASP D 22 6.66 16.02 22.44
CA ASP D 22 6.37 17.22 23.16
C ASP D 22 4.93 17.18 23.58
N HIS D 23 4.73 16.65 24.74
CA HIS D 23 3.43 16.49 25.28
C HIS D 23 2.95 17.76 25.96
N GLY A 1 21.22 18.32 24.72
CA GLY A 1 21.38 19.36 23.70
C GLY A 1 20.07 19.59 22.97
N SER A 2 20.13 20.31 21.88
CA SER A 2 18.97 20.54 21.05
C SER A 2 18.56 19.21 20.40
N HIS A 3 17.27 18.98 20.21
CA HIS A 3 16.82 17.77 19.57
C HIS A 3 17.19 17.81 18.09
N MET A 4 17.10 19.02 17.49
CA MET A 4 17.56 19.34 16.11
C MET A 4 16.69 18.69 14.99
N ALA A 5 15.99 17.63 15.35
CA ALA A 5 15.13 16.90 14.44
C ALA A 5 14.05 17.80 13.85
N SER A 6 14.07 17.91 12.55
CA SER A 6 13.13 18.70 11.82
C SER A 6 12.40 17.77 10.85
N SER A 7 11.60 18.29 9.97
CA SER A 7 10.84 17.44 9.10
C SER A 7 11.51 17.19 7.76
N ARG A 8 12.36 16.19 7.71
CA ARG A 8 12.95 15.78 6.44
C ARG A 8 12.20 14.54 5.98
N GLN A 9 11.86 13.75 6.96
CA GLN A 9 11.19 12.46 6.84
C GLN A 9 9.71 12.58 6.44
N LYS A 10 9.26 13.78 6.17
CA LYS A 10 7.86 14.01 5.84
C LYS A 10 7.56 13.68 4.38
N TYR A 11 8.60 13.33 3.61
CA TYR A 11 8.49 12.98 2.19
C TYR A 11 7.47 11.88 1.94
N ALA A 12 7.24 11.08 2.99
CA ALA A 12 6.29 9.98 2.97
C ALA A 12 4.98 10.40 2.35
N GLU A 13 4.45 11.56 2.79
CA GLU A 13 3.15 12.08 2.32
C GLU A 13 3.12 12.14 0.80
N GLU A 14 4.19 12.70 0.24
CA GLU A 14 4.31 12.89 -1.18
C GLU A 14 4.35 11.54 -1.88
N GLU A 15 5.23 10.68 -1.39
CA GLU A 15 5.46 9.37 -1.98
C GLU A 15 4.19 8.53 -1.96
N LEU A 16 3.53 8.50 -0.81
CA LEU A 16 2.34 7.69 -0.63
C LEU A 16 1.15 8.15 -1.48
N GLU A 17 0.88 9.44 -1.50
CA GLU A 17 -0.18 9.97 -2.31
C GLU A 17 0.08 9.74 -3.80
N GLN A 18 1.31 10.01 -4.21
CA GLN A 18 1.68 9.87 -5.59
C GLN A 18 1.63 8.43 -6.02
N VAL A 19 2.10 7.52 -5.19
CA VAL A 19 2.10 6.13 -5.56
C VAL A 19 0.68 5.55 -5.56
N ARG A 20 -0.17 6.05 -4.67
CA ARG A 20 -1.57 5.66 -4.62
C ARG A 20 -2.18 5.88 -5.97
N GLU A 21 -2.04 7.11 -6.47
CA GLU A 21 -2.63 7.40 -7.75
C GLU A 21 -1.87 6.73 -8.87
N ALA A 22 -0.56 6.75 -8.79
CA ALA A 22 0.31 6.26 -9.86
C ALA A 22 0.16 4.78 -10.06
N LEU A 23 0.32 4.07 -9.00
CA LEU A 23 0.32 2.64 -9.00
C LEU A 23 -1.08 2.06 -9.15
N ARG A 24 -2.10 2.67 -8.56
CA ARG A 24 -3.45 2.12 -8.72
C ARG A 24 -3.98 2.41 -10.14
N LYS A 25 -3.55 3.55 -10.69
CA LYS A 25 -3.83 3.90 -12.06
C LYS A 25 -3.13 2.91 -12.96
N ALA A 26 -1.89 2.60 -12.61
CA ALA A 26 -1.11 1.64 -13.34
C ALA A 26 -1.78 0.29 -13.31
N GLU A 27 -2.29 -0.12 -12.15
CA GLU A 27 -3.02 -1.37 -12.02
C GLU A 27 -4.18 -1.45 -12.99
N LYS A 28 -5.06 -0.45 -12.96
CA LYS A 28 -6.22 -0.48 -13.86
C LYS A 28 -5.82 -0.43 -15.36
N GLU A 29 -4.83 0.39 -15.68
CA GLU A 29 -4.41 0.47 -17.06
C GLU A 29 -3.66 -0.77 -17.47
N LEU A 30 -2.96 -1.37 -16.54
CA LEU A 30 -2.17 -2.58 -16.80
C LEU A 30 -3.12 -3.72 -17.12
N GLU A 31 -4.02 -4.06 -16.20
CA GLU A 31 -5.07 -5.08 -16.49
C GLU A 31 -5.79 -4.76 -17.83
N SER A 32 -6.00 -3.45 -18.09
CA SER A 32 -6.70 -3.05 -19.31
C SER A 32 -5.81 -3.31 -20.56
N HIS A 33 -4.53 -3.03 -20.43
CA HIS A 33 -3.55 -3.23 -21.50
C HIS A 33 -3.23 -4.70 -21.73
N SER A 34 -3.29 -5.50 -20.67
CA SER A 34 -2.99 -6.94 -20.76
C SER A 34 -3.94 -7.66 -21.71
N SER A 35 -5.05 -7.03 -22.02
CA SER A 35 -6.02 -7.59 -22.92
C SER A 35 -5.51 -7.50 -24.37
N TRP A 36 -4.46 -6.73 -24.55
CA TRP A 36 -3.91 -6.44 -25.85
C TRP A 36 -2.66 -7.31 -26.05
N TYR A 37 -1.78 -7.32 -25.07
CA TYR A 37 -0.54 -8.06 -25.15
C TYR A 37 -0.57 -9.39 -24.40
N ALA A 38 0.58 -10.00 -24.24
CA ALA A 38 0.72 -11.28 -23.60
C ALA A 38 0.42 -11.23 -22.09
N PRO A 39 -0.14 -12.34 -21.53
CA PRO A 39 -0.55 -12.44 -20.13
C PRO A 39 0.64 -12.43 -19.16
N GLU A 40 1.84 -12.59 -19.69
CA GLU A 40 3.04 -12.66 -18.87
C GLU A 40 3.29 -11.34 -18.17
N ALA A 41 2.90 -10.25 -18.82
CA ALA A 41 3.08 -8.93 -18.26
C ALA A 41 2.17 -8.76 -17.06
N LEU A 42 0.91 -9.19 -17.21
CA LEU A 42 -0.06 -9.16 -16.13
C LEU A 42 0.41 -10.02 -14.99
N GLN A 43 0.86 -11.20 -15.34
CA GLN A 43 1.34 -12.19 -14.42
C GLN A 43 2.41 -11.56 -13.51
N LYS A 44 3.42 -10.97 -14.13
CA LYS A 44 4.48 -10.34 -13.37
C LYS A 44 3.99 -9.09 -12.64
N TRP A 45 3.16 -8.31 -13.29
CA TRP A 45 2.57 -7.11 -12.68
C TRP A 45 1.80 -7.45 -11.41
N LEU A 46 0.88 -8.40 -11.50
CA LEU A 46 0.11 -8.80 -10.35
C LEU A 46 1.04 -9.42 -9.29
N GLN A 47 2.02 -10.19 -9.75
CA GLN A 47 2.99 -10.79 -8.83
C GLN A 47 3.73 -9.70 -8.06
N LEU A 48 4.12 -8.66 -8.78
CA LEU A 48 4.82 -7.50 -8.22
C LEU A 48 3.95 -6.72 -7.25
N THR A 49 2.76 -6.35 -7.71
CA THR A 49 1.82 -5.56 -6.91
C THR A 49 1.47 -6.29 -5.62
N HIS A 50 1.11 -7.55 -5.75
CA HIS A 50 0.70 -8.36 -4.64
C HIS A 50 1.87 -8.60 -3.69
N GLU A 51 3.05 -8.85 -4.25
CA GLU A 51 4.23 -9.08 -3.43
C GLU A 51 4.49 -7.88 -2.57
N VAL A 52 4.51 -6.72 -3.18
CA VAL A 52 4.80 -5.49 -2.48
C VAL A 52 3.74 -5.12 -1.47
N GLU A 53 2.53 -5.42 -1.81
CA GLU A 53 1.42 -5.15 -0.96
C GLU A 53 1.57 -5.99 0.33
N VAL A 54 1.81 -7.28 0.15
CA VAL A 54 2.05 -8.18 1.27
C VAL A 54 3.37 -7.80 1.98
N GLN A 55 4.35 -7.34 1.21
CA GLN A 55 5.61 -6.89 1.78
C GLN A 55 5.45 -5.70 2.67
N TYR A 56 4.84 -4.58 2.19
CA TYR A 56 4.67 -3.41 3.03
C TYR A 56 3.91 -3.82 4.29
N TYR A 57 2.91 -4.68 4.08
CA TYR A 57 2.08 -5.19 5.15
C TYR A 57 2.92 -5.90 6.18
N ASN A 58 3.74 -6.78 5.71
CA ASN A 58 4.65 -7.55 6.54
C ASN A 58 5.62 -6.63 7.31
N ILE A 59 6.16 -5.67 6.59
CA ILE A 59 7.11 -4.72 7.13
C ILE A 59 6.50 -3.92 8.26
N LYS A 60 5.33 -3.38 8.00
CA LYS A 60 4.67 -2.65 9.02
C LYS A 60 4.19 -3.54 10.11
N LYS A 61 3.90 -4.79 9.80
CA LYS A 61 3.56 -5.75 10.82
C LYS A 61 4.73 -5.86 11.79
N GLN A 62 5.92 -6.06 11.24
CA GLN A 62 7.13 -6.11 12.02
C GLN A 62 7.29 -4.84 12.84
N ASN A 63 7.21 -3.69 12.17
CA ASN A 63 7.36 -2.41 12.83
C ASN A 63 6.30 -2.19 13.88
N ALA A 64 5.05 -2.45 13.52
CA ALA A 64 3.91 -2.21 14.41
C ALA A 64 4.00 -3.02 15.68
N GLU A 65 4.23 -4.32 15.56
CA GLU A 65 4.30 -5.16 16.74
C GLU A 65 5.52 -4.74 17.59
N LYS A 66 6.63 -4.39 16.90
CA LYS A 66 7.85 -3.88 17.52
C LYS A 66 7.58 -2.58 18.27
N GLN A 67 6.94 -1.65 17.58
CA GLN A 67 6.71 -0.35 18.14
C GLN A 67 5.68 -0.40 19.27
N LEU A 68 4.68 -1.27 19.13
CA LEU A 68 3.70 -1.51 20.18
C LEU A 68 4.39 -2.00 21.43
N LEU A 69 5.30 -2.95 21.26
CA LEU A 69 6.04 -3.50 22.38
C LEU A 69 6.93 -2.45 23.03
N VAL A 70 7.70 -1.72 22.23
CA VAL A 70 8.65 -0.76 22.77
C VAL A 70 7.93 0.42 23.44
N ALA A 71 6.84 0.89 22.83
CA ALA A 71 6.10 2.01 23.35
C ALA A 71 5.34 1.62 24.59
N LYS A 72 4.82 0.39 24.64
CA LYS A 72 4.11 -0.08 25.80
C LYS A 72 5.07 -0.17 26.98
N GLU A 73 6.21 -0.83 26.74
CA GLU A 73 7.28 -0.96 27.73
C GLU A 73 7.73 0.42 28.20
N GLY A 74 7.95 1.28 27.25
CA GLY A 74 8.36 2.62 27.55
C GLY A 74 7.32 3.37 28.34
N ALA A 75 6.09 3.18 28.01
CA ALA A 75 5.04 3.94 28.65
C ALA A 75 4.85 3.52 30.10
N GLU A 76 5.03 2.26 30.36
CA GLU A 76 4.93 1.79 31.71
C GLU A 76 6.19 2.16 32.52
N LYS A 77 7.32 2.18 31.84
CA LYS A 77 8.60 2.48 32.49
C LYS A 77 8.88 3.98 32.64
N ILE A 78 8.65 4.74 31.62
CA ILE A 78 9.06 6.12 31.58
C ILE A 78 7.93 7.03 31.98
N LYS A 79 6.92 7.06 31.16
CA LYS A 79 5.82 7.99 31.30
C LYS A 79 4.69 7.49 30.44
N LYS A 80 3.49 7.85 30.77
CA LYS A 80 2.37 7.48 29.95
C LYS A 80 1.27 8.48 30.12
N LYS A 81 0.73 8.90 29.04
CA LYS A 81 -0.43 9.72 29.06
C LYS A 81 -1.59 8.84 28.64
N ARG A 82 -2.79 9.24 28.88
CA ARG A 82 -3.89 8.37 28.54
C ARG A 82 -4.75 9.09 27.52
N GLY B 1 -4.97 -14.82 4.49
CA GLY B 1 -4.96 -13.55 3.80
C GLY B 1 -6.31 -12.91 3.87
N SER B 2 -6.35 -11.61 3.80
CA SER B 2 -7.58 -10.88 3.89
C SER B 2 -8.15 -10.66 2.48
N GLU B 3 -9.18 -9.79 2.37
CA GLU B 3 -9.92 -9.56 1.12
C GLU B 3 -8.99 -9.18 -0.03
N LEU B 4 -7.95 -8.45 0.28
CA LEU B 4 -6.97 -8.04 -0.70
C LEU B 4 -6.31 -9.24 -1.37
N ASN B 5 -5.92 -10.21 -0.57
CA ASN B 5 -5.19 -11.41 -1.01
C ASN B 5 -6.06 -12.28 -1.86
N GLU B 6 -7.19 -12.58 -1.31
CA GLU B 6 -8.11 -13.47 -1.93
C GLU B 6 -8.63 -12.90 -3.23
N LEU B 7 -9.00 -11.64 -3.21
CA LEU B 7 -9.50 -11.01 -4.40
C LEU B 7 -8.40 -10.66 -5.35
N ALA B 8 -7.16 -10.58 -4.87
CA ALA B 8 -6.04 -10.41 -5.77
C ALA B 8 -5.96 -11.60 -6.64
N GLU B 9 -6.00 -12.74 -6.01
CA GLU B 9 -5.93 -13.98 -6.70
C GLU B 9 -7.15 -14.19 -7.62
N PHE B 10 -8.30 -13.92 -7.09
CA PHE B 10 -9.54 -14.12 -7.84
C PHE B 10 -9.70 -13.16 -9.00
N ALA B 11 -9.34 -11.91 -8.80
CA ALA B 11 -9.49 -10.91 -9.82
C ALA B 11 -8.42 -11.05 -10.86
N ARG B 12 -7.24 -11.49 -10.44
CA ARG B 12 -6.18 -11.69 -11.40
C ARG B 12 -6.54 -12.86 -12.32
N LEU B 13 -7.07 -13.93 -11.72
CA LEU B 13 -7.51 -15.09 -12.47
C LEU B 13 -8.63 -14.72 -13.40
N GLN B 14 -9.61 -14.00 -12.89
CA GLN B 14 -10.77 -13.57 -13.68
C GLN B 14 -10.40 -12.63 -14.80
N ASP B 15 -9.65 -11.58 -14.45
CA ASP B 15 -9.25 -10.59 -15.44
C ASP B 15 -8.53 -11.26 -16.56
N GLN B 16 -7.55 -12.12 -16.25
CA GLN B 16 -6.83 -12.77 -17.31
C GLN B 16 -7.67 -13.83 -17.99
N LEU B 17 -8.61 -14.44 -17.26
CA LEU B 17 -9.47 -15.47 -17.81
C LEU B 17 -10.17 -14.92 -19.02
N ASP B 18 -10.52 -13.65 -18.96
CA ASP B 18 -11.05 -13.00 -20.17
C ASP B 18 -9.95 -12.26 -20.91
N HIS B 19 -9.30 -11.39 -20.21
CA HIS B 19 -8.36 -10.44 -20.77
C HIS B 19 -6.93 -10.97 -20.83
N ARG B 20 -6.78 -12.26 -21.01
CA ARG B 20 -5.46 -12.90 -21.17
C ARG B 20 -4.63 -12.31 -22.33
N GLY B 21 -5.29 -11.60 -23.23
CA GLY B 21 -4.60 -10.88 -24.28
C GLY B 21 -4.13 -11.74 -25.40
N ASP B 22 -2.90 -12.13 -25.33
CA ASP B 22 -2.32 -12.99 -26.32
C ASP B 22 -2.60 -14.39 -25.89
N HIS B 23 -3.75 -14.86 -26.21
CA HIS B 23 -4.20 -16.15 -25.77
C HIS B 23 -3.77 -17.24 -26.71
N GLY C 1 -6.29 -3.28 -36.85
CA GLY C 1 -4.90 -2.93 -37.05
C GLY C 1 -4.04 -3.57 -36.02
N SER C 2 -2.86 -3.04 -35.81
CA SER C 2 -1.97 -3.59 -34.82
C SER C 2 -2.42 -3.15 -33.43
N HIS C 3 -2.13 -3.93 -32.40
CA HIS C 3 -2.56 -3.57 -31.04
C HIS C 3 -1.81 -2.34 -30.53
N MET C 4 -0.55 -2.19 -30.97
CA MET C 4 0.33 -1.02 -30.69
C MET C 4 0.78 -0.88 -29.22
N ALA C 5 -0.02 -1.43 -28.32
CA ALA C 5 0.26 -1.42 -26.89
C ALA C 5 1.61 -2.05 -26.59
N SER C 6 2.39 -1.36 -25.84
CA SER C 6 3.69 -1.80 -25.45
C SER C 6 3.80 -1.57 -23.93
N SER C 7 4.92 -1.85 -23.33
CA SER C 7 5.02 -1.68 -21.90
C SER C 7 5.45 -0.28 -21.51
N ARG C 8 4.50 0.61 -21.32
CA ARG C 8 4.82 1.94 -20.78
C ARG C 8 4.34 1.96 -19.34
N GLN C 9 3.25 1.26 -19.14
CA GLN C 9 2.53 1.15 -17.89
C GLN C 9 3.22 0.25 -16.85
N LYS C 10 4.43 -0.18 -17.15
CA LYS C 10 5.15 -1.07 -16.24
C LYS C 10 5.83 -0.29 -15.11
N TYR C 11 5.73 1.05 -15.17
CA TYR C 11 6.32 1.98 -14.19
C TYR C 11 5.91 1.64 -12.77
N ALA C 12 4.76 0.97 -12.67
CA ALA C 12 4.20 0.50 -11.42
C ALA C 12 5.24 -0.18 -10.57
N GLU C 13 5.99 -1.13 -11.17
CA GLU C 13 6.98 -1.95 -10.45
C GLU C 13 7.98 -1.08 -9.70
N GLU C 14 8.50 -0.12 -10.43
CA GLU C 14 9.46 0.81 -9.90
C GLU C 14 8.86 1.59 -8.75
N GLU C 15 7.69 2.15 -9.00
CA GLU C 15 7.00 2.98 -8.04
C GLU C 15 6.64 2.20 -6.78
N LEU C 16 6.08 1.01 -6.95
CA LEU C 16 5.66 0.20 -5.84
C LEU C 16 6.80 -0.28 -4.94
N GLU C 17 7.87 -0.80 -5.53
CA GLU C 17 9.04 -1.22 -4.77
C GLU C 17 9.69 -0.05 -4.04
N GLN C 18 9.81 1.06 -4.75
CA GLN C 18 10.42 2.24 -4.19
C GLN C 18 9.61 2.78 -3.06
N VAL C 19 8.31 2.86 -3.22
CA VAL C 19 7.48 3.41 -2.18
C VAL C 19 7.41 2.47 -0.98
N ARG C 20 7.47 1.17 -1.23
CA ARG C 20 7.49 0.18 -0.17
C ARG C 20 8.63 0.49 0.76
N GLU C 21 9.82 0.62 0.18
CA GLU C 21 10.96 0.88 1.02
C GLU C 21 10.94 2.30 1.54
N ALA C 22 10.60 3.24 0.68
CA ALA C 22 10.65 4.67 1.00
C ALA C 22 9.69 5.04 2.10
N LEU C 23 8.47 4.66 1.91
CA LEU C 23 7.41 5.00 2.79
C LEU C 23 7.42 4.17 4.07
N ARG C 24 7.78 2.90 4.00
CA ARG C 24 7.83 2.11 5.24
C ARG C 24 9.02 2.53 6.11
N LYS C 25 10.09 2.92 5.44
CA LYS C 25 11.25 3.46 6.09
C LYS C 25 10.89 4.77 6.72
N ALA C 26 10.12 5.56 5.98
CA ALA C 26 9.63 6.82 6.47
C ALA C 26 8.76 6.62 7.68
N GLU C 27 7.86 5.63 7.63
CA GLU C 27 6.99 5.30 8.76
C GLU C 27 7.81 5.05 10.02
N LYS C 28 8.77 4.13 9.94
CA LYS C 28 9.58 3.81 11.11
C LYS C 28 10.42 5.01 11.58
N GLU C 29 11.04 5.74 10.66
CA GLU C 29 11.85 6.86 11.07
C GLU C 29 10.97 7.99 11.58
N LEU C 30 9.80 8.11 11.03
CA LEU C 30 8.87 9.16 11.43
C LEU C 30 8.43 8.92 12.87
N GLU C 31 7.83 7.75 13.15
CA GLU C 31 7.50 7.39 14.57
C GLU C 31 8.75 7.55 15.49
N SER C 32 9.96 7.28 14.94
CA SER C 32 11.17 7.44 15.72
C SER C 32 11.50 8.93 15.97
N HIS C 33 11.31 9.74 14.95
CA HIS C 33 11.55 11.17 15.03
C HIS C 33 10.50 11.91 15.84
N SER C 34 9.27 11.41 15.83
CA SER C 34 8.17 12.03 16.58
C SER C 34 8.43 12.06 18.07
N SER C 35 9.36 11.24 18.52
CA SER C 35 9.72 11.18 19.92
C SER C 35 10.56 12.40 20.30
N TRP C 36 11.00 13.11 19.30
CA TRP C 36 11.86 14.26 19.46
C TRP C 36 11.03 15.54 19.35
N TYR C 37 10.21 15.61 18.31
CA TYR C 37 9.40 16.80 18.06
C TYR C 37 7.94 16.64 18.49
N ALA C 38 7.11 17.57 18.07
CA ALA C 38 5.71 17.61 18.42
C ALA C 38 4.91 16.46 17.81
N PRO C 39 3.87 15.99 18.53
CA PRO C 39 3.05 14.83 18.13
C PRO C 39 2.18 15.12 16.90
N GLU C 40 2.06 16.41 16.57
CA GLU C 40 1.23 16.86 15.45
C GLU C 40 1.72 16.28 14.13
N ALA C 41 3.04 16.11 14.01
CA ALA C 41 3.62 15.58 12.80
C ALA C 41 3.24 14.11 12.65
N LEU C 42 3.32 13.37 13.76
CA LEU C 42 2.92 11.96 13.79
C LEU C 42 1.46 11.83 13.47
N GLN C 43 0.68 12.70 14.08
CA GLN C 43 -0.75 12.74 13.92
C GLN C 43 -1.10 12.82 12.44
N LYS C 44 -0.55 13.82 11.78
CA LYS C 44 -0.79 14.02 10.37
C LYS C 44 -0.19 12.89 9.53
N TRP C 45 1.02 12.48 9.87
CA TRP C 45 1.70 11.36 9.20
C TRP C 45 0.88 10.08 9.24
N LEU C 46 0.44 9.67 10.42
CA LEU C 46 -0.34 8.47 10.55
C LEU C 46 -1.67 8.66 9.83
N GLN C 47 -2.22 9.86 9.91
CA GLN C 47 -3.47 10.15 9.22
C GLN C 47 -3.30 9.97 7.73
N LEU C 48 -2.19 10.49 7.21
CA LEU C 48 -1.84 10.40 5.79
C LEU C 48 -1.59 8.96 5.35
N THR C 49 -0.75 8.26 6.09
CA THR C 49 -0.39 6.88 5.77
C THR C 49 -1.63 5.99 5.75
N HIS C 50 -2.41 6.10 6.80
CA HIS C 50 -3.60 5.30 6.97
C HIS C 50 -4.65 5.68 5.94
N GLU C 51 -4.78 6.98 5.67
CA GLU C 51 -5.73 7.47 4.71
C GLU C 51 -5.45 6.88 3.36
N VAL C 52 -4.21 6.93 2.95
CA VAL C 52 -3.80 6.44 1.65
C VAL C 52 -3.87 4.93 1.56
N GLU C 53 -3.61 4.30 2.66
CA GLU C 53 -3.66 2.87 2.73
C GLU C 53 -5.12 2.42 2.49
N VAL C 54 -6.04 3.04 3.23
CA VAL C 54 -7.46 2.78 3.06
C VAL C 54 -7.91 3.23 1.66
N GLN C 55 -7.34 4.32 1.16
CA GLN C 55 -7.67 4.79 -0.17
C GLN C 55 -7.26 3.85 -1.26
N TYR C 56 -5.97 3.42 -1.31
CA TYR C 56 -5.56 2.50 -2.35
C TYR C 56 -6.45 1.27 -2.28
N TYR C 57 -6.74 0.84 -1.04
CA TYR C 57 -7.58 -0.31 -0.78
C TYR C 57 -8.94 -0.13 -1.41
N ASN C 58 -9.54 0.99 -1.11
CA ASN C 58 -10.83 1.39 -1.63
C ASN C 58 -10.82 1.43 -3.17
N ILE C 59 -9.78 2.02 -3.71
CA ILE C 59 -9.60 2.19 -5.15
C ILE C 59 -9.55 0.85 -5.84
N LYS C 60 -8.71 -0.02 -5.33
CA LYS C 60 -8.62 -1.31 -5.89
C LYS C 60 -9.84 -2.11 -5.62
N LYS C 61 -10.52 -1.85 -4.52
CA LYS C 61 -11.79 -2.49 -4.25
C LYS C 61 -12.75 -2.16 -5.37
N GLN C 62 -12.84 -0.88 -5.68
CA GLN C 62 -13.67 -0.39 -6.77
C GLN C 62 -13.27 -1.07 -8.08
N ASN C 63 -11.98 -1.05 -8.38
CA ASN C 63 -11.45 -1.63 -9.61
C ASN C 63 -11.64 -3.13 -9.63
N ALA C 64 -11.31 -3.80 -8.54
CA ALA C 64 -11.38 -5.25 -8.46
C ALA C 64 -12.78 -5.75 -8.67
N GLU C 65 -13.75 -5.19 -7.97
CA GLU C 65 -15.13 -5.63 -8.10
C GLU C 65 -15.63 -5.30 -9.53
N LYS C 66 -15.21 -4.13 -10.03
CA LYS C 66 -15.49 -3.69 -11.40
C LYS C 66 -14.96 -4.72 -12.39
N GLN C 67 -13.69 -5.07 -12.23
CA GLN C 67 -13.04 -5.90 -13.17
C GLN C 67 -13.51 -7.33 -13.08
N LEU C 68 -13.79 -7.79 -11.86
CA LEU C 68 -14.39 -9.10 -11.65
C LEU C 68 -15.69 -9.20 -12.42
N LEU C 69 -16.51 -8.15 -12.33
CA LEU C 69 -17.77 -8.13 -13.03
C LEU C 69 -17.58 -8.11 -14.55
N VAL C 70 -16.70 -7.23 -15.03
CA VAL C 70 -16.52 -7.06 -16.47
C VAL C 70 -15.86 -8.29 -17.10
N ALA C 71 -14.91 -8.88 -16.40
CA ALA C 71 -14.19 -10.03 -16.89
C ALA C 71 -15.06 -11.27 -16.86
N LYS C 72 -15.83 -11.44 -15.79
CA LYS C 72 -16.72 -12.58 -15.67
C LYS C 72 -17.81 -12.52 -16.75
N GLU C 73 -18.39 -11.32 -16.92
CA GLU C 73 -19.37 -11.06 -17.99
C GLU C 73 -18.75 -11.37 -19.35
N GLY C 74 -17.57 -10.87 -19.54
CA GLY C 74 -16.86 -11.08 -20.76
C GLY C 74 -16.54 -12.52 -20.99
N ALA C 75 -16.17 -13.20 -19.96
CA ALA C 75 -15.75 -14.57 -20.09
C ALA C 75 -16.92 -15.47 -20.47
N GLU C 76 -18.07 -15.19 -19.92
CA GLU C 76 -19.25 -15.97 -20.24
C GLU C 76 -19.78 -15.62 -21.64
N LYS C 77 -19.58 -14.37 -22.04
CA LYS C 77 -20.02 -13.93 -23.36
C LYS C 77 -19.05 -14.25 -24.48
N ILE C 78 -17.82 -13.83 -24.31
CA ILE C 78 -16.83 -13.84 -25.37
C ILE C 78 -16.10 -15.16 -25.45
N LYS C 79 -15.34 -15.42 -24.42
CA LYS C 79 -14.45 -16.54 -24.38
C LYS C 79 -14.01 -16.73 -22.95
N LYS C 80 -13.71 -17.93 -22.59
CA LYS C 80 -13.25 -18.19 -21.25
C LYS C 80 -12.36 -19.38 -21.25
N LYS C 81 -11.19 -19.21 -20.72
CA LYS C 81 -10.29 -20.30 -20.55
C LYS C 81 -10.39 -20.75 -19.11
N ARG C 82 -9.97 -21.93 -18.80
CA ARG C 82 -10.09 -22.40 -17.45
C ARG C 82 -8.69 -22.63 -16.93
N GLY D 1 -12.69 -2.23 9.96
CA GLY D 1 -11.41 -2.29 9.27
C GLY D 1 -10.62 -3.47 9.74
N SER D 2 -9.71 -3.94 8.91
CA SER D 2 -8.89 -5.10 9.21
C SER D 2 -7.71 -4.75 10.15
N GLU D 3 -6.77 -5.69 10.33
CA GLU D 3 -5.66 -5.58 11.29
C GLU D 3 -4.85 -4.29 11.11
N LEU D 4 -4.71 -3.88 9.86
CA LEU D 4 -4.00 -2.65 9.54
C LEU D 4 -4.65 -1.43 10.18
N ASN D 5 -5.96 -1.37 10.13
CA ASN D 5 -6.77 -0.25 10.62
C ASN D 5 -6.71 -0.17 12.11
N GLU D 6 -7.00 -1.28 12.71
CA GLU D 6 -7.08 -1.37 14.13
C GLU D 6 -5.72 -1.13 14.76
N LEU D 7 -4.70 -1.74 14.20
CA LEU D 7 -3.38 -1.56 14.72
C LEU D 7 -2.80 -0.23 14.35
N ALA D 8 -3.32 0.38 13.29
CA ALA D 8 -2.91 1.74 12.95
C ALA D 8 -3.29 2.62 14.07
N GLU D 9 -4.53 2.51 14.47
CA GLU D 9 -5.04 3.31 15.54
C GLU D 9 -4.35 2.97 16.88
N PHE D 10 -4.17 1.72 17.14
CA PHE D 10 -3.60 1.27 18.40
C PHE D 10 -2.11 1.61 18.51
N ALA D 11 -1.39 1.44 17.43
CA ALA D 11 0.03 1.69 17.42
C ALA D 11 0.30 3.15 17.43
N ARG D 12 -0.52 3.91 16.73
CA ARG D 12 -0.35 5.34 16.69
C ARG D 12 -0.57 5.92 18.08
N LEU D 13 -1.62 5.42 18.74
CA LEU D 13 -1.92 5.83 20.09
C LEU D 13 -0.81 5.43 21.03
N GLN D 14 -0.36 4.19 20.94
CA GLN D 14 0.71 3.69 21.79
C GLN D 14 2.03 4.40 21.57
N ASP D 15 2.43 4.50 20.30
CA ASP D 15 3.69 5.12 19.97
C ASP D 15 3.71 6.51 20.49
N GLN D 16 2.66 7.29 20.25
CA GLN D 16 2.66 8.64 20.75
C GLN D 16 2.45 8.69 22.26
N LEU D 17 1.78 7.67 22.81
CA LEU D 17 1.53 7.64 24.25
C LEU D 17 2.84 7.72 24.96
N ASP D 18 3.86 7.08 24.39
CA ASP D 18 5.21 7.27 24.95
C ASP D 18 5.97 8.33 24.19
N HIS D 19 6.02 8.17 22.92
CA HIS D 19 6.85 8.97 22.04
C HIS D 19 6.15 10.21 21.50
N ARG D 20 5.26 10.76 22.30
CA ARG D 20 4.57 12.03 21.96
C ARG D 20 5.53 13.21 21.68
N GLY D 21 6.78 13.05 22.10
CA GLY D 21 7.81 14.01 21.74
C GLY D 21 7.78 15.26 22.54
N ASP D 22 7.14 16.24 22.01
CA ASP D 22 6.98 17.51 22.65
C ASP D 22 5.71 17.40 23.45
N HIS D 23 5.84 16.91 24.64
CA HIS D 23 4.70 16.68 25.49
C HIS D 23 4.47 17.85 26.44
N GLY A 1 26.35 23.28 15.39
CA GLY A 1 25.97 24.05 14.20
C GLY A 1 24.58 23.70 13.75
N SER A 2 24.46 23.29 12.52
CA SER A 2 23.18 22.90 11.98
C SER A 2 22.94 21.42 12.21
N HIS A 3 22.08 21.11 13.15
CA HIS A 3 21.78 19.73 13.48
C HIS A 3 20.81 19.17 12.46
N MET A 4 20.00 20.06 11.86
CA MET A 4 19.06 19.72 10.78
C MET A 4 17.94 18.82 11.28
N ALA A 5 17.66 18.89 12.57
CA ALA A 5 16.64 18.06 13.17
C ALA A 5 15.25 18.62 12.88
N SER A 6 14.78 18.32 11.71
CA SER A 6 13.47 18.68 11.26
C SER A 6 12.97 17.59 10.33
N SER A 7 11.84 17.80 9.71
CA SER A 7 11.26 16.84 8.81
C SER A 7 12.05 16.73 7.50
N ARG A 8 12.85 15.70 7.40
CA ARG A 8 13.57 15.41 6.16
C ARG A 8 12.85 14.34 5.38
N GLN A 9 12.01 13.62 6.09
CA GLN A 9 11.24 12.52 5.54
C GLN A 9 9.88 13.00 5.05
N LYS A 10 9.77 14.32 4.88
CA LYS A 10 8.54 14.98 4.42
C LYS A 10 8.13 14.51 3.01
N TYR A 11 9.10 13.96 2.28
CA TYR A 11 8.89 13.48 0.94
C TYR A 11 7.94 12.31 0.91
N ALA A 12 7.84 11.61 2.05
CA ALA A 12 6.99 10.46 2.20
C ALA A 12 5.58 10.78 1.79
N GLU A 13 5.12 12.00 2.12
CA GLU A 13 3.77 12.42 1.81
C GLU A 13 3.57 12.40 0.30
N GLU A 14 4.56 12.92 -0.41
CA GLU A 14 4.56 12.89 -1.85
C GLU A 14 4.55 11.46 -2.34
N GLU A 15 5.50 10.66 -1.85
CA GLU A 15 5.69 9.27 -2.30
C GLU A 15 4.41 8.45 -2.17
N LEU A 16 3.76 8.55 -1.03
CA LEU A 16 2.54 7.81 -0.80
C LEU A 16 1.37 8.31 -1.70
N GLU A 17 1.18 9.61 -1.76
CA GLU A 17 0.17 10.21 -2.64
C GLU A 17 0.41 9.82 -4.11
N GLN A 18 1.66 9.98 -4.53
CA GLN A 18 2.04 9.74 -5.90
C GLN A 18 1.85 8.29 -6.23
N VAL A 19 2.23 7.40 -5.32
CA VAL A 19 2.13 5.99 -5.61
C VAL A 19 0.67 5.56 -5.67
N ARG A 20 -0.21 6.20 -4.89
CA ARG A 20 -1.61 5.89 -5.00
C ARG A 20 -2.03 6.18 -6.42
N GLU A 21 -1.73 7.39 -6.89
CA GLU A 21 -2.20 7.76 -8.23
C GLU A 21 -1.46 6.97 -9.32
N ALA A 22 -0.18 6.77 -9.12
CA ALA A 22 0.71 6.15 -10.12
C ALA A 22 0.43 4.68 -10.27
N LEU A 23 0.44 4.01 -9.17
CA LEU A 23 0.27 2.61 -9.13
C LEU A 23 -1.18 2.21 -9.40
N ARG A 24 -2.15 3.01 -8.97
CA ARG A 24 -3.56 2.75 -9.33
C ARG A 24 -3.76 2.94 -10.81
N LYS A 25 -3.08 3.94 -11.34
CA LYS A 25 -3.14 4.27 -12.74
C LYS A 25 -2.66 3.08 -13.55
N ALA A 26 -1.53 2.55 -13.12
CA ALA A 26 -0.91 1.42 -13.75
C ALA A 26 -1.77 0.20 -13.64
N GLU A 27 -2.24 -0.13 -12.43
CA GLU A 27 -3.10 -1.31 -12.22
C GLU A 27 -4.29 -1.30 -13.15
N LYS A 28 -4.97 -0.18 -13.18
CA LYS A 28 -6.16 0.00 -14.00
C LYS A 28 -5.86 -0.19 -15.49
N GLU A 29 -4.86 0.50 -16.00
CA GLU A 29 -4.58 0.38 -17.40
C GLU A 29 -3.99 -0.96 -17.72
N LEU A 30 -3.23 -1.51 -16.81
CA LEU A 30 -2.60 -2.80 -17.02
C LEU A 30 -3.67 -3.86 -17.19
N GLU A 31 -4.50 -4.03 -16.16
CA GLU A 31 -5.65 -4.96 -16.23
C GLU A 31 -6.53 -4.67 -17.51
N SER A 32 -6.58 -3.41 -17.97
CA SER A 32 -7.36 -3.10 -19.18
C SER A 32 -6.58 -3.43 -20.50
N HIS A 33 -5.30 -3.19 -20.47
CA HIS A 33 -4.36 -3.35 -21.58
C HIS A 33 -3.94 -4.79 -21.82
N SER A 34 -3.94 -5.59 -20.78
CA SER A 34 -3.39 -6.96 -20.78
C SER A 34 -3.85 -7.84 -21.96
N SER A 35 -5.01 -7.55 -22.53
CA SER A 35 -5.54 -8.30 -23.65
C SER A 35 -4.74 -8.08 -24.95
N TRP A 36 -3.86 -7.10 -24.91
CA TRP A 36 -3.07 -6.68 -26.08
C TRP A 36 -1.75 -7.45 -26.19
N TYR A 37 -1.35 -8.10 -25.13
CA TYR A 37 -0.08 -8.79 -25.10
C TYR A 37 -0.16 -10.12 -24.39
N ALA A 38 0.99 -10.68 -24.04
CA ALA A 38 1.04 -11.94 -23.36
C ALA A 38 0.77 -11.70 -21.87
N PRO A 39 0.08 -12.64 -21.21
CA PRO A 39 -0.31 -12.50 -19.81
C PRO A 39 0.86 -12.50 -18.84
N GLU A 40 2.07 -12.77 -19.32
CA GLU A 40 3.27 -12.75 -18.50
C GLU A 40 3.48 -11.36 -17.90
N ALA A 41 3.12 -10.33 -18.66
CA ALA A 41 3.26 -8.96 -18.20
C ALA A 41 2.31 -8.72 -17.04
N LEU A 42 1.07 -9.20 -17.17
CA LEU A 42 0.08 -9.13 -16.09
C LEU A 42 0.53 -9.95 -14.90
N GLN A 43 1.13 -11.10 -15.17
CA GLN A 43 1.63 -11.98 -14.12
C GLN A 43 2.68 -11.26 -13.31
N LYS A 44 3.65 -10.68 -13.99
CA LYS A 44 4.72 -9.95 -13.36
C LYS A 44 4.14 -8.76 -12.60
N TRP A 45 3.22 -8.06 -13.24
CA TRP A 45 2.55 -6.92 -12.65
C TRP A 45 1.76 -7.27 -11.39
N LEU A 46 0.87 -8.24 -11.47
CA LEU A 46 0.05 -8.60 -10.33
C LEU A 46 0.95 -9.18 -9.22
N GLN A 47 1.93 -9.97 -9.61
CA GLN A 47 2.83 -10.54 -8.65
C GLN A 47 3.58 -9.43 -7.91
N LEU A 48 4.03 -8.43 -8.64
CA LEU A 48 4.77 -7.33 -8.04
C LEU A 48 3.90 -6.38 -7.23
N THR A 49 2.71 -6.09 -7.72
CA THR A 49 1.80 -5.22 -7.00
C THR A 49 1.43 -5.84 -5.65
N HIS A 50 1.06 -7.12 -5.69
CA HIS A 50 0.68 -7.84 -4.50
C HIS A 50 1.92 -8.10 -3.63
N GLU A 51 3.07 -8.28 -4.26
CA GLU A 51 4.33 -8.44 -3.55
C GLU A 51 4.58 -7.23 -2.67
N VAL A 52 4.53 -6.04 -3.26
CA VAL A 52 4.79 -4.81 -2.52
C VAL A 52 3.73 -4.57 -1.47
N GLU A 53 2.52 -4.93 -1.81
CA GLU A 53 1.38 -4.90 -0.92
C GLU A 53 1.69 -5.74 0.34
N VAL A 54 1.98 -7.01 0.13
CA VAL A 54 2.31 -7.93 1.21
C VAL A 54 3.58 -7.47 1.95
N GLN A 55 4.56 -6.95 1.21
CA GLN A 55 5.80 -6.47 1.81
C GLN A 55 5.55 -5.34 2.77
N TYR A 56 4.92 -4.22 2.31
CA TYR A 56 4.74 -3.07 3.20
C TYR A 56 3.89 -3.50 4.39
N TYR A 57 2.91 -4.36 4.10
CA TYR A 57 1.98 -4.87 5.08
C TYR A 57 2.70 -5.59 6.19
N ASN A 58 3.51 -6.55 5.81
CA ASN A 58 4.24 -7.34 6.77
C ASN A 58 5.26 -6.53 7.51
N ILE A 59 5.83 -5.55 6.83
CA ILE A 59 6.80 -4.67 7.44
C ILE A 59 6.16 -3.84 8.53
N LYS A 60 5.06 -3.18 8.22
CA LYS A 60 4.37 -2.42 9.25
C LYS A 60 3.80 -3.31 10.29
N LYS A 61 3.46 -4.54 9.94
CA LYS A 61 3.06 -5.52 10.93
C LYS A 61 4.17 -5.72 11.94
N GLN A 62 5.37 -5.94 11.45
CA GLN A 62 6.53 -6.12 12.32
C GLN A 62 6.82 -4.87 13.11
N ASN A 63 6.76 -3.71 12.45
CA ASN A 63 6.94 -2.44 13.12
C ASN A 63 5.88 -2.25 14.17
N ALA A 64 4.65 -2.51 13.81
CA ALA A 64 3.52 -2.36 14.72
C ALA A 64 3.63 -3.26 15.95
N GLU A 65 4.01 -4.52 15.75
CA GLU A 65 4.21 -5.45 16.86
C GLU A 65 5.34 -4.96 17.80
N LYS A 66 6.46 -4.55 17.21
CA LYS A 66 7.58 -4.07 18.03
C LYS A 66 7.24 -2.76 18.71
N GLN A 67 6.46 -1.92 18.04
CA GLN A 67 6.01 -0.71 18.51
C GLN A 67 5.09 -0.92 19.70
N LEU A 68 4.14 -1.83 19.54
CA LEU A 68 3.24 -2.21 20.61
C LEU A 68 4.03 -2.63 21.85
N LEU A 69 5.05 -3.45 21.64
CA LEU A 69 5.90 -3.94 22.71
C LEU A 69 6.70 -2.80 23.37
N VAL A 70 7.36 -1.99 22.55
CA VAL A 70 8.25 -0.94 23.07
C VAL A 70 7.47 0.21 23.70
N ALA A 71 6.35 0.57 23.09
CA ALA A 71 5.54 1.65 23.57
C ALA A 71 4.81 1.27 24.84
N LYS A 72 4.36 0.01 24.93
CA LYS A 72 3.73 -0.46 26.13
C LYS A 72 4.73 -0.41 27.27
N GLU A 73 5.93 -0.95 26.99
CA GLU A 73 7.03 -0.91 27.94
C GLU A 73 7.33 0.51 28.37
N GLY A 74 7.60 1.36 27.40
CA GLY A 74 7.94 2.72 27.68
C GLY A 74 6.90 3.43 28.48
N ALA A 75 5.67 3.31 28.07
CA ALA A 75 4.59 4.00 28.72
C ALA A 75 4.40 3.55 30.17
N GLU A 76 4.56 2.26 30.43
CA GLU A 76 4.39 1.75 31.80
C GLU A 76 5.61 2.06 32.68
N LYS A 77 6.75 2.17 32.03
CA LYS A 77 8.01 2.41 32.69
C LYS A 77 8.27 3.85 32.96
N ILE A 78 8.17 4.64 31.94
CA ILE A 78 8.57 6.02 32.03
C ILE A 78 7.43 6.84 32.56
N LYS A 79 6.41 6.94 31.72
CA LYS A 79 5.15 7.70 31.85
C LYS A 79 4.58 7.71 30.46
N LYS A 80 3.51 8.44 30.25
CA LYS A 80 2.92 8.54 28.94
C LYS A 80 2.10 9.82 28.82
N LYS A 81 1.51 10.02 27.66
CA LYS A 81 0.62 11.16 27.46
C LYS A 81 -0.69 10.91 28.19
N ARG A 82 -1.35 11.99 28.60
CA ARG A 82 -2.57 11.97 29.43
C ARG A 82 -3.55 10.82 29.12
N GLY B 1 -5.19 -14.91 5.05
CA GLY B 1 -5.37 -13.90 4.01
C GLY B 1 -6.61 -13.08 4.25
N SER B 2 -6.52 -11.79 4.06
CA SER B 2 -7.64 -10.90 4.26
C SER B 2 -8.37 -10.65 2.93
N GLU B 3 -9.37 -9.77 2.97
CA GLU B 3 -10.27 -9.47 1.84
C GLU B 3 -9.47 -9.05 0.59
N LEU B 4 -8.45 -8.24 0.79
CA LEU B 4 -7.57 -7.81 -0.27
C LEU B 4 -6.88 -8.99 -0.95
N ASN B 5 -6.41 -9.94 -0.16
CA ASN B 5 -5.66 -11.12 -0.61
C ASN B 5 -6.50 -12.02 -1.43
N GLU B 6 -7.63 -12.36 -0.85
CA GLU B 6 -8.55 -13.29 -1.45
C GLU B 6 -9.08 -12.74 -2.76
N LEU B 7 -9.45 -11.48 -2.76
CA LEU B 7 -9.95 -10.86 -3.96
C LEU B 7 -8.86 -10.51 -4.91
N ALA B 8 -7.64 -10.41 -4.43
CA ALA B 8 -6.51 -10.21 -5.32
C ALA B 8 -6.39 -11.40 -6.19
N GLU B 9 -6.41 -12.57 -5.57
CA GLU B 9 -6.30 -13.80 -6.27
C GLU B 9 -7.50 -14.03 -7.20
N PHE B 10 -8.66 -13.76 -6.71
CA PHE B 10 -9.88 -13.93 -7.48
C PHE B 10 -9.94 -12.98 -8.67
N ALA B 11 -9.67 -11.72 -8.42
CA ALA B 11 -9.74 -10.71 -9.45
C ALA B 11 -8.62 -10.86 -10.46
N ARG B 12 -7.43 -11.27 -10.01
CA ARG B 12 -6.32 -11.48 -10.95
C ARG B 12 -6.65 -12.65 -11.88
N LEU B 13 -7.20 -13.73 -11.30
CA LEU B 13 -7.60 -14.88 -12.07
C LEU B 13 -8.68 -14.48 -13.05
N GLN B 14 -9.63 -13.72 -12.59
CA GLN B 14 -10.72 -13.24 -13.40
C GLN B 14 -10.27 -12.30 -14.50
N ASP B 15 -9.44 -11.31 -14.13
CA ASP B 15 -8.96 -10.34 -15.10
C ASP B 15 -8.29 -11.03 -16.21
N GLN B 16 -7.39 -11.97 -15.91
CA GLN B 16 -6.73 -12.65 -16.97
C GLN B 16 -7.63 -13.66 -17.64
N LEU B 17 -8.63 -14.16 -16.91
CA LEU B 17 -9.56 -15.11 -17.46
C LEU B 17 -10.20 -14.52 -18.69
N ASP B 18 -10.44 -13.21 -18.62
CA ASP B 18 -10.97 -12.50 -19.79
C ASP B 18 -9.81 -11.89 -20.57
N HIS B 19 -9.06 -11.07 -19.89
CA HIS B 19 -8.08 -10.19 -20.48
C HIS B 19 -6.69 -10.79 -20.56
N ARG B 20 -6.59 -12.10 -20.59
CA ARG B 20 -5.28 -12.79 -20.66
C ARG B 20 -4.42 -12.32 -21.85
N GLY B 21 -5.05 -11.93 -22.94
CA GLY B 21 -4.31 -11.56 -24.10
C GLY B 21 -3.98 -12.77 -24.91
N ASP B 22 -2.93 -13.44 -24.53
CA ASP B 22 -2.54 -14.68 -25.14
C ASP B 22 -3.20 -15.78 -24.37
N HIS B 23 -4.37 -16.08 -24.79
CA HIS B 23 -5.16 -17.04 -24.14
C HIS B 23 -5.45 -18.18 -25.08
N GLY C 1 1.45 5.11 -37.87
CA GLY C 1 2.88 5.24 -37.64
C GLY C 1 3.30 4.51 -36.39
N SER C 2 3.83 5.23 -35.44
CA SER C 2 4.23 4.65 -34.18
C SER C 2 3.04 4.64 -33.23
N HIS C 3 2.44 3.48 -33.03
CA HIS C 3 1.29 3.37 -32.17
C HIS C 3 1.72 3.44 -30.70
N MET C 4 2.94 2.97 -30.43
CA MET C 4 3.56 2.99 -29.10
C MET C 4 2.82 2.10 -28.14
N ALA C 5 2.19 1.07 -28.67
CA ALA C 5 1.46 0.13 -27.86
C ALA C 5 2.42 -0.84 -27.20
N SER C 6 2.97 -0.41 -26.11
CA SER C 6 3.90 -1.18 -25.33
C SER C 6 3.77 -0.75 -23.88
N SER C 7 4.61 -1.27 -23.03
CA SER C 7 4.58 -0.94 -21.64
C SER C 7 5.09 0.49 -21.38
N ARG C 8 4.16 1.40 -21.14
CA ARG C 8 4.50 2.78 -20.79
C ARG C 8 4.36 2.98 -19.30
N GLN C 9 3.58 2.12 -18.70
CA GLN C 9 3.27 2.16 -17.29
C GLN C 9 4.27 1.32 -16.50
N LYS C 10 5.37 0.96 -17.16
CA LYS C 10 6.44 0.14 -16.58
C LYS C 10 7.03 0.78 -15.32
N TYR C 11 6.93 2.11 -15.23
CA TYR C 11 7.44 2.88 -14.11
C TYR C 11 6.81 2.47 -12.79
N ALA C 12 5.61 1.88 -12.89
CA ALA C 12 4.86 1.43 -11.73
C ALA C 12 5.67 0.53 -10.84
N GLU C 13 6.49 -0.33 -11.46
CA GLU C 13 7.32 -1.28 -10.74
C GLU C 13 8.26 -0.52 -9.83
N GLU C 14 8.88 0.48 -10.41
CA GLU C 14 9.77 1.34 -9.68
C GLU C 14 9.00 2.04 -8.57
N GLU C 15 7.86 2.62 -8.92
CA GLU C 15 7.02 3.37 -7.99
C GLU C 15 6.65 2.53 -6.76
N LEU C 16 6.17 1.33 -6.98
CA LEU C 16 5.78 0.47 -5.89
C LEU C 16 6.98 0.01 -5.02
N GLU C 17 8.06 -0.43 -5.65
CA GLU C 17 9.29 -0.80 -4.95
C GLU C 17 9.84 0.39 -4.13
N GLN C 18 9.89 1.54 -4.77
CA GLN C 18 10.42 2.75 -4.17
C GLN C 18 9.59 3.13 -3.00
N VAL C 19 8.28 3.11 -3.15
CA VAL C 19 7.42 3.55 -2.09
C VAL C 19 7.48 2.59 -0.90
N ARG C 20 7.70 1.28 -1.15
CA ARG C 20 7.89 0.36 -0.07
C ARG C 20 9.07 0.82 0.74
N GLU C 21 10.20 1.03 0.07
CA GLU C 21 11.39 1.39 0.82
C GLU C 21 11.32 2.81 1.38
N ALA C 22 10.74 3.71 0.62
CA ALA C 22 10.69 5.14 0.96
C ALA C 22 9.73 5.40 2.09
N LEU C 23 8.55 4.91 1.93
CA LEU C 23 7.52 5.12 2.87
C LEU C 23 7.73 4.27 4.14
N ARG C 24 8.29 3.07 4.01
CA ARG C 24 8.66 2.28 5.20
C ARG C 24 9.74 3.00 5.98
N LYS C 25 10.68 3.56 5.24
CA LYS C 25 11.80 4.29 5.79
C LYS C 25 11.28 5.43 6.63
N ALA C 26 10.33 6.16 6.05
CA ALA C 26 9.70 7.28 6.68
C ALA C 26 8.93 6.87 7.91
N GLU C 27 8.05 5.85 7.79
CA GLU C 27 7.25 5.39 8.93
C GLU C 27 8.13 5.05 10.11
N LYS C 28 9.15 4.27 9.86
CA LYS C 28 10.09 3.83 10.88
C LYS C 28 10.78 5.03 11.57
N GLU C 29 11.37 5.90 10.78
CA GLU C 29 12.07 7.01 11.37
C GLU C 29 11.13 7.99 12.01
N LEU C 30 9.98 8.13 11.45
CA LEU C 30 8.99 9.07 11.95
C LEU C 30 8.54 8.63 13.32
N GLU C 31 7.97 7.42 13.41
CA GLU C 31 7.58 6.82 14.72
C GLU C 31 8.78 6.87 15.74
N SER C 32 10.03 6.81 15.23
CA SER C 32 11.18 6.90 16.13
C SER C 32 11.50 8.37 16.53
N HIS C 33 11.40 9.25 15.57
CA HIS C 33 11.74 10.67 15.68
C HIS C 33 10.70 11.49 16.41
N SER C 34 9.46 11.05 16.36
CA SER C 34 8.29 11.79 16.88
C SER C 34 8.47 12.33 18.32
N SER C 35 9.34 11.70 19.10
CA SER C 35 9.59 12.12 20.47
C SER C 35 10.39 13.44 20.52
N TRP C 36 10.90 13.85 19.39
CA TRP C 36 11.74 15.04 19.28
C TRP C 36 10.91 16.30 19.05
N TYR C 37 9.71 16.13 18.59
CA TYR C 37 8.87 17.26 18.23
C TYR C 37 7.44 17.10 18.72
N ALA C 38 6.55 17.92 18.21
CA ALA C 38 5.17 17.86 18.58
C ALA C 38 4.50 16.72 17.82
N PRO C 39 3.56 16.02 18.45
CA PRO C 39 2.93 14.85 17.85
C PRO C 39 2.05 15.17 16.65
N GLU C 40 1.80 16.45 16.39
CA GLU C 40 1.03 16.89 15.23
C GLU C 40 1.63 16.37 13.92
N ALA C 41 2.96 16.29 13.88
CA ALA C 41 3.65 15.75 12.72
C ALA C 41 3.33 14.28 12.57
N LEU C 42 3.35 13.55 13.67
CA LEU C 42 2.99 12.13 13.69
C LEU C 42 1.54 11.94 13.31
N GLN C 43 0.69 12.82 13.81
CA GLN C 43 -0.74 12.77 13.53
C GLN C 43 -0.98 12.91 12.04
N LYS C 44 -0.33 13.89 11.43
CA LYS C 44 -0.45 14.12 10.00
C LYS C 44 0.14 12.92 9.24
N TRP C 45 1.29 12.46 9.69
CA TRP C 45 1.98 11.32 9.10
C TRP C 45 1.13 10.05 9.14
N LEU C 46 0.65 9.67 10.32
CA LEU C 46 -0.11 8.44 10.45
C LEU C 46 -1.44 8.59 9.70
N GLN C 47 -2.02 9.77 9.75
CA GLN C 47 -3.27 10.01 9.07
C GLN C 47 -3.08 9.84 7.57
N LEU C 48 -1.98 10.36 7.05
CA LEU C 48 -1.70 10.27 5.61
C LEU C 48 -1.30 8.88 5.17
N THR C 49 -0.46 8.22 5.96
CA THR C 49 -0.03 6.87 5.64
C THR C 49 -1.24 5.94 5.56
N HIS C 50 -2.09 6.02 6.57
CA HIS C 50 -3.27 5.20 6.65
C HIS C 50 -4.30 5.66 5.62
N GLU C 51 -4.33 6.97 5.33
CA GLU C 51 -5.21 7.53 4.31
C GLU C 51 -4.90 6.88 2.97
N VAL C 52 -3.64 6.89 2.58
CA VAL C 52 -3.23 6.34 1.30
C VAL C 52 -3.43 4.84 1.26
N GLU C 53 -3.20 4.22 2.40
CA GLU C 53 -3.44 2.82 2.61
C GLU C 53 -4.91 2.49 2.30
N VAL C 54 -5.82 3.15 3.00
CA VAL C 54 -7.25 2.95 2.81
C VAL C 54 -7.66 3.36 1.38
N GLN C 55 -7.05 4.41 0.86
CA GLN C 55 -7.35 4.87 -0.49
C GLN C 55 -7.03 3.83 -1.53
N TYR C 56 -5.76 3.37 -1.60
CA TYR C 56 -5.39 2.41 -2.65
C TYR C 56 -6.24 1.16 -2.48
N TYR C 57 -6.47 0.81 -1.21
CA TYR C 57 -7.24 -0.35 -0.83
C TYR C 57 -8.64 -0.29 -1.39
N ASN C 58 -9.34 0.78 -1.07
CA ASN C 58 -10.70 0.96 -1.53
C ASN C 58 -10.77 1.05 -3.04
N ILE C 59 -9.77 1.68 -3.62
CA ILE C 59 -9.71 1.81 -5.07
C ILE C 59 -9.61 0.45 -5.72
N LYS C 60 -8.65 -0.37 -5.29
CA LYS C 60 -8.56 -1.71 -5.84
C LYS C 60 -9.74 -2.55 -5.47
N LYS C 61 -10.35 -2.27 -4.34
CA LYS C 61 -11.61 -2.91 -4.01
C LYS C 61 -12.64 -2.63 -5.08
N GLN C 62 -12.79 -1.38 -5.45
CA GLN C 62 -13.70 -0.97 -6.49
C GLN C 62 -13.31 -1.57 -7.86
N ASN C 63 -12.00 -1.55 -8.17
CA ASN C 63 -11.50 -2.19 -9.40
C ASN C 63 -11.80 -3.65 -9.37
N ALA C 64 -11.49 -4.27 -8.25
CA ALA C 64 -11.69 -5.71 -8.07
C ALA C 64 -13.16 -6.13 -8.25
N GLU C 65 -14.07 -5.39 -7.63
CA GLU C 65 -15.50 -5.60 -7.80
C GLU C 65 -15.93 -5.48 -9.28
N LYS C 66 -15.52 -4.36 -9.94
CA LYS C 66 -15.89 -4.16 -11.35
C LYS C 66 -15.25 -5.24 -12.22
N GLN C 67 -14.01 -5.61 -11.86
CA GLN C 67 -13.27 -6.68 -12.49
C GLN C 67 -14.05 -7.95 -12.47
N LEU C 68 -14.42 -8.35 -11.27
CA LEU C 68 -15.17 -9.55 -11.04
C LEU C 68 -16.42 -9.57 -11.90
N LEU C 69 -17.13 -8.46 -11.93
CA LEU C 69 -18.34 -8.35 -12.74
C LEU C 69 -18.03 -8.42 -14.25
N VAL C 70 -17.06 -7.63 -14.70
CA VAL C 70 -16.76 -7.50 -16.12
C VAL C 70 -16.11 -8.75 -16.69
N ALA C 71 -15.25 -9.36 -15.91
CA ALA C 71 -14.54 -10.53 -16.32
C ALA C 71 -15.46 -11.73 -16.32
N LYS C 72 -16.34 -11.84 -15.30
CA LYS C 72 -17.30 -12.92 -15.25
C LYS C 72 -18.18 -12.85 -16.50
N GLU C 73 -18.69 -11.63 -16.76
CA GLU C 73 -19.49 -11.37 -17.94
C GLU C 73 -18.76 -11.77 -19.20
N GLY C 74 -17.60 -11.20 -19.40
CA GLY C 74 -16.83 -11.45 -20.62
C GLY C 74 -16.51 -12.90 -20.80
N ALA C 75 -16.11 -13.52 -19.77
CA ALA C 75 -15.68 -14.90 -19.84
C ALA C 75 -16.82 -15.84 -20.21
N GLU C 76 -18.00 -15.60 -19.67
CA GLU C 76 -19.16 -16.46 -19.98
C GLU C 76 -19.70 -16.14 -21.36
N LYS C 77 -19.60 -14.91 -21.70
CA LYS C 77 -20.18 -14.32 -22.88
C LYS C 77 -19.35 -14.61 -24.12
N ILE C 78 -18.08 -14.32 -24.04
CA ILE C 78 -17.23 -14.42 -25.20
C ILE C 78 -16.64 -15.82 -25.25
N LYS C 79 -15.77 -16.07 -24.29
CA LYS C 79 -14.97 -17.26 -24.04
C LYS C 79 -14.01 -16.85 -22.96
N LYS C 80 -13.10 -17.71 -22.60
CA LYS C 80 -12.10 -17.40 -21.62
C LYS C 80 -10.89 -18.28 -21.82
N LYS C 81 -9.83 -18.00 -21.10
CA LYS C 81 -8.66 -18.86 -21.15
C LYS C 81 -8.99 -20.19 -20.49
N ARG C 82 -8.37 -21.26 -20.96
CA ARG C 82 -8.64 -22.66 -20.54
C ARG C 82 -8.92 -22.84 -19.04
N GLY D 1 -13.15 -3.46 9.65
CA GLY D 1 -11.73 -3.11 9.61
C GLY D 1 -10.89 -4.34 9.70
N SER D 2 -9.84 -4.41 8.92
CA SER D 2 -8.98 -5.56 8.97
C SER D 2 -7.85 -5.37 9.98
N GLU D 3 -6.99 -6.38 10.10
CA GLU D 3 -5.91 -6.44 11.10
C GLU D 3 -4.98 -5.23 10.99
N LEU D 4 -4.70 -4.83 9.76
CA LEU D 4 -3.88 -3.65 9.49
C LEU D 4 -4.51 -2.39 10.09
N ASN D 5 -5.81 -2.27 9.97
CA ASN D 5 -6.59 -1.10 10.39
C ASN D 5 -6.62 -0.98 11.88
N GLU D 6 -7.00 -2.05 12.49
CA GLU D 6 -7.15 -2.10 13.90
C GLU D 6 -5.81 -1.92 14.60
N LEU D 7 -4.79 -2.57 14.09
CA LEU D 7 -3.47 -2.43 14.66
C LEU D 7 -2.85 -1.13 14.28
N ALA D 8 -3.31 -0.51 13.19
CA ALA D 8 -2.86 0.82 12.85
C ALA D 8 -3.26 1.74 13.93
N GLU D 9 -4.52 1.67 14.31
CA GLU D 9 -5.03 2.51 15.34
C GLU D 9 -4.39 2.22 16.70
N PHE D 10 -4.24 0.98 17.01
CA PHE D 10 -3.63 0.57 18.27
C PHE D 10 -2.17 0.97 18.35
N ALA D 11 -1.44 0.70 17.29
CA ALA D 11 -0.03 0.99 17.26
C ALA D 11 0.23 2.49 17.18
N ARG D 12 -0.63 3.23 16.47
CA ARG D 12 -0.46 4.69 16.40
C ARG D 12 -0.69 5.30 17.77
N LEU D 13 -1.74 4.82 18.45
CA LEU D 13 -2.04 5.29 19.78
C LEU D 13 -0.91 4.97 20.72
N GLN D 14 -0.42 3.74 20.63
CA GLN D 14 0.70 3.31 21.42
C GLN D 14 1.99 4.08 21.12
N ASP D 15 2.30 4.21 19.83
CA ASP D 15 3.51 4.91 19.40
C ASP D 15 3.53 6.28 19.98
N GLN D 16 2.45 7.03 19.82
CA GLN D 16 2.44 8.36 20.36
C GLN D 16 2.29 8.34 21.86
N LEU D 17 1.70 7.29 22.41
CA LEU D 17 1.53 7.17 23.85
C LEU D 17 2.87 7.27 24.49
N ASP D 18 3.87 6.70 23.84
CA ASP D 18 5.23 6.84 24.34
C ASP D 18 5.90 8.02 23.66
N HIS D 19 5.94 7.94 22.36
CA HIS D 19 6.74 8.80 21.52
C HIS D 19 6.02 10.04 21.05
N ARG D 20 5.05 10.50 21.81
CA ARG D 20 4.29 11.72 21.47
C ARG D 20 5.20 12.94 21.30
N GLY D 21 6.32 12.96 21.99
CA GLY D 21 7.19 14.12 21.93
C GLY D 21 6.68 15.17 22.87
N ASP D 22 5.67 15.86 22.45
CA ASP D 22 5.02 16.85 23.26
C ASP D 22 3.85 16.19 23.91
N HIS D 23 4.10 15.65 25.04
CA HIS D 23 3.13 14.90 25.74
C HIS D 23 2.77 15.56 27.06
#